data_6WMT
#
_entry.id   6WMT
#
_cell.length_a   1.00
_cell.length_b   1.00
_cell.length_c   1.00
_cell.angle_alpha   90.00
_cell.angle_beta   90.00
_cell.angle_gamma   90.00
#
_symmetry.space_group_name_H-M   'P 1'
#
loop_
_entity.id
_entity.type
_entity.pdbx_description
1 polymer 'DNA-directed RNA polymerase subunit omega'
2 polymer 'DNA-directed RNA polymerase subunit alpha 1'
3 polymer 'DNA-directed RNA polymerase subunit alpha 2'
4 polymer 'DNA-directed RNA polymerase subunit beta'
5 polymer "DNA-directed RNA polymerase subunit beta'"
6 polymer 'DNA NT-strand'
7 polymer 'DNA T-strand'
8 polymer 'DNA T-strand downstream'
9 polymer aCTDs
10 polymer 'Macrophage growth locus, subunit A'
11 polymer 'Glutathione S-transferase'
12 polymer 'DNA NT-strand downstream'
13 polymer 'RNA polymerase sigma factor RpoD'
14 non-polymer 'MAGNESIUM ION'
15 non-polymer 'ZINC ION'
16 non-polymer "GUANOSINE-5',3'-TETRAPHOSPHATE"
#
loop_
_entity_poly.entity_id
_entity_poly.type
_entity_poly.pdbx_seq_one_letter_code
_entity_poly.pdbx_strand_id
1 'polypeptide(L)' MARVTVEDCLDKVETRFDLVVLASMRANKILKNGYSESMENEKKEKATVVALREIAESEITSEQILRNEIEG E
2 'polypeptide(L)'
;MSNNNSKLEFVPNIQLKEDLGAFSYKVQLSPVEKGMAHILGNSIRRVLLSSLSGASIIKVNIANVLHEYSTLEDVKEDVV
EIVSNLKKVAIKLDTGIDRLDLELSVNKSGVVSAGDFKTTQGVEIINKDQPIATLTNQRAFSLTATVSVGRNVGILSAIP
TELERVGDIAVDADFNPIKRVAFEVFDNGDSETLEVFVKTNGTIEPLAAVTKALEYFCEQISVFVSLRVPSNGKTGDVLI
DSNIDPILLKPIDDLELTVRSSNCLRAENIKYLGDLVQYSESQLMKIPNLGKKSLNEIKQILIDNNLSLGVQIDNFRELV
EGK
;
A
3 'polypeptide(L)'
;MALENLLHPTNIKIDEYAKNATKFSFEALERGVGYTLGFALKQTMLYSIAGACVTSIKINDGKVTSLEDVIPCDETVADI
ILNVKSLSVTLAEDVETGTITFELSGSEEEIFSEEAKLSEGLAITEEVFICSYNGGKKLKIEAKVEKGVGFRPAQDNFKD
GEFLLDATFSPVVFCDFEIKDARVGRRTDLDKLELNIKTNGNVNCEEALRLAATKIQNQLRNIVDIEEINKGIFVEDPKD
INPILLKHVEELNLTARSSNCLKAVNIRLIGELVQKTENELLKAPNFGKKSLTEIKDKLSELGLSLGTLIENWPQDL
;
B
4 'polypeptide(L)'
;MSYSYAEKKRIRKEFGVLPHILDVPYLLSIQTESYKKFLTVDAAKGRLHSGLEIVLKQSFPVESKNGQYELHYVDYQIGE
PTFDETECQVRGATYDAPLNVKLRLVVYNKDALPNEKIVEDIREEYVYMGDIPLMTTNGTFIINGTERVVVSQLHRSPGA
FFSKDDSEEGAFSARIIPYRGSWLDFEFDSKGIIWARIDRKRKFCATVILKALGYTQEQILENFSESKTITFNSKGFALR
LDNLSNMKGELLKFDIVDAQDNVIVKKNKKLTSRDVKKIKDAGVDSVAIDFDLVSTLRVAKDIVNEATGEVIAYANDDVT
ESLLKSCVEVGMLELEVIDFITTERGRYISDTLKYDLTRNTDEALVEIYKVLRPGDPPAAASVKALFEGLFFIESRYSLS
DIGRMKLNARLGSDKVSKDIYTLENSDIVGVIEELINIRDGKGKVDDIDHLGNRRVRSVGEMVENQFRIGLYRVEKGIRE
SMSLVHKDKLMPKDIVNSKPITAAIKEFFTSGALSQFMDQDNPLSEVTHKRRISALGPGGLSRDRAGFEVRDVHATHYGR
LCPIETPEGPNIGLINSLASYARVNDYGFLEAPYRKVVDGKVTDEIEYLSAIDEDNYVIAQASTKLDENNHFVEDIIQCR
SGGEAIFTESSRVQYMDVSAKQMVSAAAALIPFLEHDDANRVLMGANMQRQAVPTLKSEKPLVGTGMEKIVARDSGNCII
ARNVGEVAEVDSNRIVIKVDTEKSQTSNLVDIYSLTKFKRSNKNTCINQRPIVNVGDKVEAGDILADGFATDFGELSLGH
NLMVAFMPWNGYNFEDSILLSERIVKDDKYTSIHIEEFTCVARDTKLGPEEITADIPNVSESSLAKLDESGIVHIGANVE
AGDILVAKITPKAEQQLTPEERLLRAIFNEKASNVVDSSLRMPSGTSGTVINVQVFENDKGGKSKRALKIEKELIDKARK
DFDEEFAVIESVVKSSIEQEVVGAKIQKAKGLKKGAILTKEFLATLPLSKWLEISFEDEKLEEKVQNAREYYEEAKIAID
AKFEAKKKSITQSNELSPGVLKTVKVFVAIKKRIQPGDKMAGRHGNKGVVSRVLPVEDMPYMEDGTPVDVCLNPLGIPSR
MNIGQILEAHLGLASYGLGKKIEKTLEKTRKAAELRKTLEEVYNSVGDKKVNLEALNDEEILTLCDNLKGGVPIATPVFD
GAKEEDIKSLLKIGGFATNGQMKLFDGRTGKPFDRHVTVGYMYMLKLDHLVDDKMHARSTGSYSLVTQQPLGGKAQFGGQ
RFGEMEVWALQAYGAAYTLREMLTVKSDDIAGRSKMYKNIVDGKLTMNVDVPESFNVLRNEVRALGIDMDFDYSSEEE
;
C
5 'polypeptide(L)'
;MNNGILHQNYNSKKFDIIKISLASPEVIRSWSHGEVKKPETINYRTFKPERDGLFCAKIFGPIKDYECLCGKYKRLKHRG
VVCERCGVEVEQAKVRRERMGHIDLVCPVVHIWYLKSLPSRIGLFLDMPLKNVEKVLYFESYIVTDPGMTPLEKKQLLTD
EEYAEALENYGYEFEASMGAEAIRDLLADTDIESEIELLQAECEESKSTAKKEKAIKRLRLLETFQASGNKPEWMVMTVL
PVLPPDLRPLVPIEGGRFATSDLNDLYRRVINRNNRLKKLLDLNAPDIIVRNEKRMLQEAVDALLDNGRRGRAVTGSNKR
PLKSLADMIKGKQGRFRQNLLGKRVDYSGRSVITVGPSLRLHECGLPKKMALELFKPFVYSKLRLGGHATTIKQAKRMVE
LEEAVVWDILETVINEHPVLLNRAPTLHRLGIQAFEPRLIEGKAIQLHPLVCAAFNADFDGDQMAVHVPLTVESQLEARV
LMMSTNNILSPASGQPIITPTQDIVLGLYYITREKEGARGEGKLFSSYEDVSRAYNSGTIDIHAKIKLRIDRQVFDTKGN
TYNEKGVVNTTVGRALLLNILPEGLSFSLLNKVLVKKEISKIINQAFRVLGGKATVVLADKLMYAGFKYSTLSGVSVGVD
DMTIPDNKEAKIEEAEKEIKQITEQYQSSLITENERYNNIINIWSKTSDEVGASMMDAISKDTVSINGEKKEIESFNSVY
MMAKSGARGSYNQMRQLAGMRGLMAKPDGTMIETAITANFREGLSVLQYFTSTHGARKGLADTALKTANAGYLTRRLVDV
AQDLVVIEEDCGTDDGLMFSAIVEDGEVKVPLVERALGRTLAADVVTEKGVVLLEAGTLLDENLVELLDDNGIDMIKVRS
PITCKTRRGLCAKCYGRDLARERQVNVGESVGVIAAQSIGEPGTQLTMRTFHTGGAASLGITVSDIKVKTAGKIKFKNIR
TVTNKEGQEIVISRAGEIIVSDTMGRVREQHKIPMGAVVPLASGKAVEIGDVIATWDPHAQPLITDVAGKVVLEDVIDGI
TSKHTYDDLTGQQTIEITSISQRTTSKNLKPVVKIVDEKGAELKSIPLAVGAVLNVADDSILEVGDIVAKIPLEGSKNKD
ITGGLPRVAELFEARRPKDAAILSPCDGMVRLGNRDTKEKQRIEIIDKNGHIVEEILLPKSRHLVVFDGEQVSRGDVLAD
GPTDPHDLLKYKGLEEFADYILIEAQSVYRMQGVVINDKHIETIVRQMLRKAVILDEGDSKFVKDESIELVRILEENDKL
RKQGKKEVEYELVLMGITRSSLSTESFLSAASFQETTRVLTEASINSQIDNLRGLKENVLIGRLIPAGTGLAVRKESAKI
EKMREELGVEDNMVFTDLSSFNPEEISFDSIQSQKEDKDINEDIEESLRNALESLDFAAASMEKRRWKKNFIAVSAANRF
KKISSSGALDYDIPTTASENLYFQGELKTAALAQHDEAVDNKFNKEQQNAFYEILHLPNLNEEQRNAFIQSLKDDPSQSA
NLLAEAKKLNDAQAPKVDNKFNKEQQNAFYEILHLPNLNEEQRNAFIQSLKDDPSQSANLLAEAKKLNGAQAPKVDANSA
GKST
;
D
6 'polydeoxyribonucleotide'
;(DA)(DT)(DT)(DT)(DA)(DG)(DC)(DT)(DG)(DT)(DA)(DT)(DA)(DA)(DA)(DC)(DA)(DT)(DT)(DG)
(DT)(DG)(DT)(DT)(DA)(DT)(DT)(DG)(DG)(DC)(DG)(DT)(DT)(DA)(DT)(DT)(DA)(DA)(DG)(DG)
(DT)(DA)(DA)(DC)(DT)(DT)(DG)(DC)(DT)(DT)(DA)(DT)
;
G
7 'polydeoxyribonucleotide'
;(DT)(DA)(DC)(DC)(DT)(DT)(DA)(DA)(DT)(DA)(DA)(DC)(DG)(DC)(DC)(DA)(DA)(DT)(DA)(DA)
(DC)(DA)(DC)(DA)(DA)(DT)(DG)(DT)(DT)(DT)(DA)(DT)(DA)(DC)(DA)(DG)(DC)(DT)(DA)(DA)
(DA)(DT)
;
H
8 'polydeoxyribonucleotide' (DG)(DC)(DC)(DG)(DC)(DG)(DT)(DC)(DA)(DG)(DA) J
9 'polypeptide(L)'
;(UNK)(UNK)(UNK)(UNK)(UNK)(UNK)(UNK)(UNK)(UNK)(UNK)(UNK)(UNK)(UNK)(UNK)(UNK)(UNK)
(UNK)(UNK)(UNK)(UNK)(UNK)(UNK)(UNK)(UNK)(UNK)(UNK)(UNK)(UNK)(UNK)(UNK)(UNK)(UNK)
(UNK)(UNK)(UNK)(UNK)(UNK)(UNK)(UNK)(UNK)(UNK)(UNK)(UNK)(UNK)(UNK)(UNK)(UNK)(UNK)
(UNK)(UNK)(UNK)(UNK)(UNK)(UNK)(UNK)(UNK)(UNK)(UNK)(UNK)(UNK)(UNK)(UNK)(UNK)(UNK)
(UNK)(UNK)(UNK)(UNK)(UNK)(UNK)(UNK)(UNK)(UNK)
;
K,L
10 'polypeptide(L)'
;MLLYTKKDDIYSDIVRMILLIKGANAKIVDVSKEENSKHLEELNIITPNGNIPTLSTDDFAVYRLSVIIEAIEDLYPFPP
MFPVFPKQRANARILLEYVNKTFLQNIIKLQSPDLDEKQANEIKMLMQRDIISTYKKIVSEREVNAESNPDAQNINVLTL
IITFVFYYFIKLKISIPTKDKNIIKEIKELLSEPNFIKTIKAKGA
;
M
11 'polypeptide(L)'
;MMKVTLYTTKYCPYSLRARIALAEKKMSTDIVEAGDLEPAMIKKITPNGVFPVLMEKDYSINNRKALLIYIDERFPAPSL
LPNVVNERIKIRLSLDKIDNEWYPVLDQIRKHRSDQKMLESMFKDLKESLLAMEKAFTGSEFFISSGFTLADCYIAALII
CLEAEGFIIDDEYGAIYEYKKRLFARDSVKKANIKGGAGESLLKTLRTHR
;
S
12 'polydeoxyribonucleotide' (DT)(DC)(DT)(DG)(DA)(DC)(DG)(DC)(DG)(DG)(DC) X
13 'polypeptide(L)'
;MTKEDLLSDLKDLMIDGRERGYLTRADILDALPGDVSEDPKIYEEIEAILIDAGIDVYDRTPQIEEDDERKVSEANLDDL
KGKTSDPIRMYMREMGIVDLLDKKGETDIAIRIEEGTTEVFSTILSYPIVIKTYIERFRELEEKAIDYMNSQDIENEPVA
RYIRFNEVMAGFSDEQVTEEKVAEDDHEEKIDTQRAYEFFTNLEKMFEEYQDKPNKKLYTKIVKEFDNLRLSTSHLQKLV
DYIRLPYARVKEFERKILRLCVERSKTPRQEFIKVYKVGSLEWLEPLTKKYKFTENTIREIKNLTKQINQFQILMMMDIE
ELKQVNLEISRSEAKITQAKKEMIEANLRLVVSEAKKYTNRGLHFLDIIQEGNIGLMKAVDKFDYRKGFKFSTYATWWIR
QAITRSIADQARTIRVPVHMIETINKVNRIKRQILQEKGREATEEEIIEHTPNMSKEKLKKILNISHTPISMESPIGDDE
DSTVGDFIEDKNNYSPIEAANLENLREAIKELIETGLTEREAKVLMMRFGIGMNTDHTLEEVGKQFNVTRERIRQIEAKA
LRKLKHPSRSAFLKTFL
;
Z
#
loop_
_chem_comp.id
_chem_comp.type
_chem_comp.name
_chem_comp.formula
DA DNA linking 2'-DEOXYADENOSINE-5'-MONOPHOSPHATE 'C10 H14 N5 O6 P'
DC DNA linking 2'-DEOXYCYTIDINE-5'-MONOPHOSPHATE 'C9 H14 N3 O7 P'
DG DNA linking 2'-DEOXYGUANOSINE-5'-MONOPHOSPHATE 'C10 H14 N5 O7 P'
DT DNA linking THYMIDINE-5'-MONOPHOSPHATE 'C10 H15 N2 O8 P'
G4P RNA linking GUANOSINE-5',3'-TETRAPHOSPHATE 'C10 H17 N5 O17 P4'
MG non-polymer 'MAGNESIUM ION' 'Mg 2'
ZN non-polymer 'ZINC ION' 'Zn 2'
#
# COMPACT_ATOMS: atom_id res chain seq x y z
N VAL A 4 31.42 6.41 -0.46
CA VAL A 4 32.66 7.24 -0.40
C VAL A 4 32.27 8.73 -0.48
N THR A 5 33.24 9.63 -0.30
CA THR A 5 32.96 11.08 -0.41
C THR A 5 32.87 11.48 -1.89
N VAL A 6 33.41 10.65 -2.78
CA VAL A 6 33.37 10.93 -4.25
C VAL A 6 34.19 12.20 -4.52
N GLU A 7 34.64 12.89 -3.46
CA GLU A 7 35.41 14.15 -3.62
C GLU A 7 36.77 13.85 -4.26
N ASP A 8 37.45 12.78 -3.82
CA ASP A 8 38.76 12.39 -4.41
C ASP A 8 38.59 12.02 -5.88
N CYS A 9 37.52 11.27 -6.20
CA CYS A 9 37.24 10.86 -7.60
C CYS A 9 37.00 12.09 -8.47
N LEU A 10 36.36 13.12 -7.92
CA LEU A 10 35.99 14.34 -8.70
C LEU A 10 37.21 15.08 -9.24
N ASP A 11 38.38 14.97 -8.60
CA ASP A 11 39.51 15.78 -9.10
C ASP A 11 39.83 15.37 -10.55
N LYS A 12 39.95 14.07 -10.82
CA LYS A 12 40.20 13.55 -12.19
C LYS A 12 38.97 13.71 -13.08
N VAL A 13 37.76 13.45 -12.56
CA VAL A 13 36.53 13.46 -13.40
C VAL A 13 35.73 14.75 -13.14
N GLU A 14 34.87 15.14 -14.09
CA GLU A 14 34.14 16.43 -13.94
C GLU A 14 32.62 16.26 -14.09
N THR A 15 31.83 16.98 -13.29
CA THR A 15 30.34 16.98 -13.40
C THR A 15 29.71 15.95 -12.45
N ARG A 16 30.48 14.95 -12.00
CA ARG A 16 29.96 13.99 -10.99
C ARG A 16 29.03 12.98 -11.67
N PHE A 17 28.77 13.14 -12.98
CA PHE A 17 27.89 12.21 -13.73
C PHE A 17 28.74 11.32 -14.65
N ASP A 18 29.70 11.93 -15.34
CA ASP A 18 30.60 11.15 -16.24
C ASP A 18 31.37 10.15 -15.36
N LEU A 19 31.79 10.58 -14.17
CA LEU A 19 32.55 9.69 -13.26
C LEU A 19 31.68 8.49 -12.89
N VAL A 20 30.40 8.73 -12.56
CA VAL A 20 29.50 7.62 -12.15
C VAL A 20 29.36 6.65 -13.33
N VAL A 21 29.15 7.19 -14.54
CA VAL A 21 28.94 6.30 -15.72
C VAL A 21 30.21 5.48 -15.96
N LEU A 22 31.38 6.12 -15.87
CA LEU A 22 32.66 5.42 -16.14
C LEU A 22 32.83 4.32 -15.08
N ALA A 23 32.52 4.63 -13.83
CA ALA A 23 32.70 3.64 -12.73
C ALA A 23 31.78 2.44 -13.00
N SER A 24 30.54 2.70 -13.42
CA SER A 24 29.58 1.60 -13.68
C SER A 24 30.12 0.72 -14.81
N MET A 25 30.61 1.34 -15.88
CA MET A 25 31.12 0.54 -17.03
C MET A 25 32.30 -0.30 -16.56
N ARG A 26 33.21 0.30 -15.78
CA ARG A 26 34.42 -0.41 -15.31
C ARG A 26 34.00 -1.59 -14.43
N ALA A 27 33.02 -1.39 -13.55
CA ALA A 27 32.57 -2.45 -12.63
C ALA A 27 31.97 -3.59 -13.44
N ASN A 28 31.16 -3.26 -14.45
CA ASN A 28 30.53 -4.32 -15.30
C ASN A 28 31.64 -5.11 -15.99
N LYS A 29 32.65 -4.40 -16.52
CA LYS A 29 33.74 -5.09 -17.26
C LYS A 29 34.46 -6.03 -16.29
N ILE A 30 34.73 -5.56 -15.06
CA ILE A 30 35.48 -6.39 -14.06
C ILE A 30 34.65 -7.63 -13.70
N LEU A 31 33.34 -7.46 -13.51
CA LEU A 31 32.46 -8.60 -13.15
C LEU A 31 32.46 -9.61 -14.31
N LYS A 32 32.41 -9.12 -15.55
CA LYS A 32 32.39 -10.01 -16.74
C LYS A 32 33.80 -10.60 -16.96
N ASN A 33 34.80 -10.06 -16.27
CA ASN A 33 36.21 -10.54 -16.43
C ASN A 33 36.41 -11.90 -15.72
N GLY A 34 35.42 -12.35 -14.94
CA GLY A 34 35.60 -13.59 -14.17
C GLY A 34 36.36 -13.33 -12.88
N TYR A 35 36.40 -12.07 -12.45
CA TYR A 35 37.15 -11.69 -11.23
C TYR A 35 36.57 -12.40 -10.00
N SER A 36 35.28 -12.74 -10.02
CA SER A 36 34.63 -13.33 -8.82
C SER A 36 34.91 -14.84 -8.73
N GLU A 37 36.16 -15.22 -8.46
CA GLU A 37 36.49 -16.65 -8.26
C GLU A 37 35.88 -17.10 -6.93
N SER A 38 35.58 -16.14 -6.04
CA SER A 38 34.98 -16.45 -4.72
C SER A 38 36.06 -16.61 -3.65
N MET A 39 37.34 -16.64 -4.05
CA MET A 39 38.42 -16.69 -3.05
C MET A 39 38.88 -15.27 -2.68
N GLU A 40 38.51 -14.27 -3.50
CA GLU A 40 39.01 -12.89 -3.24
C GLU A 40 37.87 -11.96 -2.84
N ASN A 41 36.61 -12.32 -3.16
CA ASN A 41 35.48 -11.40 -2.87
C ASN A 41 35.35 -11.19 -1.36
N GLU A 42 35.46 -12.27 -0.58
CA GLU A 42 35.27 -12.17 0.89
C GLU A 42 36.37 -11.28 1.51
N LYS A 43 37.62 -11.49 1.11
CA LYS A 43 38.76 -10.74 1.72
C LYS A 43 38.80 -9.28 1.23
N LYS A 44 38.12 -8.95 0.14
CA LYS A 44 38.22 -7.58 -0.44
C LYS A 44 36.84 -6.96 -0.67
N GLU A 45 36.80 -5.64 -0.88
CA GLU A 45 35.51 -4.92 -1.06
C GLU A 45 34.90 -5.24 -2.43
N LYS A 46 33.64 -4.85 -2.64
CA LYS A 46 32.93 -5.18 -3.91
C LYS A 46 33.58 -4.48 -5.09
N ALA A 47 33.36 -4.99 -6.31
CA ALA A 47 34.01 -4.45 -7.53
C ALA A 47 33.62 -2.98 -7.75
N THR A 48 32.36 -2.62 -7.51
CA THR A 48 31.92 -1.23 -7.84
C THR A 48 32.77 -0.23 -7.04
N VAL A 49 33.03 -0.52 -5.76
CA VAL A 49 33.94 0.35 -4.96
C VAL A 49 35.35 0.28 -5.56
N VAL A 50 35.75 -0.89 -6.06
CA VAL A 50 37.13 -1.09 -6.62
C VAL A 50 37.32 -0.15 -7.82
N ALA A 51 36.30 -0.02 -8.67
CA ALA A 51 36.40 0.89 -9.85
C ALA A 51 36.60 2.33 -9.36
N LEU A 52 35.87 2.74 -8.32
CA LEU A 52 36.02 4.11 -7.76
C LEU A 52 37.45 4.28 -7.23
N ARG A 53 37.98 3.25 -6.55
CA ARG A 53 39.37 3.30 -6.01
C ARG A 53 40.36 3.46 -7.17
N GLU A 54 40.15 2.73 -8.26
CA GLU A 54 41.05 2.82 -9.45
C GLU A 54 40.99 4.24 -10.02
N ILE A 55 39.78 4.82 -10.10
CA ILE A 55 39.63 6.21 -10.61
C ILE A 55 40.37 7.18 -9.69
N ALA A 56 40.27 6.97 -8.37
CA ALA A 56 40.95 7.84 -7.38
C ALA A 56 42.47 7.74 -7.59
N GLU A 57 43.01 6.53 -7.81
CA GLU A 57 44.45 6.39 -8.09
C GLU A 57 44.76 7.09 -9.42
N SER A 58 43.83 7.02 -10.39
CA SER A 58 44.00 7.69 -11.71
C SER A 58 44.83 6.80 -12.63
N GLU A 59 45.21 5.61 -12.14
CA GLU A 59 46.01 4.66 -12.97
C GLU A 59 45.19 4.23 -14.17
N ILE A 60 43.90 3.93 -13.98
CA ILE A 60 43.06 3.39 -15.09
C ILE A 60 42.95 4.43 -16.22
N THR A 61 42.66 5.68 -15.88
CA THR A 61 42.58 6.76 -16.91
C THR A 61 41.17 6.74 -17.52
N SER A 62 40.45 7.86 -17.43
CA SER A 62 39.05 7.91 -17.96
C SER A 62 39.05 7.68 -19.47
N GLU A 63 40.01 8.26 -20.19
CA GLU A 63 40.09 8.11 -21.67
C GLU A 63 40.32 6.63 -22.02
N GLN A 64 41.17 5.94 -21.26
CA GLN A 64 41.48 4.51 -21.53
C GLN A 64 40.20 3.67 -21.39
N ILE A 65 39.35 4.01 -20.42
CA ILE A 65 38.12 3.20 -20.16
C ILE A 65 37.22 3.19 -21.39
N LEU A 66 37.11 4.33 -22.10
CA LEU A 66 36.29 4.39 -23.33
C LEU A 66 36.87 3.43 -24.36
N ARG A 67 38.20 3.33 -24.44
CA ARG A 67 38.86 2.40 -25.39
C ARG A 67 38.48 0.95 -25.05
N ASN A 68 38.29 0.65 -23.77
CA ASN A 68 37.95 -0.73 -23.32
C ASN A 68 36.61 -1.18 -23.92
N GLU A 69 35.64 -0.27 -24.07
CA GLU A 69 34.29 -0.67 -24.55
C GLU A 69 34.41 -1.27 -25.96
N ILE A 70 35.25 -0.68 -26.81
CA ILE A 70 35.42 -1.17 -28.21
C ILE A 70 35.95 -2.61 -28.17
N GLU A 71 36.86 -2.91 -27.24
CA GLU A 71 37.45 -4.27 -27.17
C GLU A 71 36.35 -5.30 -26.90
N GLY A 72 35.42 -4.99 -25.99
CA GLY A 72 34.34 -5.93 -25.64
C GLY A 72 33.21 -5.92 -26.66
N LEU B 8 58.05 3.87 52.77
CA LEU B 8 56.76 4.44 52.31
C LEU B 8 55.93 3.34 51.64
N GLU B 9 55.61 2.28 52.39
CA GLU B 9 54.79 1.16 51.82
C GLU B 9 53.49 1.02 52.63
N PHE B 10 52.34 1.05 51.95
CA PHE B 10 51.04 0.86 52.65
C PHE B 10 50.29 -0.32 52.03
N VAL B 11 49.80 -1.25 52.85
CA VAL B 11 49.00 -2.40 52.33
C VAL B 11 47.60 -2.38 52.95
N PRO B 12 46.51 -2.43 52.16
CA PRO B 12 45.14 -2.34 52.70
C PRO B 12 44.64 -3.59 53.46
N ASN B 13 43.74 -3.40 54.42
CA ASN B 13 43.17 -4.54 55.19
C ASN B 13 41.64 -4.44 55.18
N ILE B 14 40.95 -5.57 55.38
CA ILE B 14 39.45 -5.56 55.30
C ILE B 14 38.86 -5.77 56.71
N GLN B 15 38.00 -4.85 57.15
CA GLN B 15 37.33 -5.02 58.47
C GLN B 15 35.81 -4.95 58.26
N LEU B 16 35.07 -5.96 58.72
CA LEU B 16 33.59 -5.90 58.63
C LEU B 16 33.09 -5.16 59.88
N LYS B 17 33.02 -3.82 59.80
CA LYS B 17 32.67 -3.02 61.00
C LYS B 17 31.37 -2.24 60.75
N GLU B 18 30.72 -1.79 61.82
CA GLU B 18 29.49 -0.97 61.69
C GLU B 18 28.38 -1.77 60.99
N ASP B 19 28.27 -3.07 61.27
CA ASP B 19 27.14 -3.84 60.71
C ASP B 19 25.84 -3.25 61.28
N LEU B 20 24.84 -3.01 60.44
CA LEU B 20 23.57 -2.40 60.90
C LEU B 20 22.44 -2.76 59.95
N GLY B 21 21.19 -2.63 60.39
CA GLY B 21 20.02 -2.94 59.54
C GLY B 21 19.75 -4.43 59.51
N ALA B 22 18.68 -4.86 58.85
CA ALA B 22 18.44 -6.31 58.71
C ALA B 22 19.59 -6.92 57.91
N PHE B 23 19.98 -6.29 56.80
CA PHE B 23 21.15 -6.77 56.02
C PHE B 23 21.95 -5.57 55.51
N SER B 24 22.57 -4.81 56.41
CA SER B 24 23.40 -3.64 56.00
C SER B 24 24.80 -3.75 56.60
N TYR B 25 25.84 -3.59 55.77
CA TYR B 25 27.23 -3.73 56.27
C TYR B 25 28.11 -2.61 55.68
N LYS B 26 29.17 -2.23 56.39
CA LYS B 26 30.04 -1.12 55.93
C LYS B 26 31.51 -1.57 56.00
N VAL B 27 31.93 -2.43 55.07
CA VAL B 27 33.33 -2.92 55.07
C VAL B 27 34.24 -1.71 54.86
N GLN B 28 35.31 -1.61 55.66
CA GLN B 28 36.22 -0.43 55.57
C GLN B 28 37.67 -0.92 55.54
N LEU B 29 38.52 -0.29 54.72
CA LEU B 29 39.96 -0.65 54.69
C LEU B 29 40.76 0.48 55.34
N SER B 30 41.49 0.18 56.43
CA SER B 30 42.26 1.21 57.17
C SER B 30 43.37 1.79 56.28
N PRO B 31 44.09 0.96 55.49
CA PRO B 31 45.23 1.44 54.69
C PRO B 31 44.97 1.62 53.20
N VAL B 32 45.35 2.77 52.65
CA VAL B 32 45.21 3.05 51.19
C VAL B 32 46.49 3.70 50.69
N GLU B 33 46.61 3.90 49.37
CA GLU B 33 47.87 4.44 48.79
C GLU B 33 47.80 5.97 48.72
N LYS B 34 46.84 6.58 49.41
CA LYS B 34 46.67 8.06 49.39
C LYS B 34 46.38 8.53 47.95
N GLY B 35 45.28 8.03 47.37
CA GLY B 35 44.90 8.41 45.99
C GLY B 35 44.51 7.20 45.17
N MET B 36 44.77 5.98 45.65
CA MET B 36 44.29 4.76 44.94
C MET B 36 42.95 4.35 45.55
N ALA B 37 42.51 5.04 46.61
CA ALA B 37 41.26 4.66 47.32
C ALA B 37 40.04 4.83 46.39
N HIS B 38 39.96 5.94 45.66
CA HIS B 38 38.76 6.21 44.83
C HIS B 38 38.65 5.14 43.73
N ILE B 39 39.77 4.78 43.11
CA ILE B 39 39.76 3.77 42.01
C ILE B 39 39.27 2.45 42.59
N LEU B 40 39.77 2.09 43.78
CA LEU B 40 39.38 0.80 44.40
C LEU B 40 37.87 0.81 44.66
N GLY B 41 37.36 1.92 45.18
CA GLY B 41 35.92 2.01 45.49
C GLY B 41 35.08 1.88 44.24
N ASN B 42 35.49 2.55 43.16
CA ASN B 42 34.71 2.49 41.89
C ASN B 42 34.73 1.04 41.38
N SER B 43 35.89 0.39 41.43
CA SER B 43 36.00 -0.99 40.92
C SER B 43 35.10 -1.91 41.75
N ILE B 44 35.12 -1.74 43.07
CA ILE B 44 34.33 -2.64 43.96
C ILE B 44 32.85 -2.43 43.63
N ARG B 45 32.44 -1.17 43.47
CA ARG B 45 30.99 -0.89 43.22
C ARG B 45 30.57 -1.53 41.90
N ARG B 46 31.38 -1.36 40.84
CA ARG B 46 31.00 -1.88 39.50
C ARG B 46 31.01 -3.42 39.49
N VAL B 47 32.03 -4.06 40.06
CA VAL B 47 32.19 -5.54 39.98
C VAL B 47 31.05 -6.26 40.72
N LEU B 48 30.70 -5.82 41.94
CA LEU B 48 29.70 -6.57 42.75
C LEU B 48 28.34 -6.59 42.05
N LEU B 49 27.90 -5.46 41.50
CA LEU B 49 26.55 -5.39 40.88
C LEU B 49 26.41 -6.32 39.67
N SER B 50 27.42 -6.36 38.80
CA SER B 50 27.26 -7.16 37.54
C SER B 50 28.09 -8.44 37.53
N SER B 51 28.91 -8.69 38.57
CA SER B 51 29.78 -9.89 38.55
C SER B 51 29.29 -10.96 39.53
N LEU B 52 28.45 -10.56 40.47
CA LEU B 52 27.99 -11.52 41.53
C LEU B 52 27.05 -12.57 40.94
N SER B 53 27.22 -13.83 41.34
CA SER B 53 26.34 -14.92 40.85
C SER B 53 25.51 -15.47 42.00
N GLY B 54 24.20 -15.60 41.78
CA GLY B 54 23.32 -16.16 42.83
C GLY B 54 22.47 -17.28 42.26
N ALA B 55 21.97 -18.17 43.12
CA ALA B 55 21.16 -19.32 42.65
C ALA B 55 19.68 -19.06 42.93
N SER B 56 18.83 -19.11 41.88
CA SER B 56 17.38 -18.85 42.05
C SER B 56 16.57 -19.89 41.26
N ILE B 57 15.30 -20.10 41.64
CA ILE B 57 14.43 -21.11 40.95
C ILE B 57 14.23 -20.65 39.50
N ILE B 58 14.40 -21.56 38.54
CA ILE B 58 14.18 -21.21 37.10
C ILE B 58 12.95 -21.96 36.57
N LYS B 59 12.56 -23.07 37.22
CA LYS B 59 11.43 -23.88 36.73
C LYS B 59 10.53 -24.31 37.91
N VAL B 60 9.20 -24.18 37.75
CA VAL B 60 8.25 -24.65 38.80
C VAL B 60 7.16 -25.51 38.14
N ASN B 61 6.87 -26.69 38.69
CA ASN B 61 5.76 -27.52 38.14
C ASN B 61 4.66 -27.68 39.20
N ILE B 62 3.45 -27.22 38.89
CA ILE B 62 2.30 -27.36 39.83
C ILE B 62 1.77 -28.80 39.75
N ALA B 63 1.13 -29.28 40.83
CA ALA B 63 0.56 -30.65 40.84
C ALA B 63 -0.56 -30.76 39.81
N ASN B 64 -1.44 -29.75 39.72
CA ASN B 64 -2.60 -29.83 38.81
C ASN B 64 -2.72 -28.55 37.97
N VAL B 65 -1.79 -28.31 37.05
CA VAL B 65 -1.93 -27.13 36.14
C VAL B 65 -1.46 -27.53 34.74
N LEU B 66 -2.05 -26.94 33.70
CA LEU B 66 -1.57 -27.21 32.31
C LEU B 66 -0.86 -25.97 31.77
N HIS B 67 -1.10 -24.81 32.39
CA HIS B 67 -0.46 -23.53 31.94
C HIS B 67 -0.46 -22.51 33.07
N GLU B 68 0.32 -21.43 32.92
CA GLU B 68 0.40 -20.38 33.98
C GLU B 68 -0.98 -19.75 34.18
N TYR B 69 -1.73 -19.52 33.09
CA TYR B 69 -3.05 -18.84 33.21
C TYR B 69 -4.12 -19.85 33.58
N SER B 70 -4.06 -20.39 34.80
CA SER B 70 -5.11 -21.32 35.28
C SER B 70 -5.47 -21.00 36.73
N THR B 71 -6.68 -21.35 37.16
CA THR B 71 -7.11 -21.06 38.56
C THR B 71 -7.31 -22.38 39.31
N LEU B 72 -6.58 -22.57 40.42
CA LEU B 72 -6.77 -23.79 41.26
C LEU B 72 -8.04 -23.64 42.09
N GLU B 73 -8.67 -24.76 42.46
CA GLU B 73 -9.90 -24.71 43.28
C GLU B 73 -9.56 -24.30 44.71
N ASP B 74 -10.38 -23.41 45.31
CA ASP B 74 -10.17 -22.99 46.72
C ASP B 74 -8.80 -22.33 46.91
N VAL B 75 -8.30 -21.59 45.91
CA VAL B 75 -7.02 -20.85 46.10
C VAL B 75 -7.27 -19.39 45.72
N LYS B 76 -7.06 -18.46 46.66
CA LYS B 76 -7.22 -17.00 46.37
C LYS B 76 -6.16 -16.56 45.36
N GLU B 77 -4.92 -17.04 45.51
CA GLU B 77 -3.82 -16.60 44.61
C GLU B 77 -3.99 -17.20 43.22
N ASP B 78 -3.52 -16.49 42.18
CA ASP B 78 -3.56 -17.00 40.80
C ASP B 78 -2.25 -17.72 40.51
N VAL B 79 -2.21 -18.59 39.49
CA VAL B 79 -0.97 -19.34 39.15
C VAL B 79 0.12 -18.34 38.77
N VAL B 80 -0.21 -17.31 37.99
CA VAL B 80 0.78 -16.25 37.64
C VAL B 80 1.21 -15.55 38.92
N GLU B 81 0.25 -15.26 39.82
CA GLU B 81 0.56 -14.59 41.12
C GLU B 81 1.47 -15.50 41.94
N ILE B 82 1.21 -16.82 41.92
CA ILE B 82 2.07 -17.79 42.67
C ILE B 82 3.49 -17.75 42.09
N VAL B 83 3.62 -17.68 40.76
CA VAL B 83 4.95 -17.60 40.10
C VAL B 83 5.65 -16.32 40.55
N SER B 84 4.91 -15.21 40.63
CA SER B 84 5.50 -13.92 41.06
C SER B 84 5.99 -14.03 42.52
N ASN B 85 5.20 -14.69 43.38
CA ASN B 85 5.61 -14.89 44.79
C ASN B 85 6.87 -15.76 44.82
N LEU B 86 6.93 -16.79 43.96
CA LEU B 86 8.08 -17.72 43.90
C LEU B 86 9.36 -16.96 43.50
N LYS B 87 9.26 -16.02 42.55
CA LYS B 87 10.45 -15.29 42.06
C LYS B 87 11.12 -14.51 43.19
N LYS B 88 10.33 -13.87 44.05
CA LYS B 88 10.89 -13.02 45.14
C LYS B 88 11.63 -13.89 46.16
N VAL B 89 11.37 -15.21 46.14
CA VAL B 89 11.97 -16.13 47.16
C VAL B 89 13.50 -16.09 47.05
N ALA B 90 14.18 -16.04 48.20
CA ALA B 90 15.66 -15.97 48.23
C ALA B 90 16.22 -17.33 48.63
N ILE B 91 17.21 -17.84 47.89
CA ILE B 91 17.77 -19.20 48.16
C ILE B 91 19.29 -19.13 48.35
N LYS B 92 19.82 -19.89 49.32
CA LYS B 92 21.30 -19.95 49.52
C LYS B 92 21.76 -21.38 49.20
N LEU B 93 22.81 -21.53 48.38
CA LEU B 93 23.19 -22.89 47.92
C LEU B 93 24.65 -23.23 48.27
N ASP B 94 24.97 -24.53 48.35
CA ASP B 94 26.36 -24.97 48.63
C ASP B 94 27.22 -24.70 47.40
N THR B 95 28.54 -24.59 47.57
CA THR B 95 29.44 -24.26 46.44
C THR B 95 29.39 -25.35 45.36
N GLY B 96 29.37 -26.63 45.76
CA GLY B 96 29.41 -27.72 44.76
C GLY B 96 28.04 -28.16 44.27
N ILE B 97 26.96 -27.66 44.88
CA ILE B 97 25.60 -28.16 44.51
C ILE B 97 25.32 -27.85 43.04
N ASP B 98 25.60 -26.63 42.60
CA ASP B 98 25.44 -26.26 41.16
C ASP B 98 23.95 -26.26 40.80
N ARG B 99 23.29 -27.41 40.89
CA ARG B 99 21.85 -27.52 40.52
C ARG B 99 21.18 -28.53 41.46
N LEU B 100 19.92 -28.29 41.85
CA LEU B 100 19.19 -29.25 42.71
C LEU B 100 17.67 -29.06 42.53
N ASP B 101 16.87 -30.04 42.97
CA ASP B 101 15.39 -29.97 42.79
C ASP B 101 14.72 -29.94 44.16
N LEU B 102 13.74 -29.04 44.36
CA LEU B 102 13.07 -28.90 45.68
C LEU B 102 11.61 -29.35 45.59
N GLU B 103 11.18 -30.24 46.50
CA GLU B 103 9.79 -30.78 46.47
C GLU B 103 9.01 -30.16 47.64
N LEU B 104 7.88 -29.52 47.35
CA LEU B 104 7.02 -28.95 48.44
C LEU B 104 5.63 -29.56 48.38
N SER B 105 5.20 -30.22 49.46
CA SER B 105 3.82 -30.77 49.52
C SER B 105 3.18 -30.37 50.86
N VAL B 106 2.00 -29.74 50.82
CA VAL B 106 1.36 -29.27 52.08
C VAL B 106 -0.13 -29.62 52.09
N ASN B 107 -0.67 -29.98 53.25
CA ASN B 107 -2.13 -30.26 53.37
C ASN B 107 -2.75 -29.24 54.32
N LYS B 108 -2.03 -28.15 54.62
CA LYS B 108 -2.52 -27.13 55.58
C LYS B 108 -3.76 -26.43 55.00
N SER B 109 -4.70 -26.04 55.86
CA SER B 109 -5.89 -25.26 55.40
C SER B 109 -5.60 -23.77 55.56
N GLY B 110 -4.39 -23.43 56.01
CA GLY B 110 -4.02 -22.01 56.23
C GLY B 110 -3.25 -21.45 55.04
N VAL B 111 -2.20 -20.67 55.31
CA VAL B 111 -1.46 -20.00 54.20
C VAL B 111 -0.13 -20.74 53.97
N VAL B 112 0.13 -21.13 52.72
CA VAL B 112 1.40 -21.84 52.38
C VAL B 112 2.56 -20.85 52.50
N SER B 113 3.77 -21.34 52.79
CA SER B 113 4.92 -20.44 53.00
C SER B 113 6.21 -21.04 52.42
N ALA B 114 7.23 -20.20 52.19
CA ALA B 114 8.53 -20.68 51.68
C ALA B 114 9.15 -21.65 52.68
N GLY B 115 8.98 -21.40 53.98
CA GLY B 115 9.50 -22.28 55.02
C GLY B 115 8.86 -23.66 54.93
N ASP B 116 7.67 -23.73 54.32
CA ASP B 116 6.95 -25.02 54.14
C ASP B 116 7.78 -25.95 53.24
N PHE B 117 8.71 -25.39 52.46
CA PHE B 117 9.57 -26.21 51.55
C PHE B 117 10.31 -27.25 52.38
N LYS B 118 10.44 -28.48 51.85
CA LYS B 118 11.10 -29.58 52.61
C LYS B 118 12.54 -29.18 52.93
N THR B 119 13.01 -29.49 54.14
CA THR B 119 14.38 -29.06 54.56
C THR B 119 15.41 -30.06 54.01
N THR B 120 15.61 -30.07 52.70
CA THR B 120 16.63 -30.96 52.09
C THR B 120 18.03 -30.41 52.40
N GLN B 121 19.05 -31.27 52.35
CA GLN B 121 20.43 -30.83 52.66
C GLN B 121 20.91 -29.84 51.60
N GLY B 122 21.80 -28.92 51.99
CA GLY B 122 22.30 -27.89 51.05
C GLY B 122 21.32 -26.74 50.87
N VAL B 123 20.05 -27.04 50.55
CA VAL B 123 19.07 -25.95 50.26
C VAL B 123 18.87 -25.08 51.50
N GLU B 124 18.91 -23.76 51.33
CA GLU B 124 18.63 -22.82 52.47
C GLU B 124 17.62 -21.77 51.99
N ILE B 125 16.55 -21.56 52.76
CA ILE B 125 15.53 -20.53 52.38
C ILE B 125 15.61 -19.35 53.35
N ILE B 126 16.14 -18.22 52.90
CA ILE B 126 16.24 -16.99 53.75
C ILE B 126 14.85 -16.43 54.04
N ASN B 127 13.97 -16.41 53.03
CA ASN B 127 12.63 -15.76 53.20
C ASN B 127 11.61 -16.74 53.79
N LYS B 128 11.73 -17.07 55.07
CA LYS B 128 10.71 -17.91 55.74
C LYS B 128 9.38 -17.13 55.76
N ASP B 129 9.43 -15.82 56.01
CA ASP B 129 8.20 -14.99 56.14
C ASP B 129 7.38 -14.97 54.85
N GLN B 130 8.03 -14.88 53.68
CA GLN B 130 7.27 -14.74 52.41
C GLN B 130 6.37 -15.97 52.22
N PRO B 131 5.08 -15.79 51.85
CA PRO B 131 4.14 -16.91 51.68
C PRO B 131 3.89 -17.20 50.20
N ILE B 132 4.12 -18.46 49.78
CA ILE B 132 3.96 -18.83 48.35
C ILE B 132 2.50 -18.66 47.93
N ALA B 133 1.55 -19.10 48.76
CA ALA B 133 0.12 -19.03 48.40
C ALA B 133 -0.76 -19.10 49.66
N THR B 134 -2.04 -18.73 49.53
CA THR B 134 -2.99 -18.80 50.68
C THR B 134 -4.15 -19.72 50.30
N LEU B 135 -4.52 -20.66 51.18
CA LEU B 135 -5.60 -21.63 50.84
C LEU B 135 -6.87 -21.27 51.62
N THR B 136 -7.96 -20.96 50.91
CA THR B 136 -9.25 -20.63 51.58
C THR B 136 -9.78 -21.85 52.34
N ASN B 137 -9.70 -23.04 51.74
CA ASN B 137 -10.25 -24.28 52.37
C ASN B 137 -9.20 -25.39 52.37
N GLN B 138 -9.36 -26.39 53.23
CA GLN B 138 -8.34 -27.49 53.34
C GLN B 138 -8.22 -28.20 51.99
N ARG B 139 -7.00 -28.40 51.52
CA ARG B 139 -6.76 -29.12 50.23
C ARG B 139 -5.31 -29.62 50.20
N ALA B 140 -4.99 -30.54 49.26
CA ALA B 140 -3.60 -31.03 49.13
C ALA B 140 -2.90 -30.23 48.02
N PHE B 141 -1.81 -29.54 48.38
CA PHE B 141 -1.08 -28.71 47.38
C PHE B 141 0.38 -29.20 47.31
N SER B 142 0.85 -29.51 46.10
CA SER B 142 2.27 -29.92 45.93
C SER B 142 2.86 -29.30 44.66
N LEU B 143 4.16 -28.99 44.67
CA LEU B 143 4.83 -28.44 43.45
C LEU B 143 6.32 -28.74 43.51
N THR B 144 7.01 -28.70 42.37
CA THR B 144 8.47 -28.95 42.32
C THR B 144 9.18 -27.76 41.67
N ALA B 145 10.20 -27.22 42.33
CA ALA B 145 10.94 -26.05 41.79
C ALA B 145 12.42 -26.44 41.58
N THR B 146 12.96 -26.16 40.39
CA THR B 146 14.39 -26.50 40.10
C THR B 146 15.27 -25.30 40.45
N VAL B 147 16.34 -25.53 41.21
CA VAL B 147 17.24 -24.41 41.64
C VAL B 147 18.63 -24.66 41.06
N SER B 148 19.18 -23.65 40.36
CA SER B 148 20.57 -23.77 39.82
C SER B 148 21.33 -22.46 40.01
N VAL B 149 22.67 -22.54 40.11
CA VAL B 149 23.51 -21.31 40.25
C VAL B 149 23.47 -20.56 38.91
N GLY B 150 23.33 -19.23 38.95
CA GLY B 150 23.26 -18.43 37.71
C GLY B 150 23.69 -16.99 37.93
N ARG B 151 24.00 -16.27 36.86
CA ARG B 151 24.35 -14.82 36.97
C ARG B 151 23.61 -14.06 35.87
N ASN B 152 23.42 -12.74 36.04
CA ASN B 152 22.64 -11.97 35.04
C ASN B 152 23.56 -11.57 33.89
N VAL B 153 23.30 -12.07 32.68
CA VAL B 153 24.12 -11.74 31.48
C VAL B 153 23.37 -10.72 30.62
N GLY B 154 22.26 -10.18 31.13
CA GLY B 154 21.45 -9.20 30.39
C GLY B 154 20.25 -9.85 29.73
N ILE B 155 19.20 -9.07 29.45
CA ILE B 155 17.94 -9.65 28.89
C ILE B 155 18.18 -10.25 27.50
N LEU B 156 18.92 -9.55 26.62
CA LEU B 156 19.08 -10.05 25.23
C LEU B 156 19.81 -11.40 25.24
N SER B 157 20.90 -11.49 25.99
CA SER B 157 21.71 -12.74 26.03
C SER B 157 21.18 -13.69 27.11
N ALA B 158 19.94 -14.17 26.97
CA ALA B 158 19.36 -15.10 27.97
C ALA B 158 18.80 -16.34 27.26
N ILE B 159 19.19 -17.54 27.70
CA ILE B 159 18.62 -18.79 27.11
C ILE B 159 17.27 -19.05 27.76
N PRO B 160 16.20 -19.34 26.99
CA PRO B 160 14.86 -19.54 27.56
C PRO B 160 14.84 -20.73 28.52
N THR B 161 15.53 -21.81 28.17
CA THR B 161 15.60 -23.03 29.03
C THR B 161 14.59 -24.06 28.51
N GLU B 162 15.03 -25.30 28.30
CA GLU B 162 14.14 -26.35 27.74
C GLU B 162 13.13 -26.82 28.81
N LEU B 163 11.92 -27.21 28.37
CA LEU B 163 10.91 -27.76 29.32
C LEU B 163 10.52 -29.15 28.81
N GLU B 164 10.69 -30.20 29.62
CA GLU B 164 10.40 -31.58 29.15
C GLU B 164 8.97 -31.96 29.51
N ARG B 165 8.54 -31.69 30.76
CA ARG B 165 7.16 -32.06 31.19
C ARG B 165 6.15 -31.08 30.60
N VAL B 166 4.92 -31.55 30.36
CA VAL B 166 3.84 -30.67 29.83
C VAL B 166 3.55 -29.58 30.86
N GLY B 167 3.52 -29.94 32.15
CA GLY B 167 3.22 -28.97 33.23
C GLY B 167 4.36 -27.99 33.51
N ASP B 168 5.55 -28.24 32.98
CA ASP B 168 6.72 -27.37 33.33
C ASP B 168 6.43 -25.92 32.93
N ILE B 169 6.73 -24.98 33.82
CA ILE B 169 6.52 -23.52 33.52
C ILE B 169 7.86 -22.80 33.66
N ALA B 170 8.25 -22.03 32.64
CA ALA B 170 9.52 -21.25 32.69
C ALA B 170 9.36 -20.09 33.68
N VAL B 171 10.34 -19.89 34.57
CA VAL B 171 10.30 -18.74 35.52
C VAL B 171 11.63 -17.97 35.43
N ASP B 172 11.57 -16.65 35.22
CA ASP B 172 12.81 -15.83 35.18
C ASP B 172 13.38 -15.68 36.60
N ALA B 173 14.71 -15.61 36.72
CA ALA B 173 15.34 -15.51 38.07
C ALA B 173 16.38 -14.38 38.10
N ASP B 174 16.38 -13.56 39.16
CA ASP B 174 17.43 -12.51 39.29
C ASP B 174 18.58 -13.09 40.13
N PHE B 175 19.66 -13.51 39.48
CA PHE B 175 20.80 -14.15 40.19
C PHE B 175 21.53 -13.18 41.13
N ASN B 176 21.74 -11.93 40.71
CA ASN B 176 22.57 -11.01 41.53
C ASN B 176 21.89 -10.73 42.88
N PRO B 177 22.61 -10.84 44.02
CA PRO B 177 22.05 -10.59 45.34
C PRO B 177 22.36 -9.23 45.98
N ILE B 178 23.14 -8.36 45.31
CA ILE B 178 23.52 -7.07 45.97
C ILE B 178 22.53 -5.97 45.55
N LYS B 179 21.64 -5.59 46.47
CA LYS B 179 20.61 -4.55 46.17
C LYS B 179 21.28 -3.18 45.97
N ARG B 180 22.24 -2.79 46.83
CA ARG B 180 22.82 -1.43 46.72
C ARG B 180 24.31 -1.45 47.10
N VAL B 181 25.13 -0.62 46.43
CA VAL B 181 26.57 -0.52 46.80
C VAL B 181 26.95 0.97 46.99
N ALA B 182 27.55 1.32 48.13
CA ALA B 182 27.97 2.73 48.39
C ALA B 182 29.42 2.75 48.88
N PHE B 183 30.23 3.71 48.42
CA PHE B 183 31.64 3.83 48.90
C PHE B 183 31.97 5.29 49.26
N GLU B 184 32.87 5.49 50.23
CA GLU B 184 33.31 6.87 50.61
C GLU B 184 34.80 6.83 50.97
N VAL B 185 35.49 7.97 50.86
CA VAL B 185 36.97 7.99 51.12
C VAL B 185 37.29 9.00 52.23
N PHE B 186 38.04 8.58 53.25
CA PHE B 186 38.48 9.50 54.34
C PHE B 186 40.01 9.51 54.38
N ASP B 187 40.62 10.69 54.43
CA ASP B 187 42.11 10.78 54.43
C ASP B 187 42.60 11.01 55.87
N ASN B 188 43.48 10.13 56.36
CA ASN B 188 44.00 10.24 57.75
C ASN B 188 45.28 11.10 57.76
N GLY B 189 45.74 11.51 56.57
CA GLY B 189 46.98 12.30 56.46
C GLY B 189 48.16 11.42 56.06
N ASP B 190 48.56 11.48 54.79
CA ASP B 190 49.66 10.62 54.29
C ASP B 190 49.08 9.24 53.98
N SER B 191 47.79 9.06 54.29
CA SER B 191 47.10 7.76 54.03
C SER B 191 45.59 8.03 54.01
N GLU B 192 44.81 7.08 53.48
CA GLU B 192 43.33 7.25 53.43
C GLU B 192 42.65 5.96 53.89
N THR B 193 41.38 6.06 54.31
CA THR B 193 40.62 4.84 54.71
C THR B 193 39.38 4.74 53.82
N LEU B 194 39.14 3.57 53.22
CA LEU B 194 37.99 3.42 52.28
C LEU B 194 36.80 2.81 53.02
N GLU B 195 35.65 3.48 52.98
CA GLU B 195 34.43 2.97 53.65
C GLU B 195 33.41 2.62 52.57
N VAL B 196 32.93 1.37 52.56
CA VAL B 196 31.95 0.92 51.52
C VAL B 196 30.70 0.39 52.22
N PHE B 197 29.52 0.86 51.81
CA PHE B 197 28.26 0.34 52.39
C PHE B 197 27.63 -0.65 51.40
N VAL B 198 27.41 -1.89 51.83
CA VAL B 198 26.87 -2.93 50.91
C VAL B 198 25.52 -3.42 51.45
N LYS B 199 24.49 -3.44 50.61
CA LYS B 199 23.16 -3.96 51.02
C LYS B 199 22.90 -5.26 50.25
N THR B 200 22.54 -6.34 50.95
CA THR B 200 22.37 -7.66 50.27
C THR B 200 21.15 -8.39 50.83
N ASN B 201 20.67 -9.42 50.12
CA ASN B 201 19.53 -10.24 50.60
C ASN B 201 19.98 -11.04 51.83
N GLY B 202 21.30 -11.11 52.06
CA GLY B 202 21.84 -11.86 53.21
C GLY B 202 22.21 -13.29 52.84
N THR B 203 22.04 -13.67 51.57
CA THR B 203 22.45 -15.03 51.12
C THR B 203 23.97 -15.17 51.25
N ILE B 204 24.74 -14.13 50.91
CA ILE B 204 26.23 -14.21 50.95
C ILE B 204 26.80 -13.19 51.94
N GLU B 205 27.73 -13.62 52.79
CA GLU B 205 28.33 -12.71 53.82
C GLU B 205 29.02 -11.55 53.10
N PRO B 206 28.93 -10.30 53.60
CA PRO B 206 29.49 -9.14 52.88
C PRO B 206 31.01 -9.19 52.67
N LEU B 207 31.76 -9.59 53.69
CA LEU B 207 33.24 -9.59 53.57
C LEU B 207 33.65 -10.56 52.47
N ALA B 208 33.02 -11.75 52.42
CA ALA B 208 33.36 -12.74 51.38
C ALA B 208 33.04 -12.17 50.00
N ALA B 209 31.88 -11.49 49.87
CA ALA B 209 31.49 -10.91 48.57
C ALA B 209 32.51 -9.85 48.15
N VAL B 210 32.96 -9.01 49.10
CA VAL B 210 33.94 -7.94 48.79
C VAL B 210 35.24 -8.60 48.31
N THR B 211 35.68 -9.66 48.99
CA THR B 211 36.94 -10.35 48.61
C THR B 211 36.77 -10.93 47.20
N LYS B 212 35.62 -11.53 46.92
CA LYS B 212 35.38 -12.15 45.59
C LYS B 212 35.44 -11.06 44.50
N ALA B 213 34.82 -9.90 44.76
CA ALA B 213 34.80 -8.81 43.76
C ALA B 213 36.23 -8.32 43.51
N LEU B 214 37.02 -8.16 44.59
CA LEU B 214 38.42 -7.70 44.44
C LEU B 214 39.21 -8.74 43.64
N GLU B 215 38.97 -10.02 43.92
CA GLU B 215 39.68 -11.12 43.21
C GLU B 215 39.35 -11.04 41.71
N TYR B 216 38.08 -10.82 41.37
CA TYR B 216 37.67 -10.72 39.94
C TYR B 216 38.38 -9.53 39.28
N PHE B 217 38.43 -8.41 39.99
CA PHE B 217 39.08 -7.20 39.42
C PHE B 217 40.56 -7.50 39.19
N CYS B 218 41.21 -8.18 40.15
CA CYS B 218 42.66 -8.50 40.03
C CYS B 218 42.86 -9.43 38.83
N GLU B 219 41.96 -10.41 38.66
CA GLU B 219 42.09 -11.37 37.54
C GLU B 219 41.99 -10.60 36.21
N GLN B 220 41.05 -9.66 36.12
CA GLN B 220 40.90 -8.84 34.88
C GLN B 220 42.16 -8.01 34.64
N ILE B 221 42.72 -7.40 35.69
CA ILE B 221 43.92 -6.51 35.53
C ILE B 221 45.18 -7.36 35.31
N SER B 222 45.11 -8.67 35.54
CA SER B 222 46.31 -9.55 35.44
C SER B 222 46.87 -9.52 34.02
N VAL B 223 46.01 -9.51 33.00
CA VAL B 223 46.47 -9.55 31.58
C VAL B 223 47.32 -8.31 31.26
N PHE B 224 46.96 -7.13 31.80
CA PHE B 224 47.67 -5.88 31.42
C PHE B 224 49.16 -5.95 31.78
N VAL B 225 49.50 -6.42 33.00
CA VAL B 225 50.93 -6.43 33.41
C VAL B 225 51.69 -7.35 32.45
N SER B 226 51.08 -8.50 32.12
CA SER B 226 51.69 -9.46 31.15
C SER B 226 51.82 -8.80 29.78
N LEU B 227 50.81 -8.05 29.34
CA LEU B 227 50.83 -7.46 27.97
C LEU B 227 50.92 -8.60 26.96
N ARG B 228 50.23 -9.70 27.21
CA ARG B 228 50.28 -10.88 26.30
C ARG B 228 48.86 -11.41 26.09
N VAL B 229 48.65 -12.20 25.02
CA VAL B 229 47.30 -12.79 24.74
C VAL B 229 46.94 -13.70 25.92
N PRO B 230 47.89 -14.48 26.47
CA PRO B 230 47.55 -15.41 27.55
C PRO B 230 48.19 -14.98 28.88
N LEU C 3 28.94 -20.36 37.19
CA LEU C 3 30.37 -20.48 36.78
C LEU C 3 30.48 -20.86 35.29
N GLU C 4 30.11 -19.94 34.40
CA GLU C 4 30.30 -20.21 32.95
C GLU C 4 31.78 -19.97 32.61
N ASN C 5 32.52 -19.30 33.51
CA ASN C 5 33.96 -18.99 33.27
C ASN C 5 34.05 -17.65 32.53
N LEU C 6 34.52 -16.60 33.21
CA LEU C 6 34.58 -15.25 32.58
C LEU C 6 35.60 -15.28 31.44
N LEU C 7 35.22 -14.75 30.27
CA LEU C 7 36.12 -14.81 29.08
C LEU C 7 37.29 -13.84 29.26
N HIS C 8 38.45 -14.17 28.66
CA HIS C 8 39.62 -13.26 28.70
C HIS C 8 39.68 -12.54 27.35
N PRO C 9 40.31 -11.36 27.21
CA PRO C 9 40.27 -10.65 25.93
C PRO C 9 40.91 -11.53 24.85
N THR C 10 42.08 -12.10 25.12
CA THR C 10 42.71 -13.08 24.18
C THR C 10 43.18 -12.36 22.91
N ASN C 11 43.09 -11.03 22.87
CA ASN C 11 43.60 -10.28 21.69
C ASN C 11 44.38 -9.05 22.16
N ILE C 12 45.63 -8.89 21.70
CA ILE C 12 46.40 -7.65 22.03
C ILE C 12 46.94 -7.07 20.72
N LYS C 13 46.68 -5.79 20.45
CA LYS C 13 47.25 -5.13 19.25
C LYS C 13 48.01 -3.88 19.68
N ILE C 14 49.29 -3.78 19.30
CA ILE C 14 50.12 -2.60 19.68
C ILE C 14 50.64 -1.91 18.40
N ASP C 15 50.37 -0.61 18.25
CA ASP C 15 50.90 0.15 17.09
C ASP C 15 51.53 1.45 17.59
N GLU C 16 52.71 1.82 17.10
CA GLU C 16 53.33 3.11 17.50
C GLU C 16 53.27 4.09 16.32
N TYR C 17 52.53 5.19 16.48
CA TYR C 17 52.41 6.21 15.39
C TYR C 17 53.23 7.44 15.73
N ALA C 18 53.87 7.46 16.90
CA ALA C 18 54.62 8.66 17.33
C ALA C 18 55.90 8.25 18.07
N LYS C 19 56.87 9.15 18.19
CA LYS C 19 58.16 8.82 18.84
C LYS C 19 57.90 8.42 20.31
N ASN C 20 57.07 9.19 21.01
CA ASN C 20 56.75 8.87 22.43
C ASN C 20 55.27 8.47 22.54
N ALA C 21 54.57 8.33 21.43
CA ALA C 21 53.12 8.03 21.48
C ALA C 21 52.84 6.64 20.91
N THR C 22 52.09 5.82 21.66
CA THR C 22 51.74 4.44 21.21
C THR C 22 50.25 4.16 21.46
N LYS C 23 49.66 3.26 20.69
CA LYS C 23 48.22 2.94 20.84
C LYS C 23 48.05 1.45 21.18
N PHE C 24 47.28 1.15 22.23
CA PHE C 24 47.07 -0.27 22.65
C PHE C 24 45.59 -0.63 22.47
N SER C 25 45.32 -1.77 21.81
CA SER C 25 43.92 -2.18 21.53
C SER C 25 43.59 -3.50 22.22
N PHE C 26 42.44 -3.57 22.90
CA PHE C 26 42.02 -4.81 23.60
C PHE C 26 40.65 -5.26 23.08
N GLU C 27 40.41 -6.57 23.03
CA GLU C 27 39.14 -7.10 22.44
C GLU C 27 38.62 -8.26 23.29
N ALA C 28 37.32 -8.57 23.20
CA ALA C 28 36.75 -9.73 23.91
C ALA C 28 36.55 -9.45 25.41
N LEU C 29 36.55 -8.16 25.80
CA LEU C 29 36.28 -7.80 27.22
C LEU C 29 34.81 -8.06 27.57
N GLU C 30 34.51 -8.32 28.84
CA GLU C 30 33.09 -8.53 29.28
C GLU C 30 32.36 -7.18 29.24
N ARG C 31 31.02 -7.20 29.15
CA ARG C 31 30.27 -5.93 28.99
C ARG C 31 30.49 -5.04 30.22
N GLY C 32 30.88 -3.77 30.01
CA GLY C 32 31.07 -2.82 31.11
C GLY C 32 32.43 -2.99 31.74
N VAL C 33 33.17 -4.04 31.36
CA VAL C 33 34.54 -4.27 31.90
C VAL C 33 35.49 -3.18 31.41
N GLY C 34 35.37 -2.78 30.14
CA GLY C 34 36.33 -1.81 29.58
C GLY C 34 36.33 -0.49 30.31
N TYR C 35 35.14 0.03 30.65
CA TYR C 35 35.07 1.35 31.32
C TYR C 35 35.75 1.25 32.69
N THR C 36 35.43 0.19 33.45
CA THR C 36 35.98 0.07 34.83
C THR C 36 37.51 -0.08 34.76
N LEU C 37 38.01 -0.93 33.86
CA LEU C 37 39.48 -1.11 33.71
C LEU C 37 40.11 0.19 33.19
N GLY C 38 39.48 0.82 32.20
CA GLY C 38 40.10 2.01 31.57
C GLY C 38 40.23 3.18 32.54
N PHE C 39 39.17 3.49 33.29
CA PHE C 39 39.20 4.70 34.16
C PHE C 39 40.30 4.53 35.22
N ALA C 40 40.36 3.37 35.86
CA ALA C 40 41.35 3.15 36.94
C ALA C 40 42.77 3.26 36.34
N LEU C 41 42.98 2.63 35.19
CA LEU C 41 44.34 2.63 34.59
C LEU C 41 44.73 4.07 34.28
N LYS C 42 43.80 4.84 33.70
CA LYS C 42 44.15 6.23 33.31
C LYS C 42 44.52 7.01 34.56
N GLN C 43 43.71 6.90 35.62
CA GLN C 43 43.98 7.71 36.83
C GLN C 43 45.34 7.32 37.41
N THR C 44 45.60 6.02 37.51
CA THR C 44 46.86 5.57 38.15
C THR C 44 48.05 6.06 37.33
N MET C 45 47.96 5.94 36.00
CA MET C 45 49.12 6.34 35.16
C MET C 45 49.33 7.85 35.29
N LEU C 46 48.26 8.63 35.24
CA LEU C 46 48.40 10.12 35.26
C LEU C 46 48.93 10.63 36.61
N TYR C 47 48.41 10.12 37.72
CA TYR C 47 48.80 10.70 39.05
C TYR C 47 49.37 9.65 40.02
N SER C 48 49.41 8.37 39.63
CA SER C 48 49.89 7.30 40.54
C SER C 48 51.38 7.02 40.36
N ILE C 49 52.05 7.72 39.43
CA ILE C 49 53.47 7.41 39.13
C ILE C 49 54.41 8.48 39.73
N ALA C 50 55.42 8.05 40.50
CA ALA C 50 56.41 8.99 41.08
C ALA C 50 57.24 9.63 39.95
N GLY C 51 57.54 10.93 40.06
CA GLY C 51 58.34 11.62 39.03
C GLY C 51 59.07 12.83 39.57
N ALA C 52 60.06 13.33 38.84
CA ALA C 52 60.78 14.56 39.26
C ALA C 52 60.62 15.62 38.16
N CYS C 53 60.18 16.84 38.53
CA CYS C 53 59.95 17.90 37.51
C CYS C 53 60.33 19.28 38.08
N VAL C 54 60.63 20.24 37.20
CA VAL C 54 60.99 21.62 37.65
C VAL C 54 59.76 22.26 38.28
N THR C 55 59.91 22.89 39.45
CA THR C 55 58.75 23.50 40.16
C THR C 55 58.87 25.03 40.16
N SER C 56 60.03 25.57 40.50
CA SER C 56 60.19 27.05 40.62
C SER C 56 61.26 27.57 39.66
N ILE C 57 60.94 28.63 38.91
CA ILE C 57 61.95 29.23 37.98
C ILE C 57 62.23 30.68 38.41
N LYS C 58 63.50 31.03 38.58
CA LYS C 58 63.88 32.44 38.91
C LYS C 58 64.82 32.95 37.82
N ILE C 59 64.48 34.07 37.18
CA ILE C 59 65.32 34.55 36.03
C ILE C 59 66.46 35.44 36.55
N ASN C 60 66.14 36.46 37.36
CA ASN C 60 67.19 37.41 37.83
C ASN C 60 67.05 37.65 39.33
N ASP C 61 67.19 36.61 40.15
CA ASP C 61 67.17 36.79 41.62
C ASP C 61 65.90 37.55 42.03
N GLY C 62 64.78 37.24 41.39
CA GLY C 62 63.52 37.95 41.70
C GLY C 62 63.46 39.31 41.01
N LYS C 63 64.47 39.61 40.18
CA LYS C 63 64.51 40.91 39.44
C LYS C 63 63.31 41.00 38.49
N VAL C 64 62.96 39.89 37.84
CA VAL C 64 61.83 39.90 36.87
C VAL C 64 60.54 39.66 37.65
N THR C 65 59.67 40.67 37.72
CA THR C 65 58.43 40.57 38.51
C THR C 65 57.27 40.08 37.64
N SER C 66 57.23 40.51 36.38
CA SER C 66 56.07 40.15 35.51
C SER C 66 56.55 39.63 34.15
N LEU C 67 55.69 38.89 33.43
CA LEU C 67 56.01 38.38 32.07
C LEU C 67 56.22 39.57 31.12
N GLU C 68 55.49 40.66 31.34
CA GLU C 68 55.59 41.85 30.45
C GLU C 68 57.02 42.36 30.41
N ASP C 69 57.76 42.22 31.51
CA ASP C 69 59.13 42.79 31.57
C ASP C 69 59.94 42.30 30.36
N VAL C 70 60.62 43.22 29.68
CA VAL C 70 61.44 42.86 28.48
C VAL C 70 62.76 42.22 28.92
N ILE C 71 63.29 41.30 28.12
CA ILE C 71 64.61 40.67 28.42
C ILE C 71 65.44 40.68 27.13
N PRO C 72 66.78 40.58 27.19
CA PRO C 72 67.60 40.68 25.98
C PRO C 72 67.67 39.35 25.23
N CYS C 73 66.53 38.89 24.70
CA CYS C 73 66.50 37.63 23.91
C CYS C 73 65.27 37.64 22.98
N ASP C 74 65.24 36.75 21.99
CA ASP C 74 64.10 36.69 21.02
C ASP C 74 62.85 36.13 21.69
N GLU C 75 62.98 35.53 22.87
CA GLU C 75 61.82 34.87 23.53
C GLU C 75 61.40 35.65 24.79
N THR C 76 60.09 35.87 24.96
CA THR C 76 59.57 36.60 26.15
C THR C 76 59.71 35.72 27.39
N VAL C 77 59.58 36.30 28.59
CA VAL C 77 59.82 35.51 29.84
C VAL C 77 58.85 34.32 29.89
N ALA C 78 57.59 34.53 29.48
CA ALA C 78 56.59 33.44 29.52
C ALA C 78 57.04 32.30 28.60
N ASP C 79 57.53 32.64 27.41
CA ASP C 79 58.00 31.59 26.44
C ASP C 79 59.19 30.85 27.04
N ILE C 80 60.12 31.57 27.67
CA ILE C 80 61.32 30.93 28.29
C ILE C 80 60.85 29.98 29.40
N ILE C 81 59.87 30.39 30.20
CA ILE C 81 59.34 29.54 31.31
C ILE C 81 58.72 28.28 30.69
N LEU C 82 57.98 28.43 29.59
CA LEU C 82 57.32 27.28 28.92
C LEU C 82 58.41 26.31 28.44
N ASN C 83 59.50 26.83 27.87
CA ASN C 83 60.62 25.98 27.39
C ASN C 83 61.26 25.25 28.59
N VAL C 84 61.48 25.96 29.69
CA VAL C 84 62.14 25.34 30.89
C VAL C 84 61.26 24.22 31.45
N LYS C 85 59.95 24.44 31.51
CA LYS C 85 59.01 23.44 32.08
C LYS C 85 59.06 22.16 31.25
N SER C 86 59.18 22.30 29.93
CA SER C 86 59.20 21.11 29.03
C SER C 86 60.42 20.23 29.30
N LEU C 87 61.49 20.80 29.87
CA LEU C 87 62.75 20.04 30.13
C LEU C 87 62.45 18.86 31.06
N SER C 88 63.01 17.68 30.76
CA SER C 88 62.76 16.47 31.59
C SER C 88 64.03 16.11 32.38
N VAL C 89 63.90 15.92 33.70
CA VAL C 89 65.11 15.65 34.53
C VAL C 89 64.98 14.33 35.28
N THR C 90 66.03 13.50 35.28
CA THR C 90 66.01 12.25 36.08
C THR C 90 66.80 12.51 37.36
N LEU C 91 66.22 12.20 38.52
CA LEU C 91 66.88 12.56 39.81
C LEU C 91 67.46 11.31 40.49
N ALA C 92 68.72 11.39 40.92
CA ALA C 92 69.37 10.26 41.63
C ALA C 92 68.63 10.00 42.95
N GLU C 93 68.65 8.75 43.41
CA GLU C 93 67.90 8.39 44.65
C GLU C 93 68.48 9.18 45.83
N ASP C 94 69.80 9.31 45.90
CA ASP C 94 70.47 10.02 47.04
C ASP C 94 70.06 11.50 47.05
N VAL C 95 69.96 12.13 45.88
CA VAL C 95 69.67 13.60 45.85
C VAL C 95 68.16 13.83 45.79
N GLU C 96 67.61 14.51 46.79
CA GLU C 96 66.15 14.77 46.86
C GLU C 96 65.80 16.06 46.12
N THR C 97 66.81 16.83 45.69
CA THR C 97 66.54 18.13 45.03
C THR C 97 67.50 18.35 43.85
N GLY C 98 67.06 19.09 42.82
CA GLY C 98 67.93 19.40 41.67
C GLY C 98 67.96 20.88 41.37
N THR C 99 69.13 21.46 41.13
CA THR C 99 69.23 22.91 40.80
C THR C 99 69.91 23.08 39.43
N ILE C 100 69.32 23.90 38.55
CA ILE C 100 69.87 24.13 37.19
C ILE C 100 70.24 25.62 37.03
N THR C 101 71.45 25.90 36.54
CA THR C 101 71.91 27.31 36.38
C THR C 101 72.07 27.64 34.89
N PHE C 102 71.43 28.71 34.41
CA PHE C 102 71.49 29.06 32.96
C PHE C 102 72.23 30.39 32.72
N GLU C 103 73.07 30.84 33.66
CA GLU C 103 73.73 32.16 33.49
C GLU C 103 74.61 32.11 32.23
N LEU C 104 74.47 33.09 31.34
CA LEU C 104 75.25 33.08 30.07
C LEU C 104 75.86 34.46 29.81
N SER C 105 77.16 34.51 29.50
CA SER C 105 77.80 35.80 29.14
C SER C 105 78.14 35.80 27.64
N GLY C 106 77.77 34.73 26.91
CA GLY C 106 78.11 34.61 25.48
C GLY C 106 77.31 35.58 24.61
N SER C 107 77.86 35.95 23.43
CA SER C 107 77.20 36.95 22.56
C SER C 107 76.49 36.28 21.37
N GLU C 108 75.18 36.52 21.22
CA GLU C 108 74.43 35.97 20.06
C GLU C 108 74.65 34.45 19.96
N GLU C 109 74.60 33.75 21.09
CA GLU C 109 74.89 32.29 21.09
C GLU C 109 73.60 31.50 21.36
N GLU C 110 73.32 30.49 20.52
CA GLU C 110 72.10 29.65 20.69
C GLU C 110 72.17 28.93 22.04
N ILE C 111 71.03 28.84 22.73
CA ILE C 111 70.99 28.18 24.08
C ILE C 111 70.39 26.78 23.94
N PHE C 112 71.02 25.78 24.57
CA PHE C 112 70.54 24.38 24.45
C PHE C 112 70.64 23.68 25.81
N SER C 113 70.02 22.51 25.94
CA SER C 113 70.00 21.79 27.25
C SER C 113 71.43 21.47 27.70
N GLU C 114 72.35 21.23 26.75
CA GLU C 114 73.76 20.96 27.10
C GLU C 114 74.32 22.17 27.85
N GLU C 115 73.99 23.39 27.37
CA GLU C 115 74.46 24.63 28.06
C GLU C 115 73.83 24.71 29.45
N ALA C 116 74.54 25.30 30.42
CA ALA C 116 73.99 25.46 31.79
C ALA C 116 74.53 24.38 32.72
N LYS C 117 75.14 24.78 33.85
CA LYS C 117 75.69 23.82 34.83
C LYS C 117 74.56 23.29 35.73
N LEU C 118 74.62 22.00 36.10
CA LEU C 118 73.52 21.39 36.90
C LEU C 118 74.10 20.74 38.16
N SER C 119 73.27 20.55 39.20
CA SER C 119 73.73 19.86 40.43
C SER C 119 73.92 18.37 40.15
N GLU C 120 74.73 17.68 40.95
CA GLU C 120 75.00 16.23 40.72
C GLU C 120 73.68 15.45 40.88
N GLY C 121 73.50 14.40 40.07
CA GLY C 121 72.25 13.62 40.11
C GLY C 121 71.18 14.17 39.18
N LEU C 122 71.54 15.18 38.36
CA LEU C 122 70.58 15.71 37.37
C LEU C 122 71.07 15.40 35.95
N ALA C 123 70.24 14.73 35.15
CA ALA C 123 70.61 14.44 33.74
C ALA C 123 69.56 15.06 32.81
N ILE C 124 69.99 15.87 31.85
CA ILE C 124 69.03 16.59 30.96
C ILE C 124 68.24 15.55 30.14
N THR C 125 68.91 14.56 29.56
CA THR C 125 68.23 13.46 28.82
C THR C 125 67.68 13.98 27.48
N GLU C 126 68.00 15.23 27.12
CA GLU C 126 67.43 15.82 25.88
C GLU C 126 68.29 16.98 25.38
N GLU C 127 68.10 17.40 24.12
CA GLU C 127 68.85 18.55 23.56
C GLU C 127 67.86 19.64 23.13
N VAL C 128 66.73 19.78 23.82
CA VAL C 128 65.68 20.76 23.40
C VAL C 128 66.24 22.18 23.46
N PHE C 129 65.96 22.99 22.43
CA PHE C 129 66.43 24.40 22.38
C PHE C 129 65.65 25.26 23.37
N ILE C 130 66.26 26.35 23.87
CA ILE C 130 65.58 27.19 24.90
C ILE C 130 65.28 28.58 24.35
N CYS C 131 66.32 29.34 23.98
CA CYS C 131 66.12 30.70 23.40
C CYS C 131 67.36 31.11 22.60
N SER C 132 67.25 32.13 21.76
CA SER C 132 68.43 32.64 21.00
C SER C 132 68.97 33.89 21.69
N TYR C 133 70.24 33.89 22.10
CA TYR C 133 70.82 35.04 22.84
C TYR C 133 70.99 36.24 21.92
N ASN C 134 70.79 37.45 22.44
CA ASN C 134 70.97 38.69 21.63
C ASN C 134 72.36 39.30 21.90
N GLY C 135 73.17 38.65 22.74
CA GLY C 135 74.48 39.21 23.11
C GLY C 135 74.35 40.59 23.73
N GLY C 136 73.33 40.79 24.56
CA GLY C 136 73.09 42.12 25.17
C GLY C 136 73.58 42.18 26.62
N LYS C 137 72.79 42.77 27.52
CA LYS C 137 73.20 42.90 28.94
C LYS C 137 73.21 41.53 29.62
N LYS C 138 73.97 41.39 30.70
CA LYS C 138 74.10 40.06 31.37
C LYS C 138 72.71 39.59 31.82
N LEU C 139 72.41 38.30 31.62
CA LEU C 139 71.10 37.73 32.03
C LEU C 139 71.34 36.40 32.75
N LYS C 140 70.40 35.96 33.59
CA LYS C 140 70.62 34.73 34.40
C LYS C 140 69.35 33.85 34.37
N ILE C 141 69.52 32.54 34.58
CA ILE C 141 68.31 31.64 34.68
C ILE C 141 68.52 30.68 35.86
N GLU C 142 67.50 30.53 36.71
CA GLU C 142 67.59 29.56 37.84
C GLU C 142 66.42 28.57 37.76
N ALA C 143 66.71 27.28 37.83
CA ALA C 143 65.65 26.24 37.79
C ALA C 143 65.71 25.40 39.07
N LYS C 144 64.55 25.16 39.70
CA LYS C 144 64.50 24.31 40.93
C LYS C 144 63.81 22.99 40.59
N VAL C 145 64.43 21.86 40.94
CA VAL C 145 63.85 20.52 40.57
C VAL C 145 63.48 19.76 41.84
N GLU C 146 62.26 19.20 41.89
CA GLU C 146 61.85 18.37 43.05
C GLU C 146 61.27 17.05 42.52
N LYS C 147 61.33 15.98 43.32
CA LYS C 147 60.72 14.69 42.89
C LYS C 147 59.53 14.38 43.80
N GLY C 148 58.34 14.18 43.20
CA GLY C 148 57.13 13.89 43.99
C GLY C 148 56.22 12.91 43.27
N VAL C 149 55.28 12.30 44.00
CA VAL C 149 54.29 11.38 43.37
C VAL C 149 52.92 12.07 43.36
N GLY C 150 52.15 11.89 42.28
CA GLY C 150 50.85 12.58 42.17
C GLY C 150 51.01 13.97 41.59
N PHE C 151 49.93 14.76 41.56
CA PHE C 151 50.00 16.12 40.97
C PHE C 151 49.84 17.16 42.07
N ARG C 152 50.76 18.14 42.11
CA ARG C 152 50.69 19.20 43.15
C ARG C 152 50.32 20.53 42.49
N PRO C 153 49.23 21.21 42.92
CA PRO C 153 48.86 22.53 42.37
C PRO C 153 49.67 23.66 43.03
N ALA C 154 49.78 24.81 42.35
CA ALA C 154 50.46 25.98 42.96
C ALA C 154 49.44 27.06 43.27
N GLN C 155 49.34 27.48 44.54
CA GLN C 155 48.35 28.51 44.96
C GLN C 155 48.66 29.84 44.27
N ASP C 156 49.93 30.22 44.19
CA ASP C 156 50.33 31.52 43.57
C ASP C 156 51.28 31.27 42.40
N ASN C 157 50.99 31.85 41.23
CA ASN C 157 51.91 31.74 40.06
C ASN C 157 53.23 32.41 40.43
N PHE C 158 53.17 33.59 41.07
CA PHE C 158 54.40 34.29 41.51
C PHE C 158 54.23 34.65 43.00
N LYS C 159 55.19 34.24 43.84
CA LYS C 159 55.05 34.50 45.31
C LYS C 159 56.01 35.60 45.76
N ASP C 160 57.31 35.44 45.48
CA ASP C 160 58.32 36.47 45.84
C ASP C 160 59.18 36.83 44.63
N GLY C 161 60.25 36.07 44.39
CA GLY C 161 61.14 36.30 43.23
C GLY C 161 61.10 35.14 42.25
N GLU C 162 60.28 34.13 42.52
CA GLU C 162 60.25 32.92 41.65
C GLU C 162 58.83 32.69 41.14
N PHE C 163 58.68 32.31 39.87
CA PHE C 163 57.33 31.99 39.34
C PHE C 163 57.00 30.54 39.74
N LEU C 164 55.98 30.36 40.59
CA LEU C 164 55.61 29.01 41.07
C LEU C 164 54.85 28.25 39.98
N LEU C 165 55.21 26.98 39.77
CA LEU C 165 54.47 26.15 38.78
C LEU C 165 54.04 24.84 39.44
N ASP C 166 52.89 24.29 39.04
CA ASP C 166 52.43 22.99 39.58
C ASP C 166 53.32 21.86 39.02
N ALA C 167 53.48 20.76 39.76
CA ALA C 167 54.37 19.68 39.31
C ALA C 167 53.54 18.45 38.92
N THR C 168 53.62 18.03 37.65
CA THR C 168 52.89 16.82 37.18
C THR C 168 53.43 15.59 37.92
N PHE C 169 54.75 15.48 38.05
CA PHE C 169 55.37 14.35 38.78
C PHE C 169 55.02 13.01 38.13
N SER C 170 54.80 12.98 36.81
CA SER C 170 54.52 11.70 36.08
C SER C 170 55.10 11.70 34.66
N PRO C 171 55.75 10.61 34.20
CA PRO C 171 56.24 10.51 32.82
C PRO C 171 55.12 10.56 31.77
N VAL C 172 54.01 9.85 32.03
CA VAL C 172 52.88 9.78 31.05
C VAL C 172 52.17 11.13 30.98
N VAL C 173 51.86 11.62 29.76
CA VAL C 173 51.18 12.94 29.61
C VAL C 173 49.77 12.76 29.06
N PHE C 174 49.45 11.63 28.42
CA PHE C 174 48.13 11.49 27.78
C PHE C 174 47.62 10.04 27.89
N CYS C 175 46.32 9.87 28.17
CA CYS C 175 45.72 8.50 28.19
C CYS C 175 44.61 8.43 27.13
N ASP C 176 43.58 9.28 27.25
CA ASP C 176 42.53 9.35 26.20
C ASP C 176 41.97 7.95 25.88
N PHE C 177 41.66 7.14 26.89
CA PHE C 177 41.14 5.77 26.65
C PHE C 177 39.73 5.86 26.03
N GLU C 178 39.39 4.89 25.17
CA GLU C 178 38.06 4.89 24.50
C GLU C 178 37.45 3.48 24.53
N ILE C 179 36.13 3.38 24.43
CA ILE C 179 35.43 2.05 24.46
C ILE C 179 34.69 1.85 23.13
N LYS C 180 34.89 0.69 22.49
CA LYS C 180 34.17 0.38 21.22
C LYS C 180 33.50 -0.99 21.32
N ASP C 181 32.41 -1.19 20.59
CA ASP C 181 31.66 -2.48 20.64
C ASP C 181 32.47 -3.59 19.97
N ALA C 182 32.28 -4.85 20.40
CA ALA C 182 32.98 -5.99 19.78
C ALA C 182 32.04 -7.21 19.72
N ARG C 183 32.28 -8.14 18.80
CA ARG C 183 31.46 -9.38 18.74
C ARG C 183 32.36 -10.59 18.98
N VAL C 184 32.05 -11.39 20.01
CA VAL C 184 32.84 -12.62 20.31
C VAL C 184 32.03 -13.85 19.89
N GLY C 185 30.90 -13.66 19.21
CA GLY C 185 30.03 -14.80 18.88
C GLY C 185 28.56 -14.41 18.93
N ARG C 186 27.71 -15.32 19.43
CA ARG C 186 26.25 -15.03 19.53
C ARG C 186 26.07 -13.81 20.44
N ARG C 187 26.84 -13.73 21.52
CA ARG C 187 26.78 -12.55 22.42
C ARG C 187 27.71 -11.47 21.86
N THR C 188 27.15 -10.33 21.45
CA THR C 188 27.97 -9.24 20.85
C THR C 188 28.06 -8.04 21.79
N ASP C 189 27.59 -8.19 23.03
CA ASP C 189 27.57 -7.05 24.00
C ASP C 189 28.98 -6.75 24.53
N LEU C 190 29.94 -7.64 24.28
CA LEU C 190 31.32 -7.48 24.82
C LEU C 190 31.95 -6.17 24.31
N ASP C 191 32.68 -5.46 25.17
CA ASP C 191 33.24 -4.14 24.79
C ASP C 191 34.68 -4.25 24.29
N LYS C 192 35.13 -3.28 23.47
CA LYS C 192 36.53 -3.26 22.96
C LYS C 192 37.21 -1.98 23.44
N LEU C 193 38.40 -2.07 24.03
CA LEU C 193 39.06 -0.86 24.63
C LEU C 193 40.34 -0.50 23.88
N GLU C 194 40.49 0.76 23.45
CA GLU C 194 41.72 1.23 22.78
C GLU C 194 42.38 2.31 23.65
N LEU C 195 43.69 2.18 23.91
CA LEU C 195 44.40 3.17 24.76
C LEU C 195 45.49 3.90 23.96
N ASN C 196 45.51 5.23 24.00
CA ASN C 196 46.59 6.00 23.32
C ASN C 196 47.42 6.69 24.42
N ILE C 197 48.73 6.44 24.45
CA ILE C 197 49.56 7.00 25.56
C ILE C 197 50.71 7.85 24.99
N LYS C 198 50.91 9.05 25.52
CA LYS C 198 52.05 9.92 25.09
C LYS C 198 52.97 10.13 26.29
N THR C 199 54.29 9.99 26.12
CA THR C 199 55.21 10.08 27.28
C THR C 199 56.33 11.10 27.01
N ASN C 200 56.98 11.59 28.06
CA ASN C 200 58.10 12.56 27.91
C ASN C 200 59.29 11.82 27.29
N GLY C 201 59.25 10.48 27.28
CA GLY C 201 60.36 9.69 26.73
C GLY C 201 61.36 9.25 27.79
N ASN C 202 61.12 9.62 29.06
CA ASN C 202 62.00 9.14 30.16
C ASN C 202 61.89 7.61 30.21
N VAL C 203 60.68 7.07 30.04
CA VAL C 203 60.46 5.59 30.04
C VAL C 203 59.57 5.23 28.86
N ASN C 204 59.66 3.99 28.37
CA ASN C 204 58.82 3.55 27.21
C ASN C 204 57.35 3.51 27.65
N CYS C 205 56.42 3.80 26.74
CA CYS C 205 54.99 3.87 27.12
C CYS C 205 54.49 2.51 27.62
N GLU C 206 54.84 1.42 26.92
CA GLU C 206 54.31 0.08 27.30
C GLU C 206 54.82 -0.30 28.70
N GLU C 207 56.11 -0.08 28.96
CA GLU C 207 56.71 -0.44 30.28
C GLU C 207 56.04 0.40 31.37
N ALA C 208 55.80 1.69 31.09
CA ALA C 208 55.15 2.58 32.08
C ALA C 208 53.74 2.06 32.38
N LEU C 209 53.00 1.65 31.34
CA LEU C 209 51.62 1.13 31.53
C LEU C 209 51.70 -0.13 32.40
N ARG C 210 52.68 -1.00 32.13
CA ARG C 210 52.82 -2.26 32.91
C ARG C 210 53.11 -1.90 34.37
N LEU C 211 53.98 -0.91 34.61
CA LEU C 211 54.34 -0.50 35.99
C LEU C 211 53.07 0.03 36.69
N ALA C 212 52.26 0.82 35.98
CA ALA C 212 51.02 1.38 36.56
C ALA C 212 50.07 0.23 36.93
N ALA C 213 49.93 -0.77 36.06
CA ALA C 213 49.06 -1.94 36.33
C ALA C 213 49.58 -2.70 37.55
N THR C 214 50.89 -2.84 37.68
CA THR C 214 51.48 -3.64 38.79
C THR C 214 51.10 -3.03 40.15
N LYS C 215 51.11 -1.71 40.27
CA LYS C 215 50.85 -1.06 41.58
C LYS C 215 49.44 -1.43 42.07
N ILE C 216 48.45 -1.42 41.18
CA ILE C 216 47.05 -1.79 41.57
C ILE C 216 47.04 -3.24 42.07
N GLN C 217 47.74 -4.14 41.36
CA GLN C 217 47.82 -5.57 41.75
C GLN C 217 48.53 -5.70 43.11
N ASN C 218 49.60 -4.91 43.32
CA ASN C 218 50.40 -5.03 44.56
C ASN C 218 49.53 -4.71 45.78
N GLN C 219 48.65 -3.71 45.67
CA GLN C 219 47.84 -3.27 46.84
C GLN C 219 46.94 -4.39 47.37
N LEU C 220 46.35 -5.20 46.49
CA LEU C 220 45.38 -6.25 46.92
C LEU C 220 46.09 -7.51 47.39
N ARG C 221 47.42 -7.51 47.39
CA ARG C 221 48.18 -8.76 47.74
C ARG C 221 47.80 -9.22 49.15
N ASN C 222 47.62 -8.29 50.10
CA ASN C 222 47.21 -8.67 51.47
C ASN C 222 45.82 -9.34 51.46
N ILE C 223 44.87 -8.79 50.70
CA ILE C 223 43.47 -9.33 50.71
C ILE C 223 43.26 -10.37 49.60
N VAL C 224 44.24 -10.52 48.70
CA VAL C 224 44.07 -11.45 47.55
C VAL C 224 45.41 -12.16 47.27
N ASP C 225 45.38 -13.33 46.64
CA ASP C 225 46.65 -14.03 46.29
C ASP C 225 47.05 -13.67 44.85
N ILE C 226 48.03 -12.76 44.70
CA ILE C 226 48.52 -12.35 43.36
C ILE C 226 49.23 -13.51 42.66
N GLU C 227 50.00 -14.31 43.40
CA GLU C 227 50.82 -15.39 42.77
C GLU C 227 49.93 -16.39 42.03
N GLU C 228 48.82 -16.81 42.65
CA GLU C 228 47.93 -17.83 42.01
C GLU C 228 47.33 -17.27 40.72
N ILE C 229 47.00 -15.97 40.70
CA ILE C 229 46.36 -15.34 39.50
C ILE C 229 47.31 -15.44 38.31
N ASN C 230 48.62 -15.26 38.54
CA ASN C 230 49.61 -15.27 37.43
C ASN C 230 49.58 -16.65 36.74
N LYS C 231 49.49 -17.73 37.51
CA LYS C 231 49.46 -19.10 36.94
C LYS C 231 48.18 -19.26 36.10
N GLY C 232 48.30 -19.88 34.93
CA GLY C 232 47.12 -20.09 34.05
C GLY C 232 47.52 -20.67 32.70
N MET D 1 -10.17 8.42 58.18
CA MET D 1 -11.35 9.12 57.61
C MET D 1 -11.75 8.43 56.30
N SER D 2 -11.21 7.22 56.04
CA SER D 2 -11.49 6.53 54.76
C SER D 2 -12.99 6.23 54.67
N TYR D 3 -13.60 5.74 55.75
CA TYR D 3 -15.08 5.51 55.77
C TYR D 3 -15.46 4.32 54.88
N SER D 4 -14.47 3.55 54.39
CA SER D 4 -14.78 2.43 53.48
C SER D 4 -13.73 1.33 53.61
N TYR D 5 -14.08 0.10 53.24
CA TYR D 5 -13.12 -1.04 53.29
C TYR D 5 -11.96 -0.78 52.33
N ALA D 6 -12.26 -0.35 51.10
CA ALA D 6 -11.20 -0.02 50.13
C ALA D 6 -10.38 1.16 50.67
N GLU D 7 -11.06 2.19 51.18
CA GLU D 7 -10.36 3.35 51.79
C GLU D 7 -9.61 2.89 53.05
N LYS D 8 -10.22 1.99 53.83
CA LYS D 8 -9.60 1.54 55.10
C LYS D 8 -8.27 0.84 54.81
N LYS D 9 -8.23 0.01 53.76
CA LYS D 9 -6.99 -0.77 53.46
C LYS D 9 -5.84 0.20 53.15
N ARG D 10 -6.09 1.24 52.34
CA ARG D 10 -5.05 2.27 52.08
C ARG D 10 -5.68 3.66 52.20
N ILE D 11 -5.02 4.57 52.92
CA ILE D 11 -5.58 5.95 53.11
C ILE D 11 -4.79 6.94 52.25
N ARG D 12 -5.47 7.72 51.42
CA ARG D 12 -4.77 8.65 50.49
C ARG D 12 -4.92 10.10 50.98
N LYS D 13 -3.80 10.81 51.09
CA LYS D 13 -3.81 12.23 51.57
C LYS D 13 -4.59 13.08 50.56
N GLU D 14 -5.35 14.08 51.04
CA GLU D 14 -6.17 14.91 50.13
C GLU D 14 -5.84 16.39 50.33
N PHE D 15 -6.09 17.23 49.31
CA PHE D 15 -5.70 18.66 49.38
C PHE D 15 -6.81 19.55 48.82
N GLY D 16 -6.76 20.86 49.14
CA GLY D 16 -7.77 21.82 48.65
C GLY D 16 -8.72 22.27 49.74
N VAL D 17 -9.26 23.49 49.62
CA VAL D 17 -10.13 24.06 50.69
C VAL D 17 -11.59 24.11 50.22
N LEU D 18 -11.88 23.62 49.01
CA LEU D 18 -13.26 23.75 48.46
C LEU D 18 -14.15 22.62 49.01
N PRO D 19 -15.33 22.93 49.58
CA PRO D 19 -16.27 21.91 50.05
C PRO D 19 -16.93 21.18 48.87
N HIS D 20 -17.31 19.91 49.06
CA HIS D 20 -17.94 19.14 47.97
C HIS D 20 -19.46 19.35 48.02
N ILE D 21 -19.98 20.35 47.28
CA ILE D 21 -21.43 20.69 47.33
C ILE D 21 -22.26 19.52 46.78
N LEU D 22 -21.85 18.94 45.65
CA LEU D 22 -22.70 17.88 45.02
C LEU D 22 -21.80 16.73 44.52
N ASP D 23 -22.25 15.48 44.69
CA ASP D 23 -21.50 14.31 44.17
C ASP D 23 -21.64 14.26 42.64
N VAL D 24 -20.67 13.64 41.95
CA VAL D 24 -20.70 13.56 40.46
C VAL D 24 -21.89 12.71 40.01
N PRO D 25 -22.61 13.08 38.93
CA PRO D 25 -23.71 12.26 38.40
C PRO D 25 -23.18 11.00 37.70
N TYR D 26 -24.02 9.96 37.55
CA TYR D 26 -23.54 8.69 36.96
C TYR D 26 -23.05 8.95 35.54
N LEU D 27 -21.85 8.44 35.21
CA LEU D 27 -21.23 8.67 33.87
C LEU D 27 -22.05 7.99 32.76
N LEU D 28 -22.56 6.79 32.99
CA LEU D 28 -23.25 6.02 31.92
C LEU D 28 -24.75 6.33 31.92
N SER D 29 -25.19 7.32 32.70
CA SER D 29 -26.64 7.62 32.81
C SER D 29 -27.23 8.00 31.45
N ILE D 30 -26.51 8.79 30.64
CA ILE D 30 -27.09 9.26 29.34
C ILE D 30 -27.40 8.08 28.42
N GLN D 31 -26.47 7.13 28.30
CA GLN D 31 -26.68 5.93 27.42
C GLN D 31 -27.80 5.05 27.98
N THR D 32 -27.77 4.76 29.29
CA THR D 32 -28.80 3.89 29.93
C THR D 32 -30.17 4.59 29.93
N GLU D 33 -30.20 5.89 30.20
CA GLU D 33 -31.50 6.61 30.32
C GLU D 33 -32.30 6.57 29.03
N SER D 34 -31.65 6.78 27.88
CA SER D 34 -32.40 6.85 26.59
C SER D 34 -33.09 5.52 26.29
N TYR D 35 -32.39 4.41 26.50
CA TYR D 35 -32.97 3.08 26.16
C TYR D 35 -34.20 2.80 27.02
N LYS D 36 -34.13 3.17 28.30
CA LYS D 36 -35.25 2.88 29.24
C LYS D 36 -36.53 3.58 28.77
N LYS D 37 -36.44 4.85 28.35
CA LYS D 37 -37.68 5.58 27.95
C LYS D 37 -38.31 4.86 26.75
N PHE D 38 -37.49 4.43 25.79
CA PHE D 38 -38.01 3.71 24.60
C PHE D 38 -38.64 2.38 25.03
N LEU D 39 -37.99 1.65 25.95
CA LEU D 39 -38.50 0.30 26.32
C LEU D 39 -39.33 0.32 27.61
N THR D 40 -39.42 1.46 28.30
CA THR D 40 -40.14 1.46 29.61
C THR D 40 -40.98 2.72 29.78
N VAL D 41 -42.00 2.66 30.64
CA VAL D 41 -42.86 3.85 30.92
C VAL D 41 -42.87 4.06 32.45
N ASP D 42 -42.59 5.28 32.91
CA ASP D 42 -42.60 5.58 34.37
C ASP D 42 -43.67 6.63 34.67
N ALA D 43 -44.59 6.33 35.59
CA ALA D 43 -45.68 7.27 35.95
C ALA D 43 -45.10 8.53 36.58
N ALA D 44 -44.12 8.39 37.48
CA ALA D 44 -43.53 9.56 38.17
C ALA D 44 -42.85 10.46 37.13
N LYS D 45 -42.14 9.88 36.18
CA LYS D 45 -41.46 10.65 35.10
C LYS D 45 -42.52 11.32 34.23
N GLY D 46 -43.72 10.76 34.17
CA GLY D 46 -44.77 11.30 33.27
C GLY D 46 -44.69 10.67 31.89
N ARG D 47 -43.78 9.70 31.72
CA ARG D 47 -43.68 8.96 30.42
C ARG D 47 -44.70 7.82 30.45
N LEU D 48 -46.01 8.16 30.43
CA LEU D 48 -47.07 7.13 30.49
C LEU D 48 -46.98 6.21 29.28
N HIS D 49 -46.73 6.78 28.09
CA HIS D 49 -46.72 5.97 26.85
C HIS D 49 -45.28 5.76 26.36
N SER D 50 -44.88 4.50 26.17
CA SER D 50 -43.53 4.20 25.63
C SER D 50 -43.49 4.61 24.16
N GLY D 51 -42.32 5.07 23.67
CA GLY D 51 -42.23 5.56 22.28
C GLY D 51 -42.57 4.46 21.29
N LEU D 52 -42.09 3.24 21.54
CA LEU D 52 -42.35 2.09 20.64
C LEU D 52 -43.86 1.82 20.60
N GLU D 53 -44.53 1.86 21.76
CA GLU D 53 -45.99 1.61 21.81
C GLU D 53 -46.71 2.71 21.02
N ILE D 54 -46.27 3.96 21.17
CA ILE D 54 -46.90 5.11 20.45
C ILE D 54 -46.72 4.90 18.94
N VAL D 55 -45.53 4.42 18.53
CA VAL D 55 -45.25 4.18 17.08
C VAL D 55 -46.21 3.10 16.56
N LEU D 56 -46.42 2.03 17.34
CA LEU D 56 -47.36 0.95 16.94
C LEU D 56 -48.78 1.51 16.84
N LYS D 57 -49.18 2.34 17.81
CA LYS D 57 -50.55 2.91 17.85
C LYS D 57 -50.79 3.83 16.64
N GLN D 58 -49.79 4.63 16.26
CA GLN D 58 -50.00 5.63 15.18
C GLN D 58 -50.38 4.98 13.84
N SER D 59 -49.71 3.90 13.44
CA SER D 59 -49.96 3.32 12.09
C SER D 59 -50.82 2.05 12.15
N PHE D 60 -51.28 1.63 13.33
CA PHE D 60 -52.02 0.34 13.41
C PHE D 60 -53.33 0.33 12.61
N PRO D 61 -54.14 1.42 12.61
CA PRO D 61 -55.44 1.38 11.92
C PRO D 61 -55.28 1.57 10.40
N VAL D 62 -55.76 0.61 9.61
CA VAL D 62 -55.61 0.68 8.13
C VAL D 62 -56.97 0.71 7.44
N GLU D 63 -57.89 -0.20 7.79
CA GLU D 63 -59.19 -0.27 7.07
C GLU D 63 -58.88 -0.42 5.58
N SER D 64 -57.99 -1.35 5.22
CA SER D 64 -57.53 -1.51 3.81
C SER D 64 -58.53 -0.97 2.78
N LYS D 65 -59.42 -1.82 2.24
CA LYS D 65 -60.30 -1.35 1.14
C LYS D 65 -61.75 -1.86 1.32
N ASN D 66 -62.48 -1.39 2.32
CA ASN D 66 -63.91 -1.77 2.45
C ASN D 66 -64.03 -3.29 2.45
N GLY D 67 -63.13 -3.99 3.13
CA GLY D 67 -63.16 -5.46 3.21
C GLY D 67 -63.85 -5.93 4.48
N GLN D 68 -64.42 -5.00 5.25
CA GLN D 68 -65.02 -5.35 6.56
C GLN D 68 -63.91 -5.89 7.47
N TYR D 69 -62.68 -5.38 7.30
CA TYR D 69 -61.57 -5.79 8.19
C TYR D 69 -61.05 -4.56 8.93
N GLU D 70 -60.99 -4.63 10.27
CA GLU D 70 -60.47 -3.49 11.08
C GLU D 70 -59.24 -3.96 11.87
N LEU D 71 -58.14 -3.20 11.80
CA LEU D 71 -56.93 -3.55 12.57
C LEU D 71 -56.80 -2.61 13.78
N HIS D 72 -56.81 -3.17 14.98
CA HIS D 72 -56.66 -2.35 16.22
C HIS D 72 -55.55 -2.94 17.10
N TYR D 73 -54.66 -2.09 17.61
CA TYR D 73 -53.58 -2.56 18.53
C TYR D 73 -54.17 -2.71 19.94
N VAL D 74 -53.91 -3.86 20.59
CA VAL D 74 -54.47 -4.11 21.94
C VAL D 74 -53.36 -4.00 22.99
N ASP D 75 -52.26 -4.75 22.83
CA ASP D 75 -51.17 -4.76 23.85
C ASP D 75 -49.86 -5.26 23.21
N TYR D 76 -48.73 -4.98 23.87
CA TYR D 76 -47.40 -5.47 23.38
C TYR D 76 -46.74 -6.32 24.46
N GLN D 77 -46.28 -7.52 24.11
CA GLN D 77 -45.62 -8.43 25.09
C GLN D 77 -44.17 -8.68 24.65
N ILE D 78 -43.21 -8.53 25.58
CA ILE D 78 -41.78 -8.70 25.22
C ILE D 78 -41.27 -10.05 25.73
N GLY D 79 -40.76 -10.90 24.83
CA GLY D 79 -40.24 -12.23 25.22
C GLY D 79 -38.91 -12.16 25.92
N GLU D 80 -38.67 -13.04 26.90
CA GLU D 80 -37.35 -13.09 27.59
C GLU D 80 -36.27 -13.51 26.58
N PRO D 81 -35.05 -12.94 26.64
CA PRO D 81 -33.97 -13.32 25.73
C PRO D 81 -33.57 -14.79 25.94
N THR D 82 -33.30 -15.53 24.87
CA THR D 82 -32.94 -16.97 24.97
C THR D 82 -31.63 -17.14 25.74
N PHE D 83 -30.63 -16.28 25.48
CA PHE D 83 -29.30 -16.45 26.11
C PHE D 83 -28.88 -15.17 26.85
N ASP D 84 -28.19 -15.32 27.98
CA ASP D 84 -27.70 -14.15 28.75
C ASP D 84 -26.54 -13.51 27.97
N GLU D 85 -26.15 -12.28 28.33
CA GLU D 85 -25.10 -11.57 27.55
C GLU D 85 -23.80 -12.38 27.53
N THR D 86 -23.42 -12.94 28.68
CA THR D 86 -22.16 -13.72 28.77
C THR D 86 -22.26 -14.96 27.86
N GLU D 87 -23.39 -15.66 27.89
CA GLU D 87 -23.60 -16.84 27.00
C GLU D 87 -23.66 -16.40 25.54
N CYS D 88 -24.36 -15.29 25.25
CA CYS D 88 -24.53 -14.86 23.84
C CYS D 88 -23.17 -14.54 23.20
N GLN D 89 -22.30 -13.85 23.95
CA GLN D 89 -20.98 -13.44 23.40
C GLN D 89 -20.15 -14.70 23.08
N VAL D 90 -20.13 -15.68 23.99
CA VAL D 90 -19.31 -16.91 23.78
C VAL D 90 -19.85 -17.66 22.55
N ARG D 91 -21.18 -17.78 22.44
CA ARG D 91 -21.80 -18.43 21.25
C ARG D 91 -21.61 -17.55 20.02
N GLY D 92 -21.53 -16.23 20.20
CA GLY D 92 -21.45 -15.32 19.05
C GLY D 92 -22.84 -14.86 18.63
N ALA D 93 -23.88 -15.35 19.31
CA ALA D 93 -25.26 -14.91 19.01
C ALA D 93 -25.47 -13.48 19.54
N THR D 94 -26.37 -12.72 18.92
CA THR D 94 -26.64 -11.32 19.34
C THR D 94 -27.73 -11.33 20.42
N TYR D 95 -27.51 -10.62 21.53
CA TYR D 95 -28.55 -10.54 22.59
C TYR D 95 -29.80 -9.96 21.96
N ASP D 96 -30.97 -10.59 22.13
CA ASP D 96 -32.19 -10.12 21.44
C ASP D 96 -33.44 -10.41 22.28
N ALA D 97 -34.51 -9.65 22.08
CA ALA D 97 -35.79 -9.93 22.79
C ALA D 97 -36.91 -10.02 21.75
N PRO D 98 -37.76 -11.07 21.78
CA PRO D 98 -38.89 -11.17 20.85
C PRO D 98 -39.96 -10.12 21.15
N LEU D 99 -40.57 -9.53 20.11
CA LEU D 99 -41.62 -8.50 20.31
C LEU D 99 -42.96 -9.07 19.81
N ASN D 100 -43.99 -9.07 20.65
CA ASN D 100 -45.32 -9.62 20.27
C ASN D 100 -46.41 -8.58 20.52
N VAL D 101 -47.32 -8.40 19.56
CA VAL D 101 -48.41 -7.39 19.71
C VAL D 101 -49.77 -8.08 19.47
N LYS D 102 -50.84 -7.51 20.02
CA LYS D 102 -52.19 -8.14 19.88
C LYS D 102 -53.02 -7.35 18.87
N LEU D 103 -53.55 -8.02 17.85
CA LEU D 103 -54.33 -7.33 16.80
C LEU D 103 -55.77 -7.86 16.81
N ARG D 104 -56.77 -6.97 16.83
CA ARG D 104 -58.19 -7.41 16.80
C ARG D 104 -58.82 -6.92 15.49
N LEU D 105 -59.47 -7.83 14.75
CA LEU D 105 -60.10 -7.47 13.45
C LEU D 105 -61.61 -7.72 13.56
N VAL D 106 -62.43 -6.77 13.10
CA VAL D 106 -63.92 -6.91 13.22
C VAL D 106 -64.50 -7.16 11.82
N VAL D 107 -65.34 -8.19 11.68
CA VAL D 107 -65.89 -8.55 10.34
C VAL D 107 -67.42 -8.65 10.43
N TYR D 108 -68.12 -8.56 9.29
CA TYR D 108 -69.61 -8.57 9.30
C TYR D 108 -70.13 -8.79 7.87
N ASN D 109 -71.38 -8.42 7.61
CA ASN D 109 -72.00 -8.64 6.28
C ASN D 109 -71.19 -7.93 5.21
N LYS D 110 -70.61 -6.75 5.52
CA LYS D 110 -69.88 -5.97 4.49
C LYS D 110 -70.85 -5.58 3.37
N ASP D 111 -72.08 -5.19 3.74
CA ASP D 111 -73.09 -4.74 2.75
C ASP D 111 -72.78 -3.28 2.39
N ALA D 112 -73.60 -2.65 1.53
CA ALA D 112 -73.31 -1.28 1.08
C ALA D 112 -73.75 -0.28 2.15
N LEU D 113 -72.90 -0.06 3.18
CA LEU D 113 -73.20 0.93 4.25
C LEU D 113 -74.06 0.30 5.35
N PRO D 114 -74.39 -1.01 5.31
CA PRO D 114 -75.13 -1.60 6.43
C PRO D 114 -74.47 -2.81 7.10
N ASN D 115 -74.20 -2.75 8.41
CA ASN D 115 -73.64 -3.90 9.14
C ASN D 115 -72.37 -4.41 8.43
N GLU D 116 -71.49 -3.50 7.99
CA GLU D 116 -70.32 -3.94 7.19
C GLU D 116 -69.40 -4.84 8.03
N LYS D 117 -69.11 -4.47 9.28
CA LYS D 117 -68.21 -5.27 10.14
C LYS D 117 -68.54 -5.09 11.62
N ILE D 118 -69.71 -5.55 12.08
CA ILE D 118 -70.04 -5.49 13.53
C ILE D 118 -70.41 -6.87 14.09
N VAL D 119 -70.48 -7.89 13.24
CA VAL D 119 -70.96 -9.24 13.70
C VAL D 119 -69.90 -10.34 13.55
N GLU D 120 -68.65 -10.01 13.23
CA GLU D 120 -67.66 -11.10 12.94
C GLU D 120 -66.26 -10.76 13.48
N ASP D 121 -65.36 -11.76 13.46
CA ASP D 121 -63.96 -11.54 13.91
C ASP D 121 -63.90 -11.07 15.37
N ILE D 122 -64.64 -11.74 16.27
CA ILE D 122 -64.59 -11.41 17.72
C ILE D 122 -63.36 -12.11 18.35
N ARG D 123 -62.65 -12.92 17.56
CA ARG D 123 -61.47 -13.67 18.08
C ARG D 123 -60.19 -12.89 17.76
N GLU D 124 -59.31 -12.70 18.74
CA GLU D 124 -58.05 -11.96 18.53
C GLU D 124 -56.87 -12.79 19.08
N GLU D 125 -55.67 -12.62 18.51
CA GLU D 125 -54.49 -13.41 18.95
C GLU D 125 -53.23 -12.55 18.90
N TYR D 126 -52.21 -12.90 19.70
CA TYR D 126 -50.92 -12.16 19.67
C TYR D 126 -50.10 -12.62 18.46
N VAL D 127 -49.53 -11.67 17.70
CA VAL D 127 -48.72 -12.02 16.50
C VAL D 127 -47.28 -11.58 16.72
N TYR D 128 -46.31 -12.47 16.46
CA TYR D 128 -44.87 -12.12 16.63
C TYR D 128 -44.54 -10.96 15.68
N MET D 129 -43.88 -9.92 16.19
CA MET D 129 -43.58 -8.73 15.35
C MET D 129 -42.13 -8.79 14.83
N GLY D 130 -41.18 -9.13 15.70
CA GLY D 130 -39.77 -9.15 15.30
C GLY D 130 -38.84 -9.38 16.47
N ASP D 131 -37.53 -9.25 16.25
CA ASP D 131 -36.54 -9.40 17.35
C ASP D 131 -35.94 -8.03 17.68
N ILE D 132 -35.96 -7.64 18.96
CA ILE D 132 -35.43 -6.31 19.37
C ILE D 132 -34.16 -6.53 20.20
N PRO D 133 -33.01 -5.92 19.83
CA PRO D 133 -31.76 -6.06 20.58
C PRO D 133 -31.90 -5.42 21.97
N LEU D 134 -31.22 -5.97 22.97
CA LEU D 134 -31.36 -5.45 24.36
C LEU D 134 -30.03 -4.85 24.84
N MET D 135 -30.11 -3.87 25.74
CA MET D 135 -28.88 -3.16 26.23
C MET D 135 -28.54 -3.64 27.64
N THR D 136 -27.27 -3.98 27.88
CA THR D 136 -26.82 -4.41 29.23
C THR D 136 -26.76 -3.20 30.16
N THR D 137 -26.61 -3.44 31.47
CA THR D 137 -26.58 -2.32 32.46
C THR D 137 -25.37 -1.42 32.15
N ASN D 138 -24.37 -1.97 31.46
CA ASN D 138 -23.17 -1.18 31.06
C ASN D 138 -23.54 -0.34 29.83
N GLY D 139 -24.77 -0.48 29.34
CA GLY D 139 -25.20 0.25 28.14
C GLY D 139 -24.40 -0.11 26.90
N THR D 140 -24.10 -1.39 26.72
CA THR D 140 -23.36 -1.86 25.51
C THR D 140 -24.21 -2.92 24.79
N PHE D 141 -24.04 -3.03 23.46
CA PHE D 141 -24.86 -4.00 22.68
C PHE D 141 -23.94 -5.09 22.11
N ILE D 142 -24.35 -6.35 22.28
CA ILE D 142 -23.55 -7.47 21.69
C ILE D 142 -24.20 -7.91 20.38
N ILE D 143 -23.46 -7.78 19.27
CA ILE D 143 -23.99 -8.20 17.93
C ILE D 143 -23.03 -9.23 17.33
N ASN D 144 -23.55 -10.40 16.94
CA ASN D 144 -22.71 -11.46 16.32
C ASN D 144 -21.56 -11.80 17.27
N GLY D 145 -21.83 -11.80 18.58
CA GLY D 145 -20.78 -12.12 19.58
C GLY D 145 -19.79 -10.99 19.74
N THR D 146 -20.12 -9.81 19.20
CA THR D 146 -19.19 -8.65 19.27
C THR D 146 -19.86 -7.49 20.03
N GLU D 147 -19.20 -6.98 21.07
CA GLU D 147 -19.75 -5.82 21.84
C GLU D 147 -19.65 -4.56 20.97
N ARG D 148 -20.70 -3.74 20.95
CA ARG D 148 -20.70 -2.50 20.12
C ARG D 148 -21.28 -1.32 20.93
N VAL D 149 -20.85 -0.10 20.61
CA VAL D 149 -21.37 1.12 21.30
C VAL D 149 -21.86 2.10 20.23
N VAL D 150 -23.04 2.68 20.42
CA VAL D 150 -23.57 3.69 19.44
C VAL D 150 -23.30 5.09 20.00
N VAL D 151 -22.51 5.89 19.28
CA VAL D 151 -22.17 7.27 19.73
C VAL D 151 -23.41 8.17 19.59
N SER D 152 -23.62 9.07 20.55
CA SER D 152 -24.75 10.03 20.44
C SER D 152 -24.48 11.00 19.28
N GLN D 153 -25.53 11.48 18.61
CA GLN D 153 -25.35 12.35 17.43
C GLN D 153 -25.89 13.75 17.71
N LEU D 154 -25.10 14.79 17.42
CA LEU D 154 -25.57 16.19 17.61
C LEU D 154 -26.06 16.71 16.26
N HIS D 155 -27.32 17.16 16.20
CA HIS D 155 -27.91 17.64 14.92
C HIS D 155 -28.65 18.95 15.15
N ARG D 156 -28.80 19.77 14.10
CA ARG D 156 -29.50 21.07 14.22
C ARG D 156 -30.95 20.80 14.64
N SER D 157 -31.45 21.56 15.63
CA SER D 157 -32.83 21.34 16.12
C SER D 157 -33.86 21.82 15.08
N PRO D 158 -35.01 21.15 14.94
CA PRO D 158 -36.06 21.58 14.02
C PRO D 158 -36.65 22.92 14.52
N GLY D 159 -36.89 23.87 13.60
CA GLY D 159 -37.43 25.18 13.99
C GLY D 159 -37.30 26.19 12.86
N ALA D 160 -37.53 27.47 13.16
CA ALA D 160 -37.35 28.53 12.13
C ALA D 160 -36.06 29.31 12.46
N PHE D 161 -35.12 29.34 11.52
CA PHE D 161 -33.82 30.03 11.75
C PHE D 161 -33.66 31.15 10.72
N PHE D 162 -33.33 32.36 11.18
CA PHE D 162 -33.11 33.50 10.24
C PHE D 162 -31.62 33.86 10.20
N SER D 163 -31.00 33.81 9.02
CA SER D 163 -29.56 34.20 8.88
C SER D 163 -29.38 35.02 7.60
N LYS D 164 -28.39 35.90 7.57
CA LYS D 164 -28.17 36.78 6.38
C LYS D 164 -26.73 36.65 5.88
N ASP D 165 -26.53 36.33 4.60
CA ASP D 165 -25.17 36.31 4.01
C ASP D 165 -24.69 37.76 3.91
N ASP D 166 -23.40 38.03 4.11
CA ASP D 166 -22.91 39.43 4.06
C ASP D 166 -22.56 39.77 2.60
N SER D 167 -22.68 38.81 1.68
CA SER D 167 -22.22 39.07 0.29
C SER D 167 -22.97 40.32 -0.21
N GLU D 168 -24.28 40.39 0.04
CA GLU D 168 -25.08 41.57 -0.34
C GLU D 168 -25.79 42.11 0.91
N GLU D 169 -26.07 43.42 0.93
CA GLU D 169 -26.77 44.04 2.10
C GLU D 169 -28.26 43.73 2.03
N GLY D 170 -28.86 43.38 3.17
CA GLY D 170 -30.32 43.14 3.22
C GLY D 170 -30.71 41.75 2.77
N ALA D 171 -29.72 40.88 2.51
CA ALA D 171 -30.01 39.53 1.99
C ALA D 171 -30.34 38.60 3.16
N PHE D 172 -31.45 38.85 3.86
CA PHE D 172 -31.88 37.96 4.98
C PHE D 172 -32.46 36.67 4.39
N SER D 173 -32.46 35.59 5.19
CA SER D 173 -33.06 34.32 4.72
C SER D 173 -33.97 33.74 5.81
N ALA D 174 -35.04 33.03 5.42
CA ALA D 174 -35.93 32.38 6.42
C ALA D 174 -35.94 30.87 6.15
N ARG D 175 -35.66 30.07 7.18
CA ARG D 175 -35.60 28.59 7.01
C ARG D 175 -36.55 27.91 8.00
N ILE D 176 -37.38 26.98 7.52
CA ILE D 176 -38.28 26.20 8.43
C ILE D 176 -37.77 24.75 8.40
N ILE D 177 -37.46 24.17 9.57
CA ILE D 177 -36.87 22.80 9.58
C ILE D 177 -37.89 21.81 10.16
N PRO D 178 -38.34 20.80 9.38
CA PRO D 178 -39.23 19.75 9.91
C PRO D 178 -38.39 18.65 10.56
N TYR D 179 -38.99 17.86 11.46
CA TYR D 179 -38.25 16.71 12.03
C TYR D 179 -37.92 15.75 10.89
N ARG D 180 -38.87 15.53 9.97
CA ARG D 180 -38.62 14.67 8.78
C ARG D 180 -39.24 15.34 7.56
N GLY D 181 -38.77 15.00 6.35
CA GLY D 181 -39.35 15.55 5.10
C GLY D 181 -38.68 16.83 4.64
N SER D 182 -39.14 17.40 3.53
CA SER D 182 -38.54 18.62 2.93
C SER D 182 -38.77 19.85 3.81
N TRP D 183 -37.80 20.79 3.83
CA TRP D 183 -37.95 22.06 4.60
C TRP D 183 -37.98 23.24 3.62
N LEU D 184 -39.01 24.10 3.70
CA LEU D 184 -39.13 25.27 2.79
C LEU D 184 -38.14 26.38 3.21
N ASP D 185 -37.72 27.22 2.25
CA ASP D 185 -36.80 28.34 2.58
C ASP D 185 -37.26 29.63 1.89
N PHE D 186 -36.99 30.79 2.49
CA PHE D 186 -37.35 32.09 1.87
C PHE D 186 -36.10 32.98 1.80
N GLU D 187 -35.79 33.52 0.62
CA GLU D 187 -34.55 34.34 0.46
C GLU D 187 -34.89 35.76 0.01
N PHE D 188 -34.37 36.77 0.72
CA PHE D 188 -34.58 38.19 0.31
C PHE D 188 -33.66 38.53 -0.87
N ASP D 189 -33.97 39.61 -1.60
CA ASP D 189 -33.17 39.97 -2.80
C ASP D 189 -32.69 41.43 -2.68
N SER D 190 -31.68 41.80 -3.46
CA SER D 190 -31.12 43.18 -3.42
C SER D 190 -32.22 44.19 -3.79
N LYS D 191 -33.06 43.85 -4.77
CA LYS D 191 -34.19 44.73 -5.17
C LYS D 191 -35.23 44.73 -4.03
N GLY D 192 -35.11 43.80 -3.09
CA GLY D 192 -36.11 43.68 -2.00
C GLY D 192 -37.22 42.71 -2.38
N ILE D 193 -37.08 42.04 -3.53
CA ILE D 193 -38.08 41.01 -3.95
C ILE D 193 -37.93 39.80 -3.03
N ILE D 194 -39.00 39.00 -2.88
CA ILE D 194 -38.96 37.81 -1.98
C ILE D 194 -39.08 36.53 -2.83
N TRP D 195 -38.20 35.56 -2.59
CA TRP D 195 -38.22 34.29 -3.38
C TRP D 195 -38.44 33.09 -2.47
N ALA D 196 -39.19 32.09 -2.94
CA ALA D 196 -39.46 30.87 -2.13
C ALA D 196 -38.97 29.63 -2.88
N ARG D 197 -38.21 28.77 -2.21
CA ARG D 197 -37.74 27.50 -2.84
C ARG D 197 -37.95 26.34 -1.87
N ILE D 198 -38.10 25.12 -2.39
CA ILE D 198 -38.22 23.93 -1.49
C ILE D 198 -36.95 23.09 -1.64
N ASP D 199 -36.06 23.13 -0.65
CA ASP D 199 -34.80 22.33 -0.67
C ASP D 199 -33.94 22.83 -1.84
N ARG D 200 -34.40 22.64 -3.08
CA ARG D 200 -33.69 23.16 -4.27
C ARG D 200 -34.69 23.26 -5.42
N LYS D 201 -34.54 24.26 -6.30
CA LYS D 201 -35.43 24.35 -7.50
C LYS D 201 -35.25 25.72 -8.15
N ARG D 202 -36.06 26.03 -9.18
CA ARG D 202 -36.01 27.37 -9.81
C ARG D 202 -36.54 28.42 -8.82
N LYS D 203 -35.97 29.62 -8.83
CA LYS D 203 -36.38 30.67 -7.86
C LYS D 203 -37.78 31.18 -8.23
N PHE D 204 -38.66 31.33 -7.23
CA PHE D 204 -40.02 31.88 -7.48
C PHE D 204 -40.46 32.78 -6.31
N CYS D 205 -41.38 33.71 -6.58
CA CYS D 205 -41.85 34.64 -5.52
C CYS D 205 -42.53 33.86 -4.39
N ALA D 206 -42.38 34.30 -3.14
CA ALA D 206 -43.05 33.66 -1.99
C ALA D 206 -44.57 33.87 -2.09
N THR D 207 -45.00 34.85 -2.88
CA THR D 207 -46.44 35.17 -3.02
C THR D 207 -47.22 33.98 -3.59
N VAL D 208 -46.55 33.11 -4.36
CA VAL D 208 -47.26 31.97 -5.02
C VAL D 208 -47.89 31.09 -3.93
N ILE D 209 -47.15 30.85 -2.84
CA ILE D 209 -47.67 29.98 -1.73
C ILE D 209 -48.93 30.62 -1.15
N LEU D 210 -48.90 31.94 -0.91
CA LEU D 210 -50.08 32.65 -0.35
C LEU D 210 -51.24 32.57 -1.35
N LYS D 211 -50.95 32.73 -2.65
CA LYS D 211 -52.00 32.71 -3.69
C LYS D 211 -52.67 31.33 -3.70
N ALA D 212 -51.88 30.26 -3.55
CA ALA D 212 -52.46 28.90 -3.49
C ALA D 212 -53.39 28.80 -2.28
N LEU D 213 -52.97 29.37 -1.13
CA LEU D 213 -53.81 29.34 0.09
C LEU D 213 -55.10 30.14 -0.12
N GLY D 214 -55.00 31.33 -0.71
CA GLY D 214 -56.20 32.20 -0.93
C GLY D 214 -55.90 33.30 -1.95
N ARG D 345 -46.95 49.55 7.50
CA ARG D 345 -45.89 50.01 6.56
C ARG D 345 -45.38 48.82 5.74
N GLY D 346 -46.26 48.13 5.01
CA GLY D 346 -45.81 47.02 4.15
C GLY D 346 -45.91 47.38 2.68
N ARG D 347 -44.77 47.44 1.99
CA ARG D 347 -44.76 47.74 0.53
C ARG D 347 -44.11 46.58 -0.23
N TYR D 348 -43.51 45.63 0.50
CA TYR D 348 -42.80 44.49 -0.14
C TYR D 348 -43.78 43.63 -0.93
N ILE D 349 -45.00 43.46 -0.40
CA ILE D 349 -46.02 42.61 -1.09
C ILE D 349 -46.33 43.24 -2.45
N SER D 350 -46.44 44.58 -2.50
CA SER D 350 -46.81 45.27 -3.77
C SER D 350 -45.76 45.02 -4.85
N ASP D 351 -44.48 45.12 -4.51
CA ASP D 351 -43.39 44.86 -5.48
C ASP D 351 -43.43 43.39 -5.92
N THR D 352 -43.58 42.47 -4.96
CA THR D 352 -43.59 41.01 -5.29
C THR D 352 -44.82 40.61 -6.09
N LEU D 353 -46.00 41.17 -5.77
CA LEU D 353 -47.26 40.75 -6.44
C LEU D 353 -47.21 41.05 -7.94
N LYS D 354 -46.73 42.23 -8.32
CA LYS D 354 -46.67 42.62 -9.76
C LYS D 354 -45.66 41.75 -10.51
N TYR D 355 -44.56 41.37 -9.87
CA TYR D 355 -43.50 40.60 -10.58
C TYR D 355 -44.03 39.24 -11.08
N ASP D 356 -44.81 38.54 -10.25
CA ASP D 356 -45.34 37.21 -10.64
C ASP D 356 -46.55 37.38 -11.57
N LEU D 357 -46.62 36.60 -12.65
CA LEU D 357 -47.72 36.72 -13.65
C LEU D 357 -48.87 35.76 -13.30
N THR D 358 -48.78 35.04 -12.18
CA THR D 358 -49.83 34.05 -11.85
C THR D 358 -51.17 34.77 -11.70
N ARG D 359 -52.22 34.25 -12.33
CA ARG D 359 -53.56 34.92 -12.30
C ARG D 359 -54.43 34.29 -11.22
N ASN D 360 -54.40 32.95 -11.08
CA ASN D 360 -55.30 32.26 -10.12
C ASN D 360 -54.54 31.18 -9.34
N THR D 361 -55.15 30.68 -8.26
CA THR D 361 -54.50 29.65 -7.41
C THR D 361 -54.22 28.40 -8.25
N ASP D 362 -55.15 28.04 -9.15
CA ASP D 362 -54.93 26.85 -10.01
C ASP D 362 -53.67 27.08 -10.84
N GLU D 363 -53.49 28.29 -11.37
CA GLU D 363 -52.28 28.61 -12.17
C GLU D 363 -51.04 28.47 -11.28
N ALA D 364 -51.12 28.98 -10.04
CA ALA D 364 -49.98 28.91 -9.11
C ALA D 364 -49.66 27.44 -8.80
N LEU D 365 -50.69 26.63 -8.59
CA LEU D 365 -50.48 25.19 -8.28
C LEU D 365 -49.81 24.50 -9.48
N VAL D 366 -50.28 24.83 -10.70
CA VAL D 366 -49.70 24.19 -11.93
C VAL D 366 -48.22 24.60 -12.02
N GLU D 367 -47.92 25.88 -11.73
CA GLU D 367 -46.53 26.36 -11.80
C GLU D 367 -45.67 25.60 -10.78
N ILE D 368 -46.20 25.40 -9.57
CA ILE D 368 -45.44 24.68 -8.50
C ILE D 368 -45.18 23.25 -8.97
N TYR D 369 -46.18 22.60 -9.57
CA TYR D 369 -46.02 21.20 -10.05
C TYR D 369 -44.95 21.17 -11.14
N LYS D 370 -44.98 22.14 -12.04
CA LYS D 370 -43.99 22.20 -13.16
C LYS D 370 -42.59 22.38 -12.57
N VAL D 371 -42.45 23.24 -11.56
CA VAL D 371 -41.13 23.48 -10.90
C VAL D 371 -40.65 22.18 -10.27
N LEU D 372 -41.56 21.46 -9.59
CA LEU D 372 -41.17 20.18 -8.91
C LEU D 372 -40.71 19.16 -9.94
N ARG D 373 -41.45 19.02 -11.05
CA ARG D 373 -41.04 18.07 -12.13
C ARG D 373 -41.00 18.82 -13.47
N PRO D 374 -39.89 18.75 -14.23
CA PRO D 374 -39.76 19.45 -15.50
C PRO D 374 -40.07 18.54 -16.71
N GLY D 375 -40.86 19.05 -17.66
CA GLY D 375 -41.21 18.25 -18.86
C GLY D 375 -42.37 17.31 -18.61
N ASP D 376 -43.04 17.45 -17.45
CA ASP D 376 -44.16 16.53 -17.10
C ASP D 376 -45.49 17.28 -17.26
N PRO D 377 -46.47 16.76 -18.03
CA PRO D 377 -47.75 17.44 -18.24
C PRO D 377 -48.55 17.58 -16.94
N PRO D 378 -49.18 18.74 -16.67
CA PRO D 378 -49.99 18.95 -15.46
C PRO D 378 -51.30 18.14 -15.47
N ALA D 379 -51.77 17.72 -14.30
CA ALA D 379 -53.04 16.96 -14.19
C ALA D 379 -54.02 17.74 -13.32
N ALA D 380 -55.33 17.63 -13.58
CA ALA D 380 -56.32 18.45 -12.84
C ALA D 380 -56.28 18.12 -11.34
N ALA D 381 -56.28 16.83 -10.98
CA ALA D 381 -56.31 16.44 -9.55
C ALA D 381 -54.91 16.06 -9.09
N SER D 382 -53.99 15.79 -10.02
CA SER D 382 -52.63 15.34 -9.65
C SER D 382 -51.90 16.42 -8.86
N VAL D 383 -51.98 17.67 -9.30
CA VAL D 383 -51.26 18.79 -8.62
C VAL D 383 -51.82 19.01 -7.21
N LYS D 384 -53.15 18.97 -7.05
CA LYS D 384 -53.77 19.28 -5.73
C LYS D 384 -53.32 18.26 -4.67
N ALA D 385 -53.31 16.98 -5.02
CA ALA D 385 -52.88 15.93 -4.07
C ALA D 385 -51.39 16.12 -3.72
N LEU D 386 -50.56 16.41 -4.73
CA LEU D 386 -49.10 16.55 -4.51
C LEU D 386 -48.80 17.74 -3.59
N PHE D 387 -49.46 18.89 -3.82
CA PHE D 387 -49.16 20.10 -3.02
C PHE D 387 -49.53 19.89 -1.55
N GLU D 388 -50.72 19.35 -1.29
CA GLU D 388 -51.18 19.08 0.11
C GLU D 388 -50.28 18.01 0.74
N GLY D 389 -49.93 16.98 -0.03
CA GLY D 389 -49.11 15.87 0.50
C GLY D 389 -47.73 16.32 0.95
N LEU D 390 -47.09 17.23 0.21
CA LEU D 390 -45.69 17.62 0.54
C LEU D 390 -45.62 18.24 1.94
N PHE D 391 -46.54 19.15 2.28
CA PHE D 391 -46.47 19.84 3.59
C PHE D 391 -47.71 19.56 4.45
N PHE D 392 -48.72 18.89 3.90
CA PHE D 392 -49.98 18.69 4.67
C PHE D 392 -50.26 17.22 4.96
N ILE D 393 -49.24 16.35 4.91
CA ILE D 393 -49.42 14.91 5.27
C ILE D 393 -48.75 14.66 6.62
N GLU D 394 -49.48 14.14 7.60
CA GLU D 394 -48.92 13.95 8.96
C GLU D 394 -47.76 12.94 8.96
N SER D 395 -47.94 11.80 8.28
CA SER D 395 -46.84 10.82 8.18
C SER D 395 -45.68 11.45 7.40
N ARG D 396 -45.99 12.09 6.28
CA ARG D 396 -44.95 12.70 5.42
C ARG D 396 -44.24 13.83 6.18
N TYR D 397 -45.00 14.70 6.87
CA TYR D 397 -44.38 15.87 7.53
C TYR D 397 -44.77 15.95 9.01
N SER D 398 -43.80 15.94 9.91
CA SER D 398 -44.10 16.11 11.36
C SER D 398 -42.97 16.94 12.00
N LEU D 399 -43.28 17.75 13.01
CA LEU D 399 -42.24 18.57 13.68
C LEU D 399 -41.60 17.80 14.84
N SER D 400 -42.24 16.71 15.28
CA SER D 400 -41.72 15.90 16.42
C SER D 400 -42.10 16.58 17.73
N ASP D 401 -42.82 17.72 17.65
CA ASP D 401 -43.26 18.45 18.86
C ASP D 401 -42.16 19.40 19.34
N ILE D 402 -40.99 19.37 18.69
CA ILE D 402 -39.90 20.33 19.05
C ILE D 402 -39.98 21.55 18.12
N GLY D 403 -40.12 21.31 16.80
CA GLY D 403 -40.19 22.41 15.83
C GLY D 403 -41.41 23.28 16.08
N ARG D 404 -42.55 22.65 16.37
CA ARG D 404 -43.80 23.42 16.65
C ARG D 404 -43.59 24.26 17.92
N MET D 405 -42.97 23.68 18.94
CA MET D 405 -42.76 24.41 20.22
C MET D 405 -41.86 25.63 19.97
N LYS D 406 -40.79 25.46 19.19
CA LYS D 406 -39.89 26.60 18.86
C LYS D 406 -40.64 27.63 18.00
N LEU D 407 -41.42 27.19 17.01
CA LEU D 407 -42.09 28.14 16.09
C LEU D 407 -43.09 29.00 16.88
N ASN D 408 -43.87 28.37 17.76
CA ASN D 408 -44.88 29.11 18.56
C ASN D 408 -44.18 30.13 19.45
N ALA D 409 -43.07 29.74 20.08
CA ALA D 409 -42.30 30.65 20.95
C ALA D 409 -41.73 31.80 20.10
N ARG D 410 -41.21 31.48 18.91
CA ARG D 410 -40.58 32.51 18.04
C ARG D 410 -41.63 33.54 17.61
N LEU D 411 -42.82 33.08 17.23
CA LEU D 411 -43.93 34.02 16.86
C LEU D 411 -44.74 34.35 18.12
N GLY D 412 -44.49 33.64 19.22
CA GLY D 412 -45.23 33.89 20.47
C GLY D 412 -46.73 33.76 20.29
N SER D 413 -47.18 32.78 19.50
CA SER D 413 -48.64 32.60 19.26
C SER D 413 -49.10 31.27 19.86
N ASP D 414 -50.03 31.31 20.81
CA ASP D 414 -50.58 30.07 21.41
C ASP D 414 -51.84 29.65 20.65
N LYS D 415 -52.33 30.50 19.74
CA LYS D 415 -53.61 30.21 19.04
C LYS D 415 -53.46 28.94 18.17
N VAL D 416 -52.33 28.80 17.47
CA VAL D 416 -52.07 27.57 16.67
C VAL D 416 -51.92 26.39 17.65
N SER D 417 -52.48 25.23 17.32
CA SER D 417 -52.43 24.09 18.28
C SER D 417 -51.00 23.56 18.38
N LYS D 418 -50.46 23.48 19.60
CA LYS D 418 -49.10 22.94 19.82
C LYS D 418 -49.07 21.44 19.48
N ASP D 419 -50.14 20.72 19.81
CA ASP D 419 -50.16 19.24 19.61
C ASP D 419 -49.96 18.90 18.13
N ILE D 420 -50.59 19.64 17.22
CA ILE D 420 -50.50 19.33 15.76
C ILE D 420 -49.09 19.75 15.29
N TYR D 421 -48.36 18.82 14.66
CA TYR D 421 -47.01 19.13 14.15
C TYR D 421 -47.08 19.48 12.66
N THR D 422 -48.27 19.37 12.07
CA THR D 422 -48.44 19.68 10.62
C THR D 422 -48.30 21.19 10.38
N LEU D 423 -47.83 21.58 9.19
CA LEU D 423 -47.68 23.03 8.86
C LEU D 423 -49.07 23.66 8.69
N GLU D 424 -49.18 24.97 8.91
CA GLU D 424 -50.47 25.68 8.74
C GLU D 424 -50.26 26.97 7.93
N ASN D 425 -51.32 27.46 7.27
CA ASN D 425 -51.22 28.70 6.46
C ASN D 425 -50.84 29.86 7.38
N SER D 426 -51.42 29.91 8.58
CA SER D 426 -51.14 31.01 9.53
C SER D 426 -49.65 30.98 9.89
N ASP D 427 -49.08 29.79 10.11
CA ASP D 427 -47.65 29.68 10.49
C ASP D 427 -46.78 30.25 9.38
N ILE D 428 -47.08 29.91 8.12
CA ILE D 428 -46.28 30.40 6.96
C ILE D 428 -46.39 31.93 6.87
N VAL D 429 -47.61 32.45 7.06
CA VAL D 429 -47.82 33.93 6.97
C VAL D 429 -47.00 34.58 8.08
N GLY D 430 -47.01 33.98 9.28
CA GLY D 430 -46.25 34.51 10.42
C GLY D 430 -44.75 34.50 10.15
N VAL D 431 -44.24 33.44 9.54
CA VAL D 431 -42.78 33.34 9.21
C VAL D 431 -42.43 34.44 8.21
N ILE D 432 -43.30 34.65 7.21
CA ILE D 432 -43.05 35.72 6.18
C ILE D 432 -43.05 37.07 6.90
N GLU D 433 -43.99 37.27 7.84
CA GLU D 433 -44.08 38.54 8.59
C GLU D 433 -42.79 38.75 9.39
N GLU D 434 -42.28 37.69 10.03
CA GLU D 434 -41.04 37.79 10.84
C GLU D 434 -39.87 38.17 9.92
N LEU D 435 -39.81 37.58 8.72
CA LEU D 435 -38.72 37.90 7.77
C LEU D 435 -38.82 39.38 7.36
N ILE D 436 -40.02 39.86 7.09
CA ILE D 436 -40.22 41.29 6.68
C ILE D 436 -39.81 42.19 7.86
N ASN D 437 -40.15 41.79 9.08
CA ASN D 437 -39.79 42.58 10.29
C ASN D 437 -38.27 42.64 10.42
N ILE D 438 -37.58 41.53 10.16
CA ILE D 438 -36.08 41.50 10.22
C ILE D 438 -35.51 42.43 9.15
N ARG D 439 -36.10 42.42 7.95
CA ARG D 439 -35.64 43.33 6.86
C ARG D 439 -35.85 44.77 7.33
N ASP D 440 -36.97 45.03 8.01
CA ASP D 440 -37.23 46.39 8.58
C ASP D 440 -36.11 46.70 9.58
N GLY D 441 -35.64 45.68 10.31
CA GLY D 441 -34.56 45.88 11.28
C GLY D 441 -34.98 45.62 12.71
N LYS D 442 -36.21 45.18 12.94
CA LYS D 442 -36.63 44.80 14.31
C LYS D 442 -36.45 43.28 14.47
N GLY D 443 -35.48 42.86 15.30
CA GLY D 443 -35.24 41.43 15.55
C GLY D 443 -33.75 41.12 15.67
N LYS D 444 -33.40 39.86 15.90
CA LYS D 444 -31.97 39.44 15.95
C LYS D 444 -31.79 38.15 15.14
N VAL D 445 -30.73 38.08 14.33
CA VAL D 445 -30.45 36.82 13.55
C VAL D 445 -30.06 35.70 14.53
N ASP D 446 -30.48 34.47 14.25
CA ASP D 446 -30.17 33.31 15.14
C ASP D 446 -28.72 32.86 14.91
N ASP D 447 -28.12 32.18 15.89
CA ASP D 447 -26.75 31.64 15.73
C ASP D 447 -26.82 30.11 15.59
N ILE D 448 -26.37 29.57 14.45
CA ILE D 448 -26.37 28.10 14.22
C ILE D 448 -25.42 27.42 15.21
N ASP D 449 -24.27 28.04 15.47
CA ASP D 449 -23.24 27.45 16.38
C ASP D 449 -23.77 27.34 17.81
N HIS D 450 -24.80 28.13 18.15
CA HIS D 450 -25.30 28.16 19.55
C HIS D 450 -25.77 26.78 20.00
N LEU D 451 -25.48 26.41 21.25
CA LEU D 451 -25.83 25.06 21.77
C LEU D 451 -27.34 24.86 21.74
N GLY D 452 -28.12 25.89 22.08
CA GLY D 452 -29.59 25.75 22.16
C GLY D 452 -30.19 25.32 20.83
N ASN D 453 -29.69 25.89 19.73
CA ASN D 453 -30.17 25.45 18.39
C ASN D 453 -29.82 23.98 18.16
N ARG D 454 -28.64 23.53 18.63
CA ARG D 454 -28.19 22.13 18.39
C ARG D 454 -28.74 21.20 19.49
N ARG D 455 -29.19 20.00 19.12
CA ARG D 455 -29.70 19.02 20.11
C ARG D 455 -29.00 17.68 19.91
N VAL D 456 -28.95 16.84 20.95
CA VAL D 456 -28.22 15.54 20.88
C VAL D 456 -29.24 14.41 20.74
N ARG D 457 -29.03 13.51 19.77
CA ARG D 457 -30.01 12.42 19.52
C ARG D 457 -29.47 11.10 20.09
N SER D 458 -30.24 10.44 20.96
CA SER D 458 -29.81 9.15 21.57
C SER D 458 -29.93 8.01 20.57
N VAL D 459 -29.26 6.88 20.83
CA VAL D 459 -29.31 5.69 19.93
C VAL D 459 -30.76 5.17 19.86
N GLY D 460 -31.48 5.19 20.98
CA GLY D 460 -32.87 4.67 21.02
C GLY D 460 -33.78 5.41 20.06
N GLU D 461 -33.62 6.73 19.94
CA GLU D 461 -34.45 7.52 18.99
C GLU D 461 -34.19 7.03 17.57
N MET D 462 -32.92 6.75 17.22
CA MET D 462 -32.60 6.19 15.88
C MET D 462 -33.25 4.82 15.74
N VAL D 463 -33.22 4.01 16.81
CA VAL D 463 -33.86 2.65 16.78
C VAL D 463 -35.36 2.84 16.57
N GLU D 464 -35.95 3.84 17.23
CA GLU D 464 -37.41 4.10 17.09
C GLU D 464 -37.71 4.47 15.63
N ASN D 465 -36.86 5.29 15.01
CA ASN D 465 -37.08 5.71 13.60
C ASN D 465 -37.00 4.49 12.68
N GLN D 466 -36.03 3.60 12.92
CA GLN D 466 -35.90 2.38 12.09
C GLN D 466 -37.17 1.52 12.27
N PHE D 467 -37.64 1.41 13.52
CA PHE D 467 -38.86 0.61 13.79
C PHE D 467 -40.03 1.23 13.03
N ARG D 468 -40.12 2.56 13.02
CA ARG D 468 -41.23 3.26 12.32
C ARG D 468 -41.17 2.96 10.82
N ILE D 469 -39.97 2.98 10.23
CA ILE D 469 -39.82 2.68 8.77
C ILE D 469 -40.27 1.24 8.50
N GLY D 470 -39.85 0.31 9.36
CA GLY D 470 -40.25 -1.11 9.19
C GLY D 470 -41.76 -1.24 9.32
N LEU D 471 -42.35 -0.52 10.28
CA LEU D 471 -43.82 -0.57 10.51
C LEU D 471 -44.54 -0.04 9.26
N TYR D 472 -44.02 1.04 8.66
CA TYR D 472 -44.66 1.62 7.45
C TYR D 472 -44.64 0.56 6.33
N ARG D 473 -43.50 -0.11 6.17
CA ARG D 473 -43.40 -1.15 5.10
C ARG D 473 -44.41 -2.27 5.41
N VAL D 474 -44.50 -2.67 6.68
CA VAL D 474 -45.42 -3.79 7.08
C VAL D 474 -46.86 -3.37 6.81
N GLU D 475 -47.21 -2.10 7.08
CA GLU D 475 -48.59 -1.59 6.86
C GLU D 475 -48.90 -1.63 5.36
N LYS D 476 -47.94 -1.24 4.52
CA LYS D 476 -48.16 -1.29 3.04
C LYS D 476 -48.41 -2.75 2.65
N GLY D 477 -47.61 -3.67 3.20
CA GLY D 477 -47.79 -5.11 2.89
C GLY D 477 -49.16 -5.60 3.34
N ILE D 478 -49.61 -5.18 4.52
CA ILE D 478 -50.94 -5.61 5.06
C ILE D 478 -52.03 -5.12 4.11
N ARG D 479 -51.92 -3.87 3.63
CA ARG D 479 -52.93 -3.32 2.70
C ARG D 479 -52.92 -4.16 1.42
N GLU D 480 -51.74 -4.46 0.88
CA GLU D 480 -51.65 -5.35 -0.31
C GLU D 480 -52.05 -6.79 0.04
N SER D 481 -51.72 -7.26 1.25
CA SER D 481 -51.97 -8.66 1.66
C SER D 481 -53.47 -8.98 1.59
N MET D 482 -54.33 -8.03 1.97
CA MET D 482 -55.80 -8.27 2.01
C MET D 482 -56.33 -8.58 0.60
N SER D 483 -55.62 -8.17 -0.45
CA SER D 483 -56.12 -8.34 -1.85
C SER D 483 -56.36 -9.80 -2.21
N LEU D 484 -55.53 -10.75 -1.74
CA LEU D 484 -55.80 -12.19 -2.00
C LEU D 484 -56.37 -12.86 -0.75
N VAL D 485 -57.58 -13.42 -0.84
CA VAL D 485 -58.21 -14.13 0.32
C VAL D 485 -58.62 -15.54 -0.11
N HIS D 486 -58.16 -16.58 0.60
CA HIS D 486 -58.59 -17.98 0.30
C HIS D 486 -58.79 -18.74 1.61
N LYS D 487 -59.76 -18.31 2.44
CA LYS D 487 -59.96 -18.95 3.77
C LYS D 487 -61.37 -18.66 4.30
N ASP D 488 -61.80 -19.40 5.31
CA ASP D 488 -63.12 -19.13 5.95
C ASP D 488 -62.87 -18.76 7.41
N LYS D 489 -63.46 -17.66 7.89
CA LYS D 489 -63.19 -17.20 9.27
C LYS D 489 -61.68 -17.02 9.45
N LEU D 490 -61.02 -16.38 8.49
CA LEU D 490 -59.53 -16.25 8.55
C LEU D 490 -59.13 -15.46 9.80
N MET D 491 -58.12 -15.94 10.53
CA MET D 491 -57.60 -15.25 11.74
C MET D 491 -56.75 -14.05 11.32
N PRO D 492 -56.56 -13.02 12.17
CA PRO D 492 -55.70 -11.88 11.83
C PRO D 492 -54.23 -12.14 12.22
N LYS D 493 -53.70 -13.32 11.86
CA LYS D 493 -52.26 -13.62 12.11
C LYS D 493 -51.54 -13.75 10.77
N ASP D 494 -52.21 -14.29 9.75
CA ASP D 494 -51.57 -14.53 8.43
C ASP D 494 -51.16 -13.20 7.79
N ILE D 495 -52.01 -12.18 7.88
CA ILE D 495 -51.72 -10.87 7.20
C ILE D 495 -50.43 -10.26 7.75
N VAL D 496 -50.19 -10.32 9.07
CA VAL D 496 -49.01 -9.64 9.66
C VAL D 496 -47.74 -10.28 9.08
N ASN D 497 -46.78 -9.46 8.64
CA ASN D 497 -45.48 -9.99 8.13
C ASN D 497 -44.37 -9.33 8.95
N SER D 498 -43.49 -10.11 9.58
CA SER D 498 -42.42 -9.54 10.44
C SER D 498 -41.09 -9.44 9.69
N LYS D 499 -41.06 -9.85 8.41
CA LYS D 499 -39.77 -9.86 7.67
C LYS D 499 -39.18 -8.45 7.56
N PRO D 500 -39.96 -7.40 7.22
CA PRO D 500 -39.40 -6.06 7.01
C PRO D 500 -38.79 -5.40 8.25
N ILE D 501 -39.47 -5.50 9.41
CA ILE D 501 -38.99 -4.81 10.65
C ILE D 501 -37.64 -5.37 11.12
N THR D 502 -37.48 -6.71 11.11
CA THR D 502 -36.23 -7.33 11.62
C THR D 502 -35.03 -6.90 10.77
N ALA D 503 -35.19 -6.88 9.44
CA ALA D 503 -34.05 -6.55 8.55
C ALA D 503 -33.55 -5.12 8.77
N ALA D 504 -34.45 -4.14 8.91
CA ALA D 504 -34.01 -2.73 9.03
C ALA D 504 -33.20 -2.52 10.31
N ILE D 505 -33.71 -3.00 11.44
CA ILE D 505 -33.01 -2.78 12.74
C ILE D 505 -31.65 -3.48 12.69
N LYS D 506 -31.61 -4.72 12.20
CA LYS D 506 -30.35 -5.49 12.12
C LYS D 506 -29.39 -4.75 11.17
N GLU D 507 -29.90 -4.25 10.05
CA GLU D 507 -29.02 -3.57 9.06
C GLU D 507 -28.42 -2.34 9.73
N PHE D 508 -29.22 -1.58 10.48
CA PHE D 508 -28.72 -0.35 11.15
C PHE D 508 -27.66 -0.72 12.19
N PHE D 509 -27.91 -1.74 13.02
CA PHE D 509 -26.95 -2.09 14.10
C PHE D 509 -25.64 -2.62 13.51
N THR D 510 -25.73 -3.55 12.56
CA THR D 510 -24.52 -4.15 11.94
C THR D 510 -23.76 -3.13 11.08
N SER D 511 -24.47 -2.35 10.25
CA SER D 511 -23.78 -1.43 9.31
C SER D 511 -23.87 0.03 9.78
N GLY D 512 -24.38 0.28 10.98
CA GLY D 512 -24.55 1.68 11.38
C GLY D 512 -23.21 2.38 11.41
N ALA D 513 -23.12 3.57 10.79
CA ALA D 513 -21.87 4.36 10.81
C ALA D 513 -21.57 4.78 12.25
N LEU D 514 -22.60 5.22 12.98
CA LEU D 514 -22.42 5.66 14.40
C LEU D 514 -21.97 4.49 15.25
N SER D 515 -22.54 3.30 15.01
CA SER D 515 -22.16 2.08 15.78
C SER D 515 -20.73 1.65 15.41
N GLN D 516 -19.93 1.28 16.41
CA GLN D 516 -18.55 0.77 16.14
C GLN D 516 -18.12 -0.12 17.31
N PHE D 517 -17.06 -0.93 17.13
CA PHE D 517 -16.55 -1.77 18.23
C PHE D 517 -16.06 -0.86 19.35
N MET D 518 -16.46 -1.15 20.60
CA MET D 518 -16.02 -0.34 21.76
C MET D 518 -14.54 -0.61 22.02
N ASP D 519 -13.76 0.43 22.31
CA ASP D 519 -12.31 0.26 22.61
C ASP D 519 -12.15 -0.53 23.91
N GLN D 520 -11.29 -1.56 23.91
CA GLN D 520 -11.07 -2.41 25.11
C GLN D 520 -9.69 -2.14 25.71
N ASP D 521 -9.02 -1.07 25.30
CA ASP D 521 -7.63 -0.82 25.78
C ASP D 521 -7.64 -0.66 27.30
N ASN D 522 -8.59 0.10 27.85
CA ASN D 522 -8.64 0.36 29.32
C ASN D 522 -10.06 0.73 29.75
N PRO D 523 -10.40 0.68 31.05
CA PRO D 523 -11.74 1.05 31.54
C PRO D 523 -12.05 2.51 31.21
N LEU D 524 -11.06 3.39 31.33
CA LEU D 524 -11.25 4.83 31.04
C LEU D 524 -11.64 4.98 29.56
N SER D 525 -11.02 4.19 28.68
CA SER D 525 -11.32 4.28 27.23
C SER D 525 -12.80 3.94 26.97
N GLU D 526 -13.31 2.91 27.64
CA GLU D 526 -14.73 2.49 27.46
C GLU D 526 -15.65 3.63 27.90
N VAL D 527 -15.34 4.28 29.03
CA VAL D 527 -16.17 5.42 29.53
C VAL D 527 -16.09 6.57 28.52
N THR D 528 -14.90 6.85 27.99
CA THR D 528 -14.71 7.99 27.06
C THR D 528 -15.55 7.75 25.80
N HIS D 529 -15.52 6.52 25.26
CA HIS D 529 -16.23 6.23 23.97
C HIS D 529 -17.75 6.40 24.15
N LYS D 530 -18.31 5.90 25.25
CA LYS D 530 -19.79 5.97 25.48
C LYS D 530 -20.24 7.42 25.58
N ARG D 531 -19.48 8.25 26.31
CA ARG D 531 -19.85 9.67 26.52
C ARG D 531 -19.65 10.48 25.24
N ARG D 532 -18.87 9.98 24.28
CA ARG D 532 -18.55 10.74 23.05
C ARG D 532 -19.83 11.04 22.25
N ILE D 533 -19.96 12.27 21.76
CA ILE D 533 -21.13 12.64 20.90
C ILE D 533 -20.57 13.05 19.53
N SER D 534 -21.06 12.45 18.44
CA SER D 534 -20.50 12.75 17.10
C SER D 534 -21.55 13.44 16.22
N ALA D 535 -21.24 14.63 15.70
CA ALA D 535 -22.16 15.32 14.77
C ALA D 535 -22.15 14.59 13.42
N LEU D 536 -21.12 13.76 13.19
CA LEU D 536 -20.97 13.05 11.90
C LEU D 536 -22.02 11.94 11.78
N GLY D 537 -22.25 11.43 10.56
CA GLY D 537 -23.28 10.40 10.34
C GLY D 537 -24.47 10.97 9.58
N PRO D 538 -25.59 10.24 9.42
CA PRO D 538 -26.71 10.73 8.61
C PRO D 538 -27.23 12.03 9.24
N GLY D 539 -27.52 13.04 8.42
CA GLY D 539 -27.94 14.35 8.96
C GLY D 539 -26.78 15.09 9.58
N GLY D 540 -25.55 14.66 9.28
CA GLY D 540 -24.36 15.28 9.90
C GLY D 540 -23.43 15.88 8.87
N LEU D 541 -22.67 16.91 9.26
CA LEU D 541 -21.76 17.60 8.31
C LEU D 541 -20.66 16.64 7.85
N SER D 542 -20.30 16.70 6.56
CA SER D 542 -19.22 15.83 6.03
C SER D 542 -17.87 16.31 6.57
N ARG D 543 -16.85 15.45 6.55
CA ARG D 543 -15.54 15.84 7.16
C ARG D 543 -14.97 17.08 6.46
N ASP D 544 -15.03 17.12 5.13
CA ASP D 544 -14.40 18.26 4.40
C ASP D 544 -15.41 19.38 4.17
N ARG D 545 -16.71 19.10 4.31
CA ARG D 545 -17.74 20.13 3.99
C ARG D 545 -17.66 21.32 4.94
N ALA D 546 -17.50 21.08 6.25
CA ALA D 546 -17.53 22.20 7.22
C ALA D 546 -16.13 22.45 7.78
N GLY D 547 -15.57 23.64 7.53
CA GLY D 547 -14.25 23.97 8.09
C GLY D 547 -14.19 25.38 8.67
N PHE D 548 -13.67 25.53 9.90
CA PHE D 548 -13.47 26.87 10.50
C PHE D 548 -14.76 27.43 11.11
N GLU D 549 -15.85 26.66 11.14
CA GLU D 549 -17.07 27.18 11.81
C GLU D 549 -17.44 26.32 13.03
N VAL D 550 -17.71 25.03 12.83
CA VAL D 550 -18.17 24.16 13.95
C VAL D 550 -16.97 23.69 14.79
N ARG D 551 -15.76 23.75 14.23
CA ARG D 551 -14.54 23.28 14.94
C ARG D 551 -14.21 24.19 16.14
N ASP D 552 -14.63 25.45 16.12
CA ASP D 552 -14.34 26.41 17.23
C ASP D 552 -15.20 26.05 18.45
N VAL D 553 -14.87 26.59 19.62
CA VAL D 553 -15.65 26.31 20.87
C VAL D 553 -16.54 27.53 21.18
N HIS D 554 -17.85 27.32 21.28
CA HIS D 554 -18.80 28.42 21.61
C HIS D 554 -18.77 28.73 23.12
N ALA D 555 -19.24 29.91 23.52
CA ALA D 555 -19.26 30.31 24.95
C ALA D 555 -20.17 29.34 25.73
N THR D 556 -21.27 28.90 25.12
CA THR D 556 -22.20 27.94 25.77
C THR D 556 -21.48 26.60 25.99
N HIS D 557 -20.41 26.32 25.23
CA HIS D 557 -19.68 25.04 25.32
C HIS D 557 -19.06 24.84 26.71
N TYR D 558 -18.82 25.93 27.45
CA TYR D 558 -18.13 25.82 28.76
C TYR D 558 -18.91 24.88 29.70
N GLY D 559 -20.24 25.01 29.74
CA GLY D 559 -21.04 24.18 30.67
C GLY D 559 -21.49 22.85 30.07
N ARG D 560 -21.37 22.68 28.75
CA ARG D 560 -21.91 21.44 28.12
C ARG D 560 -20.79 20.50 27.65
N LEU D 561 -19.83 21.01 26.88
CA LEU D 561 -18.78 20.11 26.30
C LEU D 561 -17.39 20.54 26.73
N CYS D 562 -16.57 19.61 27.23
CA CYS D 562 -15.17 19.95 27.58
C CYS D 562 -14.43 20.35 26.29
N PRO D 563 -13.69 21.47 26.26
CA PRO D 563 -12.99 21.92 25.07
C PRO D 563 -11.54 21.40 24.94
N ILE D 564 -11.01 20.78 26.00
CA ILE D 564 -9.58 20.32 25.99
C ILE D 564 -9.49 18.93 25.32
N GLU D 565 -10.61 18.25 25.11
CA GLU D 565 -10.55 16.88 24.56
C GLU D 565 -11.12 16.86 23.13
N THR D 566 -10.29 16.53 22.15
CA THR D 566 -10.76 16.42 20.74
C THR D 566 -9.77 15.58 19.94
N PRO D 567 -10.13 15.02 18.76
CA PRO D 567 -9.16 14.30 17.93
C PRO D 567 -8.10 15.28 17.41
N GLU D 568 -6.83 14.86 17.39
CA GLU D 568 -5.77 15.73 16.80
C GLU D 568 -5.85 15.60 15.28
N GLY D 569 -6.64 14.62 14.79
CA GLY D 569 -6.80 14.40 13.34
C GLY D 569 -7.80 15.35 12.72
N PRO D 570 -8.19 15.18 11.44
CA PRO D 570 -9.10 16.12 10.76
C PRO D 570 -10.46 16.16 11.46
N ASN D 571 -10.82 15.09 12.17
CA ASN D 571 -12.10 15.03 12.92
C ASN D 571 -11.99 15.95 14.14
N ILE D 572 -10.83 16.56 14.37
CA ILE D 572 -10.61 17.40 15.58
C ILE D 572 -11.71 18.47 15.67
N GLY D 573 -12.26 18.68 16.86
CA GLY D 573 -13.31 19.70 17.06
C GLY D 573 -14.70 19.17 16.77
N LEU D 574 -14.81 17.90 16.37
CA LEU D 574 -16.15 17.29 16.12
C LEU D 574 -16.50 16.30 17.24
N ILE D 575 -15.47 15.76 17.90
CA ILE D 575 -15.73 14.73 18.95
C ILE D 575 -16.56 15.39 20.04
N ASN D 576 -16.19 16.62 20.43
CA ASN D 576 -17.04 17.37 21.41
C ASN D 576 -17.37 16.45 22.58
N SER D 577 -16.35 15.85 23.21
CA SER D 577 -16.63 14.88 24.30
C SER D 577 -17.47 15.56 25.37
N LEU D 578 -18.49 14.88 25.88
CA LEU D 578 -19.42 15.47 26.88
C LEU D 578 -18.69 15.75 28.20
N ALA D 579 -19.02 16.86 28.87
CA ALA D 579 -18.41 17.15 30.18
C ALA D 579 -18.99 16.21 31.24
N SER D 580 -18.27 16.01 32.35
CA SER D 580 -18.73 15.05 33.39
C SER D 580 -20.07 15.50 33.99
N TYR D 581 -20.23 16.80 34.24
CA TYR D 581 -21.47 17.29 34.90
C TYR D 581 -22.57 17.55 33.86
N ALA D 582 -22.24 17.41 32.57
CA ALA D 582 -23.24 17.66 31.49
C ALA D 582 -24.40 16.67 31.64
N ARG D 583 -25.64 17.15 31.45
CA ARG D 583 -26.84 16.27 31.57
C ARG D 583 -27.77 16.54 30.38
N VAL D 584 -28.65 15.59 30.04
CA VAL D 584 -29.53 15.74 28.85
C VAL D 584 -30.98 15.96 29.30
N ASN D 585 -31.61 17.04 28.84
CA ASN D 585 -33.04 17.31 29.17
C ASN D 585 -33.93 16.43 28.29
N ASP D 586 -35.23 16.35 28.61
CA ASP D 586 -36.16 15.49 27.83
C ASP D 586 -36.19 15.97 26.39
N TYR D 587 -36.11 17.29 26.18
CA TYR D 587 -36.11 17.87 24.80
C TYR D 587 -34.78 17.54 24.10
N GLY D 588 -33.79 17.05 24.86
CA GLY D 588 -32.47 16.71 24.29
C GLY D 588 -31.47 17.85 24.39
N PHE D 589 -31.83 18.95 25.04
CA PHE D 589 -30.89 20.08 25.25
C PHE D 589 -30.05 19.83 26.51
N LEU D 590 -28.72 19.93 26.39
CA LEU D 590 -27.82 19.70 27.55
C LEU D 590 -28.05 20.78 28.61
N GLU D 591 -28.02 20.41 29.89
CA GLU D 591 -28.25 21.38 31.00
C GLU D 591 -27.09 21.31 32.00
N ALA D 592 -26.78 22.42 32.66
CA ALA D 592 -25.65 22.48 33.62
C ALA D 592 -26.14 22.89 35.00
N PRO D 593 -25.79 22.16 36.08
CA PRO D 593 -26.24 22.50 37.44
C PRO D 593 -25.61 23.80 37.96
N TYR D 594 -26.39 24.60 38.69
CA TYR D 594 -25.89 25.88 39.25
C TYR D 594 -26.52 26.13 40.62
N ARG D 595 -25.91 27.01 41.42
CA ARG D 595 -26.46 27.34 42.76
C ARG D 595 -26.98 28.78 42.74
N LYS D 596 -28.25 28.98 43.10
CA LYS D 596 -28.88 30.34 43.08
C LYS D 596 -28.34 31.17 44.26
N VAL D 597 -28.33 32.50 44.11
CA VAL D 597 -27.89 33.40 45.22
C VAL D 597 -29.03 34.37 45.56
N VAL D 598 -29.39 34.48 46.84
CA VAL D 598 -30.55 35.34 47.25
C VAL D 598 -30.06 36.49 48.13
N ASP D 599 -30.38 37.74 47.75
CA ASP D 599 -30.00 38.91 48.58
C ASP D 599 -28.48 38.95 48.79
N GLY D 600 -27.71 38.60 47.76
CA GLY D 600 -26.24 38.63 47.87
C GLY D 600 -25.73 37.45 48.68
N LYS D 601 -26.63 36.51 49.01
CA LYS D 601 -26.24 35.33 49.83
C LYS D 601 -26.42 34.08 48.98
N VAL D 602 -25.42 33.19 48.96
CA VAL D 602 -25.50 31.99 48.06
C VAL D 602 -26.37 30.93 48.74
N THR D 603 -27.46 30.52 48.08
CA THR D 603 -28.32 29.43 48.63
C THR D 603 -27.66 28.07 48.31
N ASP D 604 -28.00 27.05 49.08
CA ASP D 604 -27.41 25.70 48.87
C ASP D 604 -28.25 24.93 47.83
N GLU D 605 -29.35 25.52 47.36
CA GLU D 605 -30.23 24.84 46.37
C GLU D 605 -29.46 24.64 45.06
N ILE D 606 -29.64 23.48 44.42
CA ILE D 606 -28.95 23.18 43.13
C ILE D 606 -30.00 23.08 42.02
N GLU D 607 -29.80 23.80 40.91
CA GLU D 607 -30.77 23.77 39.78
C GLU D 607 -30.01 23.59 38.45
N TYR D 608 -30.70 23.07 37.43
CA TYR D 608 -30.06 22.88 36.10
C TYR D 608 -30.55 24.00 35.18
N LEU D 609 -29.61 24.71 34.54
CA LEU D 609 -29.97 25.87 33.68
C LEU D 609 -29.83 25.48 32.20
N SER D 610 -30.83 25.78 31.38
CA SER D 610 -30.73 25.52 29.91
C SER D 610 -29.75 26.54 29.31
N ALA D 611 -29.18 26.23 28.14
CA ALA D 611 -28.17 27.13 27.53
C ALA D 611 -28.81 28.49 27.25
N ILE D 612 -30.02 28.50 26.68
CA ILE D 612 -30.73 29.77 26.35
C ILE D 612 -31.00 30.56 27.63
N ASP D 613 -31.44 29.86 28.69
CA ASP D 613 -31.72 30.51 30.00
C ASP D 613 -30.42 31.06 30.58
N GLU D 614 -29.31 30.33 30.43
CA GLU D 614 -28.02 30.72 31.06
C GLU D 614 -27.53 32.08 30.52
N ASP D 615 -27.76 32.37 29.24
CA ASP D 615 -27.17 33.61 28.65
C ASP D 615 -27.68 34.84 29.41
N ASN D 616 -28.97 34.88 29.75
CA ASN D 616 -29.53 36.08 30.42
C ASN D 616 -28.88 36.28 31.80
N TYR D 617 -28.70 35.19 32.56
CA TYR D 617 -28.16 35.31 33.94
C TYR D 617 -26.64 35.52 33.94
N VAL D 618 -26.09 36.02 35.05
CA VAL D 618 -24.61 36.18 35.18
C VAL D 618 -24.12 35.16 36.21
N ILE D 619 -23.09 34.38 35.88
CA ILE D 619 -22.64 33.29 36.80
C ILE D 619 -21.23 33.58 37.32
N ALA D 620 -21.05 33.53 38.65
CA ALA D 620 -19.70 33.73 39.25
C ALA D 620 -19.03 32.37 39.43
N GLN D 621 -17.69 32.33 39.34
CA GLN D 621 -16.95 31.03 39.46
C GLN D 621 -17.00 30.53 40.91
N ALA D 622 -16.89 29.21 41.09
CA ALA D 622 -16.93 28.61 42.45
C ALA D 622 -15.68 29.01 43.25
N SER D 623 -14.62 29.43 42.57
CA SER D 623 -13.33 29.75 43.24
C SER D 623 -13.50 30.93 44.20
N THR D 624 -14.49 31.80 43.97
CA THR D 624 -14.64 33.02 44.80
C THR D 624 -14.77 32.63 46.28
N LYS D 625 -14.06 33.33 47.17
CA LYS D 625 -14.08 33.03 48.63
C LYS D 625 -15.35 33.59 49.28
N LEU D 626 -15.68 33.12 50.49
CA LEU D 626 -16.87 33.62 51.24
C LEU D 626 -16.45 34.03 52.65
N ASP D 627 -17.27 34.84 53.31
CA ASP D 627 -16.98 35.27 54.71
C ASP D 627 -17.58 34.27 55.68
N GLU D 628 -18.15 33.17 55.16
CA GLU D 628 -18.79 32.14 56.02
C GLU D 628 -20.30 32.46 56.10
N ASN D 629 -20.71 33.61 55.57
CA ASN D 629 -22.16 33.95 55.51
C ASN D 629 -22.64 33.76 54.07
N ASN D 630 -21.80 33.14 53.23
CA ASN D 630 -22.15 32.94 51.80
C ASN D 630 -22.28 34.31 51.12
N HIS D 631 -21.45 35.29 51.52
CA HIS D 631 -21.45 36.63 50.88
C HIS D 631 -20.05 36.87 50.28
N PHE D 632 -19.98 37.32 49.03
CA PHE D 632 -18.64 37.48 48.39
C PHE D 632 -17.88 38.62 49.06
N VAL D 633 -16.67 38.34 49.56
CA VAL D 633 -15.84 39.40 50.21
C VAL D 633 -15.40 40.43 49.17
N GLU D 634 -14.98 39.99 47.98
CA GLU D 634 -14.44 40.95 46.97
C GLU D 634 -15.59 41.73 46.32
N ASP D 635 -15.50 43.06 46.29
CA ASP D 635 -16.53 43.89 45.62
C ASP D 635 -16.53 43.58 44.12
N ILE D 636 -15.35 43.46 43.51
CA ILE D 636 -15.26 43.24 42.03
C ILE D 636 -14.77 41.82 41.76
N ILE D 637 -15.51 41.04 40.98
CA ILE D 637 -15.13 39.62 40.70
C ILE D 637 -15.22 39.39 39.18
N GLN D 638 -14.54 38.36 38.67
CA GLN D 638 -14.60 38.04 37.22
C GLN D 638 -15.73 37.02 36.99
N CYS D 639 -16.72 37.39 36.18
CA CYS D 639 -17.87 36.48 35.91
C CYS D 639 -18.35 36.68 34.47
N ARG D 640 -19.13 35.73 33.94
CA ARG D 640 -19.68 35.89 32.57
C ARG D 640 -21.13 36.38 32.67
N SER D 641 -21.38 37.61 32.22
CA SER D 641 -22.77 38.16 32.22
C SER D 641 -23.41 37.90 30.85
N GLY D 642 -22.65 38.09 29.78
CA GLY D 642 -23.15 37.85 28.41
C GLY D 642 -22.63 36.53 27.87
N GLY D 643 -22.03 35.70 28.73
CA GLY D 643 -21.42 34.44 28.28
C GLY D 643 -19.96 34.65 27.93
N GLU D 644 -19.48 35.90 28.05
CA GLU D 644 -18.04 36.21 27.81
C GLU D 644 -17.46 36.70 29.13
N ALA D 645 -16.28 36.21 29.53
CA ALA D 645 -15.73 36.58 30.84
C ALA D 645 -15.54 38.10 30.93
N ILE D 646 -15.95 38.71 32.03
CA ILE D 646 -15.85 40.19 32.20
C ILE D 646 -15.76 40.49 33.71
N PHE D 647 -15.34 41.71 34.07
CA PHE D 647 -15.30 42.08 35.51
C PHE D 647 -16.59 42.79 35.90
N THR D 648 -17.29 42.26 36.92
CA THR D 648 -18.58 42.85 37.34
C THR D 648 -18.68 42.86 38.87
N GLU D 649 -19.58 43.70 39.42
CA GLU D 649 -19.75 43.78 40.88
C GLU D 649 -20.40 42.49 41.42
N SER D 650 -20.16 42.17 42.69
CA SER D 650 -20.70 40.92 43.29
C SER D 650 -22.24 40.94 43.31
N SER D 651 -22.85 42.12 43.44
CA SER D 651 -24.34 42.22 43.55
C SER D 651 -25.02 41.67 42.30
N ARG D 652 -24.51 41.99 41.09
CA ARG D 652 -25.13 41.55 39.81
C ARG D 652 -25.10 40.03 39.67
N VAL D 653 -24.14 39.36 40.31
CA VAL D 653 -23.98 37.87 40.16
C VAL D 653 -25.30 37.22 40.62
N GLN D 654 -25.81 36.25 39.85
CA GLN D 654 -27.07 35.57 40.22
C GLN D 654 -26.84 34.08 40.50
N TYR D 655 -25.68 33.52 40.11
CA TYR D 655 -25.47 32.06 40.26
C TYR D 655 -24.00 31.73 40.54
N MET D 656 -23.74 30.53 41.08
CA MET D 656 -22.34 30.09 41.35
C MET D 656 -22.14 28.68 40.79
N ASP D 657 -20.93 28.37 40.29
CA ASP D 657 -20.67 27.04 39.67
C ASP D 657 -20.71 25.96 40.76
N VAL D 658 -21.32 24.81 40.47
CA VAL D 658 -21.42 23.70 41.45
C VAL D 658 -20.02 23.19 41.78
N SER D 659 -19.16 23.03 40.77
CA SER D 659 -17.80 22.46 41.03
C SER D 659 -16.75 23.08 40.10
N ALA D 660 -15.49 23.13 40.55
CA ALA D 660 -14.37 23.67 39.73
C ALA D 660 -14.13 22.76 38.52
N LYS D 661 -14.24 21.44 38.70
CA LYS D 661 -13.90 20.48 37.61
C LYS D 661 -15.11 20.29 36.68
N GLN D 662 -16.23 20.98 36.93
CA GLN D 662 -17.46 20.77 36.12
C GLN D 662 -17.17 21.09 34.65
N MET D 663 -16.45 22.17 34.38
CA MET D 663 -16.15 22.56 32.98
C MET D 663 -15.31 21.46 32.31
N VAL D 664 -14.31 20.91 33.02
CA VAL D 664 -13.41 19.89 32.42
C VAL D 664 -14.13 18.55 32.29
N SER D 665 -13.75 17.74 31.30
CA SER D 665 -14.33 16.39 31.12
C SER D 665 -13.76 15.42 32.16
N ALA D 666 -14.40 14.27 32.34
CA ALA D 666 -13.96 13.29 33.37
C ALA D 666 -12.53 12.82 33.07
N ALA D 667 -12.21 12.58 31.80
CA ALA D 667 -10.85 12.15 31.41
C ALA D 667 -9.84 13.26 31.73
N ALA D 668 -10.21 14.53 31.49
CA ALA D 668 -9.30 15.66 31.75
C ALA D 668 -8.97 15.75 33.25
N ALA D 669 -9.95 15.50 34.12
CA ALA D 669 -9.76 15.66 35.58
C ALA D 669 -8.68 14.71 36.11
N LEU D 670 -8.42 13.60 35.41
CA LEU D 670 -7.43 12.60 35.88
C LEU D 670 -6.05 13.26 35.97
N ILE D 671 -5.68 14.07 34.96
CA ILE D 671 -4.33 14.71 34.94
C ILE D 671 -4.20 15.65 36.14
N PRO D 672 -3.12 15.57 36.95
CA PRO D 672 -2.90 16.50 38.07
C PRO D 672 -2.22 17.81 37.59
N PHE D 673 -2.38 18.89 38.35
CA PHE D 673 -1.71 20.17 37.99
C PHE D 673 -2.11 20.59 36.57
N LEU D 674 -3.40 20.43 36.24
CA LEU D 674 -3.91 20.76 34.88
C LEU D 674 -3.72 22.25 34.59
N GLU D 675 -3.96 23.12 35.57
CA GLU D 675 -3.90 24.59 35.35
C GLU D 675 -2.49 25.00 34.91
N HIS D 676 -1.45 24.43 35.53
CA HIS D 676 -0.04 24.75 35.19
C HIS D 676 0.32 24.34 33.75
N ASP D 677 -0.40 23.36 33.19
CA ASP D 677 -0.06 22.83 31.84
C ASP D 677 -0.71 23.63 30.71
N ASP D 678 -0.06 23.68 29.54
CA ASP D 678 -0.63 24.38 28.35
C ASP D 678 -1.79 23.56 27.79
N ALA D 679 -2.76 24.20 27.12
CA ALA D 679 -3.96 23.49 26.62
C ALA D 679 -3.59 22.44 25.56
N ASN D 680 -2.72 22.78 24.61
CA ASN D 680 -2.40 21.84 23.51
C ASN D 680 -1.73 20.59 24.12
N ARG D 681 -0.78 20.81 25.03
CA ARG D 681 -0.04 19.68 25.66
C ARG D 681 -1.04 18.84 26.46
N VAL D 682 -1.96 19.50 27.18
CA VAL D 682 -2.96 18.77 28.01
C VAL D 682 -3.83 17.90 27.10
N LEU D 683 -4.26 18.43 25.96
CA LEU D 683 -5.11 17.65 25.03
C LEU D 683 -4.31 16.44 24.52
N MET D 684 -3.04 16.65 24.18
CA MET D 684 -2.18 15.54 23.67
C MET D 684 -2.05 14.49 24.76
N GLY D 685 -1.84 14.90 26.01
CA GLY D 685 -1.73 13.95 27.14
C GLY D 685 -3.03 13.20 27.36
N ALA D 686 -4.16 13.89 27.28
CA ALA D 686 -5.48 13.26 27.52
C ALA D 686 -5.76 12.18 26.47
N ASN D 687 -5.49 12.49 25.19
CA ASN D 687 -5.69 11.49 24.11
C ASN D 687 -4.76 10.29 24.33
N MET D 688 -3.50 10.55 24.70
CA MET D 688 -2.50 9.47 24.90
C MET D 688 -2.87 8.55 26.07
N GLN D 689 -3.41 9.10 27.17
CA GLN D 689 -3.69 8.27 28.37
C GLN D 689 -4.70 7.16 28.07
N ARG D 690 -5.70 7.45 27.23
CA ARG D 690 -6.74 6.44 26.88
C ARG D 690 -6.10 5.26 26.14
N GLN D 691 -4.95 5.49 25.49
CA GLN D 691 -4.28 4.43 24.69
C GLN D 691 -3.36 3.59 25.60
N ALA D 692 -3.34 3.89 26.90
CA ALA D 692 -2.44 3.16 27.83
C ALA D 692 -2.82 1.68 27.88
N VAL D 693 -1.83 0.79 28.09
CA VAL D 693 -2.07 -0.68 28.08
C VAL D 693 -1.88 -1.24 29.50
N PRO D 694 -2.82 -2.07 30.02
CA PRO D 694 -2.73 -2.58 31.40
C PRO D 694 -1.53 -3.50 31.66
N THR D 695 -0.94 -3.40 32.85
CA THR D 695 0.23 -4.27 33.22
C THR D 695 -0.25 -5.45 34.07
N LEU D 696 0.61 -6.45 34.28
CA LEU D 696 0.23 -7.66 35.06
C LEU D 696 -0.16 -7.28 36.48
N LYS D 697 0.62 -6.39 37.12
CA LYS D 697 0.30 -5.93 38.50
C LYS D 697 -0.07 -4.44 38.43
N SER D 698 -1.26 -4.09 38.92
CA SER D 698 -1.72 -2.68 38.90
C SER D 698 -1.04 -1.92 40.05
N GLU D 699 -0.49 -0.73 39.76
CA GLU D 699 0.15 0.10 40.82
C GLU D 699 -0.61 1.42 40.93
N LYS D 700 -1.08 1.77 42.14
CA LYS D 700 -1.83 3.03 42.33
C LYS D 700 -0.86 4.22 42.19
N PRO D 701 -1.23 5.29 41.46
CA PRO D 701 -0.37 6.46 41.29
C PRO D 701 -0.16 7.19 42.63
N LEU D 702 1.08 7.60 42.91
CA LEU D 702 1.38 8.37 44.14
C LEU D 702 0.64 9.72 44.10
N VAL D 703 0.65 10.37 42.94
CA VAL D 703 -0.07 11.66 42.78
C VAL D 703 -1.33 11.42 41.93
N GLY D 704 -2.51 11.67 42.50
CA GLY D 704 -3.77 11.47 41.77
C GLY D 704 -4.80 12.54 42.08
N THR D 705 -5.63 12.90 41.11
CA THR D 705 -6.71 13.91 41.33
C THR D 705 -7.80 13.31 42.22
N GLY D 706 -7.85 11.99 42.34
CA GLY D 706 -8.91 11.32 43.12
C GLY D 706 -10.11 11.02 42.24
N MET D 707 -10.05 11.42 40.96
CA MET D 707 -11.15 11.10 40.00
C MET D 707 -11.06 9.61 39.63
N GLU D 708 -9.90 8.98 39.87
CA GLU D 708 -9.72 7.56 39.44
C GLU D 708 -10.74 6.66 40.15
N LYS D 709 -10.99 6.88 41.45
CA LYS D 709 -11.90 5.99 42.22
C LYS D 709 -13.31 6.04 41.63
N ILE D 710 -13.80 7.23 41.29
CA ILE D 710 -15.15 7.37 40.67
C ILE D 710 -15.16 6.65 39.31
N VAL D 711 -14.10 6.82 38.52
CA VAL D 711 -14.06 6.23 37.15
C VAL D 711 -14.13 4.70 37.26
N ALA D 712 -13.39 4.12 38.20
CA ALA D 712 -13.39 2.65 38.39
C ALA D 712 -14.78 2.17 38.82
N ARG D 713 -15.41 2.87 39.78
CA ARG D 713 -16.73 2.45 40.30
C ARG D 713 -17.81 2.55 39.22
N ASP D 714 -17.82 3.63 38.45
CA ASP D 714 -18.86 3.83 37.40
C ASP D 714 -18.74 2.75 36.32
N SER D 715 -17.52 2.43 35.90
CA SER D 715 -17.30 1.36 34.89
C SER D 715 -17.50 -0.02 35.53
N GLY D 716 -18.23 -0.93 34.86
CA GLY D 716 -18.52 -2.24 35.46
C GLY D 716 -17.37 -3.20 35.26
N ASN D 717 -16.17 -2.85 35.75
CA ASN D 717 -15.00 -3.76 35.67
C ASN D 717 -14.72 -4.31 37.08
N CYS D 718 -15.58 -3.97 38.05
CA CYS D 718 -15.37 -4.41 39.46
C CYS D 718 -16.69 -4.90 40.06
N ILE D 719 -16.62 -5.69 41.15
CA ILE D 719 -17.84 -6.27 41.77
C ILE D 719 -18.23 -5.45 43.00
N ILE D 720 -19.50 -5.04 43.10
CA ILE D 720 -20.01 -4.26 44.27
C ILE D 720 -21.09 -5.09 44.96
N ALA D 721 -20.99 -5.27 46.29
CA ALA D 721 -21.97 -6.13 47.00
C ALA D 721 -23.36 -5.50 46.96
N ARG D 722 -24.37 -6.29 46.58
CA ARG D 722 -25.77 -5.78 46.52
C ARG D 722 -26.28 -5.43 47.93
N ASN D 723 -25.98 -6.27 48.92
CA ASN D 723 -26.49 -6.05 50.29
C ASN D 723 -25.34 -6.16 51.30
N VAL D 724 -25.49 -5.55 52.48
CA VAL D 724 -24.42 -5.69 53.52
C VAL D 724 -24.42 -7.14 54.00
N GLY D 725 -23.23 -7.78 54.00
CA GLY D 725 -23.13 -9.20 54.40
C GLY D 725 -21.71 -9.56 54.83
N GLU D 726 -21.54 -10.71 55.50
CA GLU D 726 -20.18 -11.17 55.89
C GLU D 726 -19.74 -12.29 54.95
N VAL D 727 -18.54 -12.21 54.37
CA VAL D 727 -18.11 -13.21 53.35
C VAL D 727 -18.20 -14.61 53.98
N ALA D 728 -18.80 -15.57 53.27
CA ALA D 728 -18.86 -16.97 53.78
C ALA D 728 -17.69 -17.76 53.22
N GLU D 729 -17.45 -17.70 51.90
CA GLU D 729 -16.28 -18.39 51.28
C GLU D 729 -15.74 -17.50 50.16
N VAL D 730 -14.41 -17.39 50.04
CA VAL D 730 -13.81 -16.60 48.92
C VAL D 730 -12.78 -17.45 48.17
N ASP D 731 -12.92 -17.55 46.85
CA ASP D 731 -11.92 -18.29 46.02
C ASP D 731 -11.77 -17.50 44.71
N SER D 732 -10.68 -17.71 43.96
CA SER D 732 -10.47 -16.88 42.75
C SER D 732 -11.27 -17.45 41.57
N ASN D 733 -12.53 -17.82 41.79
CA ASN D 733 -13.39 -18.25 40.66
C ASN D 733 -14.78 -17.64 40.87
N ARG D 734 -15.19 -17.45 42.13
CA ARG D 734 -16.50 -16.83 42.45
C ARG D 734 -16.45 -16.34 43.90
N ILE D 735 -17.39 -15.47 44.31
CA ILE D 735 -17.44 -14.98 45.71
C ILE D 735 -18.80 -15.32 46.33
N VAL D 736 -18.80 -15.92 47.52
CA VAL D 736 -20.07 -16.29 48.21
C VAL D 736 -20.25 -15.37 49.42
N ILE D 737 -21.39 -14.67 49.50
CA ILE D 737 -21.63 -13.69 50.61
C ILE D 737 -22.96 -13.99 51.30
N LYS D 738 -23.01 -13.86 52.63
CA LYS D 738 -24.28 -14.06 53.37
C LYS D 738 -24.75 -12.69 53.89
N VAL D 739 -26.03 -12.34 53.67
CA VAL D 739 -26.53 -11.00 54.05
C VAL D 739 -27.46 -11.11 55.27
N ASP D 740 -27.22 -10.30 56.30
CA ASP D 740 -28.06 -10.32 57.53
C ASP D 740 -29.39 -9.59 57.24
N THR D 741 -30.52 -10.26 57.49
CA THR D 741 -31.87 -9.67 57.23
C THR D 741 -32.20 -8.55 58.22
N GLU D 742 -31.60 -8.54 59.42
CA GLU D 742 -31.99 -7.55 60.46
C GLU D 742 -31.73 -6.12 59.96
N LYS D 743 -30.59 -5.87 59.32
CA LYS D 743 -30.25 -4.48 58.89
C LYS D 743 -30.50 -4.30 57.40
N SER D 744 -31.10 -5.29 56.74
CA SER D 744 -31.29 -5.24 55.27
C SER D 744 -32.73 -5.59 54.90
N GLN D 745 -33.15 -5.26 53.67
CA GLN D 745 -34.51 -5.61 53.19
C GLN D 745 -34.59 -7.12 53.00
N THR D 746 -35.80 -7.69 52.92
CA THR D 746 -35.93 -9.16 52.82
C THR D 746 -35.14 -9.65 51.60
N SER D 747 -34.38 -10.74 51.75
CA SER D 747 -33.52 -11.25 50.65
C SER D 747 -33.30 -12.75 50.81
N ASN D 748 -32.69 -13.39 49.79
CA ASN D 748 -32.47 -14.87 49.83
C ASN D 748 -31.57 -15.22 51.03
N LEU D 749 -30.70 -14.28 51.44
CA LEU D 749 -29.78 -14.53 52.58
C LEU D 749 -28.45 -15.06 52.03
N VAL D 750 -28.38 -15.35 50.74
CA VAL D 750 -27.09 -15.78 50.12
C VAL D 750 -27.01 -15.20 48.70
N ASP D 751 -25.86 -14.67 48.29
CA ASP D 751 -25.70 -14.20 46.89
C ASP D 751 -24.35 -14.69 46.36
N ILE D 752 -24.28 -14.96 45.06
CA ILE D 752 -23.02 -15.51 44.46
C ILE D 752 -22.54 -14.58 43.35
N TYR D 753 -21.25 -14.21 43.38
CA TYR D 753 -20.67 -13.33 42.32
C TYR D 753 -19.61 -14.14 41.56
N SER D 754 -19.66 -14.13 40.23
CA SER D 754 -18.72 -14.96 39.43
C SER D 754 -17.64 -14.06 38.80
N LEU D 755 -16.36 -14.34 39.11
CA LEU D 755 -15.24 -13.56 38.55
C LEU D 755 -14.99 -13.95 37.09
N THR D 756 -14.34 -13.08 36.32
CA THR D 756 -14.00 -13.42 34.90
C THR D 756 -12.48 -13.56 34.81
N LYS D 757 -11.97 -14.66 34.26
CA LYS D 757 -10.51 -14.89 34.26
C LYS D 757 -9.97 -14.87 32.82
N PHE D 758 -8.99 -14.00 32.53
CA PHE D 758 -8.34 -13.98 31.20
C PHE D 758 -9.39 -13.82 30.08
N LYS D 759 -10.39 -12.96 30.30
CA LYS D 759 -11.39 -12.69 29.24
C LYS D 759 -10.70 -11.94 28.09
N ARG D 760 -10.97 -12.35 26.85
CA ARG D 760 -10.33 -11.70 25.66
C ARG D 760 -10.95 -10.32 25.43
N SER D 761 -10.22 -9.44 24.72
CA SER D 761 -10.71 -8.06 24.46
C SER D 761 -10.55 -7.70 22.98
N ASN D 762 -11.27 -6.69 22.51
CA ASN D 762 -11.16 -6.25 21.08
C ASN D 762 -9.72 -5.79 20.83
N LYS D 763 -9.07 -5.25 21.86
CA LYS D 763 -7.67 -4.76 21.72
C LYS D 763 -6.71 -5.91 22.01
N ASN D 764 -7.25 -7.12 22.20
CA ASN D 764 -6.40 -8.31 22.51
C ASN D 764 -5.69 -8.07 23.85
N THR D 765 -6.38 -7.48 24.81
CA THR D 765 -5.80 -7.26 26.16
C THR D 765 -6.48 -8.21 27.15
N CYS D 766 -5.71 -9.01 27.88
CA CYS D 766 -6.29 -10.01 28.82
C CYS D 766 -7.07 -9.27 29.92
N ILE D 767 -8.27 -9.76 30.26
CA ILE D 767 -9.06 -9.15 31.36
C ILE D 767 -9.32 -10.23 32.42
N ASN D 768 -8.97 -9.95 33.69
CA ASN D 768 -9.17 -10.94 34.78
C ASN D 768 -9.57 -10.21 36.07
N GLN D 769 -10.26 -10.89 36.99
CA GLN D 769 -10.74 -10.24 38.24
C GLN D 769 -10.14 -10.94 39.46
N ARG D 770 -9.54 -10.18 40.38
CA ARG D 770 -8.93 -10.76 41.60
C ARG D 770 -9.64 -10.21 42.85
N PRO D 771 -10.10 -11.07 43.78
CA PRO D 771 -10.83 -10.61 44.98
C PRO D 771 -9.94 -9.99 46.06
N ILE D 772 -10.35 -8.84 46.62
CA ILE D 772 -9.58 -8.22 47.74
C ILE D 772 -10.29 -8.57 49.06
N VAL D 773 -11.39 -9.33 49.00
CA VAL D 773 -12.15 -9.69 50.23
C VAL D 773 -11.44 -10.80 51.00
N ASN D 774 -11.77 -10.96 52.28
CA ASN D 774 -11.17 -12.04 53.12
C ASN D 774 -12.30 -12.79 53.84
N VAL D 775 -12.03 -14.02 54.27
CA VAL D 775 -13.08 -14.85 54.95
C VAL D 775 -13.49 -14.17 56.26
N GLY D 776 -14.79 -14.19 56.57
CA GLY D 776 -15.29 -13.55 57.80
C GLY D 776 -14.93 -12.08 57.85
N ASP D 777 -15.06 -11.37 56.72
CA ASP D 777 -14.78 -9.91 56.68
C ASP D 777 -16.10 -9.16 56.53
N LYS D 778 -16.38 -8.22 57.43
CA LYS D 778 -17.63 -7.41 57.34
C LYS D 778 -17.57 -6.56 56.07
N VAL D 779 -18.67 -6.53 55.30
CA VAL D 779 -18.71 -5.71 54.05
C VAL D 779 -20.04 -4.95 53.98
N GLU D 780 -20.10 -3.88 53.19
CA GLU D 780 -21.34 -3.07 53.07
C GLU D 780 -21.64 -2.84 51.58
N ALA D 781 -22.90 -2.50 51.26
CA ALA D 781 -23.30 -2.30 49.85
C ALA D 781 -22.52 -1.13 49.24
N GLY D 782 -22.05 -1.29 48.00
CA GLY D 782 -21.29 -0.22 47.31
C GLY D 782 -19.79 -0.37 47.51
N ASP D 783 -19.37 -1.25 48.44
CA ASP D 783 -17.91 -1.53 48.60
C ASP D 783 -17.48 -2.42 47.42
N ILE D 784 -16.21 -2.37 47.03
CA ILE D 784 -15.71 -3.23 45.91
C ILE D 784 -15.21 -4.55 46.52
N LEU D 785 -15.89 -5.65 46.22
CA LEU D 785 -15.42 -6.98 46.71
C LEU D 785 -14.08 -7.30 46.06
N ALA D 786 -13.94 -7.09 44.75
CA ALA D 786 -12.66 -7.34 44.06
C ALA D 786 -12.50 -6.40 42.86
N ASP D 787 -11.28 -5.90 42.61
CA ASP D 787 -11.02 -5.06 41.40
C ASP D 787 -10.95 -5.97 40.16
N GLY D 788 -11.24 -5.43 38.97
CA GLY D 788 -11.27 -6.29 37.76
C GLY D 788 -10.22 -5.92 36.73
N PHE D 789 -10.48 -4.87 35.92
CA PHE D 789 -9.55 -4.55 34.81
C PHE D 789 -8.86 -3.21 35.05
N ALA D 790 -7.54 -3.19 35.09
CA ALA D 790 -6.77 -1.94 35.28
C ALA D 790 -7.25 -1.22 36.54
N THR D 791 -7.57 -1.98 37.59
CA THR D 791 -8.06 -1.38 38.86
C THR D 791 -7.25 -1.90 40.04
N ASP D 792 -6.71 -1.01 40.87
CA ASP D 792 -5.99 -1.46 42.09
C ASP D 792 -6.72 -0.91 43.32
N PHE D 793 -7.22 -1.79 44.19
CA PHE D 793 -7.89 -1.33 45.44
C PHE D 793 -9.01 -0.33 45.13
N GLY D 794 -9.76 -0.55 44.03
CA GLY D 794 -10.87 0.35 43.67
C GLY D 794 -10.39 1.60 42.95
N GLU D 795 -9.09 1.68 42.66
CA GLU D 795 -8.51 2.88 41.97
C GLU D 795 -7.92 2.44 40.64
N LEU D 796 -8.23 3.17 39.55
CA LEU D 796 -7.73 2.80 38.20
C LEU D 796 -6.26 3.23 38.08
N SER D 797 -5.37 2.31 37.74
CA SER D 797 -3.93 2.65 37.54
C SER D 797 -3.50 2.22 36.14
N LEU D 798 -2.94 3.14 35.35
CA LEU D 798 -2.47 2.80 33.98
C LEU D 798 -0.95 2.96 33.89
N GLY D 799 -0.27 3.23 35.03
CA GLY D 799 1.18 3.51 34.97
C GLY D 799 1.93 3.04 36.21
N HIS D 800 3.26 3.01 36.14
CA HIS D 800 4.11 2.59 37.30
C HIS D 800 5.02 3.75 37.72
N ASN D 801 5.18 3.96 39.04
CA ASN D 801 6.03 5.07 39.54
C ASN D 801 7.50 4.67 39.41
N LEU D 802 8.30 5.50 38.74
CA LEU D 802 9.75 5.22 38.56
C LEU D 802 10.54 6.48 38.97
N MET D 803 11.62 6.33 39.75
CA MET D 803 12.43 7.53 40.07
C MET D 803 12.92 8.12 38.74
N VAL D 804 12.77 9.44 38.54
CA VAL D 804 13.14 10.05 37.24
C VAL D 804 14.12 11.21 37.43
N ALA D 805 15.24 11.20 36.71
CA ALA D 805 16.20 12.33 36.76
C ALA D 805 15.95 13.25 35.57
N PHE D 806 16.48 14.48 35.61
CA PHE D 806 16.29 15.44 34.50
C PHE D 806 17.64 16.01 34.06
N MET D 807 18.49 15.16 33.45
CA MET D 807 19.80 15.64 32.92
C MET D 807 20.09 14.95 31.59
N PRO D 808 20.64 15.64 30.57
CA PRO D 808 21.03 14.98 29.32
C PRO D 808 22.19 14.02 29.64
N TRP D 809 22.23 12.85 29.01
CA TRP D 809 23.27 11.85 29.37
C TRP D 809 24.32 11.73 28.27
N ASN D 810 24.10 10.85 27.29
CA ASN D 810 25.10 10.61 26.22
C ASN D 810 24.48 10.82 24.83
N GLY D 811 23.43 11.63 24.73
CA GLY D 811 22.73 11.83 23.44
C GLY D 811 21.72 10.72 23.18
N TYR D 812 21.55 9.82 24.14
CA TYR D 812 20.53 8.74 24.01
C TYR D 812 19.15 9.37 23.97
N ASN D 813 19.00 10.56 24.56
CA ASN D 813 17.70 11.28 24.49
C ASN D 813 17.99 12.69 23.95
N PHE D 814 18.46 12.78 22.71
CA PHE D 814 18.76 14.09 22.09
C PHE D 814 17.45 14.88 21.93
N GLU D 815 16.38 14.20 21.52
CA GLU D 815 15.06 14.85 21.36
C GLU D 815 14.07 14.30 22.39
N ASP D 816 13.17 13.41 21.96
CA ASP D 816 12.12 12.86 22.87
C ASP D 816 12.54 11.47 23.38
N SER D 817 13.78 11.03 23.12
CA SER D 817 14.21 9.66 23.49
C SER D 817 14.16 9.47 25.01
N ILE D 818 13.88 8.24 25.47
CA ILE D 818 13.80 7.95 26.94
C ILE D 818 14.79 6.83 27.27
N LEU D 819 15.46 6.94 28.43
CA LEU D 819 16.47 5.93 28.82
C LEU D 819 15.96 5.11 30.01
N LEU D 820 16.04 3.79 29.93
CA LEU D 820 15.51 2.90 31.00
C LEU D 820 16.66 2.21 31.73
N SER D 821 16.64 2.21 33.07
CA SER D 821 17.69 1.55 33.87
C SER D 821 17.72 0.05 33.57
N GLU D 822 16.56 -0.54 33.26
CA GLU D 822 16.47 -1.99 32.95
C GLU D 822 16.00 -2.77 34.19
N ARG D 823 16.00 -2.12 35.36
CA ARG D 823 15.46 -2.78 36.58
C ARG D 823 13.97 -3.03 36.31
N ILE D 824 13.31 -2.09 35.65
CA ILE D 824 11.84 -2.23 35.33
C ILE D 824 11.65 -3.46 34.46
N VAL D 825 12.52 -3.65 33.45
CA VAL D 825 12.43 -4.83 32.55
C VAL D 825 12.66 -6.10 33.37
N LYS D 826 13.67 -6.08 34.25
CA LYS D 826 13.96 -7.26 35.12
C LYS D 826 12.83 -7.48 36.13
N ASP D 827 12.23 -6.40 36.64
CA ASP D 827 11.19 -6.52 37.70
C ASP D 827 9.82 -6.76 37.06
N ASP D 828 9.74 -6.77 35.73
CA ASP D 828 8.44 -6.91 35.03
C ASP D 828 7.54 -5.73 35.39
N LYS D 829 8.12 -4.55 35.58
CA LYS D 829 7.32 -3.33 35.90
C LYS D 829 6.38 -3.02 34.74
N TYR D 830 6.83 -3.23 33.49
CA TYR D 830 6.00 -2.93 32.30
C TYR D 830 5.92 -4.17 31.41
N THR D 831 5.18 -5.20 31.85
CA THR D 831 4.98 -6.42 31.03
C THR D 831 3.48 -6.61 30.85
N SER D 832 3.02 -6.84 29.61
CA SER D 832 1.56 -6.94 29.36
C SER D 832 1.22 -8.29 28.73
N ILE D 833 -0.01 -8.77 28.91
CA ILE D 833 -0.41 -10.11 28.37
C ILE D 833 -1.39 -9.89 27.21
N HIS D 834 -1.09 -10.47 26.04
CA HIS D 834 -1.95 -10.31 24.85
C HIS D 834 -2.52 -11.68 24.43
N ILE D 835 -3.82 -11.74 24.17
CA ILE D 835 -4.47 -13.03 23.76
C ILE D 835 -4.83 -12.96 22.27
N GLU D 836 -4.41 -13.96 21.50
CA GLU D 836 -4.67 -13.96 20.04
C GLU D 836 -5.59 -15.14 19.69
N GLU D 837 -6.68 -14.87 18.98
CA GLU D 837 -7.64 -15.94 18.61
C GLU D 837 -7.45 -16.29 17.13
N PHE D 838 -7.20 -17.57 16.84
CA PHE D 838 -7.06 -18.01 15.43
C PHE D 838 -8.21 -18.99 15.12
N THR D 839 -8.98 -18.73 14.06
CA THR D 839 -10.15 -19.58 13.75
C THR D 839 -9.89 -20.35 12.45
N CYS D 840 -10.06 -21.68 12.48
CA CYS D 840 -9.90 -22.50 11.26
C CYS D 840 -11.28 -23.08 10.90
N VAL D 841 -11.72 -22.91 9.64
CA VAL D 841 -13.09 -23.37 9.27
C VAL D 841 -12.99 -24.38 8.12
N ALA D 842 -13.97 -25.28 8.02
CA ALA D 842 -13.98 -26.29 6.95
C ALA D 842 -15.16 -26.02 6.02
N ARG D 843 -14.92 -26.00 4.71
CA ARG D 843 -16.00 -25.69 3.73
C ARG D 843 -16.03 -26.80 2.67
N ASP D 844 -17.19 -27.02 2.05
CA ASP D 844 -17.30 -28.13 1.06
C ASP D 844 -17.03 -27.57 -0.35
N THR D 845 -15.89 -27.93 -0.94
CA THR D 845 -15.55 -27.49 -2.32
C THR D 845 -16.26 -28.40 -3.32
N LYS D 846 -16.36 -27.97 -4.58
CA LYS D 846 -16.99 -28.79 -5.64
C LYS D 846 -16.20 -30.11 -5.81
N LEU D 847 -14.87 -30.03 -5.85
CA LEU D 847 -14.06 -31.25 -6.09
C LEU D 847 -14.24 -32.26 -4.95
N GLY D 848 -14.21 -31.80 -3.70
CA GLY D 848 -14.33 -32.71 -2.54
C GLY D 848 -14.59 -31.98 -1.23
N PRO D 849 -14.94 -32.67 -0.13
CA PRO D 849 -15.09 -32.03 1.17
C PRO D 849 -13.72 -32.06 1.86
N GLU D 850 -13.22 -30.91 2.31
CA GLU D 850 -11.85 -30.85 2.91
C GLU D 850 -11.86 -31.56 4.27
N GLU D 851 -10.73 -32.13 4.68
CA GLU D 851 -10.66 -32.90 5.95
C GLU D 851 -9.69 -32.24 6.92
N ILE D 852 -10.12 -32.03 8.17
CA ILE D 852 -9.24 -31.39 9.21
C ILE D 852 -8.47 -32.49 9.95
N THR D 853 -8.67 -33.75 9.56
CA THR D 853 -7.96 -34.88 10.21
C THR D 853 -6.44 -34.73 9.97
N ALA D 854 -5.63 -34.99 11.00
CA ALA D 854 -4.16 -34.79 10.86
C ALA D 854 -3.52 -36.00 10.20
N ASP D 855 -3.80 -36.23 8.92
CA ASP D 855 -3.17 -37.35 8.17
C ASP D 855 -2.66 -36.79 6.84
N ILE D 856 -1.59 -35.99 6.88
CA ILE D 856 -1.09 -35.32 5.65
C ILE D 856 0.24 -35.93 5.21
N PRO D 857 0.38 -36.41 3.96
CA PRO D 857 1.66 -36.94 3.47
C PRO D 857 2.71 -35.82 3.34
N ASN D 858 3.98 -36.17 3.52
CA ASN D 858 5.08 -35.16 3.40
C ASN D 858 5.22 -34.40 4.72
N VAL D 859 4.50 -34.81 5.76
CA VAL D 859 4.62 -34.15 7.09
C VAL D 859 5.25 -35.13 8.09
N SER D 860 6.32 -34.71 8.76
CA SER D 860 7.04 -35.62 9.70
C SER D 860 6.23 -35.83 10.99
N GLU D 861 6.44 -36.96 11.67
CA GLU D 861 5.73 -37.26 12.94
C GLU D 861 6.11 -36.24 14.02
N SER D 862 7.38 -35.81 14.04
CA SER D 862 7.86 -34.85 15.08
C SER D 862 7.08 -33.54 14.96
N SER D 863 6.84 -33.07 13.74
CA SER D 863 6.02 -31.85 13.53
C SER D 863 4.60 -32.13 14.03
N LEU D 864 4.08 -33.33 13.76
CA LEU D 864 2.69 -33.67 14.18
C LEU D 864 2.70 -34.22 15.62
N ALA D 865 3.88 -34.38 16.22
CA ALA D 865 3.96 -34.98 17.57
C ALA D 865 3.18 -34.12 18.55
N LYS D 866 3.31 -32.79 18.45
CA LYS D 866 2.51 -31.87 19.32
C LYS D 866 1.03 -32.05 19.01
N LEU D 867 0.68 -32.22 17.73
CA LEU D 867 -0.74 -32.37 17.33
C LEU D 867 -1.33 -33.62 17.97
N ASP D 868 -2.57 -33.54 18.48
CA ASP D 868 -3.22 -34.70 19.13
C ASP D 868 -3.76 -35.67 18.09
N GLU D 869 -4.24 -36.83 18.51
CA GLU D 869 -4.84 -37.82 17.57
C GLU D 869 -6.03 -37.15 16.86
N SER D 870 -6.81 -36.35 17.61
CA SER D 870 -7.97 -35.63 17.03
C SER D 870 -7.51 -34.62 15.97
N GLY D 871 -6.24 -34.22 16.02
CA GLY D 871 -5.71 -33.23 15.06
C GLY D 871 -5.78 -31.80 15.58
N ILE D 872 -6.17 -31.62 16.85
CA ILE D 872 -6.21 -30.27 17.48
C ILE D 872 -5.05 -30.19 18.48
N VAL D 873 -4.29 -29.08 18.47
CA VAL D 873 -3.08 -28.98 19.35
C VAL D 873 -3.51 -29.09 20.82
N HIS D 874 -2.66 -29.72 21.65
CA HIS D 874 -3.00 -29.93 23.09
C HIS D 874 -3.08 -28.58 23.81
N ILE D 875 -4.04 -28.43 24.73
CA ILE D 875 -4.21 -27.16 25.50
C ILE D 875 -3.00 -26.96 26.42
N GLY D 876 -2.52 -25.71 26.57
CA GLY D 876 -1.40 -25.43 27.49
C GLY D 876 -0.05 -25.77 26.88
N ALA D 877 -0.01 -26.08 25.59
CA ALA D 877 1.27 -26.51 24.96
C ALA D 877 1.89 -25.34 24.19
N ASN D 878 3.13 -24.98 24.54
CA ASN D 878 3.81 -23.83 23.90
C ASN D 878 3.95 -24.12 22.40
N VAL D 879 3.64 -23.15 21.56
CA VAL D 879 3.72 -23.35 20.08
C VAL D 879 4.82 -22.45 19.52
N GLU D 880 5.77 -23.02 18.78
CA GLU D 880 6.82 -22.20 18.12
C GLU D 880 6.19 -21.49 16.92
N ALA D 881 6.80 -20.41 16.43
CA ALA D 881 6.25 -19.68 15.28
C ALA D 881 6.22 -20.62 14.07
N GLY D 882 5.11 -20.60 13.31
CA GLY D 882 5.02 -21.43 12.09
C GLY D 882 4.66 -22.86 12.41
N ASP D 883 4.39 -23.16 13.69
CA ASP D 883 3.99 -24.53 14.10
C ASP D 883 2.55 -24.81 13.64
N ILE D 884 2.19 -26.07 13.45
CA ILE D 884 0.83 -26.40 12.93
C ILE D 884 -0.17 -26.35 14.08
N LEU D 885 -1.19 -25.49 13.99
CA LEU D 885 -2.26 -25.47 15.03
C LEU D 885 -3.32 -26.50 14.64
N VAL D 886 -3.69 -26.55 13.36
CA VAL D 886 -4.70 -27.53 12.85
C VAL D 886 -4.25 -27.99 11.46
N ALA D 887 -4.57 -29.23 11.07
CA ALA D 887 -4.12 -29.75 9.75
C ALA D 887 -5.33 -29.99 8.84
N LYS D 888 -5.30 -29.44 7.63
CA LYS D 888 -6.40 -29.66 6.66
C LYS D 888 -5.81 -30.09 5.31
N ILE D 889 -6.53 -30.91 4.55
CA ILE D 889 -6.07 -31.33 3.20
C ILE D 889 -7.14 -30.99 2.17
N THR D 890 -6.77 -30.30 1.08
CA THR D 890 -7.74 -29.94 0.01
C THR D 890 -7.33 -30.63 -1.29
N PRO D 891 -8.23 -31.36 -1.99
CA PRO D 891 -7.88 -32.12 -3.19
C PRO D 891 -7.58 -31.26 -4.43
N LYS D 892 -6.71 -31.75 -5.32
CA LYS D 892 -6.39 -31.01 -6.57
C LYS D 892 -6.51 -31.96 -7.77
N ALA D 893 -6.75 -31.44 -8.97
CA ALA D 893 -6.94 -32.29 -10.16
C ALA D 893 -6.24 -31.68 -11.38
N GLU D 894 -6.02 -32.47 -12.43
CA GLU D 894 -5.37 -31.95 -13.67
C GLU D 894 -4.01 -31.33 -13.33
N GLN D 895 -3.17 -32.06 -12.60
CA GLN D 895 -1.83 -31.55 -12.19
C GLN D 895 -1.01 -31.23 -13.45
N GLN D 896 -1.09 -32.08 -14.48
CA GLN D 896 -0.38 -31.81 -15.75
C GLN D 896 1.12 -31.62 -15.49
N LEU D 897 1.74 -32.56 -14.76
CA LEU D 897 3.18 -32.44 -14.39
C LEU D 897 4.04 -32.39 -15.65
N THR D 898 5.09 -31.57 -15.66
CA THR D 898 5.98 -31.42 -16.84
C THR D 898 6.83 -32.68 -17.00
N PRO D 899 7.46 -32.93 -18.18
CA PRO D 899 8.20 -34.18 -18.42
C PRO D 899 9.39 -34.40 -17.47
N GLU D 900 10.11 -33.35 -17.11
CA GLU D 900 11.22 -33.50 -16.12
C GLU D 900 10.64 -33.99 -14.80
N GLU D 901 9.51 -33.42 -14.38
CA GLU D 901 8.84 -33.86 -13.12
C GLU D 901 8.42 -35.33 -13.27
N ARG D 902 7.93 -35.69 -14.46
CA ARG D 902 7.50 -37.09 -14.72
C ARG D 902 8.70 -38.02 -14.57
N LEU D 903 9.85 -37.62 -15.12
CA LEU D 903 11.08 -38.45 -15.05
C LEU D 903 11.49 -38.58 -13.57
N LEU D 904 11.39 -37.49 -12.81
CA LEU D 904 11.77 -37.53 -11.36
C LEU D 904 10.85 -38.50 -10.62
N ARG D 905 9.55 -38.49 -10.93
CA ARG D 905 8.59 -39.42 -10.28
C ARG D 905 8.99 -40.85 -10.66
N ALA D 906 9.33 -41.07 -11.93
CA ALA D 906 9.72 -42.42 -12.41
C ALA D 906 11.02 -42.89 -11.74
N ILE D 907 12.00 -42.00 -11.60
CA ILE D 907 13.32 -42.39 -11.01
C ILE D 907 13.13 -42.82 -9.55
N PHE D 908 12.35 -42.08 -8.76
CA PHE D 908 12.17 -42.39 -7.32
C PHE D 908 10.88 -43.19 -7.10
N ASN D 909 10.15 -43.49 -8.18
CA ASN D 909 8.84 -44.18 -8.02
C ASN D 909 7.98 -43.34 -7.08
N GLU D 910 7.97 -42.02 -7.27
CA GLU D 910 7.20 -41.13 -6.35
C GLU D 910 5.83 -40.84 -6.96
N LYS D 911 4.76 -41.17 -6.24
CA LYS D 911 3.38 -40.89 -6.73
C LYS D 911 3.09 -39.39 -6.60
N ALA D 912 2.14 -38.88 -7.38
CA ALA D 912 1.77 -37.45 -7.28
C ALA D 912 0.48 -37.33 -6.45
N SER D 913 0.52 -36.53 -5.37
CA SER D 913 -0.66 -36.39 -4.47
C SER D 913 -1.82 -35.72 -5.21
N ASN D 914 -3.04 -36.23 -5.03
CA ASN D 914 -4.24 -35.59 -5.64
C ASN D 914 -4.81 -34.60 -4.63
N VAL D 915 -4.17 -34.46 -3.47
CA VAL D 915 -4.67 -33.55 -2.39
C VAL D 915 -3.53 -32.62 -1.95
N VAL D 916 -3.88 -31.46 -1.39
CA VAL D 916 -2.84 -30.50 -0.89
C VAL D 916 -3.17 -30.14 0.56
N ASP D 917 -2.18 -29.70 1.34
CA ASP D 917 -2.40 -29.43 2.78
C ASP D 917 -2.46 -27.92 3.02
N SER D 918 -3.50 -27.44 3.71
CA SER D 918 -3.59 -26.01 4.06
C SER D 918 -3.89 -25.89 5.56
N SER D 919 -2.92 -26.27 6.39
CA SER D 919 -3.11 -26.24 7.87
C SER D 919 -3.03 -24.81 8.38
N LEU D 920 -3.52 -24.56 9.60
CA LEU D 920 -3.44 -23.20 10.20
C LEU D 920 -2.18 -23.13 11.07
N ARG D 921 -1.31 -22.16 10.80
CA ARG D 921 -0.03 -22.04 11.56
C ARG D 921 0.12 -20.60 12.07
N MET D 922 0.70 -20.44 13.26
CA MET D 922 0.91 -19.08 13.83
C MET D 922 1.88 -18.30 12.94
N PRO D 923 1.69 -16.98 12.73
CA PRO D 923 2.60 -16.17 11.91
C PRO D 923 3.99 -16.10 12.55
N SER D 924 5.03 -15.94 11.73
CA SER D 924 6.42 -15.94 12.26
C SER D 924 6.65 -14.75 13.20
N GLY D 925 7.51 -14.93 14.21
CA GLY D 925 7.79 -13.85 15.17
C GLY D 925 6.74 -13.79 16.27
N THR D 926 5.80 -14.75 16.26
CA THR D 926 4.73 -14.79 17.29
C THR D 926 4.87 -16.07 18.12
N SER D 927 4.94 -15.94 19.45
CA SER D 927 5.07 -17.13 20.33
C SER D 927 4.00 -17.08 21.43
N GLY D 928 3.37 -18.22 21.74
CA GLY D 928 2.27 -18.23 22.72
C GLY D 928 1.92 -19.62 23.20
N THR D 929 0.96 -19.74 24.13
CA THR D 929 0.48 -21.07 24.59
C THR D 929 -1.03 -21.14 24.37
N VAL D 930 -1.58 -22.34 24.13
CA VAL D 930 -3.03 -22.44 23.80
C VAL D 930 -3.86 -22.57 25.09
N ILE D 931 -4.35 -21.44 25.61
CA ILE D 931 -5.19 -21.44 26.85
C ILE D 931 -6.54 -22.13 26.62
N ASN D 932 -7.19 -21.87 25.46
CA ASN D 932 -8.55 -22.42 25.23
C ASN D 932 -8.71 -22.92 23.78
N VAL D 933 -9.48 -24.00 23.59
CA VAL D 933 -9.75 -24.54 22.22
C VAL D 933 -11.26 -24.67 22.03
N GLN D 934 -11.80 -24.18 20.90
CA GLN D 934 -13.26 -24.25 20.63
C GLN D 934 -13.51 -24.98 19.29
N VAL D 935 -14.42 -25.96 19.28
CA VAL D 935 -14.74 -26.72 18.03
C VAL D 935 -16.27 -26.72 17.82
N PHE D 936 -16.73 -26.49 16.58
CA PHE D 936 -18.19 -26.57 16.29
C PHE D 936 -18.46 -27.67 15.27
N GLU D 937 -19.36 -28.61 15.59
CA GLU D 937 -19.66 -29.75 14.70
C GLU D 937 -20.70 -29.40 13.63
N ASN D 938 -20.90 -30.30 12.65
CA ASN D 938 -21.88 -30.06 11.55
C ASN D 938 -23.33 -30.20 12.05
N ASP D 939 -24.31 -29.71 11.28
CA ASP D 939 -25.72 -29.72 11.72
C ASP D 939 -26.52 -30.75 10.90
N LYS D 940 -27.37 -31.55 11.57
CA LYS D 940 -28.23 -32.54 10.86
C LYS D 940 -27.42 -33.82 10.61
N GLY D 941 -26.19 -33.89 11.09
CA GLY D 941 -25.37 -35.10 10.94
C GLY D 941 -25.06 -35.71 12.28
N GLY D 942 -25.28 -37.02 12.42
CA GLY D 942 -25.01 -37.69 13.71
C GLY D 942 -23.55 -37.55 14.06
N LYS D 943 -23.25 -37.17 15.31
CA LYS D 943 -21.83 -36.92 15.69
C LYS D 943 -21.05 -38.24 15.71
N SER D 944 -19.77 -38.18 15.35
CA SER D 944 -18.91 -39.40 15.40
C SER D 944 -18.63 -39.74 16.86
N LYS D 945 -18.20 -40.97 17.15
CA LYS D 945 -18.03 -41.36 18.57
C LYS D 945 -17.00 -40.43 19.23
N ARG D 946 -15.89 -40.14 18.55
CA ARG D 946 -14.92 -39.18 19.13
C ARG D 946 -15.54 -37.78 19.25
N ALA D 947 -16.17 -37.29 18.19
CA ALA D 947 -16.81 -35.95 18.23
C ALA D 947 -18.05 -35.98 19.13
N LEU D 948 -18.93 -36.97 18.93
CA LEU D 948 -20.20 -37.04 19.72
C LEU D 948 -19.87 -37.26 21.20
N LYS D 949 -18.94 -38.18 21.47
CA LYS D 949 -18.55 -38.49 22.87
C LYS D 949 -17.95 -37.22 23.48
N ILE D 950 -17.10 -36.51 22.72
CA ILE D 950 -16.42 -35.30 23.28
C ILE D 950 -17.49 -34.27 23.63
N GLU D 951 -18.47 -34.07 22.75
CA GLU D 951 -19.52 -33.04 23.01
C GLU D 951 -20.32 -33.44 24.26
N LYS D 952 -20.69 -34.73 24.36
CA LYS D 952 -21.49 -35.20 25.52
C LYS D 952 -20.66 -35.01 26.78
N GLU D 953 -19.36 -35.34 26.72
CA GLU D 953 -18.47 -35.23 27.91
C GLU D 953 -18.39 -33.76 28.33
N LEU D 954 -18.24 -32.85 27.37
CA LEU D 954 -18.12 -31.41 27.70
C LEU D 954 -19.42 -30.97 28.39
N ILE D 955 -20.56 -31.39 27.84
CA ILE D 955 -21.87 -30.97 28.41
C ILE D 955 -21.98 -31.50 29.84
N ASP D 956 -21.61 -32.77 30.05
CA ASP D 956 -21.74 -33.39 31.40
C ASP D 956 -20.81 -32.64 32.36
N LYS D 957 -19.59 -32.33 31.92
CA LYS D 957 -18.61 -31.66 32.82
C LYS D 957 -19.17 -30.29 33.22
N ALA D 958 -19.74 -29.55 32.27
CA ALA D 958 -20.32 -28.23 32.60
C ALA D 958 -21.51 -28.43 33.57
N ARG D 959 -22.41 -29.36 33.25
CA ARG D 959 -23.56 -29.66 34.14
C ARG D 959 -23.06 -30.30 35.44
N LYS D 960 -22.11 -31.25 35.33
CA LYS D 960 -21.60 -31.96 36.53
C LYS D 960 -20.88 -30.97 37.44
N ASP D 961 -20.03 -30.11 36.87
CA ASP D 961 -19.35 -29.06 37.67
C ASP D 961 -20.41 -28.11 38.23
N PHE D 962 -21.40 -27.74 37.39
CA PHE D 962 -22.51 -26.87 37.85
C PHE D 962 -23.33 -27.58 38.91
N ASP D 963 -23.61 -28.88 38.72
CA ASP D 963 -24.47 -29.61 39.68
C ASP D 963 -23.76 -29.65 41.03
N GLU D 964 -22.47 -29.98 41.04
CA GLU D 964 -21.68 -29.97 42.30
C GLU D 964 -21.58 -28.52 42.79
N GLU D 965 -21.32 -27.58 41.88
CA GLU D 965 -21.24 -26.14 42.25
C GLU D 965 -22.60 -25.66 42.74
N PHE D 966 -23.68 -26.04 42.05
CA PHE D 966 -25.05 -25.68 42.50
C PHE D 966 -25.29 -26.33 43.86
N ALA D 967 -24.85 -27.58 44.02
CA ALA D 967 -25.00 -28.28 45.32
C ALA D 967 -24.20 -27.51 46.39
N VAL D 968 -23.02 -27.01 46.02
CA VAL D 968 -22.16 -26.28 47.00
C VAL D 968 -22.92 -25.06 47.52
N ILE D 969 -23.59 -24.33 46.62
CA ILE D 969 -24.43 -23.17 47.06
C ILE D 969 -25.57 -23.72 47.91
N GLU D 970 -26.18 -24.84 47.49
CA GLU D 970 -27.28 -25.48 48.24
C GLU D 970 -26.74 -25.93 49.60
N SER D 971 -25.53 -26.48 49.62
CA SER D 971 -24.90 -26.93 50.90
C SER D 971 -24.71 -25.73 51.83
N VAL D 972 -24.26 -24.59 51.28
CA VAL D 972 -24.05 -23.35 52.10
C VAL D 972 -25.41 -22.89 52.65
N VAL D 973 -26.46 -22.95 51.82
CA VAL D 973 -27.82 -22.53 52.27
C VAL D 973 -28.27 -23.47 53.40
N LYS D 974 -27.99 -24.77 53.27
CA LYS D 974 -28.38 -25.77 54.31
C LYS D 974 -27.62 -25.47 55.61
N SER D 975 -26.33 -25.11 55.52
CA SER D 975 -25.55 -24.77 56.73
C SER D 975 -26.15 -23.51 57.37
N SER D 976 -26.55 -22.54 56.55
CA SER D 976 -27.18 -21.29 57.08
C SER D 976 -28.50 -21.66 57.78
N ILE D 977 -29.28 -22.58 57.21
CA ILE D 977 -30.56 -23.04 57.82
C ILE D 977 -30.24 -23.72 59.16
N GLU D 978 -29.18 -24.52 59.21
CA GLU D 978 -28.78 -25.22 60.46
C GLU D 978 -28.44 -24.16 61.51
N GLN D 979 -27.75 -23.09 61.11
CA GLN D 979 -27.45 -21.97 62.04
C GLN D 979 -28.78 -21.34 62.48
N GLU D 980 -29.76 -21.26 61.57
CA GLU D 980 -31.07 -20.63 61.86
C GLU D 980 -32.13 -21.70 62.13
N VAL D 981 -31.70 -22.94 62.41
CA VAL D 981 -32.67 -24.05 62.57
C VAL D 981 -33.64 -23.68 63.70
N VAL D 982 -33.14 -23.13 64.81
CA VAL D 982 -34.06 -22.65 65.89
C VAL D 982 -34.90 -21.52 65.31
N GLY D 983 -34.27 -20.61 64.55
CA GLY D 983 -35.01 -19.52 63.90
C GLY D 983 -35.91 -20.04 62.78
N GLU D 1023 -39.51 -19.43 60.93
CA GLU D 1023 -39.59 -20.89 60.66
C GLU D 1023 -39.08 -21.17 59.25
N LYS D 1024 -38.12 -22.09 59.12
CA LYS D 1024 -37.52 -22.38 57.78
C LYS D 1024 -38.33 -23.47 57.07
N VAL D 1025 -39.39 -23.98 57.70
CA VAL D 1025 -40.17 -25.11 57.09
C VAL D 1025 -40.78 -24.64 55.76
N GLN D 1026 -41.37 -23.45 55.73
CA GLN D 1026 -41.94 -22.90 54.46
C GLN D 1026 -41.18 -21.65 54.04
N ASN D 1027 -40.23 -21.20 54.87
CA ASN D 1027 -39.48 -19.94 54.58
C ASN D 1027 -38.66 -20.11 53.30
N ALA D 1028 -37.98 -21.25 53.15
CA ALA D 1028 -37.11 -21.46 51.96
C ALA D 1028 -37.49 -22.76 51.24
N ARG D 1029 -38.76 -23.17 51.31
CA ARG D 1029 -39.16 -24.47 50.72
C ARG D 1029 -38.90 -24.46 49.21
N GLU D 1030 -39.24 -23.36 48.53
CA GLU D 1030 -39.10 -23.30 47.05
C GLU D 1030 -37.74 -22.74 46.66
N TYR D 1031 -36.92 -22.30 47.62
CA TYR D 1031 -35.62 -21.66 47.29
C TYR D 1031 -34.70 -22.65 46.56
N TYR D 1032 -34.60 -23.88 47.06
CA TYR D 1032 -33.78 -24.93 46.38
C TYR D 1032 -34.40 -25.28 45.03
N GLU D 1033 -35.73 -25.35 44.97
CA GLU D 1033 -36.43 -25.74 43.72
C GLU D 1033 -36.12 -24.71 42.63
N GLU D 1034 -36.11 -23.42 42.98
CA GLU D 1034 -35.87 -22.35 41.98
C GLU D 1034 -34.46 -22.53 41.39
N ALA D 1035 -33.48 -22.86 42.24
CA ALA D 1035 -32.09 -23.06 41.79
C ALA D 1035 -32.05 -24.24 40.81
N LYS D 1036 -32.81 -25.30 41.09
CA LYS D 1036 -32.79 -26.52 40.24
C LYS D 1036 -33.26 -26.16 38.82
N ILE D 1037 -34.28 -25.31 38.70
CA ILE D 1037 -34.84 -24.96 37.35
C ILE D 1037 -33.75 -24.26 36.53
N ALA D 1038 -32.99 -23.35 37.15
CA ALA D 1038 -31.92 -22.61 36.44
C ALA D 1038 -30.86 -23.61 35.96
N ILE D 1039 -30.50 -24.58 36.82
CA ILE D 1039 -29.48 -25.61 36.45
C ILE D 1039 -30.00 -26.42 35.25
N ASP D 1040 -31.28 -26.79 35.27
CA ASP D 1040 -31.87 -27.58 34.15
C ASP D 1040 -31.82 -26.74 32.87
N ALA D 1041 -32.13 -25.45 32.97
CA ALA D 1041 -32.11 -24.56 31.78
C ALA D 1041 -30.67 -24.48 31.25
N LYS D 1042 -29.69 -24.39 32.15
CA LYS D 1042 -28.26 -24.31 31.73
C LYS D 1042 -27.89 -25.60 30.99
N PHE D 1043 -28.32 -26.76 31.50
CA PHE D 1043 -28.07 -28.04 30.80
C PHE D 1043 -28.81 -28.02 29.45
N GLU D 1044 -30.06 -27.55 29.46
CA GLU D 1044 -30.86 -27.47 28.20
C GLU D 1044 -30.20 -26.50 27.22
N ALA D 1045 -29.67 -25.38 27.71
CA ALA D 1045 -29.09 -24.35 26.81
C ALA D 1045 -27.92 -24.94 26.01
N LYS D 1046 -27.07 -25.73 26.67
CA LYS D 1046 -25.93 -26.39 25.96
C LYS D 1046 -26.48 -27.37 24.91
N LYS D 1047 -27.52 -28.13 25.26
CA LYS D 1047 -28.15 -29.08 24.29
C LYS D 1047 -29.27 -28.35 23.55
N LYS D 1048 -29.56 -27.10 23.95
CA LYS D 1048 -30.61 -26.29 23.28
C LYS D 1048 -30.11 -25.83 21.91
N SER D 1049 -28.81 -25.97 21.66
CA SER D 1049 -28.21 -25.48 20.39
C SER D 1049 -28.60 -26.38 19.22
N ILE D 1050 -28.35 -25.94 17.98
CA ILE D 1050 -28.70 -26.72 16.76
C ILE D 1050 -27.82 -27.97 16.71
N THR D 1051 -26.82 -28.07 17.61
CA THR D 1051 -25.88 -29.21 17.62
C THR D 1051 -24.51 -28.74 17.12
N GLN D 1052 -24.45 -27.57 16.48
CA GLN D 1052 -23.13 -26.99 16.09
C GLN D 1052 -22.83 -25.83 17.04
N SER D 1053 -23.78 -25.49 17.92
CA SER D 1053 -23.61 -24.35 18.86
C SER D 1053 -23.95 -23.06 18.11
N ASN D 1054 -24.24 -23.16 16.81
CA ASN D 1054 -24.60 -21.98 15.98
C ASN D 1054 -25.24 -22.48 14.69
N GLU D 1055 -25.84 -21.59 13.89
CA GLU D 1055 -26.39 -22.01 12.57
C GLU D 1055 -25.21 -22.53 11.75
N LEU D 1056 -24.05 -21.85 11.81
CA LEU D 1056 -22.82 -22.33 11.13
C LEU D 1056 -22.73 -21.79 9.70
N SER D 1057 -23.78 -21.15 9.18
CA SER D 1057 -23.74 -20.70 7.77
C SER D 1057 -23.76 -21.93 6.87
N PRO D 1058 -24.77 -22.10 5.97
CA PRO D 1058 -24.86 -23.32 5.16
C PRO D 1058 -23.63 -23.48 4.24
N GLY D 1059 -23.19 -24.72 4.02
CA GLY D 1059 -21.98 -24.97 3.20
C GLY D 1059 -20.71 -24.96 4.03
N VAL D 1060 -20.81 -24.78 5.35
CA VAL D 1060 -19.60 -24.86 6.23
C VAL D 1060 -19.65 -26.16 7.02
N LEU D 1061 -18.73 -27.10 6.77
CA LEU D 1061 -18.76 -28.42 7.45
C LEU D 1061 -18.47 -28.28 8.94
N LYS D 1062 -17.46 -27.49 9.32
CA LYS D 1062 -17.07 -27.39 10.76
C LYS D 1062 -16.19 -26.15 10.98
N THR D 1063 -16.03 -25.72 12.23
CA THR D 1063 -15.11 -24.58 12.54
C THR D 1063 -14.38 -24.85 13.87
N VAL D 1064 -13.15 -24.31 14.02
CA VAL D 1064 -12.37 -24.50 15.28
C VAL D 1064 -11.83 -23.13 15.72
N LYS D 1065 -11.85 -22.84 17.02
CA LYS D 1065 -11.32 -21.55 17.54
C LYS D 1065 -10.12 -21.83 18.45
N VAL D 1066 -9.00 -21.14 18.22
CA VAL D 1066 -7.76 -21.37 19.02
C VAL D 1066 -7.38 -20.07 19.73
N PHE D 1067 -7.13 -20.14 21.05
CA PHE D 1067 -6.75 -18.93 21.83
C PHE D 1067 -5.29 -19.06 22.30
N VAL D 1068 -4.46 -18.06 22.01
CA VAL D 1068 -3.03 -18.08 22.43
C VAL D 1068 -2.73 -16.79 23.21
N ALA D 1069 -2.13 -16.92 24.40
CA ALA D 1069 -1.76 -15.72 25.18
C ALA D 1069 -0.23 -15.62 25.30
N ILE D 1070 0.35 -14.50 24.88
CA ILE D 1070 1.82 -14.32 24.93
C ILE D 1070 2.15 -13.07 25.76
N LYS D 1071 3.06 -13.19 26.74
CA LYS D 1071 3.48 -12.01 27.54
C LYS D 1071 4.36 -11.09 26.68
N LYS D 1072 4.30 -9.78 26.92
CA LYS D 1072 5.15 -8.81 26.17
C LYS D 1072 5.88 -7.90 27.16
N ARG D 1073 7.19 -7.68 26.95
CA ARG D 1073 7.99 -6.84 27.86
C ARG D 1073 8.51 -5.61 27.09
N ILE D 1074 8.59 -4.44 27.74
CA ILE D 1074 8.98 -3.20 27.02
C ILE D 1074 10.38 -3.38 26.41
N GLN D 1075 10.57 -2.91 25.18
CA GLN D 1075 11.87 -3.06 24.48
C GLN D 1075 12.17 -1.76 23.71
N PRO D 1076 13.40 -1.56 23.19
CA PRO D 1076 13.75 -0.30 22.52
C PRO D 1076 12.83 -0.03 21.32
N GLY D 1077 12.48 1.23 21.09
CA GLY D 1077 11.53 1.58 20.01
C GLY D 1077 10.11 1.57 20.51
N ASP D 1078 9.90 1.18 21.78
CA ASP D 1078 8.54 1.24 22.38
C ASP D 1078 8.19 2.70 22.69
N LYS D 1079 6.89 3.02 22.80
CA LYS D 1079 6.50 4.43 23.02
C LYS D 1079 5.88 4.58 24.42
N MET D 1080 6.41 5.51 25.23
CA MET D 1080 5.86 5.77 26.59
C MET D 1080 5.36 7.22 26.63
N ALA D 1081 4.10 7.43 27.05
CA ALA D 1081 3.52 8.80 27.06
C ALA D 1081 3.16 9.19 28.48
N GLY D 1082 3.64 10.35 28.96
CA GLY D 1082 3.30 10.83 30.30
C GLY D 1082 1.88 11.38 30.37
N ARG D 1083 1.30 11.46 31.57
CA ARG D 1083 -0.06 12.02 31.75
C ARG D 1083 -0.07 13.50 31.34
N HIS D 1084 1.05 14.19 31.57
CA HIS D 1084 1.14 15.65 31.25
C HIS D 1084 1.21 15.86 29.74
N GLY D 1085 1.34 14.77 28.96
CA GLY D 1085 1.37 14.88 27.49
C GLY D 1085 2.79 14.81 26.94
N ASN D 1086 3.79 14.67 27.81
CA ASN D 1086 5.18 14.48 27.31
C ASN D 1086 5.32 13.03 26.86
N LYS D 1087 5.79 12.80 25.63
CA LYS D 1087 5.86 11.41 25.09
C LYS D 1087 7.26 11.13 24.57
N GLY D 1088 7.70 9.87 24.65
CA GLY D 1088 9.05 9.50 24.18
C GLY D 1088 9.10 8.05 23.74
N VAL D 1089 10.13 7.69 22.97
CA VAL D 1089 10.33 6.27 22.53
C VAL D 1089 11.65 5.79 23.11
N VAL D 1090 11.66 4.63 23.80
CA VAL D 1090 12.90 4.14 24.48
C VAL D 1090 13.96 3.87 23.40
N SER D 1091 15.19 4.37 23.60
CA SER D 1091 16.26 4.18 22.58
C SER D 1091 17.19 3.01 22.95
N ARG D 1092 17.42 2.80 24.26
CA ARG D 1092 18.39 1.74 24.67
C ARG D 1092 18.13 1.32 26.13
N VAL D 1093 18.69 0.18 26.54
CA VAL D 1093 18.57 -0.27 27.96
C VAL D 1093 19.98 -0.27 28.56
N LEU D 1094 20.16 0.40 29.71
CA LEU D 1094 21.51 0.53 30.31
C LEU D 1094 21.66 -0.40 31.51
N PRO D 1095 22.89 -0.75 31.92
CA PRO D 1095 23.11 -1.57 33.13
C PRO D 1095 22.82 -0.74 34.38
N VAL D 1096 22.51 -1.40 35.49
CA VAL D 1096 22.13 -0.67 36.74
C VAL D 1096 23.31 0.19 37.20
N GLU D 1097 24.54 -0.34 37.11
CA GLU D 1097 25.73 0.41 37.58
C GLU D 1097 25.88 1.69 36.75
N ASP D 1098 25.65 1.62 35.43
CA ASP D 1098 25.82 2.79 34.55
C ASP D 1098 24.84 3.90 34.93
N MET D 1099 23.61 3.55 35.29
CA MET D 1099 22.57 4.57 35.61
C MET D 1099 23.04 5.40 36.81
N PRO D 1100 22.85 6.74 36.82
CA PRO D 1100 23.34 7.60 37.90
C PRO D 1100 22.65 7.28 39.23
N TYR D 1101 23.36 7.44 40.35
CA TYR D 1101 22.78 7.08 41.67
C TYR D 1101 22.93 8.24 42.66
N MET D 1102 22.10 8.26 43.70
CA MET D 1102 22.15 9.33 44.73
C MET D 1102 23.28 9.02 45.73
N GLU D 1103 23.54 9.92 46.67
CA GLU D 1103 24.59 9.68 47.70
C GLU D 1103 24.21 8.40 48.45
N ASP D 1104 22.92 8.17 48.70
CA ASP D 1104 22.47 6.91 49.33
C ASP D 1104 22.90 5.78 48.40
N GLY D 1105 22.85 6.02 47.08
CA GLY D 1105 23.27 5.00 46.10
C GLY D 1105 22.08 4.35 45.42
N THR D 1106 20.86 4.75 45.77
CA THR D 1106 19.67 4.20 45.06
C THR D 1106 19.74 4.69 43.60
N PRO D 1107 19.56 3.81 42.60
CA PRO D 1107 19.65 4.19 41.17
C PRO D 1107 18.47 5.01 40.66
N VAL D 1108 18.68 5.80 39.60
CA VAL D 1108 17.55 6.56 38.97
C VAL D 1108 17.04 5.70 37.80
N ASP D 1109 15.77 5.29 37.83
CA ASP D 1109 15.26 4.37 36.79
C ASP D 1109 15.26 5.03 35.40
N VAL D 1110 14.80 6.28 35.30
CA VAL D 1110 14.68 6.90 33.94
C VAL D 1110 15.26 8.32 33.97
N CYS D 1111 15.87 8.75 32.86
CA CYS D 1111 16.44 10.12 32.75
C CYS D 1111 15.66 10.88 31.67
N LEU D 1112 15.28 12.14 31.93
CA LEU D 1112 14.47 12.91 30.96
C LEU D 1112 15.24 14.14 30.48
N ASN D 1113 14.90 14.67 29.30
CA ASN D 1113 15.64 15.82 28.71
C ASN D 1113 15.04 17.13 29.24
N PRO D 1114 15.85 18.00 29.87
CA PRO D 1114 15.38 19.31 30.36
C PRO D 1114 14.95 20.29 29.25
N LEU D 1115 15.63 20.28 28.11
CA LEU D 1115 15.37 21.28 27.03
C LEU D 1115 13.91 21.21 26.56
N GLY D 1116 13.34 20.00 26.48
CA GLY D 1116 11.95 19.86 25.97
C GLY D 1116 10.96 20.62 26.83
N ILE D 1117 11.13 20.58 28.16
CA ILE D 1117 10.18 21.25 29.09
C ILE D 1117 10.17 22.76 28.85
N PRO D 1118 11.31 23.43 28.63
CA PRO D 1118 11.32 24.86 28.29
C PRO D 1118 10.58 25.17 26.98
N SER D 1119 10.77 24.33 25.96
CA SER D 1119 10.14 24.57 24.63
C SER D 1119 8.61 24.53 24.74
N ARG D 1120 8.07 23.56 25.47
CA ARG D 1120 6.60 23.42 25.64
C ARG D 1120 6.27 23.70 27.11
N MET D 1121 5.27 24.55 27.39
CA MET D 1121 5.02 24.95 28.80
C MET D 1121 4.25 23.87 29.56
N ASN D 1122 4.81 22.66 29.66
CA ASN D 1122 4.18 21.61 30.50
C ASN D 1122 4.80 21.72 31.91
N ILE D 1123 4.58 22.84 32.61
CA ILE D 1123 5.19 23.06 33.95
C ILE D 1123 4.61 22.08 34.97
N GLY D 1124 3.43 21.52 34.69
CA GLY D 1124 2.78 20.60 35.63
C GLY D 1124 3.64 19.39 35.93
N GLN D 1125 4.35 18.88 34.92
CA GLN D 1125 5.17 17.64 35.12
C GLN D 1125 6.22 17.89 36.20
N ILE D 1126 6.89 19.04 36.19
CA ILE D 1126 7.95 19.34 37.19
C ILE D 1126 7.34 19.37 38.59
N LEU D 1127 6.16 19.99 38.73
CA LEU D 1127 5.48 20.06 40.05
C LEU D 1127 5.12 18.64 40.50
N GLU D 1128 4.63 17.80 39.58
CA GLU D 1128 4.25 16.41 39.92
C GLU D 1128 5.51 15.66 40.38
N ALA D 1129 6.64 15.88 39.70
CA ALA D 1129 7.91 15.19 40.05
C ALA D 1129 8.33 15.61 41.46
N HIS D 1130 8.20 16.90 41.78
CA HIS D 1130 8.54 17.35 43.16
C HIS D 1130 7.58 16.70 44.16
N LEU D 1131 6.29 16.64 43.84
CA LEU D 1131 5.28 16.00 44.73
C LEU D 1131 5.61 14.51 44.86
N GLY D 1132 6.00 13.88 43.75
CA GLY D 1132 6.39 12.45 43.79
C GLY D 1132 7.62 12.24 44.65
N LEU D 1133 8.60 13.14 44.55
CA LEU D 1133 9.83 13.04 45.39
C LEU D 1133 9.43 13.18 46.87
N ALA D 1134 8.52 14.10 47.18
CA ALA D 1134 8.07 14.29 48.58
C ALA D 1134 7.39 13.00 49.07
N SER D 1135 6.55 12.39 48.23
CA SER D 1135 5.86 11.14 48.61
C SER D 1135 6.90 10.03 48.85
N TYR D 1136 7.92 9.95 48.00
CA TYR D 1136 8.98 8.92 48.15
C TYR D 1136 9.71 9.15 49.48
N GLY D 1137 9.98 10.42 49.83
CA GLY D 1137 10.64 10.74 51.11
C GLY D 1137 9.78 10.35 52.30
N LEU D 1138 8.46 10.59 52.20
CA LEU D 1138 7.54 10.25 53.32
C LEU D 1138 7.56 8.74 53.56
N GLY D 1139 7.57 7.95 52.48
CA GLY D 1139 7.55 6.47 52.61
C GLY D 1139 8.78 5.94 53.34
N LYS D 1140 9.96 6.50 53.05
CA LYS D 1140 11.21 6.01 53.67
C LYS D 1140 11.16 6.18 55.19
N LYS D 1141 10.65 7.31 55.67
CA LYS D 1141 10.55 7.57 57.12
C LYS D 1141 9.63 6.52 57.76
N ILE D 1142 8.50 6.21 57.10
CA ILE D 1142 7.54 5.19 57.61
C ILE D 1142 8.24 3.83 57.66
N GLU D 1143 9.02 3.51 56.62
CA GLU D 1143 9.75 2.22 56.57
C GLU D 1143 10.74 2.16 57.75
N LYS D 1144 11.44 3.27 58.03
CA LYS D 1144 12.40 3.32 59.15
C LYS D 1144 11.65 3.10 60.47
N THR D 1145 10.50 3.73 60.63
CA THR D 1145 9.70 3.58 61.89
C THR D 1145 9.20 2.14 62.05
N LEU D 1146 8.78 1.49 60.96
CA LEU D 1146 8.21 0.13 61.06
C LEU D 1146 9.30 -0.96 60.99
N GLU D 1147 10.53 -0.58 60.63
CA GLU D 1147 11.64 -1.57 60.52
C GLU D 1147 11.93 -2.17 61.90
N LYS D 1148 11.84 -1.35 62.96
CA LYS D 1148 12.12 -1.83 64.34
C LYS D 1148 10.98 -1.36 65.26
N THR D 1149 10.74 -2.07 66.37
CA THR D 1149 9.69 -1.65 67.33
C THR D 1149 8.35 -1.48 66.60
N ARG D 1150 7.84 -2.56 66.00
CA ARG D 1150 6.56 -2.49 65.24
C ARG D 1150 5.40 -2.55 66.25
N LYS D 1151 5.09 -1.42 66.87
CA LYS D 1151 4.00 -1.37 67.88
C LYS D 1151 2.95 -0.36 67.41
N ALA D 1152 1.67 -0.64 67.64
CA ALA D 1152 0.59 0.23 67.16
C ALA D 1152 0.65 1.64 67.78
N ALA D 1153 0.96 1.74 69.08
CA ALA D 1153 0.88 3.06 69.75
C ALA D 1153 1.85 4.09 69.14
N GLU D 1154 3.12 3.74 68.94
CA GLU D 1154 4.09 4.67 68.29
C GLU D 1154 3.77 4.88 66.81
N LEU D 1155 3.33 3.81 66.13
CA LEU D 1155 3.02 3.91 64.67
C LEU D 1155 1.88 4.92 64.48
N ARG D 1156 0.91 4.93 65.40
CA ARG D 1156 -0.22 5.89 65.30
C ARG D 1156 0.34 7.32 65.36
N LYS D 1157 1.27 7.58 66.28
CA LYS D 1157 1.88 8.93 66.41
C LYS D 1157 2.63 9.29 65.12
N THR D 1158 3.37 8.33 64.58
CA THR D 1158 4.16 8.59 63.34
C THR D 1158 3.19 8.91 62.20
N LEU D 1159 2.08 8.17 62.11
CA LEU D 1159 1.06 8.40 61.05
C LEU D 1159 0.43 9.77 61.23
N GLU D 1160 0.16 10.17 62.48
CA GLU D 1160 -0.45 11.51 62.76
C GLU D 1160 0.53 12.58 62.26
N GLU D 1161 1.82 12.41 62.53
CA GLU D 1161 2.83 13.40 62.06
C GLU D 1161 2.85 13.41 60.52
N VAL D 1162 2.86 12.25 59.89
CA VAL D 1162 2.98 12.17 58.40
C VAL D 1162 1.75 12.79 57.72
N TYR D 1163 0.54 12.49 58.20
CA TYR D 1163 -0.71 12.95 57.54
C TYR D 1163 -1.17 14.30 58.11
N ASN D 1164 -1.11 14.49 59.43
CA ASN D 1164 -1.67 15.72 60.05
C ASN D 1164 -0.63 16.85 60.11
N SER D 1165 0.61 16.58 59.68
CA SER D 1165 1.65 17.64 59.65
C SER D 1165 1.24 18.74 58.68
N VAL D 1166 0.69 18.38 57.52
CA VAL D 1166 0.30 19.39 56.49
C VAL D 1166 -1.14 19.15 56.06
N GLY D 1167 -1.86 20.21 55.66
CA GLY D 1167 -3.25 20.07 55.19
C GLY D 1167 -4.27 20.26 56.29
N ASP D 1168 -5.53 20.55 55.93
CA ASP D 1168 -6.62 20.71 56.92
C ASP D 1168 -7.51 19.46 56.85
N LYS D 1169 -7.07 18.42 56.13
CA LYS D 1169 -7.92 17.21 55.91
C LYS D 1169 -8.25 16.51 57.25
N LYS D 1170 -7.29 16.46 58.18
CA LYS D 1170 -7.62 15.86 59.50
C LYS D 1170 -8.18 14.45 59.28
N VAL D 1171 -7.34 13.54 58.79
CA VAL D 1171 -7.80 12.15 58.43
C VAL D 1171 -8.38 11.42 59.65
N ASN D 1172 -8.06 11.84 60.88
CA ASN D 1172 -8.69 11.17 62.05
C ASN D 1172 -8.39 9.67 61.98
N LEU D 1173 -7.11 9.29 62.01
CA LEU D 1173 -6.68 7.87 61.88
C LEU D 1173 -7.10 7.07 63.12
N GLU D 1174 -7.61 7.74 64.17
CA GLU D 1174 -7.95 7.04 65.44
C GLU D 1174 -8.98 5.93 65.20
N ALA D 1175 -9.91 6.10 64.24
CA ALA D 1175 -10.98 5.11 64.03
C ALA D 1175 -10.40 3.74 63.65
N LEU D 1176 -9.33 3.72 62.83
CA LEU D 1176 -8.71 2.43 62.41
C LEU D 1176 -8.16 1.69 63.63
N ASN D 1177 -8.44 0.39 63.74
CA ASN D 1177 -7.97 -0.42 64.90
C ASN D 1177 -6.49 -0.71 64.73
N ASP D 1178 -5.83 -1.20 65.78
CA ASP D 1178 -4.36 -1.45 65.73
C ASP D 1178 -4.05 -2.43 64.60
N GLU D 1179 -4.89 -3.46 64.42
CA GLU D 1179 -4.68 -4.48 63.36
C GLU D 1179 -4.71 -3.81 61.98
N GLU D 1180 -5.68 -2.91 61.77
CA GLU D 1180 -5.76 -2.17 60.47
C GLU D 1180 -4.52 -1.28 60.32
N ILE D 1181 -4.05 -0.69 61.42
CA ILE D 1181 -2.89 0.25 61.35
C ILE D 1181 -1.66 -0.49 60.80
N LEU D 1182 -1.42 -1.72 61.25
CA LEU D 1182 -0.22 -2.47 60.81
C LEU D 1182 -0.29 -2.72 59.30
N THR D 1183 -1.46 -3.12 58.80
CA THR D 1183 -1.65 -3.37 57.34
C THR D 1183 -1.44 -2.05 56.58
N LEU D 1184 -1.98 -0.95 57.10
CA LEU D 1184 -1.87 0.36 56.42
C LEU D 1184 -0.39 0.77 56.33
N CYS D 1185 0.37 0.58 57.39
CA CYS D 1185 1.81 0.96 57.42
C CYS D 1185 2.55 0.11 56.37
N ASP D 1186 2.23 -1.18 56.28
CA ASP D 1186 2.89 -2.07 55.29
C ASP D 1186 2.55 -1.59 53.88
N ASN D 1187 1.29 -1.20 53.65
CA ASN D 1187 0.84 -0.71 52.31
C ASN D 1187 1.56 0.59 51.95
N LEU D 1188 1.82 1.45 52.95
CA LEU D 1188 2.43 2.78 52.69
C LEU D 1188 3.96 2.69 52.58
N LYS D 1189 4.54 1.49 52.72
CA LYS D 1189 6.02 1.38 52.73
C LYS D 1189 6.59 1.90 51.40
N GLY D 1190 6.00 1.50 50.28
CA GLY D 1190 6.49 1.96 48.96
C GLY D 1190 6.32 3.46 48.78
N GLY D 1191 5.16 4.00 49.12
CA GLY D 1191 4.90 5.45 48.97
C GLY D 1191 3.68 5.88 49.77
N VAL D 1192 3.48 7.19 49.96
CA VAL D 1192 2.24 7.67 50.65
C VAL D 1192 1.38 8.37 49.59
N PRO D 1193 0.13 7.92 49.35
CA PRO D 1193 -0.71 8.49 48.29
C PRO D 1193 -1.11 9.95 48.55
N ILE D 1194 -1.07 10.81 47.52
CA ILE D 1194 -1.52 12.22 47.67
C ILE D 1194 -2.57 12.51 46.59
N ALA D 1195 -3.71 13.09 46.98
CA ALA D 1195 -4.76 13.43 45.98
C ALA D 1195 -4.85 14.95 45.83
N THR D 1196 -4.73 15.45 44.59
CA THR D 1196 -4.78 16.91 44.33
C THR D 1196 -5.96 17.24 43.41
N PRO D 1197 -6.85 18.18 43.77
CA PRO D 1197 -7.96 18.59 42.90
C PRO D 1197 -7.38 19.25 41.63
N VAL D 1198 -8.05 19.09 40.49
CA VAL D 1198 -7.48 19.62 39.21
C VAL D 1198 -7.28 21.14 39.29
N PHE D 1199 -8.29 21.88 39.77
CA PHE D 1199 -8.14 23.35 39.94
C PHE D 1199 -7.95 23.69 41.42
N ASP D 1200 -7.91 22.66 42.28
CA ASP D 1200 -7.75 22.88 43.75
C ASP D 1200 -6.40 22.32 44.20
N GLY D 1201 -5.41 22.28 43.30
CA GLY D 1201 -4.12 21.64 43.62
C GLY D 1201 -3.35 22.34 44.73
N ALA D 1202 -2.55 21.59 45.49
CA ALA D 1202 -1.80 22.15 46.64
C ALA D 1202 -0.77 23.17 46.13
N LYS D 1203 -0.55 24.24 46.90
CA LYS D 1203 0.42 25.30 46.50
C LYS D 1203 1.86 24.83 46.70
N GLU D 1204 2.83 25.57 46.13
CA GLU D 1204 4.27 25.18 46.21
C GLU D 1204 4.72 25.12 47.68
N GLU D 1205 4.23 26.05 48.52
CA GLU D 1205 4.69 26.12 49.93
C GLU D 1205 4.35 24.81 50.66
N ASP D 1206 3.16 24.25 50.43
CA ASP D 1206 2.75 22.98 51.10
C ASP D 1206 3.71 21.86 50.66
N ILE D 1207 4.05 21.80 49.38
CA ILE D 1207 4.98 20.76 48.85
C ILE D 1207 6.35 20.94 49.50
N LYS D 1208 6.81 22.20 49.66
CA LYS D 1208 8.11 22.48 50.30
C LYS D 1208 8.09 22.00 51.75
N SER D 1209 6.98 22.23 52.46
CA SER D 1209 6.85 21.77 53.86
C SER D 1209 6.91 20.24 53.90
N LEU D 1210 6.24 19.58 52.94
CA LEU D 1210 6.28 18.10 52.86
C LEU D 1210 7.71 17.63 52.62
N LEU D 1211 8.46 18.32 51.75
CA LEU D 1211 9.88 17.96 51.46
C LEU D 1211 10.70 18.11 52.74
N LYS D 1212 10.44 19.17 53.51
CA LYS D 1212 11.16 19.39 54.79
C LYS D 1212 10.85 18.24 55.75
N ILE D 1213 9.58 17.81 55.82
CA ILE D 1213 9.18 16.68 56.71
C ILE D 1213 9.95 15.42 56.26
N GLY D 1214 10.07 15.22 54.95
CA GLY D 1214 10.88 14.10 54.42
C GLY D 1214 12.34 14.26 54.80
N GLY D 1215 12.78 15.50 55.05
CA GLY D 1215 14.20 15.76 55.39
C GLY D 1215 15.01 16.10 54.16
N PHE D 1216 14.39 16.08 52.98
CA PHE D 1216 15.10 16.51 51.74
C PHE D 1216 15.21 18.03 51.76
N ALA D 1217 16.15 18.61 51.00
CA ALA D 1217 16.33 20.07 50.95
C ALA D 1217 15.11 20.70 50.26
N THR D 1218 14.86 22.00 50.47
CA THR D 1218 13.62 22.60 49.90
C THR D 1218 13.84 22.86 48.41
N ASN D 1219 14.22 21.82 47.67
CA ASN D 1219 14.36 21.95 46.19
C ASN D 1219 14.25 20.56 45.56
N GLY D 1220 13.78 20.47 44.32
CA GLY D 1220 13.72 19.18 43.60
C GLY D 1220 15.09 18.62 43.29
N GLN D 1221 16.04 19.48 42.88
CA GLN D 1221 17.38 19.00 42.47
C GLN D 1221 18.14 18.42 43.67
N MET D 1222 18.92 17.35 43.44
CA MET D 1222 19.75 16.75 44.52
C MET D 1222 21.10 16.36 43.93
N LYS D 1223 22.14 16.24 44.77
CA LYS D 1223 23.49 15.86 44.27
C LYS D 1223 23.42 14.44 43.71
N LEU D 1224 24.11 14.20 42.58
CA LEU D 1224 24.14 12.84 41.98
C LEU D 1224 25.57 12.50 41.59
N PHE D 1225 25.89 11.20 41.51
CA PHE D 1225 27.26 10.76 41.12
C PHE D 1225 27.15 9.86 39.88
N ASP D 1226 27.97 10.13 38.86
CA ASP D 1226 27.97 9.27 37.65
C ASP D 1226 28.42 7.86 38.05
N GLY D 1227 27.70 6.83 37.60
CA GLY D 1227 28.05 5.43 37.96
C GLY D 1227 29.39 4.98 37.40
N ARG D 1228 29.70 5.32 36.14
CA ARG D 1228 30.96 4.83 35.51
C ARG D 1228 32.18 5.40 36.23
N THR D 1229 32.19 6.70 36.53
CA THR D 1229 33.40 7.30 37.15
C THR D 1229 33.19 7.55 38.65
N GLY D 1230 31.93 7.54 39.10
CA GLY D 1230 31.64 7.75 40.53
C GLY D 1230 31.92 9.19 40.94
N LYS D 1231 31.98 10.11 39.98
CA LYS D 1231 32.32 11.53 40.29
C LYS D 1231 31.04 12.37 40.23
N PRO D 1232 30.73 13.18 41.27
CA PRO D 1232 29.48 13.96 41.30
C PRO D 1232 29.42 15.00 40.19
N PHE D 1233 28.27 15.11 39.51
CA PHE D 1233 28.10 16.12 38.44
C PHE D 1233 28.04 17.51 39.07
N ASP D 1234 28.66 18.51 38.44
CA ASP D 1234 28.55 19.89 38.98
C ASP D 1234 27.10 20.35 38.77
N ARG D 1235 26.45 20.86 39.82
CA ARG D 1235 25.03 21.29 39.74
C ARG D 1235 24.12 20.15 40.21
N HIS D 1236 23.13 20.46 41.07
CA HIS D 1236 22.18 19.42 41.57
C HIS D 1236 21.11 19.11 40.51
N VAL D 1237 20.60 17.88 40.49
CA VAL D 1237 19.60 17.48 39.45
C VAL D 1237 18.27 17.14 40.13
N THR D 1238 17.17 17.70 39.63
CA THR D 1238 15.82 17.44 40.22
C THR D 1238 15.47 15.96 40.03
N VAL D 1239 14.93 15.32 41.06
CA VAL D 1239 14.51 13.90 40.95
C VAL D 1239 13.02 13.80 41.30
N GLY D 1240 12.21 13.21 40.42
CA GLY D 1240 10.78 13.06 40.66
C GLY D 1240 10.26 11.69 40.27
N TYR D 1241 9.16 11.25 40.87
CA TYR D 1241 8.56 9.94 40.51
C TYR D 1241 8.11 9.95 39.05
N MET D 1242 7.52 11.06 38.59
CA MET D 1242 7.16 11.18 37.15
C MET D 1242 6.36 9.94 36.73
N TYR D 1243 5.20 9.69 37.36
CA TYR D 1243 4.42 8.47 37.06
C TYR D 1243 4.23 8.38 35.55
N MET D 1244 4.47 7.20 34.96
CA MET D 1244 4.43 7.08 33.47
C MET D 1244 3.54 5.92 33.02
N LEU D 1245 3.07 5.95 31.78
CA LEU D 1245 2.20 4.86 31.23
C LEU D 1245 2.79 4.43 29.88
N LYS D 1246 2.47 3.21 29.43
CA LYS D 1246 2.97 2.73 28.12
C LYS D 1246 1.81 2.74 27.11
N LEU D 1247 1.97 3.48 26.00
CA LEU D 1247 0.91 3.55 24.96
C LEU D 1247 0.88 2.24 24.18
N ASP D 1248 -0.26 1.93 23.54
CA ASP D 1248 -0.39 0.64 22.80
C ASP D 1248 0.19 0.81 21.39
N HIS D 1249 1.52 1.01 21.30
CA HIS D 1249 2.19 1.11 19.97
C HIS D 1249 3.45 0.23 19.96
N LEU D 1250 3.27 -1.10 19.95
CA LEU D 1250 4.44 -2.02 19.99
C LEU D 1250 5.19 -1.98 18.65
N VAL D 1251 6.51 -2.20 18.69
CA VAL D 1251 7.35 -2.18 17.46
C VAL D 1251 7.39 -3.59 16.86
N ASP D 1252 6.85 -4.59 17.58
CA ASP D 1252 6.90 -6.00 17.10
C ASP D 1252 6.13 -6.13 15.78
N ASP D 1253 4.94 -5.54 15.70
CA ASP D 1253 4.09 -5.69 14.48
C ASP D 1253 4.46 -4.64 13.42
N LYS D 1254 5.28 -3.66 13.76
CA LYS D 1254 5.59 -2.56 12.79
C LYS D 1254 6.81 -2.88 11.93
N MET D 1255 7.52 -3.98 12.21
CA MET D 1255 8.77 -4.25 11.43
C MET D 1255 8.41 -4.43 9.96
N HIS D 1256 7.37 -5.22 9.65
CA HIS D 1256 6.87 -5.32 8.25
C HIS D 1256 8.01 -5.62 7.27
N ALA D 1257 8.89 -6.58 7.57
CA ALA D 1257 9.97 -6.94 6.62
C ALA D 1257 9.37 -7.76 5.46
N ARG D 1258 9.58 -7.32 4.21
CA ARG D 1258 9.09 -8.07 3.02
C ARG D 1258 10.16 -8.08 1.93
N SER D 1259 10.36 -9.23 1.27
CA SER D 1259 11.30 -9.28 0.12
C SER D 1259 10.51 -9.58 -1.16
N THR D 1260 9.76 -10.68 -1.18
CA THR D 1260 8.93 -11.04 -2.36
C THR D 1260 7.49 -11.29 -1.90
N GLY D 1261 6.50 -10.68 -2.57
CA GLY D 1261 5.10 -10.81 -2.14
C GLY D 1261 4.16 -11.04 -3.30
N SER D 1262 2.94 -11.51 -3.01
CA SER D 1262 1.93 -11.75 -4.08
C SER D 1262 1.53 -10.40 -4.70
N TYR D 1263 1.07 -10.40 -5.96
CA TYR D 1263 0.77 -9.13 -6.65
C TYR D 1263 -0.74 -8.99 -6.88
N SER D 1264 -1.22 -7.75 -6.99
CA SER D 1264 -2.67 -7.50 -7.22
C SER D 1264 -3.06 -8.13 -8.56
N LEU D 1265 -4.19 -8.85 -8.61
CA LEU D 1265 -4.56 -9.56 -9.85
C LEU D 1265 -4.80 -8.56 -10.99
N VAL D 1266 -5.55 -7.48 -10.73
CA VAL D 1266 -5.88 -6.49 -11.80
C VAL D 1266 -4.62 -5.76 -12.28
N THR D 1267 -3.75 -5.32 -11.36
CA THR D 1267 -2.58 -4.50 -11.77
C THR D 1267 -1.27 -5.31 -11.70
N GLN D 1268 -1.32 -6.57 -11.24
CA GLN D 1268 -0.07 -7.34 -11.06
C GLN D 1268 0.89 -6.53 -10.18
N GLN D 1269 0.38 -5.92 -9.10
CA GLN D 1269 1.23 -5.04 -8.26
C GLN D 1269 1.22 -5.52 -6.80
N PRO D 1270 2.28 -5.25 -6.00
CA PRO D 1270 2.36 -5.76 -4.64
C PRO D 1270 1.24 -5.26 -3.70
N LEU D 1271 0.76 -6.12 -2.80
CA LEU D 1271 -0.26 -5.71 -1.81
C LEU D 1271 0.41 -4.81 -0.76
N GLY D 1272 -0.37 -4.03 -0.01
CA GLY D 1272 0.22 -3.07 0.95
C GLY D 1272 -0.46 -3.09 2.30
N GLY D 1273 0.19 -2.51 3.32
CA GLY D 1273 -0.38 -2.43 4.68
C GLY D 1273 0.05 -3.59 5.57
N LYS D 1274 0.77 -4.57 5.01
CA LYS D 1274 1.30 -5.70 5.83
C LYS D 1274 0.21 -6.73 6.13
N ALA D 1275 -0.97 -6.58 5.49
CA ALA D 1275 -2.09 -7.51 5.77
C ALA D 1275 -1.68 -8.92 5.36
N GLN D 1276 -1.02 -9.06 4.20
CA GLN D 1276 -0.52 -10.40 3.76
C GLN D 1276 1.01 -10.36 3.81
N PHE D 1277 1.66 -9.76 2.80
CA PHE D 1277 3.14 -9.60 2.82
C PHE D 1277 3.47 -8.11 2.87
N GLY D 1278 2.45 -7.26 2.66
CA GLY D 1278 2.64 -5.80 2.71
C GLY D 1278 3.68 -5.27 1.73
N GLY D 1279 4.62 -4.44 2.20
CA GLY D 1279 5.58 -3.78 1.30
C GLY D 1279 5.31 -2.29 1.25
N GLN D 1280 6.33 -1.47 0.95
CA GLN D 1280 6.14 0.00 1.01
C GLN D 1280 5.85 0.59 -0.38
N ARG D 1281 4.74 1.30 -0.53
CA ARG D 1281 4.40 1.98 -1.81
C ARG D 1281 5.42 3.09 -2.03
N PHE D 1282 5.75 3.39 -3.29
CA PHE D 1282 6.69 4.50 -3.58
C PHE D 1282 5.87 5.77 -3.91
N GLY D 1283 6.09 6.85 -3.15
CA GLY D 1283 5.31 8.08 -3.35
C GLY D 1283 5.69 8.84 -4.61
N GLU D 1284 4.74 9.58 -5.19
CA GLU D 1284 5.00 10.41 -6.39
C GLU D 1284 6.03 11.49 -6.03
N MET D 1285 5.91 12.06 -4.82
CA MET D 1285 6.85 13.12 -4.36
C MET D 1285 8.25 12.52 -4.32
N GLU D 1286 8.38 11.26 -3.90
CA GLU D 1286 9.71 10.58 -3.87
C GLU D 1286 10.26 10.56 -5.30
N VAL D 1287 9.40 10.36 -6.30
CA VAL D 1287 9.84 10.37 -7.73
C VAL D 1287 10.40 11.76 -8.05
N TRP D 1288 9.76 12.83 -7.56
CA TRP D 1288 10.27 14.22 -7.81
C TRP D 1288 11.65 14.39 -7.19
N ALA D 1289 11.85 13.86 -5.97
CA ALA D 1289 13.17 13.94 -5.29
C ALA D 1289 14.21 13.17 -6.12
N LEU D 1290 13.83 12.01 -6.65
CA LEU D 1290 14.76 11.21 -7.50
C LEU D 1290 15.13 12.00 -8.75
N GLN D 1291 14.14 12.69 -9.34
CA GLN D 1291 14.40 13.52 -10.55
C GLN D 1291 15.36 14.66 -10.19
N ALA D 1292 15.18 15.26 -9.02
CA ALA D 1292 16.10 16.34 -8.55
C ALA D 1292 17.50 15.77 -8.39
N TYR D 1293 17.62 14.56 -7.83
CA TYR D 1293 18.95 13.89 -7.67
C TYR D 1293 19.57 13.61 -9.03
N GLY D 1294 18.75 13.26 -10.03
CA GLY D 1294 19.29 12.90 -11.36
C GLY D 1294 19.66 11.44 -11.44
N ALA D 1295 19.27 10.64 -10.45
CA ALA D 1295 19.56 9.19 -10.46
C ALA D 1295 18.50 8.47 -11.32
N ALA D 1296 18.58 8.65 -12.64
CA ALA D 1296 17.60 8.04 -13.56
C ALA D 1296 17.65 6.52 -13.47
N TYR D 1297 18.85 5.94 -13.35
CA TYR D 1297 18.99 4.46 -13.33
C TYR D 1297 18.20 3.89 -12.15
N THR D 1298 18.30 4.54 -10.98
CA THR D 1298 17.53 4.08 -9.80
C THR D 1298 16.02 4.23 -10.09
N LEU D 1299 15.61 5.37 -10.67
CA LEU D 1299 14.16 5.61 -10.91
C LEU D 1299 13.62 4.60 -11.94
N ARG D 1300 14.36 4.36 -13.04
CA ARG D 1300 13.87 3.46 -14.11
C ARG D 1300 13.75 2.02 -13.58
N GLU D 1301 14.75 1.54 -12.83
CA GLU D 1301 14.74 0.14 -12.30
C GLU D 1301 13.60 -0.05 -11.31
N MET D 1302 13.39 0.91 -10.40
CA MET D 1302 12.36 0.73 -9.35
C MET D 1302 10.98 0.62 -9.99
N LEU D 1303 10.69 1.47 -10.97
CA LEU D 1303 9.35 1.51 -11.61
C LEU D 1303 9.01 0.22 -12.38
N THR D 1304 9.97 -0.35 -13.12
CA THR D 1304 9.62 -1.51 -13.98
C THR D 1304 9.88 -2.87 -13.30
N VAL D 1305 11.14 -3.23 -13.07
CA VAL D 1305 11.45 -4.59 -12.52
C VAL D 1305 10.89 -4.74 -11.10
N LYS D 1306 11.04 -3.72 -10.26
CA LYS D 1306 10.62 -3.84 -8.84
C LYS D 1306 9.12 -4.02 -8.69
N SER D 1307 8.29 -3.37 -9.52
CA SER D 1307 6.83 -3.41 -9.28
C SER D 1307 6.04 -4.25 -10.29
N ASP D 1308 5.84 -3.75 -11.52
CA ASP D 1308 4.92 -4.45 -12.47
C ASP D 1308 5.63 -5.15 -13.64
N ASP D 1309 6.96 -5.30 -13.63
CA ASP D 1309 7.58 -6.03 -14.77
C ASP D 1309 7.58 -7.54 -14.48
N ILE D 1310 6.61 -8.27 -15.04
CA ILE D 1310 6.52 -9.74 -14.80
C ILE D 1310 7.76 -10.45 -15.37
N ALA D 1311 8.14 -10.11 -16.61
CA ALA D 1311 9.36 -10.70 -17.22
C ALA D 1311 10.58 -10.23 -16.43
N GLY D 1312 10.63 -8.94 -16.08
CA GLY D 1312 11.79 -8.39 -15.37
C GLY D 1312 11.97 -8.98 -13.98
N ARG D 1313 10.87 -9.15 -13.23
CA ARG D 1313 11.00 -9.63 -11.83
C ARG D 1313 11.61 -11.03 -11.81
N SER D 1314 11.11 -11.94 -12.66
CA SER D 1314 11.62 -13.33 -12.69
C SER D 1314 13.09 -13.31 -13.14
N LYS D 1315 13.37 -12.53 -14.19
CA LYS D 1315 14.76 -12.44 -14.71
C LYS D 1315 15.65 -11.85 -13.62
N MET D 1316 15.17 -10.81 -12.93
CA MET D 1316 16.00 -10.14 -11.90
C MET D 1316 16.30 -11.14 -10.79
N TYR D 1317 15.29 -11.92 -10.38
CA TYR D 1317 15.48 -12.90 -9.28
C TYR D 1317 16.50 -13.95 -9.70
N LYS D 1318 16.39 -14.43 -10.95
CA LYS D 1318 17.33 -15.47 -11.45
C LYS D 1318 18.75 -14.89 -11.46
N ASN D 1319 18.90 -13.65 -11.92
CA ASN D 1319 20.24 -13.01 -11.98
C ASN D 1319 20.81 -12.87 -10.56
N ILE D 1320 19.96 -12.45 -9.60
CA ILE D 1320 20.44 -12.25 -8.20
C ILE D 1320 20.91 -13.59 -7.63
N VAL D 1321 20.11 -14.65 -7.86
CA VAL D 1321 20.51 -16.00 -7.39
C VAL D 1321 21.78 -16.43 -8.15
N ASP D 1322 21.78 -16.22 -9.48
CA ASP D 1322 22.96 -16.57 -10.32
C ASP D 1322 24.15 -15.68 -9.91
N GLY D 1323 23.89 -14.40 -9.67
CA GLY D 1323 24.98 -13.44 -9.35
C GLY D 1323 25.55 -12.79 -10.60
N LYS D 1324 25.09 -13.21 -11.79
CA LYS D 1324 25.53 -12.57 -13.05
C LYS D 1324 24.80 -11.23 -13.22
N LEU D 1325 25.33 -10.33 -14.04
CA LEU D 1325 24.70 -8.98 -14.15
C LEU D 1325 23.96 -8.82 -15.49
N THR D 1326 22.65 -8.62 -15.44
CA THR D 1326 21.85 -8.36 -16.68
C THR D 1326 20.64 -7.50 -16.28
N MET D 1327 20.16 -6.64 -17.19
CA MET D 1327 18.95 -5.81 -16.91
C MET D 1327 17.96 -5.88 -18.07
N ASN D 1328 16.69 -6.19 -17.79
CA ASN D 1328 15.66 -6.15 -18.87
C ASN D 1328 14.49 -5.29 -18.38
N VAL D 1329 14.18 -4.21 -19.11
CA VAL D 1329 13.02 -3.33 -18.75
C VAL D 1329 12.29 -2.96 -20.04
N ASP D 1330 11.66 -3.93 -20.71
CA ASP D 1330 11.02 -3.67 -22.04
C ASP D 1330 9.85 -2.68 -21.89
N VAL D 1331 8.96 -2.89 -20.90
CA VAL D 1331 7.77 -2.01 -20.75
C VAL D 1331 7.12 -2.23 -19.38
N PRO D 1332 6.27 -1.30 -18.88
CA PRO D 1332 5.54 -1.50 -17.62
C PRO D 1332 4.13 -2.01 -17.94
N GLU D 1333 3.67 -3.06 -17.23
CA GLU D 1333 2.34 -3.67 -17.50
C GLU D 1333 1.21 -2.65 -17.28
N SER D 1334 1.37 -1.74 -16.31
CA SER D 1334 0.30 -0.76 -16.00
C SER D 1334 0.01 0.10 -17.24
N PHE D 1335 1.06 0.50 -17.97
CA PHE D 1335 0.89 1.33 -19.19
C PHE D 1335 0.08 0.54 -20.23
N ASN D 1336 0.39 -0.75 -20.38
CA ASN D 1336 -0.35 -1.63 -21.34
C ASN D 1336 -1.82 -1.71 -20.91
N VAL D 1337 -2.07 -1.85 -19.61
CA VAL D 1337 -3.48 -1.93 -19.10
C VAL D 1337 -4.18 -0.61 -19.44
N LEU D 1338 -3.49 0.52 -19.27
CA LEU D 1338 -4.08 1.85 -19.56
C LEU D 1338 -4.41 1.94 -21.06
N ARG D 1339 -3.52 1.44 -21.92
CA ARG D 1339 -3.75 1.46 -23.39
C ARG D 1339 -4.97 0.60 -23.72
N ASN D 1340 -5.11 -0.56 -23.06
CA ASN D 1340 -6.28 -1.44 -23.29
C ASN D 1340 -7.55 -0.70 -22.87
N GLU D 1341 -7.51 0.01 -21.74
CA GLU D 1341 -8.70 0.75 -21.25
C GLU D 1341 -9.05 1.84 -22.27
N VAL D 1342 -8.05 2.56 -22.78
CA VAL D 1342 -8.29 3.59 -23.84
C VAL D 1342 -8.77 2.88 -25.11
N ARG D 1343 -8.21 1.72 -25.42
CA ARG D 1343 -8.55 0.99 -26.68
C ARG D 1343 -10.04 0.60 -26.69
N ALA D 1344 -10.59 0.27 -25.52
CA ALA D 1344 -12.03 -0.07 -25.43
C ALA D 1344 -12.85 1.15 -25.89
N LEU D 1345 -12.42 2.35 -25.51
CA LEU D 1345 -13.10 3.59 -25.98
C LEU D 1345 -12.77 3.80 -27.46
N GLY D 1346 -13.51 4.69 -28.14
CA GLY D 1346 -13.29 4.96 -29.57
C GLY D 1346 -11.90 5.49 -29.86
N ILE D 1347 -11.33 6.29 -28.95
CA ILE D 1347 -9.96 6.84 -29.14
C ILE D 1347 -8.97 5.68 -29.20
N ASP D 1348 -7.98 5.74 -30.11
CA ASP D 1348 -7.03 4.62 -30.29
C ASP D 1348 -5.60 5.07 -29.90
N MET D 1349 -4.92 4.30 -29.06
CA MET D 1349 -3.51 4.61 -28.70
C MET D 1349 -2.61 3.43 -29.10
N ASP D 1350 -1.57 3.68 -29.89
CA ASP D 1350 -0.62 2.60 -30.29
C ASP D 1350 0.79 3.17 -30.41
N PHE D 1351 1.82 2.32 -30.26
CA PHE D 1351 3.22 2.79 -30.46
C PHE D 1351 3.48 2.98 -31.96
N ASP D 1352 4.38 3.90 -32.30
CA ASP D 1352 4.66 4.18 -33.74
C ASP D 1352 6.12 4.58 -33.93
N TYR D 1353 6.64 4.45 -35.16
CA TYR D 1353 8.03 4.89 -35.47
C TYR D 1353 7.95 6.08 -36.42
N SER D 1354 8.64 7.18 -36.10
CA SER D 1354 8.55 8.40 -36.93
C SER D 1354 9.86 8.63 -37.68
N SER D 1355 9.81 8.65 -39.02
CA SER D 1355 11.02 8.94 -39.83
C SER D 1355 11.04 10.44 -40.14
N GLU D 1356 10.04 11.18 -39.67
CA GLU D 1356 9.94 12.64 -39.94
C GLU D 1356 10.55 13.42 -38.78
N SER E 12 14.52 -0.02 -35.62
CA SER E 12 15.46 -0.21 -34.47
C SER E 12 14.78 -1.03 -33.36
N LYS E 13 13.53 -1.45 -33.55
CA LYS E 13 12.87 -2.34 -32.55
C LYS E 13 12.39 -1.53 -31.35
N LYS E 14 12.49 -0.19 -31.43
CA LYS E 14 12.04 0.69 -30.32
C LYS E 14 11.04 1.70 -30.87
N PHE E 15 9.90 1.87 -30.20
CA PHE E 15 8.91 2.89 -30.64
C PHE E 15 9.30 4.23 -30.01
N ASP E 16 9.68 5.21 -30.83
CA ASP E 16 10.16 6.51 -30.29
C ASP E 16 9.01 7.52 -30.21
N ILE E 17 7.82 7.17 -30.69
CA ILE E 17 6.71 8.17 -30.72
C ILE E 17 5.38 7.51 -30.32
N ILE E 18 4.44 8.29 -29.78
CA ILE E 18 3.09 7.77 -29.43
C ILE E 18 2.04 8.71 -30.05
N LYS E 19 1.03 8.14 -30.72
CA LYS E 19 -0.01 8.98 -31.37
C LYS E 19 -1.40 8.48 -30.94
N ILE E 20 -2.38 9.40 -30.88
CA ILE E 20 -3.77 9.03 -30.51
C ILE E 20 -4.70 9.42 -31.67
N SER E 21 -5.53 8.49 -32.14
CA SER E 21 -6.43 8.76 -33.29
C SER E 21 -7.81 8.12 -33.06
N LEU E 22 -8.84 8.61 -33.75
CA LEU E 22 -10.19 8.00 -33.64
C LEU E 22 -10.17 6.61 -34.26
N ALA E 23 -11.03 5.70 -33.78
CA ALA E 23 -11.01 4.30 -34.28
C ALA E 23 -12.21 4.07 -35.21
N SER E 24 -11.95 3.63 -36.44
CA SER E 24 -13.05 3.32 -37.40
C SER E 24 -13.71 1.99 -37.02
N PRO E 25 -14.93 1.70 -37.53
CA PRO E 25 -15.59 0.42 -37.24
C PRO E 25 -14.74 -0.76 -37.74
N GLU E 26 -14.12 -0.60 -38.92
CA GLU E 26 -13.27 -1.68 -39.49
C GLU E 26 -12.11 -1.95 -38.54
N VAL E 27 -11.52 -0.89 -37.97
CA VAL E 27 -10.37 -1.05 -37.02
C VAL E 27 -10.85 -1.82 -35.78
N ILE E 28 -12.05 -1.48 -35.29
CA ILE E 28 -12.60 -2.17 -34.08
C ILE E 28 -12.80 -3.65 -34.40
N ARG E 29 -13.32 -3.94 -35.60
CA ARG E 29 -13.55 -5.35 -36.03
C ARG E 29 -12.22 -6.09 -36.07
N SER E 30 -11.17 -5.43 -36.59
CA SER E 30 -9.82 -6.05 -36.66
C SER E 30 -9.31 -6.33 -35.24
N TRP E 31 -9.51 -5.39 -34.32
CA TRP E 31 -9.05 -5.58 -32.91
C TRP E 31 -9.79 -6.77 -32.27
N SER E 32 -11.09 -6.88 -32.50
CA SER E 32 -11.89 -7.94 -31.82
C SER E 32 -11.57 -9.33 -32.38
N HIS E 33 -11.26 -10.29 -31.50
CA HIS E 33 -11.00 -11.69 -31.94
C HIS E 33 -12.31 -12.46 -32.05
N GLY E 34 -13.38 -11.98 -31.41
CA GLY E 34 -14.67 -12.70 -31.41
C GLY E 34 -15.84 -11.76 -31.17
N GLU E 35 -17.06 -12.24 -31.44
CA GLU E 35 -18.28 -11.40 -31.27
C GLU E 35 -19.16 -12.02 -30.17
N VAL E 36 -19.62 -11.21 -29.21
CA VAL E 36 -20.44 -11.74 -28.08
C VAL E 36 -21.92 -11.45 -28.38
N LYS E 37 -22.74 -12.49 -28.49
CA LYS E 37 -24.18 -12.32 -28.83
C LYS E 37 -25.05 -12.36 -27.57
N LYS E 38 -24.67 -13.17 -26.57
CA LYS E 38 -25.52 -13.32 -25.35
C LYS E 38 -24.70 -13.00 -24.09
N PRO E 39 -25.27 -12.29 -23.10
CA PRO E 39 -24.52 -11.92 -21.90
C PRO E 39 -24.55 -13.05 -20.86
N GLU E 40 -23.68 -14.06 -21.01
CA GLU E 40 -23.58 -15.15 -20.00
C GLU E 40 -22.14 -15.19 -19.49
N THR E 41 -21.96 -15.10 -18.16
CA THR E 41 -20.56 -15.02 -17.63
C THR E 41 -20.03 -16.40 -17.24
N ILE E 42 -20.81 -17.16 -16.47
CA ILE E 42 -20.30 -18.49 -15.98
C ILE E 42 -21.49 -19.42 -15.69
N ASN E 43 -21.27 -20.74 -15.80
CA ASN E 43 -22.34 -21.72 -15.45
C ASN E 43 -22.48 -21.74 -13.92
N TYR E 44 -23.70 -21.67 -13.40
CA TYR E 44 -23.89 -21.59 -11.92
C TYR E 44 -23.39 -22.88 -11.25
N ARG E 45 -23.74 -24.05 -11.81
CA ARG E 45 -23.34 -25.35 -11.21
C ARG E 45 -21.82 -25.50 -11.27
N THR E 46 -21.20 -25.16 -12.41
CA THR E 46 -19.74 -25.34 -12.57
C THR E 46 -19.11 -24.00 -12.99
N PHE E 47 -17.99 -23.61 -12.36
CA PHE E 47 -17.39 -22.30 -12.65
C PHE E 47 -16.54 -22.39 -13.91
N LYS E 48 -17.19 -22.49 -15.07
CA LYS E 48 -16.46 -22.61 -16.37
C LYS E 48 -17.03 -21.60 -17.37
N PRO E 49 -16.29 -21.22 -18.43
CA PRO E 49 -16.75 -20.19 -19.38
C PRO E 49 -18.01 -20.56 -20.16
N GLU E 50 -18.90 -19.58 -20.39
CA GLU E 50 -20.13 -19.82 -21.20
C GLU E 50 -19.75 -19.93 -22.68
N ARG E 51 -20.60 -20.56 -23.50
CA ARG E 51 -20.23 -20.79 -24.93
C ARG E 51 -20.01 -19.47 -25.68
N ASP E 52 -20.90 -18.49 -25.52
CA ASP E 52 -20.71 -17.16 -26.17
C ASP E 52 -20.74 -16.05 -25.11
N GLY E 53 -20.38 -16.39 -23.87
CA GLY E 53 -20.39 -15.42 -22.76
C GLY E 53 -19.24 -14.45 -22.83
N LEU E 54 -19.31 -13.35 -22.08
CA LEU E 54 -18.22 -12.35 -22.04
C LEU E 54 -16.96 -13.04 -21.53
N PHE E 55 -17.12 -14.07 -20.69
CA PHE E 55 -15.96 -14.87 -20.21
C PHE E 55 -15.77 -16.08 -21.12
N CYS E 56 -16.49 -16.13 -22.25
CA CYS E 56 -16.42 -17.35 -23.11
C CYS E 56 -14.96 -17.63 -23.48
N ALA E 57 -14.52 -18.88 -23.30
CA ALA E 57 -13.11 -19.26 -23.56
C ALA E 57 -12.75 -19.20 -25.05
N LYS E 58 -13.69 -19.50 -25.96
CA LYS E 58 -13.31 -19.59 -27.40
C LYS E 58 -12.75 -18.26 -27.90
N ILE E 59 -13.43 -17.13 -27.61
CA ILE E 59 -12.94 -15.84 -28.17
C ILE E 59 -11.73 -15.31 -27.37
N PHE E 60 -11.85 -15.23 -26.05
CA PHE E 60 -10.74 -14.66 -25.22
C PHE E 60 -9.52 -15.58 -25.17
N GLY E 61 -9.73 -16.89 -24.94
CA GLY E 61 -8.61 -17.84 -24.92
C GLY E 61 -8.80 -18.94 -23.88
N PRO E 62 -7.84 -19.88 -23.74
CA PRO E 62 -7.92 -20.95 -22.75
C PRO E 62 -7.60 -20.48 -21.32
N ILE E 63 -8.39 -20.93 -20.34
CA ILE E 63 -8.12 -20.56 -18.91
C ILE E 63 -6.76 -21.14 -18.49
N LYS E 64 -6.47 -22.39 -18.90
CA LYS E 64 -5.19 -23.05 -18.50
C LYS E 64 -4.20 -23.01 -19.66
N ASP E 65 -2.89 -23.09 -19.36
CA ASP E 65 -1.86 -22.97 -20.41
C ASP E 65 -1.82 -24.26 -21.24
N TYR E 66 -1.97 -24.13 -22.57
CA TYR E 66 -1.91 -25.31 -23.48
C TYR E 66 -2.93 -26.37 -23.04
N GLU E 67 -4.09 -25.95 -22.55
CA GLU E 67 -5.16 -26.93 -22.20
C GLU E 67 -6.49 -26.45 -22.79
N CYS E 68 -7.17 -27.31 -23.56
CA CYS E 68 -8.51 -26.94 -24.09
C CYS E 68 -9.52 -27.01 -22.94
N LEU E 69 -10.64 -26.31 -23.08
CA LEU E 69 -11.66 -26.27 -21.99
C LEU E 69 -12.18 -27.70 -21.74
N CYS E 70 -12.42 -28.46 -22.81
CA CYS E 70 -12.84 -29.88 -22.67
C CYS E 70 -11.71 -30.65 -21.98
N GLY E 71 -10.46 -30.34 -22.34
CA GLY E 71 -9.30 -31.04 -21.76
C GLY E 71 -8.97 -32.30 -22.56
N LYS E 72 -9.69 -32.54 -23.65
CA LYS E 72 -9.39 -33.70 -24.53
C LYS E 72 -7.99 -33.52 -25.11
N TYR E 73 -7.66 -32.30 -25.55
CA TYR E 73 -6.30 -32.01 -26.09
C TYR E 73 -5.40 -31.53 -24.95
N LYS E 74 -4.75 -32.47 -24.26
CA LYS E 74 -3.84 -32.09 -23.14
C LYS E 74 -2.51 -32.86 -23.28
N ARG E 75 -1.70 -32.53 -24.29
CA ARG E 75 -0.37 -33.17 -24.44
C ARG E 75 0.60 -32.23 -25.17
N LEU E 76 1.91 -32.47 -25.05
CA LEU E 76 2.93 -31.63 -25.73
C LEU E 76 2.84 -31.82 -27.25
N LYS E 77 2.27 -32.95 -27.71
CA LYS E 77 2.24 -33.26 -29.16
C LYS E 77 1.46 -32.18 -29.92
N HIS E 78 0.34 -31.71 -29.37
CA HIS E 78 -0.41 -30.60 -30.02
C HIS E 78 -0.31 -29.33 -29.18
N ARG E 79 0.29 -28.26 -29.73
CA ARG E 79 0.40 -26.98 -28.99
C ARG E 79 -0.44 -25.90 -29.70
N GLY E 80 -0.29 -25.79 -31.02
CA GLY E 80 -1.04 -24.78 -31.80
C GLY E 80 -2.34 -25.34 -32.36
N VAL E 81 -2.63 -26.61 -32.10
CA VAL E 81 -3.84 -27.26 -32.65
C VAL E 81 -5.09 -26.64 -32.00
N VAL E 82 -6.20 -26.58 -32.75
CA VAL E 82 -7.48 -26.06 -32.18
C VAL E 82 -8.45 -27.25 -32.10
N CYS E 83 -9.02 -27.50 -30.91
CA CYS E 83 -9.94 -28.66 -30.75
C CYS E 83 -11.22 -28.42 -31.55
N GLU E 84 -11.66 -29.42 -32.32
CA GLU E 84 -12.93 -29.31 -33.08
C GLU E 84 -14.10 -29.24 -32.09
N ARG E 85 -14.02 -29.98 -30.98
CA ARG E 85 -15.14 -30.04 -30.00
C ARG E 85 -15.44 -28.63 -29.47
N CYS E 86 -14.40 -27.85 -29.16
CA CYS E 86 -14.64 -26.52 -28.55
C CYS E 86 -13.86 -25.41 -29.27
N GLY E 87 -14.38 -24.17 -29.24
CA GLY E 87 -13.73 -23.05 -29.92
C GLY E 87 -12.41 -22.65 -29.27
N VAL E 88 -12.21 -23.05 -28.01
CA VAL E 88 -10.99 -22.64 -27.26
C VAL E 88 -9.74 -23.12 -28.00
N GLU E 89 -8.72 -22.25 -28.13
CA GLU E 89 -7.45 -22.63 -28.80
C GLU E 89 -6.46 -23.11 -27.74
N VAL E 90 -5.40 -23.82 -28.16
CA VAL E 90 -4.34 -24.24 -27.18
C VAL E 90 -3.26 -23.16 -27.18
N GLU E 91 -3.15 -22.42 -26.06
CA GLU E 91 -2.12 -21.35 -25.95
C GLU E 91 -1.98 -20.93 -24.48
N GLN E 92 -0.97 -20.10 -24.17
CA GLN E 92 -0.77 -19.62 -22.78
C GLN E 92 -1.99 -18.78 -22.36
N ALA E 93 -2.39 -18.87 -21.08
CA ALA E 93 -3.59 -18.15 -20.58
C ALA E 93 -3.38 -16.63 -20.63
N LYS E 94 -2.13 -16.17 -20.73
CA LYS E 94 -1.82 -14.72 -20.71
C LYS E 94 -2.50 -14.01 -21.90
N VAL E 95 -2.80 -14.74 -22.97
CA VAL E 95 -3.41 -14.14 -24.19
C VAL E 95 -4.78 -13.53 -23.84
N ARG E 96 -5.46 -14.07 -22.81
CA ARG E 96 -6.82 -13.59 -22.45
C ARG E 96 -6.75 -12.11 -22.09
N ARG E 97 -5.71 -11.68 -21.37
CA ARG E 97 -5.61 -10.25 -20.94
C ARG E 97 -5.52 -9.33 -22.16
N GLU E 98 -4.71 -9.70 -23.17
CA GLU E 98 -4.52 -8.80 -24.35
C GLU E 98 -5.62 -9.04 -25.40
N ARG E 99 -6.45 -10.08 -25.23
CA ARG E 99 -7.50 -10.42 -26.22
C ARG E 99 -8.69 -9.47 -26.08
N MET E 100 -9.23 -8.97 -27.20
CA MET E 100 -10.35 -7.98 -27.16
C MET E 100 -11.55 -8.51 -27.93
N GLY E 101 -12.76 -8.03 -27.58
CA GLY E 101 -13.99 -8.51 -28.23
C GLY E 101 -14.88 -7.34 -28.66
N HIS E 102 -15.81 -7.57 -29.58
CA HIS E 102 -16.67 -6.47 -30.11
C HIS E 102 -18.15 -6.86 -30.01
N ILE E 103 -19.03 -5.87 -29.78
CA ILE E 103 -20.49 -6.14 -29.74
C ILE E 103 -21.18 -5.38 -30.89
N ASP E 104 -21.94 -6.08 -31.73
CA ASP E 104 -22.67 -5.43 -32.86
C ASP E 104 -23.82 -4.58 -32.31
N LEU E 105 -24.09 -3.42 -32.92
CA LEU E 105 -25.22 -2.56 -32.49
C LEU E 105 -26.24 -2.46 -33.63
N VAL E 106 -27.51 -2.77 -33.35
CA VAL E 106 -28.59 -2.68 -34.37
C VAL E 106 -28.73 -1.23 -34.83
N CYS E 107 -28.69 -0.28 -33.88
CA CYS E 107 -28.83 1.16 -34.20
C CYS E 107 -27.57 1.91 -33.73
N PRO E 108 -26.97 2.79 -34.57
CA PRO E 108 -25.74 3.48 -34.21
C PRO E 108 -25.95 4.38 -32.98
N VAL E 109 -24.96 4.43 -32.07
CA VAL E 109 -25.10 5.25 -30.83
C VAL E 109 -24.06 6.38 -30.86
N VAL E 110 -24.51 7.63 -30.67
CA VAL E 110 -23.59 8.81 -30.65
C VAL E 110 -22.68 8.71 -29.42
N HIS E 111 -21.40 9.03 -29.58
CA HIS E 111 -20.43 8.98 -28.45
C HIS E 111 -20.81 10.02 -27.39
N ILE E 112 -20.83 9.64 -26.13
CA ILE E 112 -21.18 10.58 -25.02
C ILE E 112 -20.12 11.68 -24.89
N TRP E 113 -18.83 11.33 -25.02
CA TRP E 113 -17.75 12.33 -24.77
C TRP E 113 -17.85 13.52 -25.75
N TYR E 114 -18.02 13.25 -27.04
CA TYR E 114 -18.05 14.34 -28.06
C TYR E 114 -19.30 15.20 -27.88
N LEU E 115 -20.46 14.57 -27.63
CA LEU E 115 -21.73 15.31 -27.47
C LEU E 115 -21.67 16.23 -26.23
N LYS E 116 -21.07 15.75 -25.14
CA LYS E 116 -21.06 16.53 -23.87
C LYS E 116 -19.65 17.09 -23.61
N SER E 117 -18.89 17.40 -24.67
CA SER E 117 -17.50 17.90 -24.53
C SER E 117 -17.46 19.21 -23.74
N LEU E 118 -18.47 20.08 -23.93
CA LEU E 118 -18.54 21.35 -23.14
C LEU E 118 -17.23 22.14 -23.32
N PRO E 119 -16.77 22.39 -24.56
CA PRO E 119 -17.63 22.54 -25.73
C PRO E 119 -17.77 21.24 -26.53
N SER E 120 -19.02 20.82 -26.81
CA SER E 120 -19.25 19.57 -27.58
C SER E 120 -18.74 19.76 -29.01
N ARG E 121 -17.97 18.79 -29.52
CA ARG E 121 -17.46 18.85 -30.92
C ARG E 121 -18.63 18.77 -31.91
N ILE E 122 -19.61 17.90 -31.65
CA ILE E 122 -20.73 17.68 -32.62
C ILE E 122 -21.49 19.00 -32.80
N GLY E 123 -21.74 19.72 -31.70
CA GLY E 123 -22.48 20.99 -31.78
C GLY E 123 -21.74 22.01 -32.62
N LEU E 124 -20.42 22.12 -32.44
CA LEU E 124 -19.60 23.05 -33.26
C LEU E 124 -19.64 22.63 -34.73
N PHE E 125 -19.53 21.33 -35.01
CA PHE E 125 -19.50 20.85 -36.42
C PHE E 125 -20.83 21.17 -37.10
N LEU E 126 -21.94 20.96 -36.39
CA LEU E 126 -23.29 21.23 -36.95
C LEU E 126 -23.61 22.73 -36.83
N ASP E 127 -22.81 23.47 -36.08
CA ASP E 127 -23.03 24.94 -35.91
C ASP E 127 -24.45 25.17 -35.36
N MET E 128 -24.88 24.33 -34.43
CA MET E 128 -26.25 24.44 -33.86
C MET E 128 -26.22 24.26 -32.34
N PRO E 129 -27.23 24.72 -31.58
CA PRO E 129 -27.22 24.64 -30.12
C PRO E 129 -27.22 23.18 -29.63
N LEU E 130 -26.54 22.93 -28.51
CA LEU E 130 -26.45 21.54 -27.95
C LEU E 130 -27.85 21.06 -27.56
N LYS E 131 -28.69 21.95 -27.00
CA LYS E 131 -30.04 21.54 -26.51
C LYS E 131 -30.87 20.98 -27.68
N ASN E 132 -30.84 21.62 -28.85
CA ASN E 132 -31.62 21.16 -30.02
C ASN E 132 -31.13 19.78 -30.46
N VAL E 133 -29.81 19.57 -30.45
CA VAL E 133 -29.24 18.25 -30.85
C VAL E 133 -29.71 17.18 -29.86
N GLU E 134 -29.72 17.51 -28.56
CA GLU E 134 -30.18 16.54 -27.53
C GLU E 134 -31.66 16.24 -27.78
N LYS E 135 -32.45 17.26 -28.12
CA LYS E 135 -33.90 17.07 -28.38
C LYS E 135 -34.08 16.13 -29.57
N VAL E 136 -33.28 16.30 -30.64
CA VAL E 136 -33.36 15.41 -31.83
C VAL E 136 -32.96 13.99 -31.41
N LEU E 137 -31.92 13.85 -30.59
CA LEU E 137 -31.42 12.52 -30.14
C LEU E 137 -32.51 11.80 -29.33
N TYR E 138 -33.21 12.54 -28.47
CA TYR E 138 -34.27 11.94 -27.61
C TYR E 138 -35.52 11.62 -28.44
N PHE E 139 -35.57 12.13 -29.69
CA PHE E 139 -36.75 11.89 -30.57
C PHE E 139 -37.82 12.96 -30.32
N GLU E 140 -37.49 13.96 -29.50
CA GLU E 140 -38.46 15.06 -29.24
C GLU E 140 -38.75 15.83 -30.53
N SER E 141 -37.76 15.96 -31.43
CA SER E 141 -37.94 16.78 -32.66
C SER E 141 -37.52 16.03 -33.93
N TYR E 142 -37.95 16.53 -35.10
CA TYR E 142 -37.59 15.91 -36.41
C TYR E 142 -36.70 16.87 -37.19
N ILE E 143 -35.60 16.37 -37.76
CA ILE E 143 -34.65 17.23 -38.54
C ILE E 143 -34.67 16.76 -40.00
N VAL E 144 -34.71 17.71 -40.96
CA VAL E 144 -34.83 17.30 -42.39
C VAL E 144 -33.45 16.92 -42.92
N THR E 145 -33.21 15.61 -43.12
CA THR E 145 -31.92 15.13 -43.68
C THR E 145 -31.76 15.61 -45.13
N ASP E 146 -32.83 15.52 -45.94
CA ASP E 146 -32.74 15.89 -47.38
C ASP E 146 -33.55 17.17 -47.63
N PRO E 147 -32.94 18.24 -48.19
CA PRO E 147 -33.66 19.50 -48.40
C PRO E 147 -34.82 19.36 -49.39
N GLY E 148 -34.60 18.65 -50.51
CA GLY E 148 -35.66 18.48 -51.52
C GLY E 148 -35.91 19.77 -52.29
N MET E 149 -37.03 19.87 -53.00
CA MET E 149 -37.39 21.13 -53.70
C MET E 149 -38.16 22.01 -52.70
N THR E 150 -38.46 21.47 -51.52
CA THR E 150 -39.25 22.21 -50.50
C THR E 150 -38.43 23.36 -49.90
N PRO E 151 -39.06 24.47 -49.46
CA PRO E 151 -38.36 25.58 -48.83
C PRO E 151 -37.67 25.28 -47.48
N LEU E 152 -38.16 24.28 -46.74
CA LEU E 152 -37.61 24.00 -45.38
C LEU E 152 -36.10 23.80 -45.46
N GLU E 153 -35.36 24.46 -44.56
CA GLU E 153 -33.87 24.35 -44.53
C GLU E 153 -33.47 22.96 -44.02
N LYS E 154 -32.29 22.48 -44.42
CA LYS E 154 -31.78 21.16 -43.94
C LYS E 154 -31.60 21.23 -42.42
N LYS E 155 -31.03 22.33 -41.91
CA LYS E 155 -30.89 22.49 -40.43
C LYS E 155 -32.17 23.12 -39.88
N GLN E 156 -33.29 22.40 -39.94
CA GLN E 156 -34.58 22.91 -39.41
C GLN E 156 -35.18 21.89 -38.44
N LEU E 157 -35.62 22.33 -37.26
CA LEU E 157 -36.30 21.40 -36.32
C LEU E 157 -37.80 21.52 -36.56
N LEU E 158 -38.48 20.39 -36.81
CA LEU E 158 -39.93 20.44 -37.15
C LEU E 158 -40.75 19.75 -36.06
N THR E 159 -41.80 20.39 -35.57
CA THR E 159 -42.68 19.78 -34.55
C THR E 159 -43.45 18.63 -35.22
N ASP E 160 -43.94 17.65 -34.43
CA ASP E 160 -44.59 16.46 -35.04
C ASP E 160 -45.83 16.87 -35.86
N GLU E 161 -46.67 17.77 -35.33
CA GLU E 161 -47.83 18.26 -36.12
C GLU E 161 -47.30 19.01 -37.35
N GLU E 162 -46.26 19.83 -37.17
CA GLU E 162 -45.65 20.58 -38.30
C GLU E 162 -45.10 19.59 -39.32
N TYR E 163 -44.45 18.51 -38.83
CA TYR E 163 -43.88 17.49 -39.74
C TYR E 163 -45.02 16.85 -40.55
N ALA E 164 -46.13 16.54 -39.89
CA ALA E 164 -47.27 15.91 -40.58
C ALA E 164 -47.81 16.87 -41.65
N GLU E 165 -47.94 18.15 -41.30
CA GLU E 165 -48.47 19.16 -42.26
C GLU E 165 -47.51 19.25 -43.45
N ALA E 166 -46.21 19.27 -43.20
CA ALA E 166 -45.21 19.38 -44.28
C ALA E 166 -45.31 18.16 -45.19
N LEU E 167 -45.47 16.97 -44.59
CA LEU E 167 -45.59 15.72 -45.39
C LEU E 167 -46.84 15.80 -46.26
N GLU E 168 -47.95 16.27 -45.71
CA GLU E 168 -49.23 16.36 -46.47
C GLU E 168 -49.08 17.36 -47.62
N ASN E 169 -48.51 18.54 -47.35
CA ASN E 169 -48.33 19.58 -48.39
C ASN E 169 -47.32 19.14 -49.45
N TYR E 170 -46.19 18.56 -49.05
CA TYR E 170 -45.12 18.23 -50.03
C TYR E 170 -45.03 16.72 -50.26
N GLY E 171 -45.63 15.91 -49.39
CA GLY E 171 -45.48 14.45 -49.52
C GLY E 171 -44.02 14.04 -49.45
N TYR E 172 -43.53 13.33 -50.47
CA TYR E 172 -42.11 12.87 -50.52
C TYR E 172 -41.21 14.01 -51.02
N GLU E 173 -39.91 13.70 -51.23
CA GLU E 173 -38.94 14.71 -51.73
C GLU E 173 -38.17 15.33 -50.55
N PHE E 174 -38.59 15.05 -49.31
CA PHE E 174 -37.81 15.53 -48.14
C PHE E 174 -37.76 14.43 -47.08
N GLU E 175 -36.68 14.40 -46.28
CA GLU E 175 -36.53 13.36 -45.24
C GLU E 175 -36.33 14.03 -43.88
N ALA E 176 -37.09 13.61 -42.86
CA ALA E 176 -36.91 14.18 -41.50
C ALA E 176 -36.78 13.01 -40.50
N SER E 177 -35.65 12.30 -40.54
CA SER E 177 -35.40 11.19 -39.58
C SER E 177 -35.06 11.77 -38.20
N MET E 178 -35.22 10.95 -37.16
CA MET E 178 -34.96 11.42 -35.77
C MET E 178 -34.10 10.39 -35.03
N GLY E 179 -33.43 10.80 -33.95
CA GLY E 179 -32.54 9.88 -33.21
C GLY E 179 -31.12 9.90 -33.72
N ALA E 180 -30.29 8.94 -33.30
CA ALA E 180 -28.86 8.91 -33.68
C ALA E 180 -28.69 8.78 -35.19
N GLU E 181 -29.55 7.99 -35.85
CA GLU E 181 -29.36 7.73 -37.30
C GLU E 181 -29.42 9.05 -38.07
N ALA E 182 -30.37 9.93 -37.74
CA ALA E 182 -30.52 11.20 -38.48
C ALA E 182 -29.26 12.05 -38.31
N ILE E 183 -28.74 12.13 -37.08
CA ILE E 183 -27.52 12.94 -36.80
C ILE E 183 -26.34 12.37 -37.60
N ARG E 184 -26.21 11.04 -37.62
CA ARG E 184 -25.09 10.39 -38.35
C ARG E 184 -25.22 10.70 -39.84
N ASP E 185 -26.44 10.64 -40.38
CA ASP E 185 -26.66 10.91 -41.83
C ASP E 185 -26.28 12.36 -42.11
N LEU E 186 -26.66 13.28 -41.23
CA LEU E 186 -26.35 14.73 -41.43
C LEU E 186 -24.83 14.91 -41.43
N LEU E 187 -24.12 14.24 -40.51
CA LEU E 187 -22.64 14.33 -40.46
C LEU E 187 -22.05 13.77 -41.75
N ALA E 188 -22.56 12.63 -42.22
CA ALA E 188 -22.01 11.98 -43.44
C ALA E 188 -22.20 12.88 -44.66
N ASP E 189 -23.38 13.49 -44.81
CA ASP E 189 -23.66 14.34 -45.99
C ASP E 189 -23.17 15.77 -45.73
N THR E 190 -21.88 15.94 -45.49
CA THR E 190 -21.30 17.30 -45.29
C THR E 190 -20.08 17.45 -46.19
N ASP E 191 -19.98 18.55 -46.93
CA ASP E 191 -18.79 18.79 -47.79
C ASP E 191 -17.85 19.78 -47.09
N ILE E 192 -16.67 19.30 -46.66
CA ILE E 192 -15.72 20.17 -45.92
C ILE E 192 -15.23 21.30 -46.82
N GLU E 193 -14.92 21.00 -48.09
CA GLU E 193 -14.34 22.03 -48.98
C GLU E 193 -15.33 23.18 -49.17
N SER E 194 -16.61 22.86 -49.41
CA SER E 194 -17.65 23.91 -49.60
C SER E 194 -17.83 24.71 -48.31
N GLU E 195 -17.92 24.04 -47.17
CA GLU E 195 -18.20 24.75 -45.90
C GLU E 195 -17.03 25.65 -45.49
N ILE E 196 -15.80 25.15 -45.62
CA ILE E 196 -14.60 25.92 -45.17
C ILE E 196 -14.49 27.21 -46.00
N GLU E 197 -14.67 27.10 -47.32
CA GLU E 197 -14.49 28.30 -48.19
C GLU E 197 -15.52 29.37 -47.83
N LEU E 198 -16.78 28.97 -47.64
CA LEU E 198 -17.85 29.93 -47.26
C LEU E 198 -17.57 30.50 -45.86
N LEU E 199 -17.13 29.65 -44.93
CA LEU E 199 -16.85 30.09 -43.53
C LEU E 199 -15.71 31.11 -43.55
N GLN E 200 -14.66 30.87 -44.34
CA GLN E 200 -13.51 31.81 -44.46
C GLN E 200 -14.02 33.12 -45.09
N ALA E 201 -14.91 33.01 -46.08
CA ALA E 201 -15.47 34.22 -46.73
C ALA E 201 -16.17 35.05 -45.66
N GLU E 202 -16.90 34.40 -44.75
CA GLU E 202 -17.48 35.15 -43.61
C GLU E 202 -16.29 35.72 -42.82
N CYS E 203 -15.22 34.93 -42.67
CA CYS E 203 -14.00 35.41 -41.98
C CYS E 203 -13.39 36.57 -42.79
N GLU E 204 -13.44 36.48 -44.12
CA GLU E 204 -12.83 37.53 -44.98
C GLU E 204 -13.49 38.86 -44.64
N GLU E 205 -14.82 38.87 -44.49
CA GLU E 205 -15.50 40.10 -44.01
C GLU E 205 -15.40 40.02 -42.49
N SER E 206 -14.27 40.47 -41.93
CA SER E 206 -14.04 40.25 -40.47
C SER E 206 -14.78 41.25 -39.59
N LYS E 207 -15.82 40.79 -38.89
CA LYS E 207 -16.55 41.64 -37.92
C LYS E 207 -16.66 40.77 -36.66
N SER E 208 -15.55 40.58 -35.95
CA SER E 208 -15.53 39.64 -34.80
C SER E 208 -15.63 40.37 -33.46
N THR E 209 -16.20 41.58 -33.44
CA THR E 209 -16.39 42.27 -32.14
C THR E 209 -17.25 41.36 -31.26
N ALA E 210 -18.28 40.73 -31.84
CA ALA E 210 -19.11 39.78 -31.07
C ALA E 210 -19.39 38.51 -31.88
N LYS E 211 -20.16 38.63 -32.98
CA LYS E 211 -20.59 37.44 -33.75
C LYS E 211 -19.41 36.68 -34.36
N LYS E 212 -18.43 37.37 -34.94
CA LYS E 212 -17.31 36.67 -35.65
C LYS E 212 -16.41 35.87 -34.72
N GLU E 213 -16.31 36.25 -33.44
CA GLU E 213 -15.36 35.57 -32.50
C GLU E 213 -15.69 34.08 -32.42
N LYS E 214 -16.98 33.72 -32.38
CA LYS E 214 -17.40 32.29 -32.29
C LYS E 214 -16.96 31.52 -33.53
N ALA E 215 -17.02 32.12 -34.72
CA ALA E 215 -16.71 31.42 -35.99
C ALA E 215 -15.25 30.95 -36.06
N ILE E 216 -14.34 31.56 -35.30
CA ILE E 216 -12.89 31.23 -35.41
C ILE E 216 -12.67 29.74 -35.10
N LYS E 217 -13.34 29.21 -34.08
CA LYS E 217 -13.13 27.80 -33.65
C LYS E 217 -13.52 26.84 -34.77
N ARG E 218 -14.63 27.12 -35.47
CA ARG E 218 -15.12 26.16 -36.51
C ARG E 218 -14.07 25.98 -37.61
N LEU E 219 -13.43 27.07 -38.06
CA LEU E 219 -12.46 26.96 -39.18
C LEU E 219 -11.31 26.05 -38.72
N ARG E 220 -10.82 26.27 -37.49
CA ARG E 220 -9.68 25.47 -36.99
C ARG E 220 -10.10 24.00 -36.92
N LEU E 221 -11.32 23.74 -36.42
CA LEU E 221 -11.78 22.34 -36.27
C LEU E 221 -11.84 21.68 -37.66
N LEU E 222 -12.38 22.39 -38.65
CA LEU E 222 -12.52 21.82 -40.01
C LEU E 222 -11.13 21.52 -40.57
N GLU E 223 -10.19 22.46 -40.37
CA GLU E 223 -8.82 22.27 -40.93
C GLU E 223 -8.18 21.05 -40.27
N THR E 224 -8.36 20.90 -38.95
CA THR E 224 -7.76 19.76 -38.23
C THR E 224 -8.35 18.46 -38.77
N PHE E 225 -9.67 18.44 -38.98
CA PHE E 225 -10.34 17.21 -39.50
C PHE E 225 -9.77 16.87 -40.88
N GLN E 226 -9.61 17.89 -41.74
CA GLN E 226 -9.11 17.66 -43.11
C GLN E 226 -7.68 17.10 -43.04
N ALA E 227 -6.85 17.67 -42.16
CA ALA E 227 -5.45 17.21 -42.04
C ALA E 227 -5.42 15.75 -41.55
N SER E 228 -6.25 15.43 -40.55
CA SER E 228 -6.27 14.06 -39.98
C SER E 228 -6.75 13.06 -41.04
N GLY E 229 -7.78 13.43 -41.81
CA GLY E 229 -8.35 12.50 -42.81
C GLY E 229 -9.35 11.57 -42.15
N ASN E 230 -9.59 11.73 -40.85
CA ASN E 230 -10.56 10.89 -40.11
C ASN E 230 -11.98 11.29 -40.54
N LYS E 231 -12.87 10.32 -40.75
CA LYS E 231 -14.26 10.61 -41.17
C LYS E 231 -15.00 11.33 -40.04
N PRO E 232 -15.79 12.39 -40.32
CA PRO E 232 -16.58 13.08 -39.29
C PRO E 232 -17.64 12.16 -38.68
N GLU E 233 -18.27 11.31 -39.49
CA GLU E 233 -19.37 10.43 -38.99
C GLU E 233 -18.85 9.38 -38.02
N TRP E 234 -17.53 9.18 -37.97
CA TRP E 234 -16.93 8.14 -37.09
C TRP E 234 -17.25 8.42 -35.61
N MET E 235 -17.52 9.68 -35.27
CA MET E 235 -17.77 10.05 -33.85
C MET E 235 -18.97 9.24 -33.34
N VAL E 236 -20.01 9.07 -34.16
CA VAL E 236 -21.14 8.19 -33.74
C VAL E 236 -20.69 6.75 -33.96
N MET E 237 -20.76 5.89 -32.93
CA MET E 237 -20.20 4.52 -33.05
C MET E 237 -21.27 3.52 -33.51
N THR E 238 -21.01 2.82 -34.63
CA THR E 238 -21.95 1.75 -35.09
C THR E 238 -21.69 0.45 -34.32
N VAL E 239 -20.50 0.29 -33.73
CA VAL E 239 -20.15 -0.95 -32.97
C VAL E 239 -19.24 -0.59 -31.79
N LEU E 240 -19.34 -1.32 -30.67
CA LEU E 240 -18.52 -1.03 -29.46
C LEU E 240 -17.65 -2.24 -29.09
N PRO E 241 -16.32 -2.06 -28.89
CA PRO E 241 -15.44 -3.17 -28.44
C PRO E 241 -15.67 -3.52 -26.97
N VAL E 242 -15.34 -4.75 -26.58
CA VAL E 242 -15.54 -5.21 -25.16
C VAL E 242 -14.16 -5.41 -24.51
N LEU E 243 -13.97 -4.86 -23.31
CA LEU E 243 -12.68 -4.98 -22.59
C LEU E 243 -12.42 -6.44 -22.22
N PRO E 244 -11.15 -6.90 -22.17
CA PRO E 244 -10.83 -8.31 -21.90
C PRO E 244 -11.27 -8.74 -20.49
N PRO E 245 -11.60 -10.03 -20.25
CA PRO E 245 -12.11 -10.50 -18.95
C PRO E 245 -11.14 -10.29 -17.78
N ASP E 246 -9.84 -10.49 -18.02
CA ASP E 246 -8.84 -10.37 -16.92
C ASP E 246 -8.85 -8.96 -16.36
N LEU E 247 -9.04 -7.95 -17.22
CA LEU E 247 -9.15 -6.54 -16.75
C LEU E 247 -10.41 -6.40 -15.87
N ARG E 248 -11.39 -7.28 -16.06
CA ARG E 248 -12.64 -7.25 -15.24
C ARG E 248 -12.86 -8.65 -14.68
N PRO E 249 -12.05 -9.13 -13.71
CA PRO E 249 -12.15 -10.49 -13.18
C PRO E 249 -13.39 -10.84 -12.35
N LEU E 250 -13.87 -12.08 -12.45
CA LEU E 250 -15.02 -12.55 -11.63
C LEU E 250 -14.51 -13.67 -10.71
N VAL E 251 -13.23 -13.60 -10.33
CA VAL E 251 -12.60 -14.69 -9.52
C VAL E 251 -13.33 -14.86 -8.18
N PRO E 252 -13.54 -16.12 -7.70
CA PRO E 252 -14.22 -16.38 -6.43
C PRO E 252 -13.36 -16.02 -5.20
N ILE E 253 -14.00 -15.80 -4.04
CA ILE E 253 -13.28 -15.39 -2.81
C ILE E 253 -13.79 -16.23 -1.63
N GLU E 254 -13.16 -16.10 -0.45
CA GLU E 254 -13.55 -16.93 0.73
C GLU E 254 -15.00 -16.64 1.10
N GLY E 255 -15.70 -17.60 1.71
CA GLY E 255 -17.13 -17.41 1.98
C GLY E 255 -17.97 -17.84 0.80
N GLY E 256 -17.33 -18.50 -0.19
CA GLY E 256 -18.06 -18.99 -1.37
C GLY E 256 -18.78 -17.87 -2.10
N ARG E 257 -18.12 -16.73 -2.30
CA ARG E 257 -18.72 -15.59 -3.04
C ARG E 257 -17.76 -15.14 -4.13
N PHE E 258 -18.28 -14.54 -5.20
CA PHE E 258 -17.42 -14.09 -6.32
C PHE E 258 -17.45 -12.56 -6.43
N ALA E 259 -16.28 -11.92 -6.43
CA ALA E 259 -16.24 -10.45 -6.62
C ALA E 259 -16.52 -10.15 -8.09
N THR E 260 -17.41 -9.18 -8.36
CA THR E 260 -17.77 -8.85 -9.76
C THR E 260 -17.49 -7.37 -10.03
N SER E 261 -16.83 -7.05 -11.14
CA SER E 261 -16.52 -5.64 -11.49
C SER E 261 -17.78 -4.90 -11.95
N ASP E 262 -17.83 -3.58 -11.74
CA ASP E 262 -19.01 -2.77 -12.15
C ASP E 262 -19.19 -2.82 -13.67
N LEU E 263 -18.08 -2.86 -14.42
CA LEU E 263 -18.15 -2.86 -15.90
C LEU E 263 -18.93 -4.08 -16.39
N ASN E 264 -18.74 -5.22 -15.74
CA ASN E 264 -19.39 -6.48 -16.21
C ASN E 264 -20.92 -6.29 -16.20
N ASP E 265 -21.46 -5.68 -15.14
CA ASP E 265 -22.93 -5.50 -15.02
C ASP E 265 -23.43 -4.63 -16.19
N LEU E 266 -22.71 -3.54 -16.49
CA LEU E 266 -23.12 -2.63 -17.59
C LEU E 266 -23.08 -3.39 -18.92
N TYR E 267 -22.03 -4.20 -19.13
CA TYR E 267 -21.89 -4.96 -20.40
C TYR E 267 -23.06 -5.94 -20.52
N ARG E 268 -23.41 -6.61 -19.42
CA ARG E 268 -24.51 -7.61 -19.45
C ARG E 268 -25.81 -6.89 -19.81
N ARG E 269 -26.05 -5.72 -19.20
CA ARG E 269 -27.31 -4.98 -19.45
C ARG E 269 -27.35 -4.54 -20.93
N VAL E 270 -26.24 -4.01 -21.44
CA VAL E 270 -26.24 -3.47 -22.83
C VAL E 270 -26.52 -4.62 -23.81
N ILE E 271 -25.90 -5.77 -23.60
CA ILE E 271 -26.07 -6.89 -24.58
C ILE E 271 -27.54 -7.30 -24.60
N ASN E 272 -28.15 -7.46 -23.42
CA ASN E 272 -29.56 -7.92 -23.36
C ASN E 272 -30.48 -6.86 -24.00
N ARG E 273 -30.19 -5.58 -23.73
CA ARG E 273 -31.02 -4.48 -24.31
C ARG E 273 -30.93 -4.53 -25.84
N ASN E 274 -29.72 -4.74 -26.37
CA ASN E 274 -29.52 -4.82 -27.84
C ASN E 274 -30.31 -6.02 -28.38
N ASN E 275 -30.28 -7.15 -27.67
CA ASN E 275 -30.99 -8.37 -28.12
C ASN E 275 -32.49 -8.07 -28.15
N ARG E 276 -33.00 -7.39 -27.12
CA ARG E 276 -34.45 -7.06 -27.05
C ARG E 276 -34.81 -6.14 -28.23
N LEU E 277 -33.93 -5.18 -28.53
CA LEU E 277 -34.20 -4.24 -29.65
C LEU E 277 -34.27 -5.01 -30.96
N LYS E 278 -33.33 -5.95 -31.17
CA LYS E 278 -33.30 -6.75 -32.41
C LYS E 278 -34.60 -7.58 -32.50
N LYS E 279 -35.01 -8.17 -31.39
CA LYS E 279 -36.24 -9.01 -31.37
C LYS E 279 -37.44 -8.14 -31.74
N LEU E 280 -37.50 -6.92 -31.19
CA LEU E 280 -38.63 -6.00 -31.48
C LEU E 280 -38.65 -5.64 -32.97
N LEU E 281 -37.48 -5.38 -33.56
CA LEU E 281 -37.41 -5.06 -35.01
C LEU E 281 -37.88 -6.28 -35.81
N ASP E 282 -37.48 -7.49 -35.40
CA ASP E 282 -37.89 -8.73 -36.11
C ASP E 282 -39.40 -8.90 -36.02
N LEU E 283 -39.99 -8.57 -34.87
CA LEU E 283 -41.46 -8.77 -34.68
C LEU E 283 -42.26 -7.66 -35.35
N ASN E 284 -41.60 -6.60 -35.84
CA ASN E 284 -42.35 -5.45 -36.40
C ASN E 284 -43.29 -4.87 -35.33
N ALA E 285 -42.79 -4.69 -34.11
CA ALA E 285 -43.61 -4.17 -32.99
C ALA E 285 -43.90 -2.67 -33.18
N PRO E 286 -44.80 -2.04 -32.38
CA PRO E 286 -45.19 -0.64 -32.58
C PRO E 286 -44.02 0.34 -32.48
N ASP E 287 -44.09 1.45 -33.23
CA ASP E 287 -42.96 2.42 -33.29
C ASP E 287 -42.65 3.00 -31.90
N ILE E 288 -43.65 3.28 -31.08
CA ILE E 288 -43.39 3.94 -29.77
C ILE E 288 -42.49 3.02 -28.92
N ILE E 289 -42.79 1.72 -28.90
CA ILE E 289 -41.99 0.75 -28.11
C ILE E 289 -40.56 0.70 -28.67
N VAL E 290 -40.43 0.72 -30.00
CA VAL E 290 -39.10 0.69 -30.65
C VAL E 290 -38.32 1.94 -30.24
N ARG E 291 -38.98 3.10 -30.24
CA ARG E 291 -38.31 4.38 -29.85
C ARG E 291 -37.83 4.25 -28.40
N ASN E 292 -38.68 3.69 -27.53
CA ASN E 292 -38.31 3.55 -26.10
C ASN E 292 -37.07 2.64 -25.99
N GLU E 293 -37.07 1.53 -26.74
CA GLU E 293 -35.92 0.59 -26.70
C GLU E 293 -34.66 1.30 -27.18
N LYS E 294 -34.77 2.10 -28.25
CA LYS E 294 -33.60 2.81 -28.82
C LYS E 294 -33.07 3.80 -27.77
N ARG E 295 -33.97 4.53 -27.10
CA ARG E 295 -33.54 5.53 -26.08
C ARG E 295 -32.85 4.81 -24.92
N MET E 296 -33.42 3.68 -24.48
CA MET E 296 -32.85 2.92 -23.33
C MET E 296 -31.46 2.42 -23.69
N LEU E 297 -31.27 1.91 -24.91
CA LEU E 297 -29.95 1.40 -25.35
C LEU E 297 -28.94 2.56 -25.34
N GLN E 298 -29.36 3.73 -25.82
CA GLN E 298 -28.45 4.91 -25.87
C GLN E 298 -28.06 5.28 -24.43
N GLU E 299 -29.04 5.28 -23.52
CA GLU E 299 -28.75 5.66 -22.12
C GLU E 299 -27.78 4.64 -21.52
N ALA E 300 -27.97 3.35 -21.81
CA ALA E 300 -27.10 2.29 -21.28
C ALA E 300 -25.66 2.50 -21.79
N VAL E 301 -25.52 2.82 -23.09
CA VAL E 301 -24.17 3.04 -23.67
C VAL E 301 -23.52 4.24 -22.97
N ASP E 302 -24.30 5.32 -22.75
CA ASP E 302 -23.74 6.53 -22.10
C ASP E 302 -23.29 6.16 -20.68
N ALA E 303 -24.12 5.40 -19.96
CA ALA E 303 -23.78 5.02 -18.57
C ALA E 303 -22.50 4.18 -18.58
N LEU E 304 -22.39 3.27 -19.55
CA LEU E 304 -21.20 2.39 -19.60
C LEU E 304 -19.94 3.25 -19.83
N LEU E 305 -19.98 4.19 -20.77
CA LEU E 305 -18.73 4.96 -21.04
C LEU E 305 -18.44 5.84 -19.82
N ASP E 306 -19.43 6.57 -19.31
CA ASP E 306 -19.27 7.36 -18.07
C ASP E 306 -20.66 7.62 -17.48
N ASN E 307 -21.00 7.00 -16.36
CA ASN E 307 -22.36 7.14 -15.79
C ASN E 307 -22.54 8.50 -15.12
N GLY E 308 -23.75 9.09 -15.21
CA GLY E 308 -24.03 10.36 -14.51
C GLY E 308 -23.57 11.60 -15.25
N ARG E 309 -23.02 11.44 -16.45
CA ARG E 309 -22.48 12.62 -17.20
C ARG E 309 -23.63 13.59 -17.52
N ARG E 310 -24.76 13.06 -18.01
CA ARG E 310 -25.94 13.92 -18.36
C ARG E 310 -27.13 13.53 -17.50
N GLY E 311 -27.00 12.52 -16.64
CA GLY E 311 -28.17 12.04 -15.87
C GLY E 311 -27.76 11.51 -14.51
N ARG E 312 -28.74 11.20 -13.64
CA ARG E 312 -28.40 10.59 -12.33
C ARG E 312 -27.70 9.26 -12.60
N ALA E 313 -26.62 8.98 -11.88
CA ALA E 313 -25.83 7.75 -12.14
C ALA E 313 -26.60 6.52 -11.67
N VAL E 314 -26.56 5.43 -12.45
CA VAL E 314 -27.21 4.16 -12.03
C VAL E 314 -26.44 3.60 -10.84
N THR E 315 -27.13 2.89 -9.93
CA THR E 315 -26.44 2.40 -8.70
C THR E 315 -26.78 0.92 -8.44
N GLY E 316 -25.92 0.22 -7.70
CA GLY E 316 -26.15 -1.20 -7.38
C GLY E 316 -27.02 -1.36 -6.15
N SER E 317 -27.15 -2.58 -5.64
CA SER E 317 -27.97 -2.85 -4.42
C SER E 317 -27.37 -2.04 -3.26
N ASN E 318 -26.04 -1.94 -3.20
CA ASN E 318 -25.36 -1.13 -2.14
C ASN E 318 -25.80 0.33 -2.29
N LYS E 319 -26.09 0.76 -3.53
CA LYS E 319 -26.54 2.16 -3.79
C LYS E 319 -25.34 3.06 -4.11
N ARG E 320 -24.12 2.52 -4.03
CA ARG E 320 -22.93 3.31 -4.45
C ARG E 320 -22.98 3.47 -5.98
N PRO E 321 -22.64 4.64 -6.54
CA PRO E 321 -22.67 4.83 -7.99
C PRO E 321 -21.66 3.90 -8.68
N LEU E 322 -22.04 3.30 -9.81
CA LEU E 322 -21.15 2.32 -10.49
C LEU E 322 -19.95 3.06 -11.09
N LYS E 323 -18.82 2.36 -11.24
CA LYS E 323 -17.58 3.03 -11.73
C LYS E 323 -17.50 2.91 -13.25
N SER E 324 -17.47 4.05 -13.95
CA SER E 324 -17.36 4.05 -15.44
C SER E 324 -15.91 3.81 -15.86
N LEU E 325 -15.70 3.41 -17.12
CA LEU E 325 -14.33 3.17 -17.63
C LEU E 325 -13.54 4.48 -17.57
N ALA E 326 -14.20 5.61 -17.90
CA ALA E 326 -13.55 6.94 -17.83
C ALA E 326 -13.15 7.24 -16.38
N ASP E 327 -13.98 6.86 -15.41
CA ASP E 327 -13.69 7.14 -13.98
C ASP E 327 -12.37 6.49 -13.56
N MET E 328 -12.11 5.26 -14.03
CA MET E 328 -10.88 4.52 -13.61
C MET E 328 -9.62 5.28 -14.05
N ILE E 329 -9.60 5.83 -15.27
CA ILE E 329 -8.39 6.53 -15.82
C ILE E 329 -8.20 7.91 -15.19
N LYS E 330 -9.20 8.43 -14.47
CA LYS E 330 -9.11 9.83 -13.96
C LYS E 330 -9.27 9.91 -12.44
N GLY E 331 -8.82 11.01 -11.84
CA GLY E 331 -8.93 11.18 -10.37
C GLY E 331 -7.67 10.76 -9.64
N LYS E 332 -7.54 11.15 -8.36
CA LYS E 332 -6.35 10.81 -7.55
C LYS E 332 -6.27 9.28 -7.45
N GLN E 333 -7.43 8.63 -7.32
CA GLN E 333 -7.47 7.15 -7.29
C GLN E 333 -7.40 6.64 -8.74
N GLY E 334 -7.36 7.55 -9.71
CA GLY E 334 -7.32 7.18 -11.14
C GLY E 334 -6.06 6.43 -11.52
N ARG E 335 -6.13 5.67 -12.63
CA ARG E 335 -4.98 4.84 -13.05
C ARG E 335 -3.75 5.69 -13.35
N PHE E 336 -3.93 6.87 -13.96
CA PHE E 336 -2.75 7.70 -14.37
C PHE E 336 -1.91 8.08 -13.14
N ARG E 337 -2.54 8.50 -12.05
CA ARG E 337 -1.75 8.98 -10.88
C ARG E 337 -1.73 7.92 -9.76
N GLN E 338 -2.66 6.97 -9.78
CA GLN E 338 -2.73 6.00 -8.65
C GLN E 338 -1.72 4.86 -8.82
N ASN E 339 -1.70 4.21 -10.00
CA ASN E 339 -0.82 3.02 -10.17
C ASN E 339 0.41 3.38 -11.01
N LEU E 340 0.27 4.30 -11.97
CA LEU E 340 1.40 4.64 -12.86
C LEU E 340 2.50 5.28 -12.00
N LEU E 341 2.11 6.15 -11.07
CA LEU E 341 3.10 6.81 -10.19
C LEU E 341 3.16 6.16 -8.80
N GLY E 342 2.12 5.40 -8.41
CA GLY E 342 2.21 4.68 -7.12
C GLY E 342 3.27 3.59 -7.14
N LYS E 343 3.25 2.71 -8.15
CA LYS E 343 4.34 1.71 -8.31
C LYS E 343 4.83 1.18 -6.96
N ARG E 344 3.96 0.52 -6.17
CA ARG E 344 4.45 -0.06 -4.89
C ARG E 344 5.62 -1.01 -5.22
N VAL E 345 6.71 -0.94 -4.45
CA VAL E 345 7.93 -1.75 -4.80
C VAL E 345 8.29 -2.75 -3.70
N ASP E 346 8.82 -3.91 -4.09
CA ASP E 346 9.25 -4.95 -3.11
C ASP E 346 10.66 -4.59 -2.60
N TYR E 347 11.20 -5.39 -1.68
CA TYR E 347 12.53 -5.07 -1.08
C TYR E 347 12.48 -3.72 -0.35
N SER E 348 11.36 -3.43 0.33
CA SER E 348 11.24 -2.17 1.11
C SER E 348 10.80 -2.47 2.56
N GLY E 349 11.30 -1.70 3.53
CA GLY E 349 10.98 -1.97 4.95
C GLY E 349 10.59 -0.71 5.71
N ARG E 350 9.59 -0.80 6.59
CA ARG E 350 9.20 0.36 7.44
C ARG E 350 9.43 0.00 8.92
N SER E 351 10.17 0.83 9.66
CA SER E 351 10.47 0.54 11.08
C SER E 351 10.58 1.83 11.89
N VAL E 352 10.52 1.73 13.23
CA VAL E 352 10.62 2.93 14.12
C VAL E 352 12.07 3.44 14.09
N ILE E 353 12.27 4.72 14.43
CA ILE E 353 13.64 5.32 14.34
C ILE E 353 14.18 5.61 15.74
N THR E 354 15.46 5.30 15.98
CA THR E 354 16.08 5.51 17.32
C THR E 354 17.19 6.57 17.20
N VAL E 355 17.61 7.15 18.32
CA VAL E 355 18.61 8.27 18.27
C VAL E 355 19.90 7.78 17.62
N GLY E 356 20.39 6.59 17.98
CA GLY E 356 21.60 6.03 17.33
C GLY E 356 22.77 6.99 17.37
N PRO E 357 23.09 7.64 18.52
CA PRO E 357 24.15 8.65 18.57
C PRO E 357 25.56 8.13 18.23
N SER E 358 25.90 6.93 18.70
CA SER E 358 27.25 6.35 18.44
C SER E 358 27.47 6.16 16.93
N LEU E 359 26.40 5.93 16.17
CA LEU E 359 26.51 5.71 14.69
C LEU E 359 27.25 6.87 14.03
N ARG E 360 27.86 6.62 12.87
CA ARG E 360 28.62 7.68 12.14
C ARG E 360 27.65 8.49 11.26
N LEU E 361 28.14 9.57 10.65
CA LEU E 361 27.29 10.43 9.80
C LEU E 361 26.86 9.63 8.55
N HIS E 362 27.67 8.69 8.10
CA HIS E 362 27.37 7.90 6.88
C HIS E 362 26.87 6.50 7.26
N GLU E 363 26.83 6.19 8.55
CA GLU E 363 26.41 4.83 9.01
C GLU E 363 25.04 4.88 9.70
N CYS E 364 24.23 3.84 9.52
CA CYS E 364 22.88 3.78 10.15
C CYS E 364 22.68 2.40 10.78
N GLY E 365 21.73 2.27 11.72
CA GLY E 365 21.49 0.99 12.41
C GLY E 365 20.31 0.24 11.82
N LEU E 366 20.51 -1.02 11.42
CA LEU E 366 19.44 -1.80 10.76
C LEU E 366 19.19 -3.08 11.57
N PRO E 367 17.91 -3.45 11.85
CA PRO E 367 17.60 -4.69 12.57
C PRO E 367 18.06 -5.91 11.75
N LYS E 368 18.57 -6.94 12.42
CA LYS E 368 19.11 -8.14 11.71
C LYS E 368 18.00 -8.84 10.90
N LYS E 369 16.81 -8.99 11.47
CA LYS E 369 15.72 -9.74 10.78
C LYS E 369 15.36 -9.01 9.47
N MET E 370 15.22 -7.69 9.53
CA MET E 370 14.85 -6.90 8.33
C MET E 370 15.96 -7.07 7.28
N ALA E 371 17.22 -7.00 7.71
CA ALA E 371 18.35 -7.11 6.77
C ALA E 371 18.31 -8.48 6.10
N LEU E 372 18.05 -9.53 6.88
CA LEU E 372 18.01 -10.92 6.34
C LEU E 372 16.89 -11.03 5.31
N GLU E 373 15.70 -10.47 5.61
CA GLU E 373 14.56 -10.56 4.67
C GLU E 373 14.89 -9.80 3.39
N LEU E 374 15.45 -8.59 3.51
CA LEU E 374 15.78 -7.75 2.32
C LEU E 374 16.88 -8.41 1.48
N PHE E 375 17.89 -8.99 2.11
CA PHE E 375 19.05 -9.56 1.36
C PHE E 375 18.92 -11.08 1.25
N LYS E 376 17.72 -11.62 1.47
CA LYS E 376 17.56 -13.10 1.48
C LYS E 376 17.98 -13.69 0.13
N PRO E 377 17.61 -13.10 -1.03
CA PRO E 377 18.08 -13.62 -2.33
C PRO E 377 19.61 -13.54 -2.46
N PHE E 378 20.20 -12.43 -2.01
CA PHE E 378 21.69 -12.29 -2.06
C PHE E 378 22.30 -13.37 -1.16
N VAL E 379 21.70 -13.60 0.01
CA VAL E 379 22.22 -14.63 0.95
C VAL E 379 22.15 -16.00 0.25
N TYR E 380 21.05 -16.27 -0.46
CA TYR E 380 20.89 -17.57 -1.16
C TYR E 380 22.00 -17.70 -2.21
N SER E 381 22.25 -16.62 -2.95
CA SER E 381 23.28 -16.68 -4.01
C SER E 381 24.65 -16.97 -3.37
N LYS E 382 24.95 -16.30 -2.25
CA LYS E 382 26.26 -16.48 -1.58
C LYS E 382 26.37 -17.93 -1.09
N LEU E 383 25.28 -18.47 -0.53
CA LEU E 383 25.30 -19.85 0.01
C LEU E 383 25.55 -20.84 -1.14
N ARG E 384 24.90 -20.63 -2.29
CA ARG E 384 25.13 -21.51 -3.46
C ARG E 384 26.59 -21.38 -3.91
N LEU E 385 27.12 -20.15 -3.94
CA LEU E 385 28.53 -19.92 -4.34
C LEU E 385 29.44 -20.61 -3.32
N GLY E 386 29.11 -20.50 -2.02
CA GLY E 386 29.89 -21.15 -0.96
C GLY E 386 29.86 -22.67 -1.08
N GLY E 387 28.75 -23.22 -1.56
CA GLY E 387 28.59 -24.69 -1.64
C GLY E 387 27.93 -25.27 -0.40
N HIS E 388 27.51 -24.41 0.53
CA HIS E 388 26.79 -24.88 1.75
C HIS E 388 25.47 -25.55 1.33
N ALA E 389 24.75 -24.93 0.39
CA ALA E 389 23.49 -25.52 -0.11
C ALA E 389 23.60 -25.68 -1.64
N THR E 390 23.32 -26.88 -2.14
CA THR E 390 23.44 -27.13 -3.60
C THR E 390 22.12 -26.78 -4.30
N THR E 391 21.05 -26.51 -3.55
CA THR E 391 19.72 -26.29 -4.16
C THR E 391 19.06 -25.03 -3.54
N ILE E 392 18.18 -24.38 -4.30
CA ILE E 392 17.46 -23.16 -3.78
C ILE E 392 16.59 -23.60 -2.58
N LYS E 393 15.92 -24.74 -2.70
CA LYS E 393 15.04 -25.23 -1.61
C LYS E 393 15.86 -25.52 -0.36
N GLN E 394 17.04 -26.14 -0.52
CA GLN E 394 17.91 -26.47 0.65
C GLN E 394 18.31 -25.15 1.32
N ALA E 395 18.66 -24.14 0.52
CA ALA E 395 19.08 -22.84 1.08
C ALA E 395 17.92 -22.21 1.86
N LYS E 396 16.71 -22.28 1.31
CA LYS E 396 15.52 -21.71 1.99
C LYS E 396 15.30 -22.44 3.31
N ARG E 397 15.43 -23.76 3.32
CA ARG E 397 15.20 -24.55 4.55
C ARG E 397 16.23 -24.18 5.62
N MET E 398 17.50 -24.05 5.22
CA MET E 398 18.57 -23.65 6.18
C MET E 398 18.29 -22.23 6.69
N VAL E 399 17.87 -21.33 5.80
CA VAL E 399 17.55 -19.92 6.19
C VAL E 399 16.39 -19.94 7.19
N GLU E 400 15.41 -20.82 7.00
CA GLU E 400 14.22 -20.85 7.88
C GLU E 400 14.66 -21.13 9.32
N LEU E 401 15.66 -22.00 9.50
CA LEU E 401 16.12 -22.40 10.85
C LEU E 401 17.09 -21.36 11.43
N GLU E 402 17.39 -20.29 10.68
CA GLU E 402 18.27 -19.21 11.19
C GLU E 402 19.62 -19.78 11.63
N GLU E 403 20.27 -20.55 10.75
CA GLU E 403 21.56 -21.21 11.10
C GLU E 403 22.61 -20.13 11.40
N ALA E 404 23.57 -20.44 12.27
CA ALA E 404 24.59 -19.44 12.69
C ALA E 404 25.42 -18.95 11.51
N VAL E 405 25.80 -19.86 10.60
CA VAL E 405 26.71 -19.47 9.46
C VAL E 405 26.03 -18.39 8.61
N VAL E 406 24.70 -18.39 8.56
CA VAL E 406 23.95 -17.42 7.70
C VAL E 406 24.26 -15.99 8.14
N TRP E 407 24.35 -15.72 9.45
CA TRP E 407 24.55 -14.33 9.93
C TRP E 407 25.88 -13.77 9.41
N ASP E 408 26.95 -14.57 9.45
CA ASP E 408 28.29 -14.11 8.99
C ASP E 408 28.23 -13.80 7.49
N ILE E 409 27.55 -14.66 6.73
CA ILE E 409 27.41 -14.44 5.25
C ILE E 409 26.65 -13.13 5.02
N LEU E 410 25.59 -12.89 5.81
CA LEU E 410 24.79 -11.65 5.66
C LEU E 410 25.68 -10.44 5.95
N GLU E 411 26.52 -10.55 6.98
CA GLU E 411 27.42 -9.42 7.36
C GLU E 411 28.39 -9.13 6.21
N THR E 412 28.95 -10.19 5.60
CA THR E 412 29.89 -10.01 4.46
C THR E 412 29.16 -9.37 3.27
N VAL E 413 27.94 -9.82 2.98
CA VAL E 413 27.15 -9.30 1.82
C VAL E 413 26.80 -7.82 2.04
N ILE E 414 26.45 -7.43 3.26
CA ILE E 414 25.99 -6.03 3.54
C ILE E 414 27.16 -5.14 3.97
N ASN E 415 28.40 -5.66 3.91
CA ASN E 415 29.56 -4.87 4.41
C ASN E 415 29.70 -3.56 3.62
N GLU E 416 29.57 -3.63 2.29
CA GLU E 416 29.76 -2.41 1.45
C GLU E 416 28.51 -2.12 0.60
N HIS E 417 27.31 -2.45 1.10
CA HIS E 417 26.08 -2.27 0.28
C HIS E 417 25.26 -1.09 0.79
N PRO E 418 24.96 -0.07 -0.06
CA PRO E 418 24.19 1.11 0.37
C PRO E 418 22.69 0.86 0.50
N VAL E 419 22.01 1.63 1.36
CA VAL E 419 20.53 1.50 1.51
C VAL E 419 19.92 2.91 1.51
N LEU E 420 18.64 3.02 1.14
CA LEU E 420 17.98 4.35 1.06
C LEU E 420 16.97 4.49 2.20
N LEU E 421 17.03 5.60 2.95
CA LEU E 421 16.05 5.85 4.03
C LEU E 421 15.13 6.99 3.60
N ASN E 422 13.81 6.79 3.71
CA ASN E 422 12.83 7.82 3.25
C ASN E 422 11.79 8.08 4.34
N ARG E 423 11.10 9.22 4.28
CA ARG E 423 10.05 9.56 5.27
C ARG E 423 8.72 9.74 4.53
N ALA E 424 7.59 9.67 5.25
CA ALA E 424 6.27 9.75 4.58
C ALA E 424 6.12 11.09 3.85
N PRO E 425 6.51 12.25 4.43
CA PRO E 425 6.43 13.52 3.72
C PRO E 425 7.80 13.85 3.09
N THR E 426 7.95 13.61 1.79
CA THR E 426 9.22 13.96 1.09
C THR E 426 9.10 15.38 0.51
N LEU E 427 9.12 16.40 1.37
CA LEU E 427 8.96 17.80 0.90
C LEU E 427 10.11 18.17 -0.03
N HIS E 428 11.33 17.73 0.30
CA HIS E 428 12.52 18.09 -0.51
C HIS E 428 13.37 16.85 -0.78
N ARG E 429 14.30 16.93 -1.75
CA ARG E 429 15.15 15.77 -2.13
C ARG E 429 16.01 15.36 -0.94
N LEU E 430 16.31 16.28 -0.02
CA LEU E 430 17.18 15.98 1.16
C LEU E 430 16.50 14.91 2.02
N GLY E 431 15.17 14.82 1.97
CA GLY E 431 14.43 13.85 2.80
C GLY E 431 14.84 12.42 2.47
N ILE E 432 15.06 12.11 1.19
CA ILE E 432 15.55 10.75 0.81
C ILE E 432 17.08 10.78 0.78
N GLN E 433 17.74 9.89 1.53
CA GLN E 433 19.22 9.85 1.60
C GLN E 433 19.71 8.40 1.64
N ALA E 434 20.99 8.17 1.33
CA ALA E 434 21.54 6.79 1.29
C ALA E 434 22.57 6.63 2.41
N PHE E 435 22.45 5.55 3.20
CA PHE E 435 23.41 5.27 4.30
C PHE E 435 23.91 3.83 4.18
N GLU E 436 25.07 3.52 4.76
CA GLU E 436 25.59 2.13 4.73
C GLU E 436 25.09 1.39 5.98
N PRO E 437 24.28 0.31 5.83
CA PRO E 437 23.70 -0.38 6.99
C PRO E 437 24.66 -1.27 7.79
N ARG E 438 24.59 -1.23 9.12
CA ARG E 438 25.41 -2.14 9.96
C ARG E 438 24.44 -2.96 10.82
N LEU E 439 24.59 -4.28 10.86
CA LEU E 439 23.62 -5.13 11.58
C LEU E 439 23.59 -4.74 13.06
N ILE E 440 22.40 -4.58 13.63
CA ILE E 440 22.27 -4.20 15.07
C ILE E 440 21.13 -5.04 15.68
N GLU E 441 21.19 -5.29 16.99
CA GLU E 441 20.12 -6.05 17.68
C GLU E 441 18.90 -5.13 17.86
N GLY E 442 17.71 -5.72 18.00
CA GLY E 442 16.47 -4.92 18.18
C GLY E 442 15.77 -4.64 16.86
N LYS E 443 14.49 -4.27 16.93
CA LYS E 443 13.68 -4.02 15.70
C LYS E 443 13.61 -2.50 15.44
N ALA E 444 14.36 -1.69 16.19
CA ALA E 444 14.26 -0.22 16.05
C ALA E 444 15.38 0.31 15.15
N ILE E 445 15.03 1.01 14.06
CA ILE E 445 16.04 1.57 13.13
C ILE E 445 16.80 2.70 13.82
N GLN E 446 18.12 2.80 13.59
CA GLN E 446 18.95 3.86 14.22
C GLN E 446 19.52 4.77 13.13
N LEU E 447 19.39 6.09 13.27
CA LEU E 447 19.94 7.04 12.28
C LEU E 447 20.75 8.13 13.01
N HIS E 448 21.68 8.80 12.29
CA HIS E 448 22.54 9.82 12.93
C HIS E 448 21.69 11.03 13.36
N PRO E 449 21.99 11.67 14.51
CA PRO E 449 21.20 12.80 15.01
C PRO E 449 21.24 14.02 14.07
N LEU E 450 22.41 14.32 13.51
CA LEU E 450 22.57 15.51 12.62
C LEU E 450 21.67 15.38 11.39
N VAL E 451 21.58 14.17 10.81
CA VAL E 451 20.76 13.94 9.59
C VAL E 451 19.28 14.16 9.92
N CYS E 452 18.90 14.07 11.20
CA CYS E 452 17.48 14.17 11.62
C CYS E 452 16.90 15.52 11.18
N ALA E 453 17.67 16.60 11.31
CA ALA E 453 17.14 17.95 10.99
C ALA E 453 16.70 17.99 9.52
N ALA E 454 17.51 17.43 8.62
CA ALA E 454 17.13 17.38 7.18
C ALA E 454 15.86 16.53 7.03
N PHE E 455 15.78 15.41 7.74
CA PHE E 455 14.58 14.54 7.71
C PHE E 455 13.38 15.28 8.30
N ASN E 456 13.63 16.23 9.21
CA ASN E 456 12.53 16.96 9.89
C ASN E 456 11.64 15.96 10.63
N ALA E 457 12.25 14.97 11.29
CA ALA E 457 11.48 13.96 12.07
C ALA E 457 12.08 13.86 13.48
N ASP E 458 11.29 13.40 14.45
CA ASP E 458 11.76 13.32 15.85
C ASP E 458 11.43 11.94 16.42
N PHE E 459 12.10 11.53 17.51
CA PHE E 459 11.89 10.17 18.07
C PHE E 459 10.63 10.18 18.94
N ASP E 460 9.47 10.44 18.33
CA ASP E 460 8.18 10.45 19.07
C ASP E 460 7.32 9.30 18.53
N GLY E 461 7.94 8.29 17.92
CA GLY E 461 7.17 7.20 17.30
C GLY E 461 7.13 7.34 15.79
N ASP E 462 7.92 8.27 15.23
CA ASP E 462 7.98 8.46 13.75
C ASP E 462 8.52 7.19 13.09
N GLN E 463 8.08 6.91 11.85
CA GLN E 463 8.48 5.65 11.17
C GLN E 463 9.14 5.97 9.82
N MET E 464 10.19 5.23 9.46
CA MET E 464 10.92 5.49 8.18
C MET E 464 10.89 4.23 7.31
N ALA E 465 11.06 4.40 5.99
CA ALA E 465 11.02 3.26 5.05
C ALA E 465 12.39 3.10 4.37
N VAL E 466 12.90 1.87 4.29
CA VAL E 466 14.26 1.64 3.72
C VAL E 466 14.14 0.89 2.38
N HIS E 467 14.82 1.38 1.34
CA HIS E 467 14.79 0.73 0.00
C HIS E 467 16.21 0.31 -0.39
N VAL E 468 16.36 -0.86 -1.04
CA VAL E 468 17.71 -1.38 -1.40
C VAL E 468 17.88 -1.35 -2.92
N PRO E 469 18.97 -0.77 -3.48
CA PRO E 469 19.20 -0.75 -4.92
C PRO E 469 19.84 -2.06 -5.41
N LEU E 470 19.18 -2.77 -6.33
CA LEU E 470 19.71 -4.06 -6.86
C LEU E 470 20.74 -3.85 -7.97
N THR E 471 20.52 -2.88 -8.87
CA THR E 471 21.43 -2.71 -10.03
C THR E 471 22.80 -2.20 -9.58
N VAL E 472 23.87 -2.62 -10.26
CA VAL E 472 25.25 -2.15 -9.93
C VAL E 472 25.33 -0.64 -10.14
N GLU E 473 24.76 -0.15 -11.26
CA GLU E 473 24.78 1.30 -11.55
C GLU E 473 23.99 2.06 -10.48
N SER E 474 22.80 1.55 -10.11
CA SER E 474 21.95 2.24 -9.11
C SER E 474 22.66 2.29 -7.75
N GLN E 475 23.24 1.17 -7.32
CA GLN E 475 23.91 1.12 -5.99
C GLN E 475 25.12 2.07 -5.99
N LEU E 476 25.93 2.03 -7.06
CA LEU E 476 27.08 2.96 -7.17
C LEU E 476 26.56 4.40 -7.30
N GLU E 477 25.53 4.60 -8.13
CA GLU E 477 24.99 5.97 -8.38
C GLU E 477 24.45 6.58 -7.07
N ALA E 478 23.73 5.78 -6.28
CA ALA E 478 23.15 6.27 -5.00
C ALA E 478 24.30 6.68 -4.07
N ARG E 479 25.36 5.88 -4.00
CA ARG E 479 26.52 6.20 -3.14
C ARG E 479 27.15 7.50 -3.62
N VAL E 480 27.30 7.66 -4.94
CA VAL E 480 27.97 8.88 -5.50
C VAL E 480 27.16 10.15 -5.20
N LEU E 481 25.84 10.11 -5.38
CA LEU E 481 25.05 11.38 -5.20
C LEU E 481 24.05 11.30 -4.05
N MET E 482 23.62 10.09 -3.66
CA MET E 482 22.55 10.00 -2.63
C MET E 482 23.13 9.82 -1.22
N MET E 483 24.46 9.78 -1.10
CA MET E 483 25.10 9.56 0.23
C MET E 483 24.86 10.76 1.14
N SER E 484 24.76 10.53 2.45
CA SER E 484 24.53 11.62 3.44
C SER E 484 25.71 12.60 3.41
N THR E 485 26.93 12.08 3.29
CA THR E 485 28.15 12.93 3.28
C THR E 485 28.07 13.89 2.11
N ASN E 486 27.54 13.43 0.97
CA ASN E 486 27.50 14.27 -0.26
C ASN E 486 26.67 15.54 0.01
N ASN E 487 25.55 15.42 0.73
CA ASN E 487 24.67 16.61 0.95
C ASN E 487 25.10 17.30 2.25
N ILE E 488 25.66 18.51 2.16
CA ILE E 488 26.00 19.28 3.40
C ILE E 488 25.19 20.57 3.42
N LEU E 489 25.29 21.38 2.36
CA LEU E 489 24.51 22.64 2.28
C LEU E 489 23.10 22.36 1.77
N SER E 490 22.12 23.19 2.15
CA SER E 490 20.74 23.04 1.64
C SER E 490 20.72 23.35 0.14
N PRO E 491 19.92 22.64 -0.69
CA PRO E 491 19.83 22.98 -2.11
C PRO E 491 19.26 24.39 -2.26
N ALA E 492 18.25 24.73 -1.46
CA ALA E 492 17.63 26.08 -1.51
C ALA E 492 18.64 27.15 -1.08
N SER E 493 19.42 26.90 -0.03
CA SER E 493 20.34 27.96 0.49
C SER E 493 21.73 27.39 0.82
N GLY E 494 22.75 28.25 0.78
CA GLY E 494 24.15 27.82 1.05
C GLY E 494 24.37 27.37 2.48
N GLN E 495 23.53 27.83 3.42
CA GLN E 495 23.74 27.54 4.86
C GLN E 495 23.74 26.01 5.08
N PRO E 496 24.69 25.47 5.88
CA PRO E 496 24.77 24.02 6.14
C PRO E 496 23.58 23.49 6.96
N ILE E 497 23.10 22.28 6.63
CA ILE E 497 21.93 21.68 7.34
C ILE E 497 22.44 20.66 8.37
N ILE E 498 23.77 20.52 8.51
CA ILE E 498 24.34 19.48 9.42
C ILE E 498 24.70 20.07 10.78
N THR E 499 24.34 21.34 11.04
CA THR E 499 24.75 22.01 12.30
C THR E 499 24.02 21.37 13.50
N PRO E 500 24.60 21.40 14.72
CA PRO E 500 23.95 20.86 15.92
C PRO E 500 22.65 21.63 16.21
N THR E 501 21.59 20.93 16.64
CA THR E 501 20.28 21.61 16.81
C THR E 501 19.94 21.89 18.29
N GLN E 502 20.06 20.90 19.17
CA GLN E 502 19.59 21.12 20.57
C GLN E 502 20.71 21.02 21.62
N ASP E 503 20.81 19.89 22.31
CA ASP E 503 21.77 19.74 23.46
C ASP E 503 23.23 19.90 23.03
N ILE E 504 23.61 19.43 21.84
CA ILE E 504 25.06 19.47 21.48
C ILE E 504 25.53 20.92 21.55
N VAL E 505 24.73 21.87 21.04
CA VAL E 505 25.08 23.31 21.11
C VAL E 505 25.12 23.77 22.58
N LEU E 506 24.17 23.32 23.40
CA LEU E 506 24.09 23.81 24.80
C LEU E 506 25.37 23.47 25.58
N GLY E 507 25.88 22.25 25.43
CA GLY E 507 27.08 21.84 26.18
C GLY E 507 28.28 22.70 25.79
N LEU E 508 28.43 22.95 24.48
CA LEU E 508 29.56 23.78 23.98
C LEU E 508 29.41 25.18 24.57
N TYR E 509 28.19 25.72 24.57
CA TYR E 509 27.96 27.10 25.08
C TYR E 509 28.34 27.15 26.56
N TYR E 510 27.96 26.11 27.32
CA TYR E 510 28.26 26.08 28.78
C TYR E 510 29.77 26.05 29.00
N ILE E 511 30.50 25.22 28.25
CA ILE E 511 31.99 25.09 28.42
C ILE E 511 32.68 26.40 28.01
N THR E 512 32.24 27.02 26.91
CA THR E 512 32.90 28.24 26.38
C THR E 512 32.81 29.39 27.38
N ARG E 513 31.77 29.43 28.21
CA ARG E 513 31.56 30.59 29.13
C ARG E 513 32.74 30.72 30.08
N GLU E 514 33.05 31.95 30.48
CA GLU E 514 34.24 32.21 31.35
C GLU E 514 33.76 32.70 32.72
N LYS E 515 34.57 32.49 33.77
CA LYS E 515 34.20 32.95 35.13
C LYS E 515 35.25 33.97 35.61
N GLU E 516 34.81 35.10 36.15
CA GLU E 516 35.76 36.17 36.55
C GLU E 516 36.72 35.62 37.62
N GLY E 517 36.20 34.87 38.59
CA GLY E 517 37.07 34.26 39.62
C GLY E 517 36.97 32.74 39.59
N ALA E 518 38.09 32.05 39.42
CA ALA E 518 38.09 30.57 39.41
C ALA E 518 39.45 30.03 39.88
N ARG E 519 39.48 28.78 40.35
CA ARG E 519 40.76 28.15 40.80
C ARG E 519 41.67 27.98 39.58
N GLY E 520 42.97 28.24 39.76
CA GLY E 520 43.94 28.06 38.66
C GLY E 520 43.93 29.23 37.70
N GLU E 521 43.22 30.31 38.05
CA GLU E 521 43.11 31.48 37.14
C GLU E 521 44.51 32.08 36.92
N GLY E 522 44.82 32.48 35.69
CA GLY E 522 46.12 33.10 35.39
C GLY E 522 47.21 32.07 35.16
N LYS E 523 46.86 30.78 35.18
CA LYS E 523 47.85 29.70 34.93
C LYS E 523 48.26 29.70 33.46
N LEU E 524 49.48 29.24 33.16
CA LEU E 524 49.99 29.22 31.76
C LEU E 524 50.18 27.76 31.33
N PHE E 525 49.57 27.36 30.20
CA PHE E 525 49.72 25.98 29.69
C PHE E 525 50.39 26.01 28.31
N SER E 526 51.52 25.30 28.16
CA SER E 526 52.26 25.28 26.87
C SER E 526 51.43 24.61 25.77
N SER E 527 50.72 23.51 26.08
CA SER E 527 50.00 22.76 25.02
C SER E 527 48.61 22.29 25.48
N TYR E 528 47.78 21.84 24.53
CA TYR E 528 46.41 21.35 24.86
C TYR E 528 46.51 20.16 25.82
N GLU E 529 47.50 19.28 25.61
CA GLU E 529 47.62 18.06 26.45
C GLU E 529 47.81 18.47 27.91
N ASP E 530 48.64 19.49 28.16
CA ASP E 530 48.89 19.95 29.56
C ASP E 530 47.58 20.43 30.18
N VAL E 531 46.80 21.21 29.43
CA VAL E 531 45.50 21.74 29.94
C VAL E 531 44.56 20.56 30.24
N SER E 532 44.54 19.56 29.35
CA SER E 532 43.67 18.36 29.55
C SER E 532 44.09 17.62 30.82
N ARG E 533 45.40 17.47 31.05
CA ARG E 533 45.91 16.80 32.27
C ARG E 533 45.46 17.61 33.50
N ALA E 534 45.55 18.94 33.41
CA ALA E 534 45.13 19.80 34.53
C ALA E 534 43.64 19.61 34.81
N TYR E 535 42.81 19.53 33.76
CA TYR E 535 41.35 19.32 33.92
C TYR E 535 41.10 17.95 34.54
N ASN E 536 41.86 16.94 34.12
CA ASN E 536 41.69 15.57 34.67
C ASN E 536 41.99 15.62 36.17
N SER E 537 43.03 16.38 36.56
CA SER E 537 43.31 16.57 38.01
C SER E 537 42.10 17.27 38.64
N GLY E 538 41.53 18.26 37.94
CA GLY E 538 40.32 18.94 38.44
C GLY E 538 40.62 20.05 39.43
N THR E 539 41.90 20.32 39.69
CA THR E 539 42.28 21.44 40.59
C THR E 539 41.81 22.76 39.96
N ILE E 540 42.02 22.91 38.65
CA ILE E 540 41.62 24.17 37.94
C ILE E 540 40.11 24.13 37.65
N ASP E 541 39.53 25.28 37.28
CA ASP E 541 38.08 25.36 36.96
C ASP E 541 37.94 25.50 35.43
N ILE E 542 36.96 24.84 34.83
CA ILE E 542 36.79 24.86 33.34
C ILE E 542 36.54 26.32 32.90
N HIS E 543 35.72 27.06 33.64
CA HIS E 543 35.39 28.46 33.28
C HIS E 543 36.58 29.38 33.56
N ALA E 544 37.60 28.86 34.26
CA ALA E 544 38.76 29.70 34.66
C ALA E 544 39.53 30.20 33.43
N LYS E 545 40.21 31.34 33.56
CA LYS E 545 40.94 31.94 32.41
C LYS E 545 42.42 31.57 32.48
N ILE E 546 42.99 31.06 31.38
CA ILE E 546 44.42 30.66 31.35
C ILE E 546 45.07 31.21 30.07
N LYS E 547 46.40 31.32 30.05
CA LYS E 547 47.12 31.81 28.84
C LYS E 547 47.76 30.61 28.15
N LEU E 548 47.49 30.41 26.86
CA LEU E 548 48.03 29.24 26.12
C LEU E 548 48.82 29.72 24.89
N ARG E 549 50.03 29.18 24.68
CA ARG E 549 50.84 29.55 23.49
C ARG E 549 50.46 28.62 22.33
N ILE E 550 49.97 29.17 21.22
CA ILE E 550 49.51 28.31 20.09
C ILE E 550 50.26 28.66 18.81
N ASP E 551 50.86 27.67 18.15
CA ASP E 551 51.53 27.92 16.83
C ASP E 551 50.94 26.94 15.81
N ARG E 552 50.34 27.46 14.73
CA ARG E 552 49.73 26.60 13.69
C ARG E 552 49.61 27.36 12.36
N GLN E 553 49.48 26.63 11.25
CA GLN E 553 49.32 27.27 9.91
C GLN E 553 47.92 27.87 9.78
N VAL E 554 47.77 28.92 8.96
CA VAL E 554 46.42 29.53 8.72
C VAL E 554 46.25 29.73 7.21
N PHE E 555 45.04 29.52 6.70
CA PHE E 555 44.78 29.65 5.23
C PHE E 555 44.15 31.01 4.93
N ASP E 556 44.79 31.80 4.05
CA ASP E 556 44.27 33.15 3.69
C ASP E 556 43.14 33.02 2.65
N THR E 557 42.39 34.11 2.43
CA THR E 557 41.31 34.11 1.42
C THR E 557 41.92 33.84 0.04
N LYS E 558 43.10 34.40 -0.23
CA LYS E 558 43.81 34.17 -1.52
C LYS E 558 44.32 32.72 -1.54
N GLY E 559 44.28 32.05 -0.38
CA GLY E 559 44.74 30.65 -0.29
C GLY E 559 46.20 30.55 0.15
N ASN E 560 46.86 31.68 0.39
CA ASN E 560 48.24 31.65 0.94
C ASN E 560 48.18 31.12 2.37
N THR E 561 49.14 30.29 2.77
CA THR E 561 49.14 29.71 4.14
C THR E 561 50.24 30.40 4.97
N TYR E 562 49.88 30.93 6.13
CA TYR E 562 50.87 31.65 6.99
C TYR E 562 50.88 31.03 8.40
N ASN E 563 52.02 31.07 9.08
CA ASN E 563 52.13 30.45 10.44
C ASN E 563 51.63 31.43 11.49
N GLU E 564 50.74 30.98 12.37
CA GLU E 564 50.24 31.85 13.48
C GLU E 564 50.86 31.38 14.79
N LYS E 565 51.55 32.26 15.50
CA LYS E 565 52.20 31.89 16.78
C LYS E 565 52.07 33.04 17.79
N GLY E 566 52.13 32.72 19.08
CA GLY E 566 52.03 33.76 20.13
C GLY E 566 51.34 33.23 21.38
N VAL E 567 51.15 34.09 22.38
CA VAL E 567 50.41 33.66 23.61
C VAL E 567 49.06 34.37 23.63
N VAL E 568 47.96 33.59 23.71
CA VAL E 568 46.60 34.17 23.69
C VAL E 568 45.85 33.69 24.94
N ASN E 569 45.21 34.60 25.67
CA ASN E 569 44.41 34.21 26.86
C ASN E 569 43.16 33.47 26.36
N THR E 570 42.85 32.32 26.97
CA THR E 570 41.68 31.50 26.51
C THR E 570 41.04 30.81 27.71
N THR E 571 39.75 30.46 27.60
CA THR E 571 39.08 29.68 28.68
C THR E 571 39.56 28.23 28.61
N VAL E 572 39.44 27.49 29.73
CA VAL E 572 39.91 26.08 29.77
C VAL E 572 39.11 25.27 28.74
N GLY E 573 37.80 25.52 28.65
CA GLY E 573 36.94 24.79 27.70
C GLY E 573 37.37 25.05 26.27
N ARG E 574 37.72 26.30 25.95
CA ARG E 574 38.17 26.65 24.58
C ARG E 574 39.47 25.90 24.26
N ALA E 575 40.38 25.82 25.23
CA ALA E 575 41.66 25.08 25.03
C ALA E 575 41.34 23.60 24.78
N LEU E 576 40.39 23.03 25.53
CA LEU E 576 40.01 21.60 25.34
C LEU E 576 39.44 21.42 23.93
N LEU E 577 38.64 22.37 23.45
CA LEU E 577 38.02 22.28 22.10
C LEU E 577 39.08 22.50 21.02
N LEU E 578 40.26 23.00 21.39
CA LEU E 578 41.33 23.31 20.40
C LEU E 578 41.76 22.03 19.67
N ASN E 579 41.83 20.89 20.37
CA ASN E 579 42.30 19.62 19.76
C ASN E 579 41.39 19.21 18.59
N ILE E 580 40.07 19.39 18.75
CA ILE E 580 39.10 18.97 17.69
C ILE E 580 39.34 19.77 16.41
N LEU E 581 39.65 21.06 16.51
CA LEU E 581 39.80 21.90 15.28
C LEU E 581 40.90 21.36 14.38
N PRO E 582 40.68 21.27 13.05
CA PRO E 582 41.68 20.78 12.10
C PRO E 582 42.75 21.84 11.77
N GLU E 583 43.90 21.40 11.23
CA GLU E 583 44.98 22.34 10.85
C GLU E 583 44.50 23.23 9.69
N GLY E 584 44.99 24.47 9.61
CA GLY E 584 44.57 25.40 8.54
C GLY E 584 43.36 26.22 8.95
N LEU E 585 42.88 26.06 10.19
CA LEU E 585 41.74 26.87 10.69
C LEU E 585 42.22 27.72 11.88
N SER E 586 41.95 29.02 11.85
CA SER E 586 42.43 29.94 12.93
C SER E 586 41.75 29.64 14.27
N PHE E 587 42.45 29.88 15.38
CA PHE E 587 41.89 29.61 16.73
C PHE E 587 40.85 30.68 17.08
N SER E 588 40.77 31.74 16.28
CA SER E 588 39.86 32.87 16.57
C SER E 588 38.41 32.37 16.61
N LEU E 589 38.02 31.50 15.67
CA LEU E 589 36.60 31.05 15.61
C LEU E 589 36.25 30.34 16.92
N LEU E 590 37.14 29.48 17.42
CA LEU E 590 36.91 28.78 18.72
C LEU E 590 36.95 29.78 19.88
N ASN E 591 37.69 30.89 19.73
CA ASN E 591 37.87 31.84 20.86
C ASN E 591 36.66 32.78 20.94
N LYS E 592 35.49 32.23 21.31
CA LYS E 592 34.25 33.04 21.43
C LYS E 592 33.23 32.28 22.29
N VAL E 593 32.05 32.87 22.51
CA VAL E 593 30.99 32.22 23.34
C VAL E 593 30.54 30.94 22.64
N LEU E 594 30.84 30.81 21.34
CA LEU E 594 30.47 29.58 20.59
C LEU E 594 28.95 29.35 20.63
N VAL E 595 28.16 30.39 20.35
CA VAL E 595 26.67 30.25 20.31
C VAL E 595 26.28 29.46 19.06
N LYS E 596 25.03 29.01 18.96
CA LYS E 596 24.62 28.13 17.83
C LYS E 596 24.90 28.83 16.49
N LYS E 597 24.64 30.14 16.41
CA LYS E 597 24.91 30.89 15.16
C LYS E 597 26.42 30.82 14.85
N GLU E 598 27.26 30.93 15.88
CA GLU E 598 28.74 30.86 15.68
C GLU E 598 29.12 29.47 15.14
N ILE E 599 28.51 28.40 15.67
CA ILE E 599 28.89 27.02 15.25
C ILE E 599 28.60 26.86 13.75
N SER E 600 27.46 27.35 13.30
CA SER E 600 27.07 27.22 11.86
C SER E 600 28.08 27.98 11.00
N LYS E 601 28.49 29.18 11.43
CA LYS E 601 29.46 30.00 10.67
C LYS E 601 30.79 29.24 10.60
N ILE E 602 31.20 28.62 11.71
CA ILE E 602 32.49 27.87 11.74
C ILE E 602 32.39 26.72 10.74
N ILE E 603 31.25 26.01 10.72
CA ILE E 603 31.07 24.86 9.80
C ILE E 603 31.17 25.36 8.35
N ASN E 604 30.52 26.49 8.05
CA ASN E 604 30.52 27.03 6.67
C ASN E 604 31.95 27.38 6.28
N GLN E 605 32.70 28.01 7.20
CA GLN E 605 34.10 28.44 6.90
C GLN E 605 34.95 27.20 6.62
N ALA E 606 34.76 26.14 7.42
CA ALA E 606 35.53 24.90 7.22
C ALA E 606 35.20 24.29 5.85
N PHE E 607 33.92 24.25 5.49
CA PHE E 607 33.50 23.62 4.20
C PHE E 607 34.03 24.41 3.01
N ARG E 608 33.96 25.75 3.06
CA ARG E 608 34.36 26.57 1.89
C ARG E 608 35.85 26.39 1.58
N VAL E 609 36.71 26.40 2.60
CA VAL E 609 38.18 26.33 2.32
C VAL E 609 38.70 24.91 2.53
N LEU E 610 38.42 24.30 3.69
CA LEU E 610 38.96 22.95 4.00
C LEU E 610 38.39 21.91 3.02
N GLY E 611 37.10 21.99 2.72
CA GLY E 611 36.45 20.99 1.85
C GLY E 611 35.40 20.20 2.61
N GLY E 612 34.56 19.45 1.90
CA GLY E 612 33.45 18.73 2.56
C GLY E 612 33.91 17.66 3.54
N LYS E 613 34.94 16.88 3.18
CA LYS E 613 35.38 15.76 4.05
C LYS E 613 35.88 16.31 5.40
N ALA E 614 36.69 17.37 5.36
CA ALA E 614 37.23 17.97 6.60
C ALA E 614 36.06 18.48 7.44
N THR E 615 35.07 19.11 6.79
CA THR E 615 33.91 19.66 7.51
C THR E 615 33.14 18.53 8.19
N VAL E 616 32.94 17.41 7.50
CA VAL E 616 32.18 16.26 8.07
C VAL E 616 32.94 15.74 9.30
N VAL E 617 34.26 15.62 9.19
CA VAL E 617 35.07 15.10 10.33
C VAL E 617 34.92 16.07 11.51
N LEU E 618 34.98 17.38 11.23
CA LEU E 618 34.88 18.40 12.30
C LEU E 618 33.50 18.30 12.96
N ALA E 619 32.45 18.11 12.16
CA ALA E 619 31.06 18.01 12.71
C ALA E 619 30.96 16.78 13.62
N ASP E 620 31.51 15.65 13.20
CA ASP E 620 31.47 14.42 14.03
C ASP E 620 32.24 14.62 15.33
N LYS E 621 33.39 15.32 15.27
CA LYS E 621 34.18 15.57 16.50
C LYS E 621 33.39 16.49 17.44
N LEU E 622 32.76 17.53 16.87
CA LEU E 622 31.99 18.49 17.70
C LEU E 622 30.83 17.75 18.37
N MET E 623 30.15 16.87 17.62
CA MET E 623 28.99 16.13 18.16
C MET E 623 29.47 15.25 19.32
N TYR E 624 30.61 14.58 19.16
CA TYR E 624 31.15 13.72 20.24
C TYR E 624 31.49 14.57 21.47
N ALA E 625 32.14 15.72 21.26
CA ALA E 625 32.55 16.57 22.41
C ALA E 625 31.34 17.11 23.16
N GLY E 626 30.31 17.57 22.43
CA GLY E 626 29.15 18.20 23.09
C GLY E 626 28.41 17.24 24.00
N PHE E 627 28.21 16.00 23.52
CA PHE E 627 27.46 15.01 24.34
C PHE E 627 28.24 14.72 25.63
N LYS E 628 29.57 14.56 25.52
CA LYS E 628 30.39 14.22 26.71
C LYS E 628 30.40 15.39 27.71
N TYR E 629 30.60 16.61 27.24
CA TYR E 629 30.65 17.80 28.14
C TYR E 629 29.29 18.11 28.76
N SER E 630 28.21 17.95 27.99
CA SER E 630 26.86 18.31 28.51
C SER E 630 26.52 17.43 29.71
N THR E 631 26.81 16.13 29.62
CA THR E 631 26.50 15.21 30.74
C THR E 631 27.31 15.63 31.97
N LEU E 632 28.57 16.01 31.77
CA LEU E 632 29.44 16.45 32.90
C LEU E 632 28.82 17.72 33.51
N SER E 633 28.29 18.61 32.67
CA SER E 633 27.62 19.84 33.19
C SER E 633 26.40 19.46 34.04
N GLY E 634 25.65 18.43 33.63
CA GLY E 634 24.49 17.97 34.42
C GLY E 634 23.49 19.11 34.62
N VAL E 635 23.24 19.90 33.58
CA VAL E 635 22.28 21.03 33.66
C VAL E 635 20.90 20.46 33.96
N SER E 636 20.13 21.11 34.84
CA SER E 636 18.78 20.61 35.21
C SER E 636 17.77 21.76 35.21
N VAL E 637 16.48 21.44 35.05
CA VAL E 637 15.41 22.48 35.01
C VAL E 637 14.53 22.32 36.27
N GLY E 638 14.33 23.41 37.01
CA GLY E 638 13.55 23.33 38.27
C GLY E 638 12.55 24.46 38.38
N VAL E 639 11.51 24.27 39.21
CA VAL E 639 10.46 25.31 39.41
C VAL E 639 11.12 26.58 39.98
N ASP E 640 12.07 26.40 40.91
CA ASP E 640 12.76 27.55 41.54
C ASP E 640 13.56 28.33 40.49
N ASP E 641 14.02 27.66 39.44
CA ASP E 641 14.88 28.33 38.44
C ASP E 641 14.12 29.52 37.83
N MET E 642 12.84 29.33 37.49
CA MET E 642 12.02 30.46 36.98
C MET E 642 11.73 31.43 38.13
N THR E 643 11.92 32.74 37.91
CA THR E 643 11.74 33.73 39.01
C THR E 643 10.67 34.75 38.63
N ILE E 644 9.64 34.92 39.48
CA ILE E 644 8.58 35.94 39.25
C ILE E 644 9.15 37.32 39.59
N PRO E 645 8.78 38.40 38.87
CA PRO E 645 9.24 39.76 39.20
C PRO E 645 8.67 40.30 40.53
N ASP E 646 9.52 40.95 41.34
CA ASP E 646 9.09 41.52 42.64
C ASP E 646 8.07 42.66 42.46
N ASN E 647 8.24 43.47 41.42
CA ASN E 647 7.38 44.67 41.23
C ASN E 647 6.13 44.34 40.42
N LYS E 648 5.91 43.07 40.08
CA LYS E 648 4.77 42.70 39.20
C LYS E 648 3.45 43.13 39.87
N GLU E 649 3.32 42.91 41.18
CA GLU E 649 2.03 43.23 41.87
C GLU E 649 1.74 44.72 41.76
N ALA E 650 2.76 45.57 41.95
CA ALA E 650 2.55 47.03 41.90
C ALA E 650 2.10 47.43 40.49
N LYS E 651 2.74 46.86 39.47
CA LYS E 651 2.38 47.19 38.06
C LYS E 651 0.93 46.77 37.81
N ILE E 652 0.55 45.58 38.30
CA ILE E 652 -0.83 45.07 38.08
C ILE E 652 -1.82 46.04 38.74
N GLU E 653 -1.49 46.48 39.96
CA GLU E 653 -2.40 47.40 40.70
C GLU E 653 -2.54 48.72 39.93
N GLU E 654 -1.43 49.24 39.40
CA GLU E 654 -1.46 50.53 38.65
C GLU E 654 -2.35 50.35 37.41
N ALA E 655 -2.19 49.22 36.71
CA ALA E 655 -2.99 48.97 35.49
C ALA E 655 -4.47 48.89 35.87
N GLU E 656 -4.77 48.20 36.97
CA GLU E 656 -6.19 48.06 37.41
C GLU E 656 -6.76 49.45 37.75
N LYS E 657 -5.96 50.30 38.41
CA LYS E 657 -6.41 51.67 38.76
C LYS E 657 -6.70 52.46 37.48
N GLU E 658 -5.84 52.33 36.46
CA GLU E 658 -6.06 53.04 35.16
C GLU E 658 -7.36 52.54 34.53
N ILE E 659 -7.59 51.22 34.56
CA ILE E 659 -8.84 50.64 33.97
C ILE E 659 -10.04 51.20 34.72
N LYS E 660 -9.95 51.29 36.05
CA LYS E 660 -11.06 51.82 36.89
C LYS E 660 -11.34 53.27 36.50
N GLN E 661 -10.28 54.07 36.28
CA GLN E 661 -10.45 55.49 35.89
C GLN E 661 -11.18 55.55 34.54
N ILE E 662 -10.79 54.69 33.59
CA ILE E 662 -11.46 54.68 32.25
C ILE E 662 -12.93 54.30 32.42
N THR E 663 -13.22 53.32 33.28
CA THR E 663 -14.62 52.88 33.53
C THR E 663 -15.42 54.04 34.13
N GLU E 664 -14.79 54.78 35.06
CA GLU E 664 -15.46 55.93 35.71
C GLU E 664 -15.77 56.99 34.65
N GLN E 665 -14.85 57.22 33.71
CA GLN E 665 -15.08 58.20 32.62
C GLN E 665 -16.26 57.73 31.75
N TYR E 666 -16.30 56.44 31.40
CA TYR E 666 -17.38 55.91 30.53
C TYR E 666 -18.74 56.01 31.23
N GLN E 667 -18.80 55.70 32.53
CA GLN E 667 -20.10 55.69 33.26
C GLN E 667 -20.71 57.09 33.19
N SER E 668 -19.89 58.13 33.33
CA SER E 668 -20.38 59.53 33.22
C SER E 668 -20.91 59.78 31.80
N SER E 669 -20.43 59.00 30.83
CA SER E 669 -20.83 59.19 29.41
C SER E 669 -19.86 60.15 28.72
N LEU E 670 -18.82 60.60 29.44
CA LEU E 670 -17.83 61.56 28.89
C LEU E 670 -17.08 60.95 27.69
N ILE E 671 -16.75 59.66 27.77
CA ILE E 671 -15.92 59.03 26.68
C ILE E 671 -16.76 57.97 25.96
N THR E 672 -16.52 57.80 24.65
CA THR E 672 -17.27 56.79 23.84
C THR E 672 -16.81 55.37 24.24
N GLU E 673 -17.69 54.38 24.05
CA GLU E 673 -17.35 52.97 24.44
C GLU E 673 -16.16 52.46 23.64
N ASN E 674 -16.13 52.73 22.33
CA ASN E 674 -15.05 52.18 21.46
C ASN E 674 -13.69 52.73 21.90
N GLU E 675 -13.64 54.05 22.16
CA GLU E 675 -12.36 54.69 22.58
C GLU E 675 -11.92 54.09 23.92
N ARG E 676 -12.86 53.89 24.84
CA ARG E 676 -12.53 53.33 26.18
C ARG E 676 -11.95 51.92 25.98
N TYR E 677 -12.57 51.12 25.10
CA TYR E 677 -12.09 49.74 24.89
C TYR E 677 -10.67 49.77 24.34
N ASN E 678 -10.42 50.66 23.36
CA ASN E 678 -9.07 50.74 22.74
C ASN E 678 -8.06 51.17 23.81
N ASN E 679 -8.43 52.15 24.65
CA ASN E 679 -7.50 52.65 25.69
C ASN E 679 -7.18 51.52 26.66
N ILE E 680 -8.20 50.74 27.06
CA ILE E 680 -7.99 49.63 28.04
C ILE E 680 -7.02 48.62 27.42
N ILE E 681 -7.23 48.29 26.14
CA ILE E 681 -6.37 47.27 25.48
C ILE E 681 -4.93 47.79 25.47
N ASN E 682 -4.74 49.07 25.13
CA ASN E 682 -3.38 49.64 25.04
C ASN E 682 -2.73 49.59 26.43
N ILE E 683 -3.48 49.95 27.47
CA ILE E 683 -2.91 49.98 28.84
C ILE E 683 -2.49 48.57 29.23
N TRP E 684 -3.34 47.58 28.95
CA TRP E 684 -3.03 46.18 29.33
C TRP E 684 -1.77 45.74 28.60
N SER E 685 -1.67 46.06 27.30
CA SER E 685 -0.51 45.61 26.50
C SER E 685 0.76 46.25 27.08
N LYS E 686 0.70 47.54 27.41
CA LYS E 686 1.91 48.24 27.95
C LYS E 686 2.31 47.60 29.27
N THR E 687 1.34 47.33 30.14
CA THR E 687 1.66 46.74 31.47
C THR E 687 2.30 45.36 31.26
N SER E 688 1.73 44.57 30.35
CA SER E 688 2.26 43.20 30.11
C SER E 688 3.70 43.30 29.59
N ASP E 689 3.95 44.24 28.68
CA ASP E 689 5.31 44.38 28.09
C ASP E 689 6.30 44.76 29.20
N GLU E 690 5.90 45.69 30.08
CA GLU E 690 6.80 46.13 31.18
C GLU E 690 7.09 44.95 32.10
N VAL E 691 6.06 44.15 32.40
CA VAL E 691 6.24 42.97 33.31
C VAL E 691 7.24 42.00 32.66
N GLY E 692 7.09 41.77 31.34
CA GLY E 692 8.00 40.87 30.63
C GLY E 692 9.43 41.40 30.63
N ALA E 693 9.59 42.70 30.42
CA ALA E 693 10.95 43.32 30.40
C ALA E 693 11.60 43.17 31.77
N SER E 694 10.83 43.37 32.84
CA SER E 694 11.38 43.28 34.22
C SER E 694 11.84 41.85 34.51
N MET E 695 11.07 40.85 34.08
CA MET E 695 11.41 39.43 34.40
C MET E 695 12.77 39.05 33.79
N MET E 696 13.06 39.52 32.57
CA MET E 696 14.32 39.12 31.88
C MET E 696 15.54 39.57 32.70
N ASP E 697 15.51 40.80 33.22
CA ASP E 697 16.72 41.33 33.92
C ASP E 697 17.06 40.48 35.14
N ALA E 698 16.08 40.13 35.98
CA ALA E 698 16.39 39.40 37.23
C ALA E 698 16.97 38.01 36.93
N ILE E 699 16.33 37.25 36.03
CA ILE E 699 16.79 35.87 35.70
C ILE E 699 18.15 35.95 35.00
N SER E 700 18.27 36.86 34.03
CA SER E 700 19.53 37.02 33.26
C SER E 700 20.67 37.56 34.15
N LYS E 701 20.34 38.41 35.12
CA LYS E 701 21.40 39.07 35.93
C LYS E 701 21.44 38.53 37.37
N ASP E 702 22.64 38.14 37.84
CA ASP E 702 22.81 37.68 39.24
C ASP E 702 23.86 38.57 39.91
N THR E 703 23.58 39.07 41.13
CA THR E 703 24.54 39.94 41.85
C THR E 703 25.19 39.11 42.99
N VAL E 704 26.52 39.08 43.06
CA VAL E 704 27.22 38.26 44.10
C VAL E 704 28.26 39.13 44.81
N SER E 705 28.47 38.88 46.11
CA SER E 705 29.47 39.66 46.90
C SER E 705 30.87 39.06 46.70
N ILE E 706 31.51 39.35 45.56
CA ILE E 706 32.89 38.84 45.29
C ILE E 706 33.86 39.65 46.16
N ASN E 707 35.11 39.19 46.25
CA ASN E 707 36.09 39.87 47.13
C ASN E 707 36.24 41.33 46.66
N GLY E 708 36.24 42.27 47.61
CA GLY E 708 36.41 43.71 47.26
C GLY E 708 35.08 44.41 47.02
N GLU E 709 33.96 43.68 47.01
CA GLU E 709 32.62 44.32 46.88
C GLU E 709 31.65 43.40 46.14
N LYS E 710 30.40 43.83 45.95
CA LYS E 710 29.38 42.98 45.29
C LYS E 710 29.11 43.55 43.88
N LYS E 711 29.20 42.70 42.85
CA LYS E 711 29.02 43.18 41.45
C LYS E 711 28.06 42.25 40.70
N GLU E 712 27.38 42.79 39.66
CA GLU E 712 26.43 41.97 38.86
C GLU E 712 27.21 41.15 37.82
N ILE E 713 26.86 39.86 37.67
CA ILE E 713 27.53 38.99 36.67
C ILE E 713 26.45 38.21 35.90
N GLU E 714 26.78 37.70 34.71
CA GLU E 714 25.77 37.00 33.87
C GLU E 714 25.27 35.78 34.65
N SER E 715 23.96 35.53 34.63
CA SER E 715 23.37 34.41 35.42
C SER E 715 23.76 33.06 34.82
N PHE E 716 23.89 32.03 35.67
CA PHE E 716 24.19 30.66 35.19
C PHE E 716 22.91 29.82 35.20
N ASN E 717 21.75 30.48 35.36
CA ASN E 717 20.46 29.73 35.46
C ASN E 717 20.28 28.89 34.20
N SER E 718 19.81 27.65 34.35
CA SER E 718 19.67 26.72 33.19
C SER E 718 18.69 27.30 32.15
N VAL E 719 17.56 27.85 32.61
CA VAL E 719 16.54 28.35 31.63
C VAL E 719 17.15 29.48 30.79
N TYR E 720 17.85 30.42 31.43
CA TYR E 720 18.46 31.57 30.71
C TYR E 720 19.51 31.04 29.72
N MET E 721 20.33 30.08 30.15
CA MET E 721 21.40 29.53 29.28
C MET E 721 20.73 28.91 28.04
N MET E 722 19.65 28.16 28.25
CA MET E 722 18.95 27.50 27.12
C MET E 722 18.37 28.57 26.18
N ALA E 723 17.73 29.60 26.74
CA ALA E 723 17.16 30.69 25.92
C ALA E 723 18.26 31.48 25.22
N LYS E 724 19.33 31.82 25.96
CA LYS E 724 20.48 32.56 25.36
C LYS E 724 21.20 31.67 24.35
N SER E 725 21.36 30.38 24.67
CA SER E 725 22.10 29.46 23.78
C SER E 725 21.36 29.42 22.44
N GLY E 726 20.02 29.41 22.48
CA GLY E 726 19.21 29.34 21.25
C GLY E 726 19.02 27.91 20.78
N ALA E 727 19.54 26.93 21.53
CA ALA E 727 19.33 25.51 21.17
C ALA E 727 17.83 25.19 21.23
N ARG E 728 17.13 25.65 22.28
CA ARG E 728 15.67 25.41 22.39
C ARG E 728 14.98 26.55 23.18
N GLY E 729 13.68 26.73 22.99
CA GLY E 729 12.93 27.79 23.71
C GLY E 729 13.02 29.14 23.02
N SER E 730 12.36 30.16 23.60
CA SER E 730 12.41 31.53 23.03
C SER E 730 11.99 32.55 24.11
N TYR E 731 12.17 33.84 23.84
CA TYR E 731 11.85 34.89 24.85
C TYR E 731 10.36 34.83 25.22
N ASN E 732 9.48 34.60 24.25
CA ASN E 732 8.02 34.62 24.52
C ASN E 732 7.64 33.54 25.54
N GLN E 733 8.19 32.33 25.39
CA GLN E 733 7.88 31.22 26.34
C GLN E 733 8.36 31.60 27.74
N MET E 734 9.55 32.19 27.84
CA MET E 734 10.09 32.61 29.16
C MET E 734 9.17 33.69 29.75
N ARG E 735 8.69 34.60 28.90
CA ARG E 735 7.80 35.69 29.36
C ARG E 735 6.51 35.06 29.92
N GLN E 736 5.94 34.08 29.22
CA GLN E 736 4.66 33.46 29.67
C GLN E 736 4.88 32.72 30.99
N LEU E 737 5.96 31.93 31.10
CA LEU E 737 6.20 31.12 32.33
C LEU E 737 6.46 32.01 33.54
N ALA E 738 7.33 33.03 33.40
CA ALA E 738 7.65 33.94 34.53
C ALA E 738 6.89 35.25 34.37
N GLY E 739 6.23 35.44 33.22
CA GLY E 739 5.45 36.66 32.98
C GLY E 739 3.96 36.39 33.08
N MET E 740 3.16 37.03 32.23
CA MET E 740 1.69 36.86 32.28
C MET E 740 1.16 36.55 30.87
N ARG E 741 0.03 35.83 30.78
CA ARG E 741 -0.59 35.56 29.45
C ARG E 741 -1.03 36.88 28.84
N GLY E 742 -1.57 37.78 29.66
CA GLY E 742 -2.06 39.09 29.17
C GLY E 742 -3.20 38.95 28.18
N LEU E 743 -3.13 39.66 27.04
CA LEU E 743 -4.24 39.66 26.06
C LEU E 743 -4.40 38.27 25.42
N MET E 744 -5.65 37.80 25.27
CA MET E 744 -5.91 36.49 24.59
C MET E 744 -6.81 36.73 23.38
N ALA E 745 -6.41 36.25 22.20
CA ALA E 745 -7.19 36.48 20.96
C ALA E 745 -8.39 35.54 20.88
N LYS E 746 -9.57 36.07 20.58
CA LYS E 746 -10.78 35.22 20.38
C LYS E 746 -10.78 34.67 18.96
N PRO E 747 -11.74 33.81 18.55
CA PRO E 747 -11.72 33.20 17.22
C PRO E 747 -11.73 34.34 16.19
N ASP E 748 -12.49 35.41 16.46
CA ASP E 748 -12.48 36.60 15.57
C ASP E 748 -11.06 37.16 15.57
N GLY E 749 -10.37 37.10 16.72
CA GLY E 749 -9.00 37.64 16.84
C GLY E 749 -8.98 39.00 17.50
N THR E 750 -10.16 39.58 17.76
CA THR E 750 -10.20 40.86 18.51
C THR E 750 -9.80 40.55 19.95
N MET E 751 -8.90 41.34 20.54
CA MET E 751 -8.40 41.04 21.91
C MET E 751 -9.55 41.19 22.91
N ILE E 752 -9.70 40.22 23.83
CA ILE E 752 -10.74 40.34 24.89
C ILE E 752 -10.33 41.47 25.82
N GLU E 753 -11.29 42.29 26.28
CA GLU E 753 -10.97 43.46 27.15
C GLU E 753 -10.34 42.96 28.45
N THR E 754 -10.90 41.89 29.04
CA THR E 754 -10.29 41.30 30.26
C THR E 754 -8.98 40.61 29.84
N ALA E 755 -7.95 40.69 30.70
CA ALA E 755 -6.64 40.07 30.38
C ALA E 755 -6.22 39.16 31.54
N ILE E 756 -5.34 38.19 31.28
CA ILE E 756 -4.94 37.23 32.33
C ILE E 756 -3.64 37.71 32.98
N THR E 757 -3.67 38.01 34.28
CA THR E 757 -2.43 38.41 35.00
C THR E 757 -1.78 37.13 35.56
N ALA E 758 -2.47 36.00 35.42
CA ALA E 758 -1.96 34.72 35.95
C ALA E 758 -0.80 34.21 35.10
N ASN E 759 0.06 33.36 35.68
CA ASN E 759 1.21 32.78 34.95
C ASN E 759 1.20 31.25 35.11
N PHE E 760 1.87 30.52 34.23
CA PHE E 760 1.80 29.03 34.28
C PHE E 760 2.34 28.51 35.62
N ARG E 761 3.43 29.09 36.12
CA ARG E 761 4.03 28.57 37.39
C ARG E 761 3.04 28.75 38.53
N GLU E 762 2.38 29.92 38.62
CA GLU E 762 1.37 30.17 39.69
C GLU E 762 0.04 29.52 39.31
N GLY E 763 -0.10 29.09 38.05
CA GLY E 763 -1.38 28.50 37.58
C GLY E 763 -2.36 29.58 37.15
N LEU E 764 -3.55 29.19 36.70
CA LEU E 764 -4.54 30.18 36.19
C LEU E 764 -5.94 29.81 36.69
N SER E 765 -6.86 30.78 36.73
CA SER E 765 -8.25 30.51 37.16
C SER E 765 -8.98 29.73 36.06
N VAL E 766 -10.08 29.05 36.42
CA VAL E 766 -10.81 28.21 35.42
C VAL E 766 -11.31 29.11 34.29
N LEU E 767 -11.85 30.29 34.61
CA LEU E 767 -12.37 31.22 33.58
C LEU E 767 -11.22 31.66 32.66
N GLN E 768 -10.07 31.98 33.23
CA GLN E 768 -8.89 32.42 32.42
C GLN E 768 -8.46 31.28 31.50
N TYR E 769 -8.45 30.04 32.02
CA TYR E 769 -8.04 28.87 31.20
C TYR E 769 -9.04 28.72 30.05
N PHE E 770 -10.33 28.91 30.33
CA PHE E 770 -11.38 28.79 29.29
C PHE E 770 -11.16 29.85 28.21
N THR E 771 -10.83 31.08 28.62
CA THR E 771 -10.57 32.17 27.64
C THR E 771 -9.36 31.79 26.78
N SER E 772 -8.31 31.24 27.40
CA SER E 772 -7.09 30.83 26.66
C SER E 772 -7.36 29.63 25.74
N THR E 773 -8.35 28.79 26.08
CA THR E 773 -8.57 27.54 25.29
C THR E 773 -8.91 27.84 23.83
N HIS E 774 -9.69 28.89 23.55
CA HIS E 774 -10.14 29.12 22.15
C HIS E 774 -8.94 29.32 21.22
N GLY E 775 -7.94 30.11 21.64
CA GLY E 775 -6.80 30.41 20.74
C GLY E 775 -6.04 29.15 20.36
N ALA E 776 -5.76 28.30 21.35
CA ALA E 776 -5.00 27.05 21.09
C ALA E 776 -5.80 26.17 20.12
N ARG E 777 -7.11 26.05 20.36
CA ARG E 777 -7.94 25.18 19.49
C ARG E 777 -7.94 25.73 18.06
N LYS E 778 -8.05 27.05 17.92
CA LYS E 778 -8.11 27.68 16.57
C LYS E 778 -6.78 27.39 15.87
N GLY E 779 -5.66 27.54 16.58
CA GLY E 779 -4.34 27.28 15.97
C GLY E 779 -4.20 25.83 15.54
N LEU E 780 -4.66 24.88 16.37
CA LEU E 780 -4.57 23.44 16.03
C LEU E 780 -5.43 23.16 14.79
N ALA E 781 -6.62 23.77 14.71
CA ALA E 781 -7.51 23.57 13.54
C ALA E 781 -6.81 24.12 12.29
N ASP E 782 -6.17 25.29 12.41
CA ASP E 782 -5.47 25.91 11.25
C ASP E 782 -4.31 25.04 10.79
N THR E 783 -3.54 24.46 11.72
CA THR E 783 -2.32 23.70 11.31
C THR E 783 -2.71 22.50 10.42
N ALA E 784 -3.73 21.74 10.81
CA ALA E 784 -4.13 20.53 10.05
C ALA E 784 -4.63 20.90 8.65
N LEU E 785 -5.47 21.93 8.54
CA LEU E 785 -6.07 22.32 7.23
C LEU E 785 -5.00 22.80 6.25
N LYS E 786 -4.00 23.54 6.73
CA LYS E 786 -2.97 24.14 5.83
C LYS E 786 -2.10 23.07 5.14
N THR E 787 -2.00 21.87 5.70
CA THR E 787 -1.06 20.86 5.13
C THR E 787 -1.40 20.57 3.66
N ALA E 788 -2.70 20.39 3.34
CA ALA E 788 -3.09 20.05 1.95
C ALA E 788 -2.72 21.17 0.97
N ASN E 789 -2.95 22.43 1.36
CA ASN E 789 -2.74 23.56 0.43
C ASN E 789 -1.25 23.63 0.00
N ALA E 790 -0.33 23.46 0.95
CA ALA E 790 1.10 23.58 0.61
C ALA E 790 1.47 22.50 -0.41
N GLY E 791 1.00 21.27 -0.18
CA GLY E 791 1.30 20.16 -1.11
C GLY E 791 0.73 20.42 -2.48
N TYR E 792 -0.50 20.91 -2.55
CA TYR E 792 -1.16 21.19 -3.85
C TYR E 792 -0.34 22.26 -4.60
N LEU E 793 0.08 23.30 -3.88
CA LEU E 793 0.85 24.40 -4.51
C LEU E 793 2.19 23.84 -5.04
N THR E 794 2.84 22.99 -4.24
CA THR E 794 4.15 22.40 -4.66
C THR E 794 3.94 21.55 -5.92
N ARG E 795 2.84 20.79 -5.96
CA ARG E 795 2.55 19.92 -7.14
C ARG E 795 2.35 20.80 -8.38
N ARG E 796 1.62 21.91 -8.24
CA ARG E 796 1.38 22.81 -9.41
C ARG E 796 2.73 23.39 -9.87
N LEU E 797 3.58 23.80 -8.93
CA LEU E 797 4.90 24.38 -9.29
C LEU E 797 5.73 23.32 -10.02
N VAL E 798 5.70 22.08 -9.53
CA VAL E 798 6.50 20.98 -10.15
C VAL E 798 5.99 20.77 -11.58
N ASP E 799 4.66 20.80 -11.76
CA ASP E 799 4.07 20.59 -13.11
C ASP E 799 4.56 21.69 -14.05
N VAL E 800 4.55 22.95 -13.59
CA VAL E 800 4.96 24.10 -14.45
C VAL E 800 6.46 24.01 -14.79
N ALA E 801 7.31 23.68 -13.82
CA ALA E 801 8.78 23.69 -14.05
C ALA E 801 9.33 22.26 -14.17
N GLN E 802 8.47 21.26 -14.33
CA GLN E 802 8.93 19.85 -14.32
C GLN E 802 9.91 19.55 -15.46
N ASP E 803 9.66 20.04 -16.68
CA ASP E 803 10.53 19.67 -17.84
C ASP E 803 11.81 20.51 -17.91
N LEU E 804 11.91 21.62 -17.15
CA LEU E 804 13.08 22.53 -17.29
C LEU E 804 14.38 21.82 -16.89
N VAL E 805 15.46 22.03 -17.65
CA VAL E 805 16.78 21.39 -17.35
C VAL E 805 17.91 22.16 -18.05
N VAL E 806 19.17 21.93 -17.66
CA VAL E 806 20.33 22.64 -18.28
C VAL E 806 20.96 21.72 -19.34
N ILE E 807 21.03 22.17 -20.59
CA ILE E 807 21.55 21.30 -21.69
C ILE E 807 22.83 21.88 -22.31
N GLU E 808 23.11 23.17 -22.12
CA GLU E 808 24.30 23.78 -22.77
C GLU E 808 25.07 24.67 -21.80
N GLU E 809 26.40 24.74 -21.93
CA GLU E 809 27.24 25.54 -21.01
C GLU E 809 26.91 27.03 -21.14
N ASP E 810 26.81 27.54 -22.38
CA ASP E 810 26.58 29.01 -22.54
C ASP E 810 25.56 29.30 -23.66
N CYS E 811 24.49 30.03 -23.34
CA CYS E 811 23.52 30.46 -24.39
C CYS E 811 24.21 31.46 -25.32
N GLY E 812 25.04 32.34 -24.76
CA GLY E 812 25.76 33.36 -25.55
C GLY E 812 25.00 34.67 -25.64
N THR E 813 23.82 34.75 -25.01
CA THR E 813 23.06 36.04 -24.98
C THR E 813 23.79 37.03 -24.07
N ASP E 814 23.78 38.32 -24.43
CA ASP E 814 24.40 39.37 -23.59
C ASP E 814 23.31 40.13 -22.82
N ASP E 815 22.05 39.73 -22.98
CA ASP E 815 20.92 40.45 -22.33
C ASP E 815 20.64 39.85 -20.95
N GLY E 816 20.47 40.70 -19.94
CA GLY E 816 20.20 40.22 -18.57
C GLY E 816 19.30 41.17 -17.81
N LEU E 817 19.50 41.30 -16.50
CA LEU E 817 18.61 42.17 -15.68
C LEU E 817 19.43 43.09 -14.79
N MET E 818 18.84 44.21 -14.34
CA MET E 818 19.57 45.18 -13.48
C MET E 818 19.31 44.84 -12.01
N PHE E 819 20.37 44.71 -11.21
CA PHE E 819 20.21 44.31 -9.79
C PHE E 819 20.67 45.46 -8.87
N SER E 820 19.81 45.85 -7.92
CA SER E 820 20.15 46.92 -6.95
C SER E 820 19.61 46.53 -5.57
N ALA E 821 20.17 47.11 -4.50
CA ALA E 821 19.74 46.71 -3.13
C ALA E 821 18.24 47.01 -2.97
N ILE E 822 17.48 46.08 -2.39
CA ILE E 822 16.01 46.26 -2.23
C ILE E 822 15.74 47.01 -0.92
N VAL E 823 16.05 48.30 -0.88
CA VAL E 823 15.78 49.12 0.35
C VAL E 823 14.26 49.19 0.55
N GLU E 824 13.80 49.01 1.79
CA GLU E 824 12.35 49.07 2.11
C GLU E 824 11.98 50.51 2.46
N ASP E 825 12.98 51.41 2.47
CA ASP E 825 12.76 52.83 2.84
C ASP E 825 13.06 53.01 4.33
N GLY E 826 13.18 51.93 5.08
CA GLY E 826 13.58 52.03 6.50
C GLY E 826 14.91 51.35 6.75
N GLU E 827 15.28 50.40 5.87
CA GLU E 827 16.58 49.70 5.99
C GLU E 827 16.93 49.10 4.63
N VAL E 828 18.20 48.75 4.42
CA VAL E 828 18.60 48.08 3.15
C VAL E 828 17.88 46.73 3.06
N LYS E 829 17.80 46.00 4.17
CA LYS E 829 17.09 44.69 4.21
C LYS E 829 17.93 43.62 3.49
N VAL E 830 18.24 43.85 2.21
CA VAL E 830 19.10 42.90 1.44
C VAL E 830 20.31 43.65 0.88
N PRO E 831 21.56 43.24 1.18
CA PRO E 831 22.74 43.88 0.57
C PRO E 831 22.80 43.53 -0.92
N LEU E 832 23.28 44.46 -1.76
CA LEU E 832 23.38 44.20 -3.22
C LEU E 832 24.34 43.03 -3.44
N VAL E 833 25.46 43.00 -2.70
CA VAL E 833 26.48 41.93 -2.89
C VAL E 833 25.85 40.56 -2.57
N GLU E 834 25.08 40.48 -1.48
CA GLU E 834 24.41 39.21 -1.09
C GLU E 834 23.42 38.82 -2.19
N ARG E 835 22.65 39.80 -2.70
CA ARG E 835 21.68 39.53 -3.81
C ARG E 835 22.42 39.08 -5.06
N ALA E 836 23.54 39.74 -5.38
CA ALA E 836 24.27 39.43 -6.64
C ALA E 836 25.26 38.28 -6.43
N LEU E 837 25.42 37.81 -5.18
CA LEU E 837 26.44 36.75 -4.91
C LEU E 837 26.09 35.47 -5.68
N GLY E 838 27.09 34.85 -6.31
CA GLY E 838 26.88 33.59 -7.06
C GLY E 838 26.28 33.85 -8.43
N ARG E 839 26.18 35.11 -8.85
CA ARG E 839 25.51 35.43 -10.15
C ARG E 839 26.51 36.07 -11.11
N THR E 840 26.57 35.58 -12.35
CA THR E 840 27.49 36.16 -13.38
C THR E 840 26.98 37.54 -13.81
N LEU E 841 27.86 38.38 -14.35
CA LEU E 841 27.45 39.75 -14.77
C LEU E 841 27.24 39.77 -16.29
N ALA E 842 26.06 40.22 -16.74
CA ALA E 842 25.75 40.26 -18.18
C ALA E 842 26.69 41.23 -18.90
N ALA E 843 26.97 42.39 -18.28
CA ALA E 843 27.81 43.42 -18.96
C ALA E 843 28.91 43.92 -18.01
N ASP E 844 29.97 44.52 -18.54
CA ASP E 844 31.08 45.05 -17.71
C ASP E 844 30.57 46.24 -16.90
N VAL E 845 31.19 46.50 -15.74
CA VAL E 845 30.74 47.62 -14.85
C VAL E 845 31.80 48.72 -14.92
N VAL E 846 31.37 49.95 -15.24
CA VAL E 846 32.34 51.08 -15.37
C VAL E 846 32.22 51.96 -14.12
N THR E 847 33.34 52.24 -13.46
CA THR E 847 33.32 53.05 -12.21
C THR E 847 33.09 54.52 -12.57
N GLU E 848 32.69 55.34 -11.58
CA GLU E 848 32.46 56.79 -11.81
C GLU E 848 33.78 57.41 -12.25
N LYS E 849 34.92 56.88 -11.78
CA LYS E 849 36.25 57.38 -12.19
C LYS E 849 36.49 57.08 -13.68
N GLY E 850 35.70 56.16 -14.26
CA GLY E 850 35.85 55.82 -15.69
C GLY E 850 36.76 54.62 -15.94
N VAL E 851 37.23 53.96 -14.88
CA VAL E 851 38.07 52.73 -15.03
C VAL E 851 37.15 51.51 -14.86
N VAL E 852 37.08 50.64 -15.87
CA VAL E 852 36.19 49.45 -15.80
C VAL E 852 36.68 48.53 -14.67
N LEU E 853 35.78 48.04 -13.83
CA LEU E 853 36.17 47.19 -12.68
C LEU E 853 36.02 45.72 -13.02
N LEU E 854 34.89 45.31 -13.60
CA LEU E 854 34.65 43.86 -13.86
C LEU E 854 34.28 43.65 -15.33
N GLU E 855 34.90 42.66 -15.98
CA GLU E 855 34.58 42.33 -17.40
C GLU E 855 33.24 41.58 -17.46
N ALA E 856 32.60 41.57 -18.63
CA ALA E 856 31.28 40.88 -18.78
C ALA E 856 31.47 39.36 -18.76
N GLY E 857 30.40 38.62 -18.49
CA GLY E 857 30.46 37.15 -18.45
C GLY E 857 31.46 36.65 -17.42
N THR E 858 31.54 37.32 -16.27
CA THR E 858 32.45 36.88 -15.18
C THR E 858 31.59 36.50 -13.96
N LEU E 859 31.77 35.29 -13.44
CA LEU E 859 30.95 34.82 -12.29
C LEU E 859 31.35 35.56 -11.02
N LEU E 860 30.37 36.06 -10.25
CA LEU E 860 30.66 36.80 -9.00
C LEU E 860 31.19 35.83 -7.94
N ASP E 861 32.15 36.28 -7.12
CA ASP E 861 32.74 35.43 -6.06
C ASP E 861 32.81 36.25 -4.77
N GLU E 862 32.92 35.59 -3.61
CA GLU E 862 32.91 36.34 -2.32
C GLU E 862 34.10 37.30 -2.33
N ASN E 863 35.26 36.85 -2.82
CA ASN E 863 36.43 37.75 -2.94
C ASN E 863 36.08 38.88 -3.92
N LEU E 864 35.47 38.52 -5.06
CA LEU E 864 35.05 39.53 -6.08
C LEU E 864 33.96 40.44 -5.49
N VAL E 865 33.06 39.89 -4.66
CA VAL E 865 31.92 40.65 -4.10
C VAL E 865 32.43 41.84 -3.28
N GLU E 866 33.58 41.69 -2.61
CA GLU E 866 34.12 42.78 -1.74
C GLU E 866 34.36 44.03 -2.59
N LEU E 867 34.84 43.88 -3.82
CA LEU E 867 35.20 45.05 -4.66
C LEU E 867 33.96 45.93 -4.91
N LEU E 868 32.80 45.31 -5.18
CA LEU E 868 31.60 46.13 -5.53
C LEU E 868 31.24 47.06 -4.36
N ASP E 869 31.24 46.53 -3.13
CA ASP E 869 30.99 47.40 -1.95
C ASP E 869 32.14 48.41 -1.84
N ASP E 870 33.38 47.96 -2.02
CA ASP E 870 34.56 48.85 -1.90
C ASP E 870 34.45 49.94 -2.96
N ASN E 871 34.03 49.57 -4.18
CA ASN E 871 33.84 50.58 -5.27
C ASN E 871 32.48 51.27 -5.11
N GLY E 872 31.63 50.76 -4.21
CA GLY E 872 30.31 51.37 -3.96
C GLY E 872 29.47 51.46 -5.22
N ILE E 873 29.46 50.41 -6.05
CA ILE E 873 28.58 50.39 -7.25
C ILE E 873 27.24 49.81 -6.79
N ASP E 874 26.18 50.62 -6.78
CA ASP E 874 24.85 50.16 -6.27
C ASP E 874 24.07 49.40 -7.36
N MET E 875 24.44 49.56 -8.63
CA MET E 875 23.63 48.93 -9.71
C MET E 875 24.51 48.06 -10.61
N ILE E 876 24.08 46.83 -10.89
CA ILE E 876 24.84 45.93 -11.81
C ILE E 876 23.84 45.18 -12.69
N LYS E 877 24.27 44.70 -13.86
CA LYS E 877 23.38 43.91 -14.76
C LYS E 877 23.87 42.46 -14.76
N VAL E 878 22.98 41.51 -14.48
CA VAL E 878 23.41 40.09 -14.38
C VAL E 878 22.50 39.23 -15.26
N ARG E 879 23.02 38.11 -15.80
CA ARG E 879 22.23 37.23 -16.69
C ARG E 879 21.14 36.50 -15.90
N SER E 880 20.06 36.07 -16.56
CA SER E 880 18.94 35.41 -15.87
C SER E 880 18.29 34.33 -16.76
N PRO E 881 17.49 33.41 -16.19
CA PRO E 881 16.81 32.37 -16.98
C PRO E 881 15.81 32.98 -17.98
N ILE E 882 15.10 34.04 -17.57
CA ILE E 882 14.11 34.70 -18.48
C ILE E 882 14.88 35.24 -19.70
N THR E 883 16.07 35.81 -19.46
CA THR E 883 16.91 36.35 -20.56
C THR E 883 17.55 35.22 -21.37
N CYS E 884 17.51 33.98 -20.86
CA CYS E 884 18.20 32.85 -21.54
C CYS E 884 17.63 32.68 -22.96
N LYS E 885 18.50 32.58 -23.97
CA LYS E 885 18.04 32.48 -25.38
C LYS E 885 17.92 31.03 -25.85
N THR E 886 18.33 30.06 -25.03
CA THR E 886 18.30 28.64 -25.50
C THR E 886 16.84 28.20 -25.64
N ARG E 887 16.55 27.31 -26.59
CA ARG E 887 15.14 26.91 -26.84
C ARG E 887 14.78 25.72 -25.94
N ARG E 888 13.79 25.89 -25.06
CA ARG E 888 13.33 24.79 -24.19
C ARG E 888 14.51 24.23 -23.38
N GLY E 889 15.42 25.12 -22.95
CA GLY E 889 16.58 24.68 -22.16
C GLY E 889 17.18 25.84 -21.36
N LEU E 890 18.00 25.53 -20.35
CA LEU E 890 18.69 26.61 -19.60
C LEU E 890 20.20 26.43 -19.75
N CYS E 891 20.91 27.48 -20.17
CA CYS E 891 22.39 27.39 -20.25
C CYS E 891 22.98 27.38 -18.83
N ALA E 892 24.16 26.80 -18.67
CA ALA E 892 24.82 26.74 -17.34
C ALA E 892 25.13 28.15 -16.85
N LYS E 893 25.58 29.03 -17.75
CA LYS E 893 25.99 30.41 -17.35
C LYS E 893 24.79 31.20 -16.79
N CYS E 894 23.61 31.10 -17.40
CA CYS E 894 22.47 31.94 -16.94
C CYS E 894 22.14 31.57 -15.49
N TYR E 895 22.12 30.27 -15.15
CA TYR E 895 21.90 29.84 -13.74
C TYR E 895 23.09 30.30 -12.86
N GLY E 896 24.30 30.30 -13.43
CA GLY E 896 25.51 30.65 -12.65
C GLY E 896 25.81 29.64 -11.55
N ARG E 897 26.05 30.11 -10.32
CA ARG E 897 26.43 29.18 -9.23
C ARG E 897 25.25 28.23 -8.92
N ASP E 898 25.54 26.94 -8.74
CA ASP E 898 24.48 25.98 -8.35
C ASP E 898 23.95 26.40 -6.97
N LEU E 899 24.86 26.79 -6.06
CA LEU E 899 24.46 27.28 -4.72
C LEU E 899 24.30 26.11 -3.74
N ALA E 900 24.45 24.87 -4.21
CA ALA E 900 24.41 23.71 -3.28
C ALA E 900 25.79 23.09 -3.15
N ARG E 901 26.64 23.23 -4.18
CA ARG E 901 28.02 22.66 -4.14
C ARG E 901 29.05 23.79 -4.24
N GLU E 902 28.59 25.05 -4.21
CA GLU E 902 29.51 26.22 -4.31
C GLU E 902 30.32 26.12 -5.61
N ARG E 903 29.66 25.69 -6.70
CA ARG E 903 30.35 25.57 -8.02
C ARG E 903 29.35 25.93 -9.13
N GLN E 904 29.84 26.18 -10.34
CA GLN E 904 28.93 26.46 -11.49
C GLN E 904 28.04 25.24 -11.69
N VAL E 905 26.75 25.44 -11.98
CA VAL E 905 25.82 24.28 -12.08
C VAL E 905 26.31 23.36 -13.20
N ASN E 906 26.38 22.05 -12.92
CA ASN E 906 26.81 21.06 -13.94
C ASN E 906 25.66 20.79 -14.90
N VAL E 907 25.98 20.32 -16.13
CA VAL E 907 24.93 20.02 -17.14
C VAL E 907 24.15 18.77 -16.73
N GLY E 908 22.89 18.64 -17.16
CA GLY E 908 22.09 17.45 -16.85
C GLY E 908 21.44 17.52 -15.47
N GLU E 909 21.56 18.66 -14.79
CA GLU E 909 20.88 18.83 -13.47
C GLU E 909 19.51 19.49 -13.69
N SER E 910 18.47 18.98 -13.04
CA SER E 910 17.10 19.51 -13.24
C SER E 910 16.87 20.71 -12.32
N VAL E 911 17.12 21.92 -12.82
CA VAL E 911 16.93 23.17 -12.01
C VAL E 911 15.45 23.35 -11.69
N GLY E 912 14.56 23.09 -12.66
CA GLY E 912 13.13 23.38 -12.45
C GLY E 912 12.55 22.59 -11.29
N VAL E 913 12.87 21.31 -11.18
CA VAL E 913 12.26 20.47 -10.11
C VAL E 913 12.72 21.01 -8.75
N ILE E 914 14.01 21.31 -8.63
CA ILE E 914 14.55 21.81 -7.33
C ILE E 914 13.87 23.14 -7.00
N ALA E 915 13.76 24.02 -7.99
CA ALA E 915 13.18 25.36 -7.77
C ALA E 915 11.73 25.21 -7.30
N ALA E 916 10.97 24.32 -7.94
CA ALA E 916 9.54 24.13 -7.58
C ALA E 916 9.45 23.61 -6.13
N GLN E 917 10.27 22.62 -5.77
CA GLN E 917 10.23 22.02 -4.40
C GLN E 917 10.68 23.00 -3.30
N SER E 918 11.71 23.82 -3.56
CA SER E 918 12.28 24.75 -2.54
C SER E 918 11.26 25.82 -2.11
N ILE E 919 10.50 26.38 -3.06
CA ILE E 919 9.43 27.37 -2.71
C ILE E 919 8.29 26.69 -1.94
N GLY E 920 7.91 25.48 -2.34
CA GLY E 920 6.79 24.76 -1.69
C GLY E 920 7.04 24.37 -0.24
N GLU E 921 8.24 23.88 0.07
CA GLU E 921 8.55 23.37 1.44
C GLU E 921 8.47 24.50 2.48
N PRO E 922 9.02 25.70 2.21
CA PRO E 922 9.04 26.80 3.18
C PRO E 922 7.63 27.35 3.44
N GLY E 923 6.72 27.18 2.49
CA GLY E 923 5.36 27.76 2.61
C GLY E 923 4.61 27.27 3.85
N THR E 924 4.74 25.99 4.20
CA THR E 924 3.96 25.42 5.33
C THR E 924 4.30 26.16 6.64
N GLN E 925 5.57 26.46 6.89
CA GLN E 925 5.97 27.12 8.16
C GLN E 925 5.32 28.50 8.22
N LEU E 926 5.33 29.24 7.11
CA LEU E 926 4.72 30.59 7.06
C LEU E 926 3.20 30.45 7.02
N THR E 927 2.47 31.26 7.82
CA THR E 927 0.99 31.23 7.77
C THR E 927 0.47 32.55 7.20
N MET E 928 0.73 33.67 7.90
CA MET E 928 0.32 35.01 7.37
C MET E 928 1.51 35.97 7.46
N GLY E 1124 -1.08 34.90 3.87
CA GLY E 1124 0.33 34.75 3.51
C GLY E 1124 0.52 33.84 2.30
N LEU E 1125 0.18 32.55 2.46
CA LEU E 1125 0.32 31.57 1.35
C LEU E 1125 -0.60 31.99 0.19
N PRO E 1126 -1.83 32.47 0.47
CA PRO E 1126 -2.79 32.83 -0.58
C PRO E 1126 -2.26 33.96 -1.48
N ARG E 1127 -1.60 34.97 -0.90
CA ARG E 1127 -1.05 36.09 -1.70
C ARG E 1127 0.00 35.53 -2.67
N VAL E 1128 0.87 34.64 -2.19
CA VAL E 1128 1.92 34.03 -3.05
C VAL E 1128 1.23 33.22 -4.15
N ALA E 1129 0.16 32.49 -3.79
CA ALA E 1129 -0.57 31.67 -4.79
C ALA E 1129 -1.15 32.59 -5.87
N GLU E 1130 -1.73 33.71 -5.46
CA GLU E 1130 -2.34 34.66 -6.43
C GLU E 1130 -1.24 35.20 -7.36
N LEU E 1131 -0.07 35.51 -6.79
CA LEU E 1131 1.05 36.05 -7.60
C LEU E 1131 1.48 34.99 -8.63
N PHE E 1132 1.61 33.73 -8.21
CA PHE E 1132 2.02 32.65 -9.14
C PHE E 1132 0.96 32.44 -10.24
N GLU E 1133 -0.31 32.50 -9.86
CA GLU E 1133 -1.43 32.28 -10.83
C GLU E 1133 -1.55 33.50 -11.75
N ALA E 1134 -0.90 34.61 -11.39
CA ALA E 1134 -1.02 35.86 -12.19
C ALA E 1134 -2.47 36.33 -12.19
N ARG E 1135 -3.19 36.13 -11.07
CA ARG E 1135 -4.59 36.61 -10.96
C ARG E 1135 -4.58 38.14 -10.96
N ARG E 1136 -5.56 38.77 -11.62
CA ARG E 1136 -5.61 40.25 -11.70
C ARG E 1136 -6.54 40.79 -10.62
N PRO E 1137 -6.10 41.78 -9.81
CA PRO E 1137 -6.95 42.35 -8.75
C PRO E 1137 -8.13 43.11 -9.35
N LYS E 1138 -9.31 43.00 -8.72
CA LYS E 1138 -10.52 43.71 -9.21
C LYS E 1138 -10.33 45.22 -9.05
N ASP E 1139 -10.72 46.00 -10.07
CA ASP E 1139 -10.60 47.48 -9.99
C ASP E 1139 -9.14 47.84 -9.70
N ALA E 1140 -8.19 47.12 -10.32
CA ALA E 1140 -6.75 47.35 -10.05
C ALA E 1140 -6.33 48.75 -10.51
N ALA E 1141 -6.75 49.16 -11.72
CA ALA E 1141 -6.40 50.50 -12.25
C ALA E 1141 -6.64 50.53 -13.76
N ILE E 1142 -6.31 51.65 -14.42
CA ILE E 1142 -6.49 51.75 -15.91
C ILE E 1142 -5.20 52.33 -16.52
N LEU E 1143 -4.71 51.72 -17.61
CA LEU E 1143 -3.46 52.19 -18.29
C LEU E 1143 -3.81 52.61 -19.73
N SER E 1144 -3.35 53.79 -20.15
CA SER E 1144 -3.70 54.29 -21.51
C SER E 1144 -2.49 54.17 -22.45
N PRO E 1145 -2.57 53.38 -23.55
CA PRO E 1145 -1.42 53.19 -24.43
C PRO E 1145 -0.94 54.45 -25.16
N CYS E 1146 -1.87 55.27 -25.67
CA CYS E 1146 -1.51 56.50 -26.42
C CYS E 1146 -1.10 57.62 -25.46
N ASP E 1147 -0.10 58.41 -25.83
CA ASP E 1147 0.36 59.53 -24.96
C ASP E 1147 -0.35 60.82 -25.40
N GLY E 1148 -1.18 61.39 -24.52
CA GLY E 1148 -1.94 62.61 -24.86
C GLY E 1148 -2.45 63.33 -23.63
N MET E 1149 -2.94 64.56 -23.79
CA MET E 1149 -3.46 65.37 -22.65
C MET E 1149 -4.64 64.63 -22.00
N VAL E 1150 -4.73 64.66 -20.67
CA VAL E 1150 -5.82 63.92 -19.94
C VAL E 1150 -6.94 64.90 -19.57
N ARG E 1151 -8.18 64.57 -19.95
CA ARG E 1151 -9.34 65.46 -19.65
C ARG E 1151 -10.62 64.63 -19.47
N LEU E 1152 -11.68 65.24 -18.92
CA LEU E 1152 -12.97 64.55 -18.71
C LEU E 1152 -14.08 65.42 -19.31
N GLY E 1153 -15.27 64.85 -19.55
CA GLY E 1153 -16.33 65.63 -20.21
C GLY E 1153 -16.94 64.91 -21.40
N ASN E 1154 -17.26 63.62 -21.25
CA ASN E 1154 -17.81 62.82 -22.38
C ASN E 1154 -19.13 62.17 -21.94
N ARG E 1155 -20.15 62.98 -21.67
CA ARG E 1155 -21.52 62.47 -21.31
C ARG E 1155 -21.68 62.31 -19.79
N ASP E 1156 -20.58 62.26 -19.03
CA ASP E 1156 -20.68 62.20 -17.55
C ASP E 1156 -21.64 61.09 -17.14
N THR E 1157 -21.58 59.92 -17.80
CA THR E 1157 -22.56 58.84 -17.51
C THR E 1157 -21.86 57.59 -16.95
N LYS E 1158 -20.70 57.76 -16.32
CA LYS E 1158 -19.92 56.59 -15.84
C LYS E 1158 -19.12 56.04 -17.04
N GLU E 1159 -19.16 56.76 -18.17
CA GLU E 1159 -18.39 56.36 -19.38
C GLU E 1159 -17.39 57.49 -19.67
N LYS E 1160 -16.86 58.12 -18.63
CA LYS E 1160 -15.96 59.30 -18.83
C LYS E 1160 -14.75 58.90 -19.69
N GLN E 1161 -14.39 59.75 -20.64
CA GLN E 1161 -13.26 59.44 -21.55
C GLN E 1161 -12.34 60.67 -21.65
N ARG E 1162 -11.09 60.48 -22.08
CA ARG E 1162 -10.11 61.60 -22.15
C ARG E 1162 -9.51 61.65 -23.56
N ILE E 1163 -8.93 62.79 -23.93
CA ILE E 1163 -8.36 62.96 -25.31
C ILE E 1163 -6.93 62.43 -25.34
N GLU E 1164 -6.76 61.11 -25.46
CA GLU E 1164 -5.40 60.50 -25.50
C GLU E 1164 -4.65 61.00 -26.74
N ILE E 1165 -5.36 61.19 -27.86
CA ILE E 1165 -4.71 61.77 -29.07
C ILE E 1165 -4.34 63.21 -28.73
N ILE E 1166 -3.23 63.72 -29.27
CA ILE E 1166 -2.77 65.09 -28.92
C ILE E 1166 -3.85 66.09 -29.34
N ASP E 1167 -4.42 65.92 -30.53
CA ASP E 1167 -5.53 66.81 -30.98
C ASP E 1167 -4.98 68.14 -31.52
N LYS E 1168 -3.65 68.27 -31.62
CA LYS E 1168 -3.05 69.51 -32.19
C LYS E 1168 -2.37 69.19 -33.53
N ASN E 1169 -1.31 68.36 -33.51
CA ASN E 1169 -0.65 67.96 -34.79
C ASN E 1169 -1.67 67.15 -35.61
N GLY E 1170 -2.38 66.22 -34.96
CA GLY E 1170 -3.42 65.43 -35.65
C GLY E 1170 -4.69 65.40 -34.82
N HIS E 1171 -5.86 65.55 -35.44
CA HIS E 1171 -7.12 65.60 -34.66
C HIS E 1171 -7.72 64.20 -34.59
N ILE E 1172 -7.77 63.61 -33.38
CA ILE E 1172 -8.34 62.25 -33.19
C ILE E 1172 -8.77 62.08 -31.74
N VAL E 1173 -9.63 61.09 -31.47
CA VAL E 1173 -10.03 60.80 -30.05
C VAL E 1173 -9.62 59.36 -29.72
N GLU E 1174 -8.87 59.16 -28.64
CA GLU E 1174 -8.40 57.80 -28.26
C GLU E 1174 -8.71 57.56 -26.78
N GLU E 1175 -9.99 57.37 -26.44
CA GLU E 1175 -10.38 57.19 -25.02
C GLU E 1175 -11.36 56.02 -24.91
N ILE E 1176 -11.48 55.45 -23.70
CA ILE E 1176 -12.44 54.33 -23.47
C ILE E 1176 -13.29 54.70 -22.24
N LEU E 1177 -14.52 54.20 -22.16
CA LEU E 1177 -15.44 54.55 -21.04
C LEU E 1177 -14.85 54.03 -19.72
N LEU E 1178 -14.90 54.85 -18.67
CA LEU E 1178 -14.40 54.42 -17.33
C LEU E 1178 -15.38 54.89 -16.24
N PRO E 1179 -15.47 54.19 -15.10
CA PRO E 1179 -16.47 54.58 -14.10
C PRO E 1179 -16.18 55.93 -13.44
N LYS E 1180 -17.23 56.74 -13.20
CA LYS E 1180 -17.05 58.05 -12.51
C LYS E 1180 -17.14 57.81 -11.00
N SER E 1181 -17.41 56.56 -10.59
CA SER E 1181 -17.55 56.25 -9.15
C SER E 1181 -16.23 56.52 -8.42
N ARG E 1182 -15.10 56.06 -8.97
CA ARG E 1182 -13.77 56.29 -8.34
C ARG E 1182 -13.29 57.71 -8.66
N HIS E 1183 -12.58 58.36 -7.73
CA HIS E 1183 -12.03 59.72 -7.96
C HIS E 1183 -10.92 59.65 -9.02
N LEU E 1184 -10.80 60.67 -9.87
CA LEU E 1184 -9.78 60.68 -10.95
C LEU E 1184 -8.39 60.93 -10.36
N VAL E 1185 -7.35 60.33 -10.94
CA VAL E 1185 -5.95 60.52 -10.46
C VAL E 1185 -5.22 61.50 -11.39
N VAL E 1186 -5.93 62.11 -12.35
CA VAL E 1186 -5.25 62.99 -13.34
C VAL E 1186 -5.83 64.42 -13.29
N PHE E 1187 -5.00 65.42 -13.61
CA PHE E 1187 -5.45 66.84 -13.62
C PHE E 1187 -6.31 67.10 -14.86
N ASP E 1188 -7.05 68.21 -14.86
CA ASP E 1188 -7.94 68.56 -16.00
C ASP E 1188 -7.08 68.72 -17.25
N GLY E 1189 -5.92 69.38 -17.12
CA GLY E 1189 -5.00 69.49 -18.28
C GLY E 1189 -3.62 68.98 -17.90
N GLU E 1190 -3.11 67.98 -18.63
CA GLU E 1190 -1.74 67.46 -18.37
C GLU E 1190 -1.23 66.71 -19.61
N GLN E 1191 0.09 66.50 -19.69
CA GLN E 1191 0.65 65.71 -20.81
C GLN E 1191 0.67 64.23 -20.40
N VAL E 1192 -0.40 63.49 -20.68
CA VAL E 1192 -0.50 62.06 -20.28
C VAL E 1192 0.56 61.25 -21.05
N SER E 1193 1.21 60.30 -20.39
CA SER E 1193 2.25 59.46 -21.05
C SER E 1193 1.69 58.06 -21.32
N ARG E 1194 2.27 57.36 -22.29
CA ARG E 1194 1.79 55.99 -22.65
C ARG E 1194 2.00 55.07 -21.46
N GLY E 1195 1.04 54.16 -21.20
CA GLY E 1195 1.16 53.23 -20.06
C GLY E 1195 1.36 53.95 -18.75
N ASP E 1196 0.60 55.02 -18.50
CA ASP E 1196 0.67 55.76 -17.21
C ASP E 1196 -0.59 55.47 -16.41
N VAL E 1197 -0.47 55.30 -15.09
CA VAL E 1197 -1.64 54.96 -14.23
C VAL E 1197 -2.64 56.12 -14.27
N LEU E 1198 -3.93 55.82 -14.47
CA LEU E 1198 -4.96 56.89 -14.45
C LEU E 1198 -5.87 56.71 -13.22
N ALA E 1199 -5.84 55.53 -12.60
CA ALA E 1199 -6.70 55.25 -11.43
C ALA E 1199 -5.85 54.66 -10.29
N ASP E 1200 -5.98 55.20 -9.08
CA ASP E 1200 -5.25 54.62 -7.92
C ASP E 1200 -5.81 53.23 -7.61
N GLY E 1201 -4.95 52.30 -7.17
CA GLY E 1201 -5.41 50.92 -6.85
C GLY E 1201 -4.30 49.91 -7.06
N PRO E 1202 -4.56 48.60 -6.85
CA PRO E 1202 -3.51 47.57 -6.96
C PRO E 1202 -2.99 47.47 -8.40
N THR E 1203 -1.67 47.25 -8.55
CA THR E 1203 -1.07 47.12 -9.90
C THR E 1203 -1.64 45.87 -10.58
N ASP E 1204 -1.84 45.91 -11.90
CA ASP E 1204 -2.35 44.73 -12.65
C ASP E 1204 -1.18 44.02 -13.33
N PRO E 1205 -1.01 42.70 -13.12
CA PRO E 1205 0.14 41.98 -13.68
C PRO E 1205 0.15 41.97 -15.21
N HIS E 1206 -1.02 41.79 -15.83
CA HIS E 1206 -1.11 41.72 -17.32
C HIS E 1206 -0.69 43.05 -17.96
N ASP E 1207 -1.11 44.19 -17.39
CA ASP E 1207 -0.81 45.51 -18.00
C ASP E 1207 0.70 45.77 -18.04
N LEU E 1208 1.43 45.40 -16.99
CA LEU E 1208 2.89 45.72 -16.92
C LEU E 1208 3.65 45.07 -18.07
N LEU E 1209 3.35 43.81 -18.40
CA LEU E 1209 4.14 43.10 -19.43
C LEU E 1209 4.00 43.82 -20.79
N LYS E 1210 2.77 44.15 -21.19
CA LYS E 1210 2.51 44.85 -22.47
C LYS E 1210 2.98 46.31 -22.45
N TYR E 1211 2.90 46.99 -21.30
CA TYR E 1211 3.23 48.44 -21.28
C TYR E 1211 4.61 48.71 -20.66
N LYS E 1212 4.86 48.21 -19.45
CA LYS E 1212 6.15 48.51 -18.75
C LYS E 1212 7.26 47.62 -19.30
N GLY E 1213 6.90 46.59 -20.08
CA GLY E 1213 7.91 45.66 -20.62
C GLY E 1213 8.18 44.49 -19.68
N LEU E 1214 8.91 43.49 -20.16
CA LEU E 1214 9.19 42.27 -19.35
C LEU E 1214 10.06 42.61 -18.12
N GLU E 1215 11.06 43.47 -18.29
CA GLU E 1215 12.01 43.71 -17.16
C GLU E 1215 11.28 44.31 -15.96
N GLU E 1216 10.41 45.30 -16.18
CA GLU E 1216 9.72 45.96 -15.04
C GLU E 1216 8.84 44.93 -14.32
N PHE E 1217 8.13 44.11 -15.10
CA PHE E 1217 7.23 43.09 -14.51
C PHE E 1217 8.06 42.09 -13.68
N ALA E 1218 9.20 41.67 -14.24
CA ALA E 1218 10.05 40.68 -13.53
C ALA E 1218 10.53 41.29 -12.22
N ASP E 1219 10.95 42.55 -12.26
CA ASP E 1219 11.48 43.20 -11.03
C ASP E 1219 10.36 43.25 -9.99
N TYR E 1220 9.16 43.63 -10.41
CA TYR E 1220 8.04 43.76 -9.45
C TYR E 1220 7.75 42.39 -8.82
N ILE E 1221 7.72 41.35 -9.65
CA ILE E 1221 7.37 39.99 -9.13
C ILE E 1221 8.45 39.57 -8.12
N LEU E 1222 9.72 39.78 -8.46
CA LEU E 1222 10.82 39.33 -7.57
C LEU E 1222 10.71 40.10 -6.25
N ILE E 1223 10.48 41.41 -6.33
CA ILE E 1223 10.45 42.23 -5.08
C ILE E 1223 9.30 41.73 -4.21
N GLU E 1224 8.14 41.47 -4.81
CA GLU E 1224 6.97 41.03 -4.00
C GLU E 1224 7.26 39.68 -3.35
N ALA E 1225 7.78 38.73 -4.12
CA ALA E 1225 7.98 37.36 -3.57
C ALA E 1225 9.04 37.39 -2.46
N GLN E 1226 10.16 38.07 -2.72
CA GLN E 1226 11.25 38.14 -1.71
C GLN E 1226 10.72 38.88 -0.48
N SER E 1227 9.96 39.96 -0.70
CA SER E 1227 9.48 40.77 0.45
C SER E 1227 8.60 39.88 1.33
N VAL E 1228 7.71 39.09 0.71
CA VAL E 1228 6.80 38.21 1.50
C VAL E 1228 7.61 37.13 2.24
N TYR E 1229 8.55 36.47 1.56
CA TYR E 1229 9.31 35.36 2.20
C TYR E 1229 10.22 35.85 3.33
N ARG E 1230 10.92 36.97 3.13
CA ARG E 1230 11.88 37.50 4.14
C ARG E 1230 11.19 37.91 5.44
N MET E 1231 9.98 38.49 5.36
CA MET E 1231 9.33 39.01 6.59
C MET E 1231 9.14 37.85 7.57
N GLN E 1232 8.76 36.68 7.06
CA GLN E 1232 8.60 35.47 7.93
C GLN E 1232 9.99 34.96 8.34
N GLY E 1233 11.04 35.45 7.69
CA GLY E 1233 12.42 35.03 8.03
C GLY E 1233 12.86 33.80 7.23
N VAL E 1234 12.00 33.30 6.36
CA VAL E 1234 12.41 32.17 5.46
C VAL E 1234 13.42 32.71 4.45
N VAL E 1235 14.38 31.89 4.03
CA VAL E 1235 15.43 32.36 3.08
C VAL E 1235 15.28 31.61 1.75
N ILE E 1236 15.07 32.33 0.65
CA ILE E 1236 14.95 31.70 -0.69
C ILE E 1236 15.83 32.46 -1.70
N ASN E 1237 16.59 31.74 -2.53
CA ASN E 1237 17.43 32.39 -3.57
C ASN E 1237 16.52 33.05 -4.60
N ASP E 1238 16.92 34.23 -5.10
CA ASP E 1238 16.12 34.96 -6.12
C ASP E 1238 16.01 34.13 -7.41
N LYS E 1239 17.09 33.42 -7.79
CA LYS E 1239 17.09 32.66 -9.07
C LYS E 1239 15.98 31.62 -9.09
N HIS E 1240 15.70 30.98 -7.96
CA HIS E 1240 14.65 29.91 -7.91
C HIS E 1240 13.30 30.51 -8.29
N ILE E 1241 12.98 31.71 -7.81
CA ILE E 1241 11.70 32.40 -8.17
C ILE E 1241 11.70 32.73 -9.67
N GLU E 1242 12.81 33.22 -10.21
CA GLU E 1242 12.86 33.65 -11.64
C GLU E 1242 12.64 32.44 -12.57
N THR E 1243 13.18 31.27 -12.24
CA THR E 1243 13.08 30.10 -13.15
C THR E 1243 11.60 29.73 -13.37
N ILE E 1244 10.78 29.78 -12.32
CA ILE E 1244 9.32 29.50 -12.47
C ILE E 1244 8.71 30.57 -13.40
N VAL E 1245 9.15 31.82 -13.28
CA VAL E 1245 8.59 32.93 -14.10
C VAL E 1245 8.84 32.65 -15.59
N ARG E 1246 10.00 32.07 -15.92
CA ARG E 1246 10.35 31.83 -17.36
C ARG E 1246 9.29 30.93 -18.00
N GLN E 1247 8.84 29.90 -17.29
CA GLN E 1247 7.78 29.00 -17.81
C GLN E 1247 6.48 29.80 -18.00
N MET E 1248 6.28 30.85 -17.19
CA MET E 1248 5.02 31.64 -17.23
C MET E 1248 4.85 32.36 -18.57
N LEU E 1249 5.93 32.57 -19.33
CA LEU E 1249 5.81 33.37 -20.59
C LEU E 1249 6.33 32.55 -21.78
N ARG E 1250 5.57 31.55 -22.21
CA ARG E 1250 5.95 30.76 -23.41
C ARG E 1250 4.94 31.01 -24.55
N LYS E 1251 3.98 31.92 -24.33
CA LYS E 1251 2.91 32.15 -25.34
C LYS E 1251 2.92 33.61 -25.80
N ALA E 1252 2.87 33.84 -27.12
CA ALA E 1252 2.85 35.21 -27.65
C ALA E 1252 1.76 35.33 -28.73
N VAL E 1253 1.30 36.54 -29.00
CA VAL E 1253 0.26 36.76 -30.06
C VAL E 1253 0.98 37.18 -31.34
N ILE E 1254 0.69 36.51 -32.46
CA ILE E 1254 1.39 36.83 -33.74
C ILE E 1254 0.63 37.98 -34.42
N LEU E 1255 1.24 39.17 -34.45
CA LEU E 1255 0.60 40.35 -35.11
C LEU E 1255 0.50 40.11 -36.61
N ASP E 1256 1.56 39.56 -37.21
CA ASP E 1256 1.57 39.29 -38.67
C ASP E 1256 1.72 37.78 -38.92
N GLU E 1257 0.73 37.18 -39.60
CA GLU E 1257 0.83 35.74 -39.96
C GLU E 1257 1.44 35.63 -41.37
N GLY E 1258 2.77 35.67 -41.49
CA GLY E 1258 3.35 35.48 -42.84
C GLY E 1258 3.04 34.09 -43.36
N ASP E 1259 3.25 33.06 -42.54
CA ASP E 1259 2.88 31.67 -42.92
C ASP E 1259 2.03 31.07 -41.79
N SER E 1260 1.99 31.75 -40.64
CA SER E 1260 1.28 31.20 -39.45
C SER E 1260 -0.17 31.69 -39.38
N LYS E 1261 -0.84 31.45 -38.25
CA LYS E 1261 -2.25 31.90 -38.05
C LYS E 1261 -2.24 33.37 -37.62
N PHE E 1262 -3.38 33.89 -37.16
CA PHE E 1262 -3.47 35.35 -36.84
C PHE E 1262 -3.13 35.61 -35.37
N VAL E 1263 -4.01 36.32 -34.64
CA VAL E 1263 -3.69 36.73 -33.24
C VAL E 1263 -3.88 35.58 -32.25
N LYS E 1264 -4.31 34.41 -32.74
CA LYS E 1264 -4.54 33.23 -31.85
C LYS E 1264 -3.22 32.91 -31.13
N ASP E 1265 -3.28 32.56 -29.84
CA ASP E 1265 -2.04 32.33 -29.04
C ASP E 1265 -1.21 31.19 -29.64
N GLU E 1266 0.11 31.36 -29.71
CA GLU E 1266 1.01 30.31 -30.24
C GLU E 1266 2.25 30.19 -29.34
N SER E 1267 2.91 29.03 -29.36
CA SER E 1267 4.11 28.81 -28.52
C SER E 1267 5.29 29.64 -29.05
N ILE E 1268 6.14 30.14 -28.16
CA ILE E 1268 7.35 30.92 -28.59
C ILE E 1268 8.28 29.97 -29.35
N GLU E 1269 8.42 28.72 -28.90
CA GLU E 1269 9.34 27.75 -29.56
C GLU E 1269 8.86 27.52 -30.99
N LEU E 1270 7.55 27.36 -31.20
CA LEU E 1270 7.00 27.15 -32.56
C LEU E 1270 7.25 28.39 -33.42
N VAL E 1271 7.04 29.59 -32.86
CA VAL E 1271 7.20 30.85 -33.65
C VAL E 1271 8.66 31.00 -34.08
N ARG E 1272 9.59 30.75 -33.16
CA ARG E 1272 11.03 30.97 -33.49
C ARG E 1272 11.47 30.00 -34.59
N ILE E 1273 11.08 28.73 -34.48
CA ILE E 1273 11.45 27.70 -35.51
C ILE E 1273 10.80 28.05 -36.85
N LEU E 1274 9.52 28.44 -36.82
CA LEU E 1274 8.80 28.82 -38.06
C LEU E 1274 9.45 30.07 -38.65
N GLU E 1275 9.80 31.05 -37.79
CA GLU E 1275 10.49 32.28 -38.25
C GLU E 1275 11.83 31.87 -38.86
N GLU E 1276 12.54 30.94 -38.19
CA GLU E 1276 13.86 30.46 -38.70
C GLU E 1276 13.68 29.75 -40.04
N ASN E 1277 12.62 28.94 -40.18
CA ASN E 1277 12.42 28.17 -41.42
C ASN E 1277 12.21 29.14 -42.59
N ASP E 1278 11.42 30.20 -42.38
CA ASP E 1278 11.19 31.21 -43.44
C ASP E 1278 12.25 32.33 -43.30
N LYS E 1279 13.05 32.29 -42.24
CA LYS E 1279 14.02 33.40 -42.01
C LYS E 1279 15.04 33.45 -43.14
N LEU E 1280 15.60 32.29 -43.54
CA LEU E 1280 16.54 32.26 -44.68
C LEU E 1280 16.11 31.22 -45.71
N ARG E 1281 14.92 30.63 -45.56
CA ARG E 1281 14.53 29.52 -46.48
C ARG E 1281 14.46 30.04 -47.92
N LYS E 1282 13.86 31.22 -48.13
CA LYS E 1282 13.83 31.84 -49.48
C LYS E 1282 14.44 33.24 -49.39
N GLN E 1283 13.78 34.15 -48.67
CA GLN E 1283 14.31 35.53 -48.46
C GLN E 1283 14.01 35.90 -47.01
N GLY E 1284 13.29 37.00 -46.77
CA GLY E 1284 12.87 37.31 -45.38
C GLY E 1284 11.46 36.78 -45.17
N LYS E 1285 10.53 37.12 -46.07
CA LYS E 1285 9.16 36.56 -46.02
C LYS E 1285 8.37 37.09 -44.81
N LYS E 1286 8.81 38.17 -44.17
CA LYS E 1286 7.98 38.71 -43.06
C LYS E 1286 7.61 37.52 -42.17
N GLU E 1287 8.61 36.83 -41.60
CA GLU E 1287 8.32 35.56 -40.89
C GLU E 1287 7.31 35.74 -39.75
N VAL E 1288 7.47 36.72 -38.86
CA VAL E 1288 6.39 36.90 -37.84
C VAL E 1288 6.54 38.20 -37.02
N GLU E 1289 5.45 38.68 -36.44
CA GLU E 1289 5.52 39.83 -35.50
C GLU E 1289 4.73 39.37 -34.26
N TYR E 1290 5.31 39.43 -33.06
CA TYR E 1290 4.58 38.86 -31.90
C TYR E 1290 4.70 39.73 -30.65
N GLU E 1291 3.71 39.64 -29.75
CA GLU E 1291 3.75 40.38 -28.46
C GLU E 1291 3.60 39.36 -27.33
N LEU E 1292 4.44 39.41 -26.30
CA LEU E 1292 4.41 38.39 -25.22
C LEU E 1292 3.12 38.51 -24.40
N VAL E 1293 2.65 37.38 -23.84
CA VAL E 1293 1.40 37.38 -23.02
C VAL E 1293 1.68 36.66 -21.69
N LEU E 1294 0.87 36.95 -20.66
CA LEU E 1294 1.08 36.33 -19.33
C LEU E 1294 -0.07 35.36 -19.02
N MET E 1295 0.25 34.14 -18.58
CA MET E 1295 -0.79 33.10 -18.29
C MET E 1295 -0.57 32.51 -16.90
N GLY E 1296 -1.63 31.95 -16.29
CA GLY E 1296 -1.50 31.32 -14.96
C GLY E 1296 -0.70 30.04 -15.03
N ILE E 1297 -0.09 29.63 -13.91
CA ILE E 1297 0.80 28.43 -13.94
C ILE E 1297 -0.01 27.20 -14.36
N THR E 1298 -1.22 27.03 -13.82
CA THR E 1298 -2.09 25.89 -14.22
C THR E 1298 -2.43 26.02 -15.71
N ARG E 1299 -2.73 27.23 -16.16
CA ARG E 1299 -3.08 27.48 -17.59
C ARG E 1299 -1.87 27.09 -18.45
N SER E 1300 -0.66 27.47 -18.03
CA SER E 1300 0.57 27.12 -18.79
C SER E 1300 0.75 25.60 -18.84
N SER E 1301 0.55 24.92 -17.70
CA SER E 1301 0.76 23.45 -17.63
C SER E 1301 -0.24 22.72 -18.55
N LEU E 1302 -1.51 23.14 -18.53
CA LEU E 1302 -2.54 22.51 -19.40
C LEU E 1302 -2.24 22.82 -20.86
N SER E 1303 -1.52 23.91 -21.14
CA SER E 1303 -1.23 24.34 -22.53
C SER E 1303 -0.01 23.59 -23.08
N THR E 1304 0.58 22.69 -22.28
CA THR E 1304 1.82 21.98 -22.70
C THR E 1304 1.56 21.17 -23.98
N GLU E 1305 2.57 21.09 -24.85
CA GLU E 1305 2.40 20.39 -26.17
C GLU E 1305 2.09 18.91 -25.95
N SER E 1306 2.74 18.25 -24.98
CA SER E 1306 2.54 16.79 -24.81
C SER E 1306 1.17 16.52 -24.17
N PHE E 1307 0.32 15.75 -24.86
CA PHE E 1307 -1.03 15.41 -24.35
C PHE E 1307 -0.94 14.55 -23.08
N LEU E 1308 -0.01 13.59 -23.06
CA LEU E 1308 0.09 12.65 -21.91
C LEU E 1308 0.40 13.44 -20.63
N SER E 1309 1.35 14.38 -20.70
CA SER E 1309 1.73 15.17 -19.50
C SER E 1309 0.53 16.01 -19.06
N ALA E 1310 -0.17 16.64 -20.01
CA ALA E 1310 -1.37 17.43 -19.68
C ALA E 1310 -2.46 16.51 -19.12
N ALA E 1311 -2.65 15.34 -19.74
CA ALA E 1311 -3.74 14.43 -19.30
C ALA E 1311 -3.49 13.97 -17.86
N SER E 1312 -2.25 13.62 -17.52
CA SER E 1312 -1.94 13.10 -16.16
C SER E 1312 -2.21 14.16 -15.09
N PHE E 1313 -1.86 15.42 -15.35
CA PHE E 1313 -1.99 16.47 -14.30
C PHE E 1313 -3.45 16.63 -13.89
N GLN E 1314 -4.38 16.68 -14.85
CA GLN E 1314 -5.83 16.75 -14.50
C GLN E 1314 -6.65 16.95 -15.77
N GLU E 1315 -7.98 17.00 -15.65
CA GLU E 1315 -8.86 17.22 -16.83
C GLU E 1315 -8.51 16.20 -17.91
N THR E 1316 -8.33 14.93 -17.54
CA THR E 1316 -7.89 13.90 -18.52
C THR E 1316 -8.93 13.72 -19.63
N THR E 1317 -10.23 13.67 -19.29
CA THR E 1317 -11.24 13.37 -20.33
C THR E 1317 -11.24 14.46 -21.41
N ARG E 1318 -11.23 15.74 -21.01
CA ARG E 1318 -11.29 16.85 -21.99
C ARG E 1318 -10.03 16.79 -22.87
N VAL E 1319 -8.87 16.59 -22.25
CA VAL E 1319 -7.60 16.60 -23.03
C VAL E 1319 -7.64 15.44 -24.03
N LEU E 1320 -8.09 14.27 -23.59
CA LEU E 1320 -8.11 13.07 -24.48
C LEU E 1320 -9.07 13.36 -25.64
N THR E 1321 -10.23 13.95 -25.36
CA THR E 1321 -11.23 14.22 -26.42
C THR E 1321 -10.64 15.19 -27.46
N GLU E 1322 -9.96 16.23 -27.00
CA GLU E 1322 -9.33 17.20 -27.94
C GLU E 1322 -8.23 16.50 -28.76
N ALA E 1323 -7.39 15.70 -28.10
CA ALA E 1323 -6.25 15.03 -28.79
C ALA E 1323 -6.73 14.04 -29.85
N SER E 1324 -7.78 13.28 -29.56
CA SER E 1324 -8.23 12.23 -30.50
C SER E 1324 -8.67 12.83 -31.84
N ILE E 1325 -9.43 13.93 -31.81
CA ILE E 1325 -9.88 14.60 -33.06
C ILE E 1325 -8.66 15.13 -33.82
N ASN E 1326 -7.72 15.75 -33.11
CA ASN E 1326 -6.50 16.31 -33.76
C ASN E 1326 -5.59 15.18 -34.25
N SER E 1327 -5.73 13.97 -33.67
CA SER E 1327 -4.79 12.88 -34.03
C SER E 1327 -3.36 13.35 -33.74
N GLN E 1328 -3.17 14.02 -32.60
CA GLN E 1328 -1.85 14.59 -32.26
C GLN E 1328 -0.82 13.47 -32.13
N ILE E 1329 0.38 13.67 -32.69
CA ILE E 1329 1.49 12.68 -32.53
C ILE E 1329 2.44 13.31 -31.51
N ASP E 1330 2.69 12.63 -30.38
CA ASP E 1330 3.50 13.28 -29.31
C ASP E 1330 4.83 12.55 -29.05
N ASN E 1331 5.96 13.24 -29.23
CA ASN E 1331 7.27 12.65 -28.83
C ASN E 1331 7.32 12.86 -27.32
N LEU E 1332 7.84 11.90 -26.55
CA LEU E 1332 7.75 12.07 -25.08
C LEU E 1332 8.45 13.38 -24.70
N ARG E 1333 9.70 13.58 -25.16
CA ARG E 1333 10.37 14.88 -24.96
C ARG E 1333 10.25 15.31 -23.49
N GLY E 1334 10.31 14.38 -22.53
CA GLY E 1334 10.10 14.80 -21.13
C GLY E 1334 10.54 13.77 -20.10
N LEU E 1335 10.78 14.23 -18.87
CA LEU E 1335 11.10 13.29 -17.77
C LEU E 1335 9.84 12.49 -17.42
N LYS E 1336 8.68 13.15 -17.36
CA LYS E 1336 7.42 12.46 -16.96
C LYS E 1336 7.04 11.40 -18.00
N GLU E 1337 7.18 11.73 -19.29
CA GLU E 1337 6.77 10.78 -20.36
C GLU E 1337 7.63 9.51 -20.24
N ASN E 1338 8.93 9.65 -19.99
CA ASN E 1338 9.83 8.49 -19.87
C ASN E 1338 9.42 7.62 -18.68
N VAL E 1339 9.06 8.24 -17.54
CA VAL E 1339 8.72 7.46 -16.31
C VAL E 1339 7.51 6.56 -16.58
N LEU E 1340 6.50 7.08 -17.28
CA LEU E 1340 5.28 6.29 -17.60
C LEU E 1340 5.69 5.07 -18.44
N ILE E 1341 6.62 5.26 -19.39
CA ILE E 1341 7.07 4.16 -20.29
C ILE E 1341 8.21 3.40 -19.60
N GLY E 1342 8.61 3.81 -18.39
CA GLY E 1342 9.75 3.17 -17.71
C GLY E 1342 11.02 3.30 -18.53
N ARG E 1343 11.24 4.47 -19.14
CA ARG E 1343 12.48 4.72 -19.94
C ARG E 1343 13.33 5.76 -19.22
N LEU E 1344 14.65 5.76 -19.46
CA LEU E 1344 15.56 6.69 -18.74
C LEU E 1344 15.18 8.14 -19.09
N ILE E 1345 15.11 9.02 -18.09
CA ILE E 1345 14.71 10.44 -18.34
C ILE E 1345 15.83 11.16 -19.08
N PRO E 1346 15.54 12.22 -19.87
CA PRO E 1346 16.58 12.98 -20.56
C PRO E 1346 17.16 14.05 -19.62
N ALA E 1347 17.72 13.63 -18.49
CA ALA E 1347 18.35 14.59 -17.54
C ALA E 1347 19.32 13.84 -16.63
N GLY E 1348 20.23 14.56 -15.97
CA GLY E 1348 21.16 13.91 -15.01
C GLY E 1348 21.99 12.82 -15.64
N THR E 1349 21.97 11.62 -15.05
CA THR E 1349 22.81 10.49 -15.55
C THR E 1349 22.41 10.11 -16.98
N GLY E 1350 21.12 10.18 -17.32
CA GLY E 1350 20.66 9.71 -18.65
C GLY E 1350 21.29 10.48 -19.79
N LEU E 1351 21.38 11.81 -19.67
CA LEU E 1351 22.03 12.64 -20.72
C LEU E 1351 23.52 12.25 -20.82
N ALA E 1352 24.17 12.05 -19.66
CA ALA E 1352 25.62 11.73 -19.64
C ALA E 1352 25.86 10.38 -20.34
N VAL E 1353 24.99 9.40 -20.09
CA VAL E 1353 25.15 8.05 -20.72
C VAL E 1353 25.04 8.21 -22.24
N ARG E 1354 24.09 9.01 -22.71
CA ARG E 1354 23.91 9.25 -24.17
C ARG E 1354 25.16 9.92 -24.74
N LYS E 1355 25.70 10.93 -24.04
CA LYS E 1355 26.88 11.67 -24.55
C LYS E 1355 28.08 10.73 -24.62
N GLU E 1356 28.26 9.89 -23.60
CA GLU E 1356 29.38 8.91 -23.59
C GLU E 1356 29.18 7.92 -24.74
N SER E 1357 27.94 7.48 -24.96
CA SER E 1357 27.65 6.55 -26.09
C SER E 1357 28.00 7.22 -27.42
N ALA E 1358 27.67 8.51 -27.56
CA ALA E 1358 27.98 9.25 -28.81
C ALA E 1358 29.51 9.29 -29.00
N LYS E 1359 30.25 9.53 -27.92
CA LYS E 1359 31.74 9.54 -28.00
C LYS E 1359 32.25 8.14 -28.39
N ILE E 1360 31.64 7.09 -27.84
CA ILE E 1360 32.06 5.69 -28.13
C ILE E 1360 31.86 5.39 -29.62
N GLU E 1361 30.76 5.86 -30.20
CA GLU E 1361 30.45 5.56 -31.62
C GLU E 1361 31.56 6.08 -32.53
N LYS E 1362 32.10 7.27 -32.25
CA LYS E 1362 33.12 7.88 -33.15
C LYS E 1362 34.38 7.01 -33.21
N MET E 1363 34.83 6.47 -32.07
CA MET E 1363 36.10 5.69 -32.06
C MET E 1363 35.97 4.48 -32.99
N ARG E 1364 34.84 3.75 -32.90
CA ARG E 1364 34.60 2.62 -33.84
C ARG E 1364 34.47 3.20 -35.25
N GLU E 1365 33.76 4.34 -35.37
CA GLU E 1365 33.56 5.00 -36.68
C GLU E 1365 34.90 5.47 -37.26
N UNK I 1 38.01 -42.40 11.63
CA UNK I 1 37.37 -41.10 11.32
C UNK I 1 35.92 -41.34 10.89
N UNK I 2 35.22 -40.27 10.50
CA UNK I 2 33.80 -40.39 10.07
C UNK I 2 33.72 -41.27 8.80
N UNK I 3 34.69 -41.12 7.89
CA UNK I 3 34.70 -41.91 6.64
C UNK I 3 34.80 -43.40 6.98
N UNK I 4 35.63 -43.76 7.96
CA UNK I 4 35.83 -45.18 8.32
C UNK I 4 34.50 -45.79 8.79
N UNK I 5 33.70 -45.03 9.54
CA UNK I 5 32.38 -45.51 9.98
C UNK I 5 31.47 -45.78 8.77
N UNK I 6 31.67 -45.05 7.67
CA UNK I 6 30.77 -45.18 6.49
C UNK I 6 30.85 -46.60 5.90
N UNK I 7 29.73 -47.09 5.37
CA UNK I 7 29.67 -48.48 4.82
C UNK I 7 30.44 -48.57 3.50
N UNK I 8 30.80 -49.78 3.09
CA UNK I 8 31.55 -49.98 1.81
C UNK I 8 30.67 -49.57 0.63
N UNK I 9 29.34 -49.57 0.81
CA UNK I 9 28.40 -49.21 -0.28
C UNK I 9 28.64 -47.77 -0.73
N UNK I 10 29.09 -46.91 0.19
CA UNK I 10 29.38 -45.50 -0.15
C UNK I 10 30.50 -45.44 -1.19
N UNK I 11 31.38 -46.45 -1.21
CA UNK I 11 32.52 -46.47 -2.16
C UNK I 11 32.00 -46.55 -3.60
N UNK I 12 30.79 -47.10 -3.80
CA UNK I 12 30.24 -47.26 -5.17
C UNK I 12 31.18 -48.14 -6.00
N UNK I 13 31.70 -49.21 -5.40
CA UNK I 13 32.62 -50.15 -6.11
C UNK I 13 31.82 -51.03 -7.08
N UNK I 14 32.51 -51.77 -7.95
CA UNK I 14 31.83 -52.61 -8.96
C UNK I 14 30.99 -53.69 -8.25
N UNK I 15 29.92 -54.16 -8.90
CA UNK I 15 28.99 -55.13 -8.26
C UNK I 15 29.73 -56.42 -7.89
N UNK I 16 30.61 -56.92 -8.76
CA UNK I 16 31.40 -58.12 -8.44
C UNK I 16 32.29 -57.84 -7.22
N UNK I 17 32.90 -56.65 -7.18
CA UNK I 17 33.76 -56.26 -6.04
C UNK I 17 32.91 -56.21 -4.75
N UNK I 18 31.71 -55.64 -4.84
CA UNK I 18 30.81 -55.55 -3.66
C UNK I 18 30.47 -56.97 -3.19
N UNK I 19 30.20 -57.87 -4.14
CA UNK I 19 29.86 -59.27 -3.80
C UNK I 19 31.06 -59.93 -3.09
N UNK I 20 32.28 -59.67 -3.57
CA UNK I 20 33.49 -60.24 -2.93
C UNK I 20 33.60 -59.69 -1.50
N UNK I 21 33.32 -58.39 -1.32
CA UNK I 21 33.37 -57.79 0.04
C UNK I 21 32.34 -58.46 0.95
N UNK I 22 31.13 -58.71 0.43
CA UNK I 22 30.09 -59.39 1.22
C UNK I 22 30.57 -60.79 1.59
N UNK I 23 31.21 -61.49 0.64
CA UNK I 23 31.80 -62.81 0.94
C UNK I 23 32.89 -62.60 1.99
N UNK I 24 33.66 -61.51 1.85
CA UNK I 24 34.73 -61.18 2.81
C UNK I 24 34.10 -60.94 4.20
N UNK I 25 32.87 -60.42 4.21
CA UNK I 25 32.15 -60.17 5.49
C UNK I 25 32.42 -58.74 5.98
N UNK I 26 33.18 -57.96 5.20
CA UNK I 26 33.52 -56.58 5.61
C UNK I 26 32.45 -55.62 5.06
N UNK I 27 31.65 -55.02 5.93
CA UNK I 27 30.62 -54.03 5.50
C UNK I 27 31.11 -52.63 5.87
N UNK I 28 32.34 -52.52 6.39
CA UNK I 28 32.83 -51.21 6.89
C UNK I 28 34.05 -50.75 6.09
N UNK I 29 34.10 -49.45 5.75
CA UNK I 29 35.26 -48.89 5.03
C UNK I 29 36.52 -49.03 5.91
N UNK I 30 36.38 -48.77 7.21
CA UNK I 30 37.53 -48.90 8.16
C UNK I 30 38.03 -50.34 8.17
N UNK I 31 37.12 -51.32 8.18
CA UNK I 31 37.53 -52.75 8.17
C UNK I 31 38.29 -53.05 6.88
N UNK I 32 37.81 -52.52 5.76
CA UNK I 32 38.48 -52.74 4.45
C UNK I 32 39.90 -52.16 4.48
N UNK I 33 40.06 -50.97 5.07
CA UNK I 33 41.39 -50.32 5.11
C UNK I 33 42.38 -51.19 5.89
N UNK I 34 41.94 -51.78 7.01
CA UNK I 34 42.83 -52.60 7.85
C UNK I 34 43.35 -53.80 7.05
N UNK I 35 42.49 -54.44 6.25
CA UNK I 35 42.88 -55.67 5.51
C UNK I 35 44.04 -55.37 4.55
N UNK I 36 45.04 -56.25 4.50
CA UNK I 36 46.21 -56.05 3.62
C UNK I 36 45.84 -56.32 2.15
N UNK I 37 46.61 -55.77 1.21
CA UNK I 37 46.35 -56.00 -0.23
C UNK I 37 46.53 -57.47 -0.56
N UNK I 38 47.55 -58.12 0.03
CA UNK I 38 47.80 -59.55 -0.23
C UNK I 38 46.60 -60.38 0.24
N UNK I 39 46.04 -60.04 1.41
CA UNK I 39 44.86 -60.76 1.95
C UNK I 39 43.68 -60.61 0.99
N UNK I 40 43.48 -59.41 0.46
CA UNK I 40 42.38 -59.17 -0.50
C UNK I 40 42.61 -60.02 -1.76
N UNK I 41 43.85 -60.09 -2.24
CA UNK I 41 44.17 -60.90 -3.44
C UNK I 41 43.89 -62.38 -3.17
N UNK I 42 44.26 -62.87 -1.98
CA UNK I 42 44.06 -64.30 -1.63
C UNK I 42 42.57 -64.65 -1.62
N UNK I 43 41.71 -63.74 -1.15
CA UNK I 43 40.27 -64.02 -1.03
C UNK I 43 39.68 -64.30 -2.41
N UNK I 44 38.77 -65.29 -2.50
CA UNK I 44 38.12 -65.63 -3.78
C UNK I 44 37.18 -64.50 -4.20
N UNK I 45 36.92 -64.37 -5.50
CA UNK I 45 36.08 -63.25 -5.99
C UNK I 45 36.93 -61.99 -6.09
N UNK I 46 38.26 -62.14 -5.95
CA UNK I 46 39.17 -60.97 -6.03
C UNK I 46 40.04 -61.07 -7.29
N UNK I 47 40.14 -59.97 -8.05
CA UNK I 47 40.94 -59.97 -9.29
C UNK I 47 41.95 -58.83 -9.24
N UNK I 48 43.06 -58.94 -9.98
CA UNK I 48 44.10 -57.89 -9.93
C UNK I 48 43.49 -56.56 -10.39
N UNK I 49 42.71 -56.58 -11.46
CA UNK I 49 42.03 -55.35 -11.94
C UNK I 49 41.05 -54.86 -10.86
N UNK I 50 40.32 -55.79 -10.23
CA UNK I 50 39.38 -55.42 -9.14
C UNK I 50 40.16 -54.79 -7.98
N UNK I 51 41.31 -55.38 -7.63
CA UNK I 51 42.14 -54.84 -6.53
C UNK I 51 42.60 -53.42 -6.91
N UNK I 52 43.00 -53.22 -8.17
CA UNK I 52 43.46 -51.89 -8.62
C UNK I 52 42.31 -50.89 -8.50
N UNK I 53 41.09 -51.30 -8.88
CA UNK I 53 39.92 -50.41 -8.79
C UNK I 53 39.68 -50.04 -7.32
N UNK I 54 39.78 -51.02 -6.42
CA UNK I 54 39.57 -50.75 -4.97
C UNK I 54 40.62 -49.75 -4.48
N UNK I 55 41.88 -49.93 -4.90
CA UNK I 55 42.96 -49.00 -4.49
C UNK I 55 42.67 -47.60 -5.06
N UNK I 56 42.22 -47.52 -6.30
CA UNK I 56 41.96 -46.21 -6.95
C UNK I 56 40.83 -45.48 -6.20
N UNK I 57 39.78 -46.21 -5.82
CA UNK I 57 38.68 -45.58 -5.05
C UNK I 57 39.23 -45.09 -3.70
N UNK I 58 40.05 -45.92 -3.05
CA UNK I 58 40.64 -45.53 -1.74
C UNK I 58 41.54 -44.31 -1.95
N UNK I 59 42.30 -44.28 -3.05
CA UNK I 59 43.21 -43.15 -3.34
C UNK I 59 42.40 -41.86 -3.50
N UNK I 60 41.27 -41.94 -4.21
CA UNK I 60 40.40 -40.74 -4.36
C UNK I 60 39.89 -40.34 -2.98
N UNK I 61 39.48 -41.31 -2.15
CA UNK I 61 39.07 -41.00 -0.77
C UNK I 61 40.29 -40.51 0.02
N UNK I 62 41.48 -40.95 -0.39
CA UNK I 62 42.73 -40.61 0.34
C UNK I 62 43.04 -41.72 1.36
N UNK I 63 42.14 -42.70 1.49
CA UNK I 63 42.40 -43.85 2.37
C UNK I 63 43.39 -44.79 1.67
N UNK I 64 44.12 -45.63 2.43
CA UNK I 64 45.05 -46.59 1.81
C UNK I 64 44.86 -47.98 2.40
N UNK I 65 45.12 -49.04 1.61
CA UNK I 65 45.03 -50.42 2.13
C UNK I 65 46.24 -50.72 3.02
N UNK I 66 46.09 -51.66 3.97
CA UNK I 66 47.19 -52.00 4.90
C UNK I 66 47.32 -50.90 5.96
N UNK I 67 46.31 -50.02 6.05
CA UNK I 67 46.35 -48.91 7.03
C UNK I 67 46.22 -49.45 8.45
N UNK I 68 46.72 -48.71 9.44
CA UNK I 68 46.70 -49.19 10.85
C UNK I 68 45.66 -48.39 11.64
N UNK I 69 44.77 -49.08 12.38
CA UNK I 69 43.71 -48.40 13.14
C UNK I 69 43.72 -48.88 14.59
N UNK I 70 43.18 -48.08 15.52
CA UNK I 70 43.20 -48.43 16.95
C UNK I 70 41.80 -48.25 17.55
N UNK I 71 41.52 -48.95 18.67
CA UNK I 71 40.18 -48.88 19.29
C UNK I 71 39.13 -49.30 18.27
N UNK I 72 39.42 -50.35 17.49
CA UNK I 72 38.48 -50.79 16.42
C UNK I 72 37.71 -52.03 16.90
N UNK I 73 36.37 -51.97 16.79
CA UNK I 73 35.68 -50.75 16.32
C UNK I 73 34.70 -50.27 17.39
N UNK J 1 58.36 -29.64 2.00
CA UNK J 1 58.35 -29.62 0.52
C UNK J 1 57.01 -30.14 0.00
N UNK J 2 56.42 -29.45 -0.98
CA UNK J 2 55.11 -29.85 -1.54
C UNK J 2 55.21 -31.23 -2.19
N UNK J 3 56.31 -31.51 -2.88
CA UNK J 3 56.47 -32.80 -3.60
C UNK J 3 56.43 -33.95 -2.58
N UNK J 4 57.04 -33.76 -1.41
CA UNK J 4 57.04 -34.80 -0.35
C UNK J 4 55.60 -35.09 0.07
N UNK J 5 54.77 -34.05 0.16
CA UNK J 5 53.34 -34.22 0.51
C UNK J 5 52.63 -35.03 -0.58
N UNK J 6 53.14 -34.99 -1.82
CA UNK J 6 52.47 -35.69 -2.94
C UNK J 6 52.45 -37.20 -2.71
N UNK J 7 51.40 -37.89 -3.18
CA UNK J 7 51.26 -39.34 -2.96
C UNK J 7 52.25 -40.12 -3.82
N UNK J 8 52.53 -41.38 -3.45
CA UNK J 8 53.47 -42.23 -4.21
C UNK J 8 52.93 -42.48 -5.63
N UNK J 9 51.62 -42.38 -5.80
CA UNK J 9 50.98 -42.65 -7.12
C UNK J 9 51.53 -41.68 -8.17
N UNK J 10 51.87 -40.45 -7.75
CA UNK J 10 52.42 -39.44 -8.68
C UNK J 10 53.75 -39.94 -9.25
N UNK J 11 54.45 -40.80 -8.52
CA UNK J 11 55.75 -41.35 -8.98
C UNK J 11 55.54 -42.18 -10.26
N UNK J 12 54.34 -42.74 -10.44
CA UNK J 12 54.06 -43.60 -11.61
C UNK J 12 55.03 -44.79 -11.63
N UNK J 13 55.27 -45.39 -10.47
CA UNK J 13 56.19 -46.55 -10.35
C UNK J 13 55.53 -47.81 -10.93
N UNK J 14 56.30 -48.88 -11.10
CA UNK J 14 55.76 -50.13 -11.70
C UNK J 14 54.67 -50.72 -10.80
N UNK J 15 53.75 -51.51 -11.36
CA UNK J 15 52.60 -52.03 -10.58
C UNK J 15 53.09 -52.90 -9.42
N UNK J 16 54.10 -53.75 -9.64
CA UNK J 16 54.64 -54.59 -8.55
C UNK J 16 55.22 -53.67 -7.47
N UNK J 17 55.93 -52.61 -7.86
CA UNK J 17 56.51 -51.66 -6.89
C UNK J 17 55.40 -50.96 -6.11
N UNK J 18 54.32 -50.57 -6.80
CA UNK J 18 53.18 -49.90 -6.13
C UNK J 18 52.57 -50.87 -5.12
N UNK J 19 52.44 -52.15 -5.50
CA UNK J 19 51.86 -53.16 -4.60
C UNK J 19 52.74 -53.31 -3.36
N UNK J 20 54.06 -53.32 -3.55
CA UNK J 20 55.00 -53.43 -2.41
C UNK J 20 54.83 -52.21 -1.49
N UNK J 21 54.67 -51.01 -2.08
CA UNK J 21 54.46 -49.79 -1.27
C UNK J 21 53.16 -49.91 -0.48
N UNK J 22 52.10 -50.42 -1.10
CA UNK J 22 50.81 -50.59 -0.40
C UNK J 22 51.00 -51.59 0.75
N UNK J 23 51.73 -52.67 0.50
CA UNK J 23 52.04 -53.64 1.59
C UNK J 23 52.88 -52.91 2.64
N UNK J 24 53.82 -52.07 2.17
CA UNK J 24 54.69 -51.29 3.09
C UNK J 24 53.82 -50.36 3.94
N UNK J 25 52.70 -49.88 3.37
CA UNK J 25 51.79 -48.98 4.11
C UNK J 25 52.16 -47.51 3.86
N UNK J 26 53.19 -47.27 3.04
CA UNK J 26 53.61 -45.88 2.75
C UNK J 26 52.84 -45.34 1.55
N UNK J 27 51.96 -44.36 1.77
CA UNK J 27 51.22 -43.72 0.65
C UNK J 27 51.81 -42.35 0.38
N UNK J 28 52.90 -42.00 1.06
CA UNK J 28 53.46 -40.64 0.93
C UNK J 28 54.87 -40.67 0.34
N UNK J 29 55.19 -39.75 -0.57
CA UNK J 29 56.55 -39.66 -1.15
C UNK J 29 57.55 -39.34 -0.03
N UNK J 30 57.17 -38.44 0.89
CA UNK J 30 58.06 -38.06 2.01
C UNK J 30 58.35 -39.29 2.89
N UNK J 31 57.33 -40.11 3.16
CA UNK J 31 57.52 -41.33 3.97
C UNK J 31 58.48 -42.29 3.24
N UNK J 32 58.35 -42.41 1.92
CA UNK J 32 59.24 -43.29 1.13
C UNK J 32 60.68 -42.80 1.23
N UNK J 33 60.89 -41.48 1.16
CA UNK J 33 62.25 -40.91 1.20
C UNK J 33 62.92 -41.26 2.54
N UNK J 34 62.17 -41.18 3.64
CA UNK J 34 62.74 -41.45 4.99
C UNK J 34 63.22 -42.91 5.07
N UNK J 35 62.48 -43.85 4.49
CA UNK J 35 62.84 -45.29 4.59
C UNK J 35 64.21 -45.54 3.97
N UNK J 36 65.05 -46.33 4.63
CA UNK J 36 66.40 -46.64 4.11
C UNK J 36 66.33 -47.62 2.94
N UNK J 37 67.36 -47.66 2.10
CA UNK J 37 67.40 -48.60 0.95
C UNK J 37 67.39 -50.04 1.47
N UNK J 38 68.11 -50.32 2.55
CA UNK J 38 68.17 -51.69 3.11
C UNK J 38 66.77 -52.12 3.56
N UNK J 39 66.01 -51.20 4.18
CA UNK J 39 64.65 -51.52 4.66
C UNK J 39 63.76 -51.86 3.45
N UNK J 40 63.89 -51.10 2.36
CA UNK J 40 63.11 -51.38 1.14
C UNK J 40 63.49 -52.76 0.58
N UNK J 41 64.79 -53.08 0.59
CA UNK J 41 65.25 -54.40 0.09
C UNK J 41 64.64 -55.50 0.96
N UNK J 42 64.59 -55.31 2.28
CA UNK J 42 64.08 -56.34 3.20
C UNK J 42 62.61 -56.66 2.92
N UNK J 43 61.81 -55.66 2.55
CA UNK J 43 60.35 -55.89 2.37
C UNK J 43 60.10 -56.97 1.32
N UNK J 44 59.17 -57.88 1.60
CA UNK J 44 58.84 -58.99 0.67
C UNK J 44 58.22 -58.43 -0.61
N UNK J 45 58.49 -59.06 -1.75
CA UNK J 45 57.97 -58.56 -3.05
C UNK J 45 58.92 -57.47 -3.59
N UNK J 46 60.07 -57.30 -2.94
CA UNK J 46 61.05 -56.27 -3.36
C UNK J 46 62.19 -56.92 -4.14
N UNK J 47 62.52 -56.36 -5.31
CA UNK J 47 63.60 -56.91 -6.15
C UNK J 47 64.70 -55.85 -6.35
N UNK J 48 65.93 -56.29 -6.64
CA UNK J 48 67.04 -55.33 -6.81
C UNK J 48 66.73 -54.40 -7.98
N UNK J 49 66.20 -54.94 -9.09
CA UNK J 49 65.82 -54.11 -10.25
C UNK J 49 64.71 -53.14 -9.83
N UNK J 50 63.75 -53.61 -9.04
CA UNK J 50 62.65 -52.74 -8.57
C UNK J 50 63.22 -51.61 -7.70
N UNK J 51 64.18 -51.95 -6.82
CA UNK J 51 64.81 -50.92 -5.96
C UNK J 51 65.54 -49.91 -6.85
N UNK J 52 66.23 -50.39 -7.89
CA UNK J 52 66.96 -49.50 -8.81
C UNK J 52 65.97 -48.55 -9.50
N UNK J 53 64.82 -49.08 -9.93
CA UNK J 53 63.80 -48.25 -10.61
C UNK J 53 63.29 -47.18 -9.63
N UNK J 54 63.08 -47.56 -8.37
CA UNK J 54 62.59 -46.59 -7.35
C UNK J 54 63.64 -45.49 -7.17
N UNK J 55 64.92 -45.86 -7.10
CA UNK J 55 66.00 -44.85 -6.95
C UNK J 55 66.02 -43.94 -8.20
N UNK J 56 65.87 -44.52 -9.39
CA UNK J 56 65.94 -43.74 -10.65
C UNK J 56 64.80 -42.71 -10.69
N UNK J 57 63.60 -43.12 -10.28
CA UNK J 57 62.46 -42.17 -10.26
C UNK J 57 62.77 -41.05 -9.26
N UNK J 58 63.29 -41.41 -8.08
CA UNK J 58 63.65 -40.40 -7.06
C UNK J 58 64.74 -39.47 -7.63
N UNK J 59 65.71 -40.04 -8.34
CA UNK J 59 66.81 -39.24 -8.91
C UNK J 59 66.26 -38.23 -9.92
N UNK J 60 65.29 -38.65 -10.74
CA UNK J 60 64.66 -37.71 -11.69
C UNK J 60 63.92 -36.62 -10.90
N UNK J 61 63.22 -37.02 -9.83
CA UNK J 61 62.57 -36.02 -8.95
C UNK J 61 63.65 -35.21 -8.24
N UNK J 62 64.84 -35.80 -8.05
CA UNK J 62 65.94 -35.14 -7.29
C UNK J 62 65.86 -35.56 -5.82
N UNK J 63 64.81 -36.31 -5.44
CA UNK J 63 64.73 -36.83 -4.06
C UNK J 63 65.69 -38.02 -3.93
N UNK J 64 66.12 -38.35 -2.69
CA UNK J 64 67.01 -39.51 -2.48
C UNK J 64 66.50 -40.38 -1.34
N UNK J 65 66.75 -41.70 -1.40
CA UNK J 65 66.37 -42.61 -0.30
C UNK J 65 67.31 -42.41 0.89
N UNK J 66 66.83 -42.71 2.10
CA UNK J 66 67.66 -42.53 3.32
C UNK J 66 67.72 -41.04 3.68
N UNK J 67 66.86 -40.22 3.05
CA UNK J 67 66.87 -38.77 3.29
C UNK J 67 66.36 -38.48 4.72
N UNK J 68 66.77 -37.35 5.29
CA UNK J 68 66.37 -37.01 6.68
C UNK J 68 65.34 -35.88 6.66
N UNK J 69 64.21 -36.06 7.35
CA UNK J 69 63.12 -35.06 7.33
C UNK J 69 62.70 -34.72 8.76
N UNK J 70 62.10 -33.54 8.98
CA UNK J 70 61.72 -33.11 10.34
C UNK J 70 60.27 -32.60 10.37
N UNK J 71 59.64 -32.61 11.54
CA UNK J 71 58.23 -32.16 11.67
C UNK J 71 57.32 -33.01 10.77
N UNK J 72 57.61 -34.30 10.63
CA UNK J 72 56.72 -35.20 9.85
C UNK J 72 56.16 -36.26 10.80
N UNK J 73 54.83 -36.35 10.91
CA UNK J 73 53.86 -35.80 9.94
C UNK J 73 53.84 -34.27 9.99
N MET K 1 17.48 -48.34 -46.95
CA MET K 1 18.39 -47.41 -46.23
C MET K 1 19.63 -47.14 -47.08
N LEU K 2 19.46 -46.98 -48.40
CA LEU K 2 20.59 -46.64 -49.29
C LEU K 2 20.28 -45.32 -50.00
N LEU K 3 21.21 -44.37 -50.00
CA LEU K 3 20.99 -43.08 -50.68
C LEU K 3 21.94 -42.97 -51.89
N TYR K 4 21.39 -42.70 -53.08
CA TYR K 4 22.23 -42.53 -54.29
C TYR K 4 22.73 -41.07 -54.32
N THR K 5 24.04 -40.89 -54.50
CA THR K 5 24.60 -39.51 -54.44
C THR K 5 25.51 -39.24 -55.63
N LYS K 6 25.58 -37.98 -56.06
CA LYS K 6 26.50 -37.60 -57.17
C LYS K 6 27.44 -36.51 -56.64
N LYS K 7 28.75 -36.67 -56.82
CA LYS K 7 29.71 -35.69 -56.26
C LYS K 7 29.53 -34.35 -56.95
N ASP K 8 29.83 -33.24 -56.25
CA ASP K 8 29.62 -31.89 -56.84
C ASP K 8 28.13 -31.59 -56.97
N ASP K 9 27.29 -32.21 -56.12
CA ASP K 9 25.83 -31.90 -56.14
C ASP K 9 25.44 -31.28 -54.79
N ILE K 10 24.88 -30.06 -54.80
CA ILE K 10 24.52 -29.37 -53.53
C ILE K 10 23.43 -30.14 -52.78
N TYR K 11 22.40 -30.61 -53.51
CA TYR K 11 21.27 -31.31 -52.84
C TYR K 11 21.79 -32.59 -52.20
N SER K 12 22.64 -33.33 -52.91
CA SER K 12 23.18 -34.60 -52.38
C SER K 12 24.03 -34.33 -51.12
N ASP K 13 24.84 -33.27 -51.16
CA ASP K 13 25.71 -32.93 -50.01
C ASP K 13 24.81 -32.60 -48.81
N ILE K 14 23.74 -31.85 -49.04
CA ILE K 14 22.82 -31.47 -47.93
C ILE K 14 22.17 -32.73 -47.35
N VAL K 15 21.75 -33.67 -48.21
CA VAL K 15 21.09 -34.92 -47.75
C VAL K 15 22.11 -35.71 -46.91
N ARG K 16 23.36 -35.75 -47.37
CA ARG K 16 24.43 -36.49 -46.64
C ARG K 16 24.63 -35.86 -45.26
N MET K 17 24.65 -34.53 -45.18
CA MET K 17 24.81 -33.83 -43.88
C MET K 17 23.63 -34.16 -42.97
N ILE K 18 22.42 -34.20 -43.52
CA ILE K 18 21.20 -34.52 -42.71
C ILE K 18 21.35 -35.94 -42.15
N LEU K 19 21.81 -36.89 -42.98
CA LEU K 19 22.02 -38.29 -42.51
C LEU K 19 23.11 -38.32 -41.43
N LEU K 20 24.19 -37.54 -41.61
CA LEU K 20 25.31 -37.50 -40.64
C LEU K 20 24.79 -37.01 -39.29
N ILE K 21 23.90 -36.01 -39.30
CA ILE K 21 23.30 -35.53 -38.02
C ILE K 21 22.52 -36.71 -37.41
N LYS K 22 21.77 -37.46 -38.23
CA LYS K 22 21.05 -38.67 -37.75
C LYS K 22 22.08 -39.72 -37.30
N GLY K 23 23.21 -39.81 -38.00
CA GLY K 23 24.21 -40.86 -37.69
C GLY K 23 23.60 -42.23 -37.93
N ALA K 24 22.72 -42.33 -38.93
CA ALA K 24 22.07 -43.62 -39.28
C ALA K 24 22.98 -44.43 -40.22
N ASN K 25 22.54 -45.62 -40.62
CA ASN K 25 23.34 -46.44 -41.56
C ASN K 25 23.04 -45.96 -42.98
N ALA K 26 23.94 -45.13 -43.54
CA ALA K 26 23.74 -44.63 -44.90
C ALA K 26 24.77 -45.26 -45.84
N LYS K 27 24.31 -46.07 -46.78
CA LYS K 27 25.22 -46.70 -47.78
C LYS K 27 25.31 -45.76 -48.97
N ILE K 28 26.21 -44.77 -48.91
CA ILE K 28 26.29 -43.77 -50.02
C ILE K 28 26.72 -44.48 -51.30
N VAL K 29 26.04 -44.23 -52.42
CA VAL K 29 26.43 -44.82 -53.73
C VAL K 29 26.62 -43.69 -54.75
N ASP K 30 27.74 -43.70 -55.47
CA ASP K 30 28.02 -42.63 -56.46
C ASP K 30 27.58 -43.10 -57.85
N VAL K 31 26.59 -42.42 -58.44
CA VAL K 31 26.12 -42.75 -59.81
C VAL K 31 27.25 -42.50 -60.81
N SER K 32 27.99 -41.41 -60.63
CA SER K 32 29.07 -41.02 -61.59
C SER K 32 30.17 -42.09 -61.63
N LYS K 33 30.53 -42.66 -60.48
CA LYS K 33 31.66 -43.63 -60.44
C LYS K 33 31.35 -44.83 -61.34
N GLU K 34 32.33 -45.24 -62.15
CA GLU K 34 32.16 -46.41 -63.07
C GLU K 34 32.27 -47.70 -62.25
N GLU K 35 32.70 -47.60 -61.00
CA GLU K 35 32.87 -48.80 -60.13
C GLU K 35 31.50 -49.48 -59.94
N ASN K 36 30.41 -48.72 -59.98
CA ASN K 36 29.06 -49.29 -59.74
C ASN K 36 28.12 -48.90 -60.88
N SER K 37 28.46 -49.29 -62.11
CA SER K 37 27.57 -49.03 -63.28
C SER K 37 26.26 -49.81 -63.13
N LYS K 38 26.35 -51.06 -62.67
CA LYS K 38 25.13 -51.92 -62.56
C LYS K 38 24.15 -51.29 -61.58
N HIS K 39 24.66 -50.79 -60.45
CA HIS K 39 23.79 -50.15 -59.43
C HIS K 39 23.14 -48.89 -60.00
N LEU K 40 23.90 -48.11 -60.78
CA LEU K 40 23.33 -46.89 -61.43
C LEU K 40 22.23 -47.31 -62.40
N GLU K 41 22.43 -48.40 -63.14
CA GLU K 41 21.39 -48.92 -64.07
C GLU K 41 20.15 -49.35 -63.28
N GLU K 42 20.34 -49.99 -62.13
CA GLU K 42 19.20 -50.38 -61.26
C GLU K 42 18.48 -49.11 -60.79
N LEU K 43 19.23 -48.06 -60.44
CA LEU K 43 18.62 -46.77 -60.02
C LEU K 43 17.79 -46.21 -61.19
N ASN K 44 18.31 -46.31 -62.41
CA ASN K 44 17.57 -45.83 -63.62
C ASN K 44 16.28 -46.62 -63.78
N ILE K 45 16.35 -47.95 -63.58
CA ILE K 45 15.13 -48.80 -63.70
C ILE K 45 14.11 -48.38 -62.64
N ILE K 46 14.56 -48.20 -61.39
CA ILE K 46 13.63 -47.80 -60.29
C ILE K 46 13.13 -46.37 -60.52
N THR K 47 14.03 -45.43 -60.87
CA THR K 47 13.62 -44.01 -61.01
C THR K 47 13.58 -43.63 -62.50
N PRO K 48 12.47 -43.08 -63.01
CA PRO K 48 12.35 -42.77 -64.44
C PRO K 48 13.34 -41.71 -64.92
N ASN K 49 13.54 -40.64 -64.16
CA ASN K 49 14.47 -39.55 -64.57
C ASN K 49 15.83 -39.73 -63.88
N GLY K 50 15.96 -40.75 -63.03
CA GLY K 50 17.22 -40.98 -62.30
C GLY K 50 17.63 -39.76 -61.52
N ASN K 51 16.67 -39.09 -60.87
CA ASN K 51 16.98 -37.83 -60.12
C ASN K 51 17.91 -38.13 -58.94
N ILE K 52 18.90 -37.27 -58.72
CA ILE K 52 19.84 -37.43 -57.57
C ILE K 52 19.80 -36.16 -56.72
N PRO K 53 19.77 -36.24 -55.38
CA PRO K 53 19.94 -37.50 -54.66
C PRO K 53 18.63 -38.30 -54.55
N THR K 54 18.72 -39.62 -54.67
CA THR K 54 17.51 -40.48 -54.49
C THR K 54 17.70 -41.38 -53.26
N LEU K 55 16.76 -41.32 -52.32
CA LEU K 55 16.83 -42.21 -51.13
C LEU K 55 16.11 -43.52 -51.47
N SER K 56 16.76 -44.66 -51.27
CA SER K 56 16.16 -45.96 -51.65
C SER K 56 15.91 -46.83 -50.42
N THR K 57 14.68 -47.32 -50.25
CA THR K 57 14.38 -48.24 -49.12
C THR K 57 13.61 -49.44 -49.69
N ASP K 58 13.62 -50.58 -49.00
CA ASP K 58 12.97 -51.79 -49.57
C ASP K 58 11.47 -51.51 -49.76
N ASP K 59 10.83 -50.88 -48.76
CA ASP K 59 9.38 -50.59 -48.83
C ASP K 59 9.08 -49.59 -49.96
N PHE K 60 9.90 -48.55 -50.11
CA PHE K 60 9.58 -47.51 -51.11
C PHE K 60 10.84 -46.77 -51.57
N ALA K 61 10.78 -46.08 -52.71
CA ALA K 61 11.91 -45.25 -53.18
C ALA K 61 11.38 -43.83 -53.39
N VAL K 62 12.10 -42.81 -52.92
CA VAL K 62 11.56 -41.41 -53.02
C VAL K 62 12.53 -40.52 -53.80
N TYR K 63 12.00 -39.45 -54.42
CA TYR K 63 12.85 -38.49 -55.18
C TYR K 63 12.43 -37.07 -54.83
N ARG K 64 13.33 -36.09 -55.00
CA ARG K 64 13.04 -34.67 -54.66
C ARG K 64 13.66 -34.39 -53.28
N LEU K 65 14.42 -33.29 -53.15
CA LEU K 65 15.12 -33.02 -51.86
C LEU K 65 14.13 -32.78 -50.72
N SER K 66 13.09 -31.97 -50.95
CA SER K 66 12.15 -31.63 -49.85
C SER K 66 11.42 -32.88 -49.36
N VAL K 67 10.94 -33.71 -50.32
CA VAL K 67 10.20 -34.94 -49.95
C VAL K 67 11.16 -35.85 -49.18
N ILE K 68 12.42 -35.94 -49.64
CA ILE K 68 13.40 -36.85 -48.98
C ILE K 68 13.60 -36.38 -47.53
N ILE K 69 13.75 -35.06 -47.34
CA ILE K 69 14.01 -34.51 -45.98
C ILE K 69 12.81 -34.81 -45.07
N GLU K 70 11.59 -34.61 -45.59
CA GLU K 70 10.37 -34.84 -44.77
C GLU K 70 10.30 -36.33 -44.40
N ALA K 71 10.61 -37.20 -45.35
CA ALA K 71 10.58 -38.66 -45.11
C ALA K 71 11.61 -39.02 -44.04
N ILE K 72 12.80 -38.43 -44.12
CA ILE K 72 13.88 -38.71 -43.13
C ILE K 72 13.39 -38.28 -41.74
N GLU K 73 12.74 -37.12 -41.67
CA GLU K 73 12.23 -36.61 -40.36
C GLU K 73 11.18 -37.59 -39.80
N ASP K 74 10.28 -38.09 -40.65
CA ASP K 74 9.27 -39.07 -40.19
C ASP K 74 9.97 -40.35 -39.73
N LEU K 75 10.97 -40.82 -40.49
CA LEU K 75 11.67 -42.09 -40.18
C LEU K 75 12.44 -42.00 -38.85
N TYR K 76 13.05 -40.86 -38.57
CA TYR K 76 13.92 -40.78 -37.35
C TYR K 76 13.34 -39.88 -36.26
N PRO K 77 13.38 -40.32 -34.98
CA PRO K 77 12.90 -39.52 -33.85
C PRO K 77 14.08 -38.70 -33.31
N PHE K 78 15.17 -38.64 -34.08
CA PHE K 78 16.39 -37.90 -33.68
C PHE K 78 16.04 -36.40 -33.64
N PRO K 79 16.87 -35.50 -33.06
CA PRO K 79 16.47 -34.11 -32.90
C PRO K 79 15.90 -33.54 -34.21
N PRO K 80 14.71 -32.91 -34.17
CA PRO K 80 14.04 -32.43 -35.40
C PRO K 80 14.60 -31.14 -36.03
N MET K 81 14.42 -30.98 -37.34
CA MET K 81 14.83 -29.73 -38.02
C MET K 81 13.59 -28.85 -38.21
N PHE K 82 12.45 -29.26 -37.64
CA PHE K 82 11.17 -28.52 -37.83
C PHE K 82 10.63 -28.03 -36.48
N PRO K 83 9.90 -26.89 -36.45
CA PRO K 83 9.33 -26.34 -35.21
C PRO K 83 8.16 -27.15 -34.63
N VAL K 84 8.02 -27.17 -33.31
CA VAL K 84 6.88 -27.88 -32.65
C VAL K 84 5.55 -27.22 -33.06
N PHE K 85 5.53 -25.89 -33.23
CA PHE K 85 4.28 -25.17 -33.56
C PHE K 85 3.96 -25.25 -35.06
N PRO K 86 2.70 -25.54 -35.45
CA PRO K 86 2.32 -25.69 -36.86
C PRO K 86 2.47 -24.43 -37.72
N LYS K 87 2.10 -23.26 -37.20
CA LYS K 87 2.27 -22.00 -37.97
C LYS K 87 3.76 -21.80 -38.26
N GLN K 88 4.61 -22.04 -37.25
CA GLN K 88 6.07 -21.88 -37.44
C GLN K 88 6.55 -22.90 -38.49
N ARG K 89 6.02 -24.12 -38.43
CA ARG K 89 6.44 -25.18 -39.39
C ARG K 89 6.05 -24.74 -40.80
N ALA K 90 4.84 -24.18 -40.96
CA ALA K 90 4.37 -23.74 -42.29
C ALA K 90 5.28 -22.63 -42.81
N ASN K 91 5.63 -21.68 -41.92
CA ASN K 91 6.51 -20.55 -42.34
C ASN K 91 7.87 -21.09 -42.77
N ALA K 92 8.41 -22.05 -42.00
CA ALA K 92 9.74 -22.62 -42.32
C ALA K 92 9.66 -23.32 -43.68
N ARG K 93 8.58 -24.07 -43.91
CA ARG K 93 8.42 -24.81 -45.20
C ARG K 93 8.38 -23.79 -46.35
N ILE K 94 7.62 -22.71 -46.17
CA ILE K 94 7.50 -21.69 -47.27
C ILE K 94 8.88 -21.08 -47.51
N LEU K 95 9.61 -20.78 -46.44
CA LEU K 95 10.95 -20.14 -46.59
C LEU K 95 11.87 -21.11 -47.33
N LEU K 96 11.83 -22.40 -46.97
CA LEU K 96 12.72 -23.40 -47.62
C LEU K 96 12.37 -23.47 -49.10
N GLU K 97 11.07 -23.49 -49.42
CA GLU K 97 10.65 -23.61 -50.84
C GLU K 97 11.16 -22.40 -51.60
N TYR K 98 11.01 -21.20 -51.01
CA TYR K 98 11.44 -19.97 -51.72
C TYR K 98 12.95 -20.01 -51.94
N VAL K 99 13.71 -20.40 -50.91
CA VAL K 99 15.20 -20.42 -51.03
C VAL K 99 15.59 -21.42 -52.11
N ASN K 100 14.92 -22.58 -52.12
CA ASN K 100 15.28 -23.65 -53.11
C ASN K 100 15.01 -23.13 -54.52
N LYS K 101 13.84 -22.52 -54.74
CA LYS K 101 13.49 -22.08 -56.12
C LYS K 101 14.42 -20.93 -56.56
N THR K 102 14.62 -19.94 -55.70
CA THR K 102 15.43 -18.75 -56.08
C THR K 102 16.92 -19.07 -56.26
N PHE K 103 17.50 -19.90 -55.40
CA PHE K 103 18.97 -20.12 -55.45
C PHE K 103 19.35 -21.52 -55.97
N LEU K 104 18.66 -22.57 -55.53
CA LEU K 104 19.08 -23.94 -55.92
C LEU K 104 19.00 -24.12 -57.44
N GLN K 105 17.93 -23.62 -58.06
CA GLN K 105 17.75 -23.76 -59.54
C GLN K 105 18.88 -23.00 -60.25
N ASN K 106 19.22 -21.81 -59.77
CA ASN K 106 20.31 -21.01 -60.39
C ASN K 106 21.62 -21.78 -60.27
N ILE K 107 21.87 -22.40 -59.10
CA ILE K 107 23.12 -23.17 -58.87
C ILE K 107 23.16 -24.35 -59.85
N ILE K 108 22.03 -25.04 -60.03
CA ILE K 108 21.97 -26.22 -60.95
C ILE K 108 22.25 -25.74 -62.37
N LYS K 109 21.67 -24.60 -62.77
CA LYS K 109 21.89 -24.08 -64.15
C LYS K 109 23.36 -23.72 -64.33
N LEU K 110 23.97 -23.08 -63.33
CA LEU K 110 25.41 -22.68 -63.39
C LEU K 110 26.29 -23.93 -63.43
N GLN K 111 25.82 -25.04 -62.86
CA GLN K 111 26.61 -26.29 -62.81
C GLN K 111 26.89 -26.80 -64.24
N SER K 112 25.96 -26.58 -65.17
CA SER K 112 26.11 -27.11 -66.55
C SER K 112 27.35 -26.51 -67.23
N PRO K 113 28.06 -27.25 -68.11
CA PRO K 113 29.29 -26.76 -68.75
C PRO K 113 29.01 -25.92 -70.00
N ASP K 114 27.75 -25.81 -70.41
CA ASP K 114 27.39 -25.06 -71.65
C ASP K 114 26.85 -23.68 -71.29
N LEU K 115 27.17 -23.18 -70.09
CA LEU K 115 26.62 -21.87 -69.62
C LEU K 115 27.12 -20.73 -70.50
N ASP K 116 26.31 -19.67 -70.66
CA ASP K 116 26.73 -18.47 -71.42
C ASP K 116 27.21 -17.42 -70.40
N GLU K 117 28.14 -16.54 -70.80
CA GLU K 117 28.71 -15.56 -69.82
C GLU K 117 27.60 -14.64 -69.29
N LYS K 118 26.73 -14.13 -70.17
CA LYS K 118 25.71 -13.14 -69.71
C LYS K 118 24.80 -13.81 -68.66
N GLN K 119 24.35 -15.03 -68.95
CA GLN K 119 23.40 -15.70 -68.01
C GLN K 119 24.11 -15.92 -66.68
N ALA K 120 25.36 -16.38 -66.71
CA ALA K 120 26.09 -16.68 -65.47
C ALA K 120 26.23 -15.38 -64.65
N ASN K 121 26.58 -14.28 -65.32
CA ASN K 121 26.80 -13.01 -64.60
C ASN K 121 25.48 -12.57 -63.96
N GLU K 122 24.37 -12.66 -64.70
CA GLU K 122 23.07 -12.19 -64.17
C GLU K 122 22.69 -13.06 -62.97
N ILE K 123 22.89 -14.38 -63.06
CA ILE K 123 22.50 -15.30 -61.96
C ILE K 123 23.34 -14.95 -60.72
N LYS K 124 24.65 -14.74 -60.91
CA LYS K 124 25.54 -14.45 -59.75
C LYS K 124 25.09 -13.14 -59.10
N MET K 125 24.77 -12.14 -59.93
CA MET K 125 24.37 -10.81 -59.37
C MET K 125 23.09 -10.98 -58.56
N LEU K 126 22.11 -11.73 -59.10
CA LEU K 126 20.82 -11.90 -58.38
C LEU K 126 21.07 -12.64 -57.06
N MET K 127 21.92 -13.67 -57.10
CA MET K 127 22.20 -14.47 -55.87
C MET K 127 22.86 -13.58 -54.81
N GLN K 128 23.81 -12.73 -55.23
CA GLN K 128 24.48 -11.81 -54.27
C GLN K 128 23.45 -10.83 -53.71
N ARG K 129 22.55 -10.31 -54.56
CA ARG K 129 21.54 -9.31 -54.13
C ARG K 129 20.58 -9.93 -53.10
N ASP K 130 20.12 -11.16 -53.35
CA ASP K 130 19.09 -11.78 -52.45
C ASP K 130 19.75 -12.48 -51.26
N ILE K 131 21.06 -12.70 -51.28
CA ILE K 131 21.69 -13.49 -50.18
C ILE K 131 21.47 -12.78 -48.83
N ILE K 132 21.67 -11.46 -48.79
CA ILE K 132 21.55 -10.73 -47.50
C ILE K 132 20.10 -10.83 -47.00
N SER K 133 19.13 -10.65 -47.89
CA SER K 133 17.72 -10.67 -47.46
C SER K 133 17.39 -12.08 -46.93
N THR K 134 17.85 -13.11 -47.64
CA THR K 134 17.54 -14.50 -47.22
C THR K 134 18.15 -14.75 -45.84
N TYR K 135 19.40 -14.33 -45.63
CA TYR K 135 20.09 -14.58 -44.34
C TYR K 135 19.34 -13.86 -43.22
N LYS K 136 18.92 -12.61 -43.48
CA LYS K 136 18.22 -11.82 -42.45
C LYS K 136 16.91 -12.52 -42.09
N LYS K 137 16.18 -12.98 -43.11
CA LYS K 137 14.87 -13.64 -42.85
C LYS K 137 15.12 -14.91 -42.03
N ILE K 138 16.15 -15.67 -42.39
CA ILE K 138 16.44 -16.95 -41.68
C ILE K 138 16.77 -16.65 -40.22
N VAL K 139 17.58 -15.62 -39.96
CA VAL K 139 17.97 -15.27 -38.57
C VAL K 139 16.71 -14.88 -37.78
N SER K 140 15.84 -14.07 -38.41
CA SER K 140 14.62 -13.61 -37.71
C SER K 140 13.75 -14.83 -37.37
N GLU K 141 13.59 -15.76 -38.33
CA GLU K 141 12.74 -16.95 -38.11
C GLU K 141 13.35 -17.79 -36.98
N ARG K 142 14.68 -17.94 -36.98
CA ARG K 142 15.34 -18.76 -35.95
C ARG K 142 15.06 -18.14 -34.57
N GLU K 143 15.20 -16.81 -34.48
CA GLU K 143 15.01 -16.14 -33.16
C GLU K 143 13.55 -16.35 -32.71
N VAL K 144 12.59 -16.20 -33.63
CA VAL K 144 11.16 -16.33 -33.25
C VAL K 144 10.91 -17.77 -32.77
N ASN K 145 11.45 -18.76 -33.48
CA ASN K 145 11.24 -20.18 -33.10
C ASN K 145 11.87 -20.43 -31.72
N ALA K 146 13.06 -19.88 -31.49
CA ALA K 146 13.78 -20.07 -30.20
C ALA K 146 12.98 -19.45 -29.05
N GLU K 147 12.34 -18.30 -29.28
CA GLU K 147 11.63 -17.59 -28.19
C GLU K 147 10.52 -18.49 -27.64
N SER K 148 9.81 -19.20 -28.52
CA SER K 148 8.66 -20.03 -28.06
C SER K 148 9.15 -21.13 -27.11
N ASN K 149 10.25 -21.80 -27.46
CA ASN K 149 10.78 -22.91 -26.61
C ASN K 149 12.25 -22.63 -26.27
N PRO K 150 12.66 -22.66 -24.97
CA PRO K 150 14.04 -22.43 -24.58
C PRO K 150 14.78 -23.74 -24.31
N ASP K 151 16.05 -23.84 -24.76
CA ASP K 151 16.86 -25.07 -24.55
C ASP K 151 16.14 -26.28 -25.17
N ALA K 152 15.52 -26.10 -26.33
CA ALA K 152 14.82 -27.20 -27.03
C ALA K 152 15.84 -28.24 -27.52
N GLN K 153 17.10 -27.83 -27.73
CA GLN K 153 18.13 -28.75 -28.28
C GLN K 153 17.65 -29.25 -29.65
N ASN K 154 17.04 -28.37 -30.45
CA ASN K 154 16.55 -28.73 -31.80
C ASN K 154 17.34 -27.95 -32.84
N ILE K 155 17.92 -28.63 -33.84
CA ILE K 155 18.73 -27.96 -34.90
C ILE K 155 17.83 -27.56 -36.06
N ASN K 156 18.01 -26.34 -36.59
CA ASN K 156 17.11 -25.84 -37.66
C ASN K 156 17.70 -26.20 -39.04
N VAL K 157 16.91 -26.89 -39.88
CA VAL K 157 17.38 -27.32 -41.23
C VAL K 157 17.67 -26.08 -42.10
N LEU K 158 16.88 -25.01 -41.96
CA LEU K 158 17.04 -23.82 -42.83
C LEU K 158 18.43 -23.19 -42.63
N THR K 159 18.89 -23.11 -41.38
CA THR K 159 20.23 -22.54 -41.09
C THR K 159 21.29 -23.40 -41.78
N LEU K 160 21.14 -24.73 -41.71
CA LEU K 160 22.11 -25.65 -42.35
C LEU K 160 22.10 -25.42 -43.86
N ILE K 161 20.91 -25.25 -44.44
CA ILE K 161 20.78 -25.04 -45.92
C ILE K 161 21.49 -23.73 -46.28
N ILE K 162 21.32 -22.68 -45.47
CA ILE K 162 21.96 -21.36 -45.74
C ILE K 162 23.48 -21.53 -45.67
N THR K 163 23.96 -22.30 -44.70
CA THR K 163 25.43 -22.53 -44.56
C THR K 163 25.95 -23.26 -45.81
N PHE K 164 25.20 -24.26 -46.28
CA PHE K 164 25.62 -25.01 -47.50
C PHE K 164 25.65 -24.07 -48.70
N VAL K 165 24.66 -23.18 -48.81
CA VAL K 165 24.60 -22.23 -49.95
C VAL K 165 25.84 -21.31 -49.88
N PHE K 166 26.19 -20.85 -48.68
CA PHE K 166 27.39 -19.97 -48.51
C PHE K 166 28.65 -20.73 -48.91
N TYR K 167 28.75 -22.00 -48.52
CA TYR K 167 29.93 -22.83 -48.85
C TYR K 167 30.04 -22.99 -50.38
N TYR K 168 28.90 -23.23 -51.05
CA TYR K 168 28.90 -23.36 -52.53
C TYR K 168 29.28 -22.03 -53.17
N PHE K 169 28.82 -20.92 -52.58
CA PHE K 169 29.16 -19.57 -53.12
C PHE K 169 30.68 -19.39 -53.03
N ILE K 170 31.28 -19.82 -51.91
CA ILE K 170 32.76 -19.74 -51.74
C ILE K 170 33.45 -20.63 -52.79
N LYS K 171 32.94 -21.85 -52.98
CA LYS K 171 33.55 -22.80 -53.96
C LYS K 171 33.45 -22.26 -55.38
N LEU K 172 32.29 -21.67 -55.73
CA LEU K 172 32.12 -21.05 -57.07
C LEU K 172 33.07 -19.85 -57.21
N LYS K 173 33.47 -19.25 -56.08
CA LYS K 173 34.38 -18.07 -56.12
C LYS K 173 33.57 -16.77 -56.22
N ILE K 174 32.24 -16.88 -56.08
CA ILE K 174 31.36 -15.67 -56.17
C ILE K 174 31.65 -14.75 -54.97
N SER K 175 31.42 -13.45 -55.12
CA SER K 175 31.72 -12.46 -54.05
C SER K 175 30.44 -12.09 -53.30
N ILE K 176 30.48 -12.09 -51.96
CA ILE K 176 29.28 -11.74 -51.14
C ILE K 176 29.35 -10.24 -50.81
N PRO K 177 28.33 -9.42 -51.16
CA PRO K 177 28.34 -8.00 -50.87
C PRO K 177 27.82 -7.65 -49.48
N THR K 178 28.56 -7.99 -48.42
CA THR K 178 28.15 -7.58 -47.05
C THR K 178 29.26 -6.72 -46.45
N LYS K 179 28.93 -5.51 -46.00
CA LYS K 179 29.93 -4.59 -45.39
C LYS K 179 29.90 -4.76 -43.86
N ASP K 180 29.03 -5.63 -43.35
CA ASP K 180 28.88 -5.77 -41.87
C ASP K 180 29.87 -6.80 -41.34
N LYS K 181 30.67 -6.43 -40.34
CA LYS K 181 31.62 -7.39 -39.69
C LYS K 181 30.80 -8.47 -38.98
N ASN K 182 29.68 -8.09 -38.35
CA ASN K 182 28.89 -9.08 -37.57
C ASN K 182 28.43 -10.20 -38.50
N ILE K 183 27.93 -9.86 -39.69
CA ILE K 183 27.39 -10.89 -40.62
C ILE K 183 28.53 -11.85 -40.99
N ILE K 184 29.71 -11.30 -41.29
CA ILE K 184 30.86 -12.16 -41.72
C ILE K 184 31.24 -13.08 -40.56
N LYS K 185 31.29 -12.55 -39.33
CA LYS K 185 31.68 -13.37 -38.16
C LYS K 185 30.66 -14.50 -37.96
N GLU K 186 29.36 -14.18 -38.08
CA GLU K 186 28.30 -15.19 -37.88
C GLU K 186 28.42 -16.28 -38.95
N ILE K 187 28.68 -15.88 -40.20
CA ILE K 187 28.81 -16.86 -41.31
C ILE K 187 30.02 -17.76 -41.03
N LYS K 188 31.12 -17.16 -40.55
CA LYS K 188 32.35 -17.94 -40.23
C LYS K 188 32.04 -18.93 -39.11
N GLU K 189 31.28 -18.50 -38.09
CA GLU K 189 30.92 -19.40 -36.96
C GLU K 189 30.08 -20.57 -37.49
N LEU K 190 29.14 -20.29 -38.39
CA LEU K 190 28.29 -21.37 -38.97
C LEU K 190 29.20 -22.34 -39.73
N LEU K 191 30.17 -21.81 -40.49
CA LEU K 191 31.11 -22.66 -41.26
C LEU K 191 32.00 -23.47 -40.30
N SER K 192 32.23 -22.96 -39.08
CA SER K 192 33.17 -23.63 -38.13
C SER K 192 32.48 -24.74 -37.34
N GLU K 193 31.17 -24.95 -37.54
CA GLU K 193 30.44 -25.96 -36.73
C GLU K 193 31.09 -27.33 -36.96
N PRO K 194 31.34 -28.14 -35.91
CA PRO K 194 32.03 -29.43 -36.06
C PRO K 194 31.30 -30.49 -36.92
N ASN K 195 29.98 -30.61 -36.75
CA ASN K 195 29.20 -31.62 -37.51
C ASN K 195 29.28 -31.34 -39.01
N PHE K 196 29.25 -30.05 -39.39
CA PHE K 196 29.32 -29.64 -40.83
C PHE K 196 30.67 -30.07 -41.40
N ILE K 197 31.74 -29.99 -40.60
CA ILE K 197 33.12 -30.29 -41.10
C ILE K 197 33.21 -31.72 -41.63
N LYS K 198 32.54 -32.69 -41.00
CA LYS K 198 32.69 -34.11 -41.39
C LYS K 198 32.29 -34.31 -42.86
N THR K 199 31.15 -33.75 -43.30
CA THR K 199 30.75 -33.84 -44.73
C THR K 199 31.69 -33.04 -45.65
N ILE K 200 32.14 -31.86 -45.22
CA ILE K 200 32.99 -30.98 -46.08
C ILE K 200 34.32 -31.66 -46.39
N LYS K 201 34.95 -32.31 -45.39
CA LYS K 201 36.28 -32.95 -45.59
C LYS K 201 36.11 -34.29 -46.32
N MET L 2 -10.89 -20.23 -33.39
CA MET L 2 -12.15 -19.45 -33.30
C MET L 2 -12.73 -19.26 -34.70
N LYS L 3 -13.07 -18.02 -35.06
CA LYS L 3 -13.69 -17.74 -36.38
C LYS L 3 -12.63 -17.86 -37.48
N VAL L 4 -12.93 -18.62 -38.54
CA VAL L 4 -11.98 -18.76 -39.69
C VAL L 4 -12.76 -18.50 -40.99
N THR L 5 -12.19 -17.71 -41.91
CA THR L 5 -12.86 -17.43 -43.21
C THR L 5 -11.89 -17.76 -44.36
N LEU L 6 -12.43 -18.18 -45.51
CA LEU L 6 -11.57 -18.57 -46.67
C LEU L 6 -12.00 -17.78 -47.91
N TYR L 7 -11.04 -17.21 -48.64
CA TYR L 7 -11.35 -16.46 -49.88
C TYR L 7 -11.06 -17.38 -51.07
N THR L 8 -12.02 -17.55 -51.98
CA THR L 8 -11.83 -18.51 -53.10
C THR L 8 -12.16 -17.88 -54.45
N THR L 9 -11.58 -18.42 -55.54
CA THR L 9 -11.84 -17.90 -56.90
C THR L 9 -12.62 -18.98 -57.67
N LYS L 10 -13.65 -18.56 -58.42
CA LYS L 10 -14.51 -19.54 -59.15
C LYS L 10 -13.67 -20.31 -60.17
N TYR L 11 -13.98 -21.59 -60.38
CA TYR L 11 -13.25 -22.43 -61.38
C TYR L 11 -11.77 -22.56 -61.02
N CYS L 12 -11.46 -22.66 -59.72
CA CYS L 12 -10.05 -22.91 -59.32
C CYS L 12 -9.97 -24.29 -58.67
N PRO L 13 -9.14 -25.23 -59.18
CA PRO L 13 -9.11 -26.60 -58.64
C PRO L 13 -8.64 -26.62 -57.18
N TYR L 14 -7.60 -25.85 -56.86
CA TYR L 14 -7.06 -25.81 -55.47
C TYR L 14 -8.09 -25.23 -54.51
N SER L 15 -8.86 -24.23 -54.96
CA SER L 15 -9.92 -23.63 -54.10
C SER L 15 -10.96 -24.72 -53.77
N LEU L 16 -11.34 -25.51 -54.77
CA LEU L 16 -12.31 -26.61 -54.55
C LEU L 16 -11.70 -27.61 -53.58
N ARG L 17 -10.40 -27.90 -53.73
CA ARG L 17 -9.72 -28.88 -52.84
C ARG L 17 -9.79 -28.35 -51.41
N ALA L 18 -9.53 -27.06 -51.22
CA ALA L 18 -9.56 -26.46 -49.87
C ALA L 18 -10.97 -26.56 -49.28
N ARG L 19 -11.99 -26.28 -50.10
CA ARG L 19 -13.40 -26.33 -49.62
C ARG L 19 -13.72 -27.76 -49.20
N ILE L 20 -13.29 -28.75 -49.99
CA ILE L 20 -13.56 -30.18 -49.68
C ILE L 20 -12.87 -30.55 -48.36
N ALA L 21 -11.63 -30.09 -48.18
CA ALA L 21 -10.87 -30.39 -46.94
C ALA L 21 -11.61 -29.79 -45.74
N LEU L 22 -12.11 -28.55 -45.88
CA LEU L 22 -12.85 -27.89 -44.77
C LEU L 22 -14.10 -28.71 -44.45
N ALA L 23 -14.80 -29.18 -45.49
CA ALA L 23 -16.03 -29.97 -45.28
C ALA L 23 -15.69 -31.28 -44.54
N GLU L 24 -14.59 -31.93 -44.92
CA GLU L 24 -14.16 -33.18 -44.21
C GLU L 24 -13.81 -32.86 -42.76
N LYS L 25 -13.12 -31.74 -42.52
CA LYS L 25 -12.73 -31.31 -41.15
C LYS L 25 -14.00 -30.98 -40.34
N LYS L 26 -15.08 -30.65 -41.04
CA LYS L 26 -16.36 -30.31 -40.35
C LYS L 26 -16.16 -29.10 -39.44
N MET L 27 -15.35 -28.13 -39.88
CA MET L 27 -15.16 -26.88 -39.09
C MET L 27 -15.96 -25.77 -39.78
N SER L 28 -16.85 -25.10 -39.05
CA SER L 28 -17.71 -24.05 -39.67
C SER L 28 -16.83 -22.87 -40.11
N THR L 29 -17.03 -22.39 -41.35
CA THR L 29 -16.17 -21.30 -41.89
C THR L 29 -17.00 -20.36 -42.78
N ASP L 30 -16.50 -19.14 -43.02
CA ASP L 30 -17.22 -18.18 -43.91
C ASP L 30 -16.55 -18.16 -45.28
N ILE L 31 -17.32 -18.38 -46.35
CA ILE L 31 -16.73 -18.45 -47.72
C ILE L 31 -17.13 -17.18 -48.50
N VAL L 32 -16.14 -16.44 -48.99
CA VAL L 32 -16.41 -15.15 -49.71
C VAL L 32 -15.82 -15.23 -51.12
N GLU L 33 -16.62 -14.91 -52.15
CA GLU L 33 -16.11 -14.90 -53.54
C GLU L 33 -15.19 -13.69 -53.75
N ALA L 34 -14.05 -13.90 -54.40
CA ALA L 34 -13.06 -12.80 -54.63
C ALA L 34 -13.68 -11.74 -55.53
N GLY L 35 -14.45 -12.13 -56.54
CA GLY L 35 -15.03 -11.18 -57.52
C GLY L 35 -15.96 -10.17 -56.86
N ASP L 36 -16.78 -10.61 -55.90
CA ASP L 36 -17.76 -9.70 -55.24
C ASP L 36 -17.03 -8.57 -54.53
N LEU L 37 -15.87 -8.84 -53.94
CA LEU L 37 -15.12 -7.80 -53.17
C LEU L 37 -14.70 -6.66 -54.10
N GLU L 38 -14.58 -5.45 -53.56
CA GLU L 38 -14.19 -4.27 -54.38
C GLU L 38 -12.80 -4.52 -54.95
N PRO L 39 -12.51 -4.12 -56.21
CA PRO L 39 -11.22 -4.45 -56.84
C PRO L 39 -10.02 -3.88 -56.07
N ALA L 40 -10.10 -2.62 -55.62
CA ALA L 40 -9.01 -2.05 -54.81
C ALA L 40 -8.89 -2.85 -53.51
N MET L 41 -10.03 -3.18 -52.90
CA MET L 41 -10.04 -3.99 -51.64
C MET L 41 -9.44 -5.37 -51.94
N ILE L 42 -9.79 -5.95 -53.10
CA ILE L 42 -9.28 -7.29 -53.47
C ILE L 42 -7.75 -7.22 -53.61
N LYS L 43 -7.24 -6.15 -54.24
CA LYS L 43 -5.78 -5.97 -54.39
C LYS L 43 -5.13 -5.78 -53.01
N LYS L 44 -5.81 -5.09 -52.09
CA LYS L 44 -5.22 -4.80 -50.75
C LYS L 44 -4.94 -6.09 -49.99
N ILE L 45 -5.83 -7.08 -50.07
CA ILE L 45 -5.63 -8.31 -49.26
C ILE L 45 -4.32 -8.98 -49.70
N THR L 46 -4.10 -9.09 -51.02
CA THR L 46 -2.80 -9.64 -51.52
C THR L 46 -2.26 -8.71 -52.62
N PRO L 47 -1.04 -8.16 -52.51
CA PRO L 47 -0.47 -7.35 -53.59
C PRO L 47 -0.24 -8.19 -54.84
N ASN L 48 0.31 -9.40 -54.68
CA ASN L 48 0.49 -10.31 -55.84
C ASN L 48 -0.90 -10.67 -56.37
N GLY L 49 -1.86 -10.93 -55.47
CA GLY L 49 -3.22 -11.30 -55.88
C GLY L 49 -3.40 -12.81 -55.98
N VAL L 50 -3.60 -13.49 -54.84
CA VAL L 50 -3.87 -14.95 -54.87
C VAL L 50 -5.34 -15.16 -54.46
N PHE L 51 -6.15 -15.74 -55.34
CA PHE L 51 -7.60 -15.92 -55.06
C PHE L 51 -7.81 -16.89 -53.88
N PRO L 52 -7.10 -18.04 -53.80
CA PRO L 52 -7.26 -18.98 -52.70
C PRO L 52 -6.17 -18.82 -51.64
N VAL L 53 -6.50 -18.19 -50.51
CA VAL L 53 -5.51 -18.01 -49.41
C VAL L 53 -6.10 -18.50 -48.08
N LEU L 54 -7.32 -18.08 -47.74
CA LEU L 54 -7.92 -18.41 -46.41
C LEU L 54 -7.69 -17.21 -45.50
N MET L 55 -8.50 -17.06 -44.43
CA MET L 55 -8.38 -15.85 -43.57
C MET L 55 -8.29 -16.24 -42.09
N GLU L 56 -7.33 -15.65 -41.36
CA GLU L 56 -7.21 -15.89 -39.89
C GLU L 56 -6.96 -14.54 -39.19
N LYS L 57 -7.28 -14.45 -37.89
CA LYS L 57 -7.16 -13.15 -37.17
C LYS L 57 -5.69 -12.69 -37.14
N ASP L 58 -4.75 -13.59 -36.87
CA ASP L 58 -3.33 -13.16 -36.71
C ASP L 58 -2.45 -13.69 -37.85
N TYR L 59 -2.96 -14.59 -38.70
CA TYR L 59 -2.08 -15.19 -39.75
C TYR L 59 -2.81 -15.34 -41.08
N SER L 60 -2.08 -15.21 -42.19
CA SER L 60 -2.67 -15.41 -43.55
C SER L 60 -1.71 -16.25 -44.40
N ILE L 61 -2.23 -17.26 -45.12
CA ILE L 61 -1.37 -18.10 -46.01
C ILE L 61 -1.85 -17.95 -47.45
N ASN L 62 -0.94 -17.58 -48.37
CA ASN L 62 -1.31 -17.47 -49.81
C ASN L 62 -0.59 -18.57 -50.61
N ASN L 63 0.00 -19.55 -49.92
CA ASN L 63 0.76 -20.61 -50.64
C ASN L 63 -0.09 -21.89 -50.74
N ARG L 64 -0.55 -22.21 -51.95
CA ARG L 64 -1.38 -23.43 -52.19
C ARG L 64 -0.57 -24.72 -51.98
N LYS L 65 0.73 -24.69 -52.28
CA LYS L 65 1.55 -25.93 -52.19
C LYS L 65 1.54 -26.47 -50.76
N ALA L 66 1.72 -25.59 -49.77
CA ALA L 66 1.76 -26.03 -48.36
C ALA L 66 0.42 -25.75 -47.67
N LEU L 67 -0.52 -25.14 -48.39
CA LEU L 67 -1.81 -24.73 -47.75
C LEU L 67 -2.55 -25.97 -47.22
N LEU L 68 -2.63 -27.03 -48.02
CA LEU L 68 -3.38 -28.24 -47.59
C LEU L 68 -2.71 -28.83 -46.35
N ILE L 69 -1.37 -28.87 -46.36
CA ILE L 69 -0.61 -29.45 -45.21
C ILE L 69 -0.89 -28.61 -43.96
N TYR L 70 -0.88 -27.28 -44.10
CA TYR L 70 -1.13 -26.38 -42.94
C TYR L 70 -2.54 -26.62 -42.42
N ILE L 71 -3.51 -26.75 -43.33
CA ILE L 71 -4.93 -26.96 -42.92
C ILE L 71 -5.02 -28.27 -42.13
N ASP L 72 -4.33 -29.32 -42.59
CA ASP L 72 -4.35 -30.62 -41.89
C ASP L 72 -3.71 -30.48 -40.51
N GLU L 73 -2.56 -29.80 -40.42
CA GLU L 73 -1.83 -29.68 -39.12
C GLU L 73 -2.64 -28.84 -38.11
N ARG L 74 -3.26 -27.76 -38.57
CA ARG L 74 -4.00 -26.83 -37.66
C ARG L 74 -5.15 -27.58 -36.98
N PHE L 75 -5.84 -28.47 -37.71
CA PHE L 75 -7.02 -29.14 -37.13
C PHE L 75 -6.69 -30.58 -36.72
N PRO L 76 -7.05 -31.01 -35.48
CA PRO L 76 -6.77 -32.35 -34.98
C PRO L 76 -7.94 -33.29 -35.29
N ALA L 77 -8.83 -32.89 -36.19
CA ALA L 77 -9.98 -33.73 -36.59
C ALA L 77 -9.44 -34.91 -37.40
N PRO L 78 -10.26 -35.89 -37.84
CA PRO L 78 -9.71 -37.08 -38.50
C PRO L 78 -8.77 -36.58 -39.60
N SER L 79 -7.55 -37.13 -39.65
CA SER L 79 -6.52 -36.63 -40.61
C SER L 79 -6.81 -37.04 -42.05
N LEU L 80 -6.29 -36.28 -43.02
CA LEU L 80 -6.45 -36.63 -44.45
C LEU L 80 -5.20 -37.42 -44.88
N LEU L 81 -4.27 -37.67 -43.94
CA LEU L 81 -3.01 -38.39 -44.27
C LEU L 81 -2.98 -39.74 -43.55
N PRO L 82 -2.38 -40.79 -44.14
CA PRO L 82 -2.38 -42.13 -43.53
C PRO L 82 -1.56 -42.21 -42.23
N ASN L 83 -2.05 -42.98 -41.25
CA ASN L 83 -1.33 -43.14 -39.96
C ASN L 83 0.02 -43.84 -40.21
N VAL L 84 0.04 -44.85 -41.08
CA VAL L 84 1.29 -45.63 -41.33
C VAL L 84 2.34 -44.69 -41.93
N VAL L 85 3.58 -44.75 -41.44
CA VAL L 85 4.65 -43.83 -41.92
C VAL L 85 4.94 -44.09 -43.41
N ASN L 86 5.02 -45.36 -43.82
CA ASN L 86 5.39 -45.68 -45.23
C ASN L 86 4.31 -45.15 -46.19
N GLU L 87 3.04 -45.38 -45.84
CA GLU L 87 1.91 -44.89 -46.68
C GLU L 87 1.97 -43.36 -46.72
N ARG L 88 2.25 -42.73 -45.58
CA ARG L 88 2.30 -41.25 -45.51
C ARG L 88 3.39 -40.75 -46.45
N ILE L 89 4.55 -41.40 -46.45
CA ILE L 89 5.68 -40.99 -47.34
C ILE L 89 5.27 -41.18 -48.81
N LYS L 90 4.63 -42.31 -49.15
CA LYS L 90 4.25 -42.60 -50.55
C LYS L 90 3.22 -41.57 -51.04
N ILE L 91 2.27 -41.21 -50.17
CA ILE L 91 1.18 -40.27 -50.56
C ILE L 91 1.77 -38.91 -50.95
N ARG L 92 2.78 -38.44 -50.19
CA ARG L 92 3.42 -37.13 -50.49
C ARG L 92 4.08 -37.18 -51.87
N LEU L 93 4.76 -38.29 -52.18
CA LEU L 93 5.41 -38.45 -53.51
C LEU L 93 4.33 -38.42 -54.61
N SER L 94 3.20 -39.10 -54.36
CA SER L 94 2.10 -39.12 -55.36
C SER L 94 1.56 -37.70 -55.56
N LEU L 95 1.40 -36.94 -54.46
CA LEU L 95 0.91 -35.54 -54.56
C LEU L 95 1.91 -34.72 -55.38
N ASP L 96 3.21 -34.92 -55.13
CA ASP L 96 4.27 -34.17 -55.86
C ASP L 96 4.17 -34.52 -57.36
N LYS L 97 3.93 -35.81 -57.65
CA LYS L 97 3.84 -36.26 -59.07
C LYS L 97 2.67 -35.57 -59.76
N ILE L 98 1.51 -35.48 -59.09
CA ILE L 98 0.36 -34.75 -59.70
C ILE L 98 0.69 -33.26 -59.86
N ASP L 99 1.27 -32.64 -58.83
CA ASP L 99 1.58 -31.18 -58.85
C ASP L 99 2.69 -30.85 -59.86
N ASN L 100 3.73 -31.69 -59.95
CA ASN L 100 4.90 -31.34 -60.81
C ASN L 100 4.50 -31.16 -62.27
N GLU L 101 3.69 -32.04 -62.84
CA GLU L 101 3.39 -31.93 -64.29
C GLU L 101 1.88 -32.06 -64.56
N TRP L 102 1.09 -31.08 -64.11
CA TRP L 102 -0.37 -31.10 -64.45
C TRP L 102 -0.74 -29.85 -65.25
N TYR L 103 0.24 -28.98 -65.54
CA TYR L 103 -0.03 -27.71 -66.26
C TYR L 103 -0.57 -28.01 -67.66
N PRO L 104 0.01 -28.98 -68.39
CA PRO L 104 -0.42 -29.32 -69.75
C PRO L 104 -1.86 -29.85 -69.76
N VAL L 105 -2.24 -30.65 -68.75
CA VAL L 105 -3.59 -31.28 -68.75
C VAL L 105 -4.68 -30.21 -68.70
N LEU L 106 -4.52 -29.17 -67.88
CA LEU L 106 -5.61 -28.17 -67.72
C LEU L 106 -5.24 -26.82 -68.35
N ASP L 107 -4.07 -26.26 -68.02
CA ASP L 107 -3.72 -24.90 -68.50
C ASP L 107 -3.61 -24.86 -70.03
N GLN L 108 -2.92 -25.83 -70.64
CA GLN L 108 -2.71 -25.79 -72.11
C GLN L 108 -4.05 -25.92 -72.85
N ILE L 109 -4.90 -26.85 -72.41
CA ILE L 109 -6.24 -27.01 -73.04
C ILE L 109 -7.06 -25.74 -72.82
N ARG L 110 -6.99 -25.17 -71.61
CA ARG L 110 -7.82 -23.98 -71.28
C ARG L 110 -7.45 -22.80 -72.18
N LYS L 111 -6.16 -22.54 -72.38
CA LYS L 111 -5.76 -21.33 -73.15
C LYS L 111 -5.08 -21.69 -74.47
N HIS L 112 -4.11 -22.62 -74.45
CA HIS L 112 -3.32 -22.93 -75.68
C HIS L 112 -4.19 -23.52 -76.79
N ARG L 113 -5.15 -24.41 -76.47
CA ARG L 113 -5.94 -25.09 -77.52
C ARG L 113 -7.12 -24.21 -77.97
N SER L 114 -6.85 -23.07 -78.61
CA SER L 114 -7.95 -22.22 -79.14
C SER L 114 -8.72 -22.96 -80.24
N ASP L 115 -8.00 -23.65 -81.13
CA ASP L 115 -8.64 -24.36 -82.27
C ASP L 115 -9.52 -25.50 -81.73
N GLN L 116 -10.70 -25.70 -82.32
CA GLN L 116 -11.59 -26.82 -81.90
C GLN L 116 -10.89 -28.15 -82.18
N LYS L 117 -10.21 -28.26 -83.32
CA LYS L 117 -9.45 -29.51 -83.64
C LYS L 117 -8.36 -29.70 -82.59
N MET L 118 -7.69 -28.60 -82.19
CA MET L 118 -6.60 -28.68 -81.19
C MET L 118 -7.16 -29.21 -79.88
N LEU L 119 -8.35 -28.75 -79.47
CA LEU L 119 -8.99 -29.30 -78.24
C LEU L 119 -9.25 -30.79 -78.48
N GLU L 120 -9.75 -31.14 -79.66
CA GLU L 120 -10.04 -32.55 -80.00
C GLU L 120 -8.75 -33.38 -79.99
N SER L 121 -7.66 -32.81 -80.54
CA SER L 121 -6.36 -33.53 -80.57
C SER L 121 -5.91 -33.80 -79.14
N MET L 122 -6.05 -32.80 -78.26
CA MET L 122 -5.66 -32.97 -76.84
C MET L 122 -6.55 -34.04 -76.20
N PHE L 123 -7.85 -34.05 -76.53
CA PHE L 123 -8.80 -34.99 -75.87
C PHE L 123 -8.39 -36.44 -76.14
N LYS L 124 -8.00 -36.77 -77.38
CA LYS L 124 -7.66 -38.18 -77.72
C LYS L 124 -6.44 -38.61 -76.89
N ASP L 125 -5.43 -37.73 -76.79
CA ASP L 125 -4.21 -38.05 -76.02
C ASP L 125 -4.58 -38.23 -74.55
N LEU L 126 -5.46 -37.36 -74.03
CA LEU L 126 -5.88 -37.43 -72.60
C LEU L 126 -6.60 -38.76 -72.37
N LYS L 127 -7.45 -39.17 -73.31
CA LYS L 127 -8.19 -40.45 -73.16
C LYS L 127 -7.19 -41.61 -73.12
N GLU L 128 -6.18 -41.58 -73.99
CA GLU L 128 -5.16 -42.67 -74.02
C GLU L 128 -4.39 -42.68 -72.69
N SER L 129 -4.05 -41.51 -72.16
CA SER L 129 -3.34 -41.42 -70.86
C SER L 129 -4.22 -42.01 -69.76
N LEU L 130 -5.53 -41.71 -69.78
CA LEU L 130 -6.48 -42.26 -68.77
C LEU L 130 -6.53 -43.79 -68.91
N LEU L 131 -6.53 -44.30 -70.13
CA LEU L 131 -6.53 -45.77 -70.35
C LEU L 131 -5.25 -46.38 -69.77
N ALA L 132 -4.10 -45.71 -69.97
CA ALA L 132 -2.81 -46.21 -69.41
C ALA L 132 -2.92 -46.22 -67.89
N MET L 133 -3.52 -45.18 -67.31
CA MET L 133 -3.74 -45.13 -65.83
C MET L 133 -4.73 -46.22 -65.42
N GLU L 134 -5.53 -46.72 -66.37
CA GLU L 134 -6.55 -47.76 -66.07
C GLU L 134 -5.84 -49.00 -65.52
N LYS L 135 -4.68 -49.35 -66.08
CA LYS L 135 -3.90 -50.50 -65.54
C LYS L 135 -3.10 -50.02 -64.33
N ALA L 136 -3.80 -49.69 -63.24
CA ALA L 136 -3.11 -49.18 -62.02
C ALA L 136 -3.82 -49.73 -60.78
N PHE L 137 -4.00 -48.88 -59.76
CA PHE L 137 -4.65 -49.34 -58.50
C PHE L 137 -6.06 -49.82 -58.81
N THR L 138 -6.45 -50.99 -58.27
CA THR L 138 -7.82 -51.52 -58.49
C THR L 138 -8.43 -51.92 -57.16
N GLY L 139 -9.66 -51.47 -56.88
CA GLY L 139 -10.37 -51.86 -55.65
C GLY L 139 -9.95 -51.04 -54.45
N SER L 140 -9.07 -50.05 -54.66
CA SER L 140 -8.66 -49.13 -53.56
C SER L 140 -9.87 -48.27 -53.14
N GLU L 141 -10.04 -48.03 -51.84
CA GLU L 141 -11.25 -47.28 -51.39
C GLU L 141 -11.22 -45.88 -51.99
N PHE L 142 -10.08 -45.18 -51.91
CA PHE L 142 -9.95 -43.85 -52.57
C PHE L 142 -8.56 -43.74 -53.21
N PHE L 143 -7.73 -44.77 -53.04
CA PHE L 143 -6.33 -44.72 -53.52
C PHE L 143 -5.55 -45.80 -52.78
N ILE L 144 -4.22 -45.71 -52.78
CA ILE L 144 -3.39 -46.76 -52.12
C ILE L 144 -3.37 -46.49 -50.62
N SER L 145 -4.54 -46.56 -49.97
CA SER L 145 -4.62 -46.38 -48.49
C SER L 145 -5.84 -47.13 -47.95
N SER L 146 -5.82 -47.50 -46.66
CA SER L 146 -6.99 -48.19 -46.05
C SER L 146 -8.07 -47.18 -45.65
N GLY L 147 -7.74 -45.89 -45.65
CA GLY L 147 -8.70 -44.86 -45.21
C GLY L 147 -8.73 -43.66 -46.14
N PHE L 148 -9.75 -42.81 -46.05
CA PHE L 148 -9.89 -41.66 -46.97
C PHE L 148 -8.64 -40.79 -46.83
N THR L 149 -8.10 -40.28 -47.95
CA THR L 149 -6.82 -39.54 -47.89
C THR L 149 -6.92 -38.17 -48.58
N LEU L 150 -5.98 -37.27 -48.29
CA LEU L 150 -5.98 -35.90 -48.90
C LEU L 150 -5.84 -36.04 -50.41
N ALA L 151 -5.07 -37.03 -50.87
CA ALA L 151 -4.83 -37.22 -52.32
C ALA L 151 -6.18 -37.48 -53.01
N ASP L 152 -7.08 -38.21 -52.36
CA ASP L 152 -8.43 -38.46 -52.92
C ASP L 152 -9.12 -37.11 -53.13
N CYS L 153 -8.93 -36.17 -52.19
CA CYS L 153 -9.51 -34.80 -52.32
C CYS L 153 -8.94 -34.11 -53.56
N TYR L 154 -7.64 -34.29 -53.82
CA TYR L 154 -6.99 -33.65 -55.01
C TYR L 154 -7.65 -34.14 -56.30
N ILE L 155 -7.96 -35.45 -56.37
CA ILE L 155 -8.58 -36.02 -57.60
C ILE L 155 -9.94 -35.37 -57.84
N ALA L 156 -10.70 -35.08 -56.78
CA ALA L 156 -12.06 -34.51 -56.93
C ALA L 156 -11.97 -33.18 -57.69
N ALA L 157 -10.99 -32.34 -57.36
CA ALA L 157 -10.88 -31.01 -58.01
C ALA L 157 -10.65 -31.19 -59.51
N LEU L 158 -9.78 -32.13 -59.89
CA LEU L 158 -9.53 -32.41 -61.33
C LEU L 158 -10.80 -32.93 -61.99
N ILE L 159 -11.52 -33.84 -61.33
CA ILE L 159 -12.71 -34.46 -61.96
C ILE L 159 -13.77 -33.39 -62.27
N ILE L 160 -14.03 -32.50 -61.30
CA ILE L 160 -15.03 -31.40 -61.50
C ILE L 160 -14.54 -30.43 -62.58
N CYS L 161 -13.25 -30.06 -62.53
CA CYS L 161 -12.69 -29.09 -63.51
C CYS L 161 -12.77 -29.66 -64.92
N LEU L 162 -12.41 -30.95 -65.08
CA LEU L 162 -12.47 -31.61 -66.41
C LEU L 162 -13.93 -31.67 -66.88
N GLU L 163 -14.85 -31.96 -65.97
CA GLU L 163 -16.29 -32.05 -66.33
C GLU L 163 -16.75 -30.68 -66.82
N ALA L 164 -16.28 -29.61 -66.16
CA ALA L 164 -16.61 -28.23 -66.61
C ALA L 164 -16.00 -27.99 -67.98
N GLU L 165 -14.98 -28.78 -68.35
CA GLU L 165 -14.28 -28.61 -69.65
C GLU L 165 -14.99 -29.45 -70.70
N GLY L 166 -16.17 -30.00 -70.37
CA GLY L 166 -16.91 -30.87 -71.30
C GLY L 166 -16.15 -32.13 -71.65
N PHE L 167 -15.47 -32.71 -70.66
CA PHE L 167 -14.76 -33.99 -70.87
C PHE L 167 -15.20 -34.96 -69.77
N ILE L 168 -16.42 -35.49 -69.89
CA ILE L 168 -16.97 -36.38 -68.83
C ILE L 168 -16.70 -37.84 -69.24
N ILE L 169 -15.92 -38.56 -68.44
CA ILE L 169 -15.69 -40.01 -68.75
C ILE L 169 -16.01 -40.85 -67.50
N ASP L 170 -16.95 -41.79 -67.61
CA ASP L 170 -17.22 -42.71 -66.47
C ASP L 170 -16.94 -44.14 -66.95
N ASP L 171 -17.70 -44.62 -67.95
CA ASP L 171 -17.45 -45.96 -68.53
C ASP L 171 -16.52 -45.82 -69.74
N GLU L 172 -16.32 -44.59 -70.23
CA GLU L 172 -15.42 -44.35 -71.39
C GLU L 172 -14.05 -43.89 -70.87
N TYR L 173 -13.88 -43.80 -69.55
CA TYR L 173 -12.61 -43.28 -68.96
C TYR L 173 -11.67 -44.45 -68.65
N GLY L 174 -12.02 -45.67 -69.08
CA GLY L 174 -11.21 -46.84 -68.74
C GLY L 174 -11.70 -47.48 -67.45
N ALA L 175 -10.97 -48.45 -66.91
CA ALA L 175 -11.46 -49.16 -65.70
C ALA L 175 -11.09 -48.38 -64.43
N ILE L 176 -11.53 -47.12 -64.33
CA ILE L 176 -11.31 -46.32 -63.09
C ILE L 176 -12.70 -46.04 -62.49
N TYR L 177 -13.72 -46.68 -63.03
CA TYR L 177 -15.12 -46.46 -62.57
C TYR L 177 -15.32 -46.96 -61.14
N GLU L 178 -14.46 -47.86 -60.67
CA GLU L 178 -14.68 -48.46 -59.33
C GLU L 178 -14.66 -47.37 -58.25
N TYR L 179 -13.71 -46.44 -58.30
CA TYR L 179 -13.60 -45.42 -57.22
C TYR L 179 -14.29 -44.10 -57.58
N LYS L 180 -14.57 -43.86 -58.87
CA LYS L 180 -15.15 -42.55 -59.27
C LYS L 180 -16.55 -42.37 -58.65
N LYS L 181 -17.39 -43.40 -58.72
CA LYS L 181 -18.76 -43.33 -58.11
C LYS L 181 -18.63 -43.21 -56.59
N ARG L 182 -17.71 -43.97 -55.98
CA ARG L 182 -17.55 -43.98 -54.50
C ARG L 182 -17.12 -42.60 -53.99
N LEU L 183 -16.28 -41.89 -54.75
CA LEU L 183 -15.75 -40.58 -54.28
C LEU L 183 -16.92 -39.59 -54.09
N PHE L 184 -17.89 -39.60 -55.02
CA PHE L 184 -19.05 -38.68 -54.93
C PHE L 184 -19.87 -39.02 -53.68
N ALA L 185 -19.73 -40.24 -53.17
CA ALA L 185 -20.55 -40.68 -52.02
C ALA L 185 -20.26 -39.78 -50.80
N ARG L 186 -19.00 -39.40 -50.58
CA ARG L 186 -18.65 -38.58 -49.40
C ARG L 186 -19.42 -37.26 -49.46
N ASP L 187 -19.96 -36.80 -48.32
CA ASP L 187 -20.79 -35.58 -48.32
C ASP L 187 -19.95 -34.37 -48.76
N SER L 188 -18.71 -34.26 -48.29
CA SER L 188 -17.88 -33.07 -48.60
C SER L 188 -17.62 -32.99 -50.12
N VAL L 189 -17.35 -34.13 -50.75
CA VAL L 189 -17.04 -34.17 -52.21
C VAL L 189 -18.25 -33.71 -53.04
N LYS L 190 -19.47 -34.04 -52.61
CA LYS L 190 -20.66 -33.72 -53.44
C LYS L 190 -21.07 -32.27 -53.23
N LYS L 191 -20.18 -31.32 -53.57
CA LYS L 191 -20.52 -29.87 -53.49
C LYS L 191 -20.05 -29.16 -54.76
N ALA L 192 -19.91 -29.89 -55.88
CA ALA L 192 -19.37 -29.30 -57.14
C ALA L 192 -20.29 -28.29 -57.85
N ASN L 193 -21.57 -28.59 -58.05
CA ASN L 193 -22.42 -27.68 -58.88
C ASN L 193 -23.91 -27.87 -58.59
N ILE L 194 -24.74 -26.92 -59.04
CA ILE L 194 -26.22 -27.01 -58.84
C ILE L 194 -26.80 -28.05 -59.80
N LEU L 202 -40.44 -29.78 -54.74
CA LEU L 202 -40.21 -28.31 -54.85
C LEU L 202 -39.44 -27.85 -53.62
N LEU L 203 -39.78 -28.39 -52.45
CA LEU L 203 -39.13 -27.99 -51.16
C LEU L 203 -37.65 -28.36 -51.17
N LYS L 204 -37.29 -29.51 -51.74
CA LYS L 204 -35.88 -29.98 -51.66
C LYS L 204 -34.94 -28.94 -52.29
N THR L 205 -35.30 -28.40 -53.46
CA THR L 205 -34.36 -27.47 -54.13
C THR L 205 -34.12 -26.26 -53.23
N LEU L 206 -35.19 -25.69 -52.66
CA LEU L 206 -35.05 -24.48 -51.80
C LEU L 206 -34.20 -24.82 -50.58
N ARG L 207 -34.48 -25.97 -49.94
CA ARG L 207 -33.73 -26.32 -48.70
C ARG L 207 -32.26 -26.47 -49.05
N THR L 208 -31.98 -27.15 -50.18
CA THR L 208 -30.57 -27.41 -50.58
C THR L 208 -29.86 -26.07 -50.84
N HIS L 209 -30.53 -25.15 -51.54
CA HIS L 209 -29.92 -23.84 -51.86
C HIS L 209 -29.66 -23.05 -50.57
N ARG L 210 -30.60 -23.11 -49.62
CA ARG L 210 -30.45 -22.35 -48.34
C ARG L 210 -29.08 -22.66 -47.73
N LEU N 80 -44.49 17.85 -21.55
CA LEU N 80 -44.15 18.53 -22.83
C LEU N 80 -42.65 18.36 -23.11
N LYS N 81 -42.11 19.10 -24.08
CA LYS N 81 -40.67 19.01 -24.43
C LYS N 81 -39.87 19.90 -23.46
N GLY N 82 -39.69 19.45 -22.22
CA GLY N 82 -38.99 20.26 -21.20
C GLY N 82 -37.49 19.98 -21.19
N LYS N 83 -37.01 19.08 -22.06
CA LYS N 83 -35.57 18.71 -22.08
C LYS N 83 -35.30 17.68 -20.96
N THR N 84 -36.36 17.12 -20.38
CA THR N 84 -36.15 16.20 -19.22
C THR N 84 -35.32 15.00 -19.70
N SER N 85 -34.23 14.69 -18.99
CA SER N 85 -33.32 13.59 -19.40
C SER N 85 -33.96 12.20 -19.30
N ASP N 86 -34.74 11.94 -18.24
CA ASP N 86 -35.26 10.56 -18.01
C ASP N 86 -36.16 10.10 -19.16
N PRO N 87 -35.90 8.90 -19.72
CA PRO N 87 -36.74 8.31 -20.79
C PRO N 87 -38.14 7.89 -20.33
N ILE N 88 -38.27 7.37 -19.11
CA ILE N 88 -39.58 6.81 -18.66
C ILE N 88 -40.67 7.88 -18.72
N ARG N 89 -40.36 9.09 -18.26
CA ARG N 89 -41.35 10.19 -18.29
C ARG N 89 -41.72 10.50 -19.74
N MET N 90 -40.71 10.54 -20.63
CA MET N 90 -40.98 10.85 -22.07
C MET N 90 -41.84 9.74 -22.69
N TYR N 91 -41.51 8.47 -22.45
CA TYR N 91 -42.26 7.32 -23.06
C TYR N 91 -43.71 7.28 -22.57
N MET N 92 -43.90 7.45 -21.25
CA MET N 92 -45.27 7.35 -20.68
C MET N 92 -46.17 8.42 -21.27
N ARG N 93 -45.65 9.62 -21.51
CA ARG N 93 -46.50 10.73 -22.03
C ARG N 93 -47.09 10.32 -23.37
N GLU N 94 -46.27 9.73 -24.26
CA GLU N 94 -46.75 9.26 -25.59
C GLU N 94 -47.70 8.08 -25.41
N MET N 95 -47.35 7.13 -24.53
CA MET N 95 -48.17 5.90 -24.36
C MET N 95 -49.56 6.24 -23.82
N GLY N 96 -49.66 7.16 -22.85
CA GLY N 96 -50.95 7.48 -22.20
C GLY N 96 -51.89 8.29 -23.06
N ILE N 97 -51.42 8.84 -24.18
CA ILE N 97 -52.27 9.75 -25.01
C ILE N 97 -53.51 9.00 -25.50
N VAL N 98 -53.36 7.76 -25.94
CA VAL N 98 -54.52 7.01 -26.51
C VAL N 98 -55.58 6.81 -25.43
N ASP N 99 -56.85 7.06 -25.76
CA ASP N 99 -57.97 6.88 -24.78
C ASP N 99 -58.27 5.39 -24.58
N LEU N 100 -58.85 5.02 -23.44
CA LEU N 100 -59.24 3.60 -23.20
C LEU N 100 -60.41 3.23 -24.11
N LEU N 101 -60.48 1.96 -24.55
CA LEU N 101 -61.54 1.53 -25.51
C LEU N 101 -62.51 0.56 -24.83
N ASP N 102 -63.82 0.73 -25.06
CA ASP N 102 -64.85 -0.15 -24.45
C ASP N 102 -64.83 -1.52 -25.12
N LYS N 103 -65.54 -2.50 -24.54
CA LYS N 103 -65.54 -3.89 -25.07
C LYS N 103 -66.05 -3.90 -26.52
N LYS N 104 -67.04 -3.07 -26.85
CA LYS N 104 -67.63 -3.08 -28.21
C LYS N 104 -66.54 -2.71 -29.23
N GLY N 105 -65.71 -1.72 -28.91
CA GLY N 105 -64.61 -1.31 -29.81
C GLY N 105 -63.61 -2.45 -29.99
N GLU N 106 -63.28 -3.15 -28.90
CA GLU N 106 -62.33 -4.28 -28.97
C GLU N 106 -62.94 -5.35 -29.89
N THR N 107 -64.24 -5.63 -29.74
CA THR N 107 -64.89 -6.68 -30.57
C THR N 107 -64.83 -6.26 -32.04
N ASP N 108 -65.08 -4.98 -32.33
CA ASP N 108 -65.06 -4.49 -33.74
C ASP N 108 -63.64 -4.67 -34.30
N ILE N 109 -62.62 -4.32 -33.51
CA ILE N 109 -61.20 -4.44 -33.99
C ILE N 109 -60.90 -5.91 -34.26
N ALA N 110 -61.34 -6.80 -33.37
CA ALA N 110 -61.08 -8.25 -33.55
C ALA N 110 -61.74 -8.73 -34.84
N ILE N 111 -62.98 -8.31 -35.08
CA ILE N 111 -63.72 -8.74 -36.31
C ILE N 111 -62.96 -8.24 -37.53
N ARG N 112 -62.46 -6.99 -37.48
CA ARG N 112 -61.74 -6.42 -38.64
C ARG N 112 -60.48 -7.25 -38.91
N ILE N 113 -59.74 -7.59 -37.84
CA ILE N 113 -58.49 -8.38 -38.01
C ILE N 113 -58.85 -9.75 -38.59
N GLU N 114 -59.94 -10.35 -38.09
CA GLU N 114 -60.35 -11.70 -38.56
C GLU N 114 -60.68 -11.64 -40.05
N GLU N 115 -61.42 -10.61 -40.47
CA GLU N 115 -61.82 -10.49 -41.89
C GLU N 115 -60.56 -10.32 -42.76
N GLY N 116 -59.61 -9.50 -42.30
CA GLY N 116 -58.35 -9.32 -43.06
C GLY N 116 -57.61 -10.63 -43.20
N THR N 117 -57.52 -11.40 -42.10
CA THR N 117 -56.80 -12.70 -42.13
C THR N 117 -57.51 -13.66 -43.10
N THR N 118 -58.85 -13.69 -43.08
CA THR N 118 -59.61 -14.59 -43.97
C THR N 118 -59.33 -14.19 -45.42
N GLU N 119 -59.31 -12.89 -45.70
CA GLU N 119 -59.08 -12.42 -47.09
C GLU N 119 -57.68 -12.87 -47.53
N VAL N 120 -56.69 -12.72 -46.65
CA VAL N 120 -55.29 -13.09 -47.03
C VAL N 120 -55.24 -14.59 -47.30
N PHE N 121 -55.88 -15.40 -46.45
CA PHE N 121 -55.84 -16.87 -46.63
C PHE N 121 -56.52 -17.24 -47.97
N SER N 122 -57.64 -16.58 -48.26
CA SER N 122 -58.38 -16.87 -49.52
C SER N 122 -57.51 -16.53 -50.73
N THR N 123 -56.79 -15.40 -50.68
CA THR N 123 -55.87 -15.05 -51.80
C THR N 123 -54.75 -16.09 -51.90
N ILE N 124 -54.16 -16.49 -50.77
CA ILE N 124 -53.00 -17.43 -50.78
C ILE N 124 -53.40 -18.80 -51.33
N LEU N 125 -54.56 -19.32 -50.92
CA LEU N 125 -54.95 -20.71 -51.32
C LEU N 125 -55.34 -20.73 -52.80
N SER N 126 -55.55 -19.57 -53.42
CA SER N 126 -56.00 -19.50 -54.83
C SER N 126 -54.98 -20.12 -55.79
N TYR N 127 -53.68 -19.94 -55.53
CA TYR N 127 -52.65 -20.45 -56.47
C TYR N 127 -52.47 -21.96 -56.33
N PRO N 128 -52.50 -22.74 -57.43
CA PRO N 128 -52.43 -24.21 -57.38
C PRO N 128 -51.14 -24.82 -56.84
N ILE N 129 -49.98 -24.22 -57.14
CA ILE N 129 -48.67 -24.82 -56.74
C ILE N 129 -48.61 -24.97 -55.21
N VAL N 130 -49.29 -24.09 -54.47
CA VAL N 130 -49.23 -24.13 -52.99
C VAL N 130 -49.75 -25.51 -52.54
N ILE N 131 -50.81 -26.01 -53.17
CA ILE N 131 -51.40 -27.33 -52.79
C ILE N 131 -50.38 -28.45 -53.03
N LYS N 132 -49.68 -28.41 -54.16
CA LYS N 132 -48.66 -29.45 -54.48
C LYS N 132 -47.53 -29.39 -53.45
N THR N 133 -47.10 -28.16 -53.08
CA THR N 133 -46.01 -28.00 -52.08
C THR N 133 -46.49 -28.57 -50.73
N TYR N 134 -47.76 -28.33 -50.38
CA TYR N 134 -48.33 -28.85 -49.10
C TYR N 134 -48.30 -30.37 -49.14
N ILE N 135 -48.67 -30.96 -50.29
CA ILE N 135 -48.69 -32.44 -50.43
C ILE N 135 -47.25 -32.96 -50.27
N GLU N 136 -46.28 -32.26 -50.86
CA GLU N 136 -44.86 -32.68 -50.79
C GLU N 136 -44.40 -32.64 -49.32
N ARG N 137 -44.77 -31.60 -48.58
CA ARG N 137 -44.38 -31.48 -47.15
C ARG N 137 -45.01 -32.63 -46.35
N PHE N 138 -46.27 -32.95 -46.65
CA PHE N 138 -46.95 -34.08 -45.97
C PHE N 138 -46.22 -35.39 -46.32
N ARG N 139 -45.75 -35.53 -47.57
CA ARG N 139 -45.00 -36.73 -48.02
C ARG N 139 -43.69 -36.83 -47.21
N GLU N 140 -43.03 -35.70 -46.97
CA GLU N 140 -41.79 -35.70 -46.13
C GLU N 140 -42.17 -36.17 -44.72
N LEU N 141 -43.30 -35.70 -44.19
CA LEU N 141 -43.77 -36.14 -42.85
C LEU N 141 -44.02 -37.66 -42.90
N GLU N 142 -44.59 -38.17 -44.00
CA GLU N 142 -44.87 -39.62 -44.16
C GLU N 142 -43.54 -40.39 -44.12
N GLU N 143 -42.51 -39.88 -44.81
CA GLU N 143 -41.18 -40.54 -44.82
C GLU N 143 -40.61 -40.56 -43.39
N LYS N 144 -40.78 -39.46 -42.64
CA LYS N 144 -40.32 -39.42 -41.22
C LYS N 144 -41.08 -40.47 -40.41
N ALA N 145 -42.39 -40.62 -40.66
CA ALA N 145 -43.21 -41.63 -39.95
C ALA N 145 -42.68 -43.03 -40.28
N ILE N 146 -42.33 -43.28 -41.54
CA ILE N 146 -41.77 -44.61 -41.95
C ILE N 146 -40.46 -44.83 -41.19
N ASP N 147 -39.65 -43.77 -41.06
CA ASP N 147 -38.37 -43.87 -40.30
C ASP N 147 -38.70 -44.24 -38.85
N TYR N 148 -39.79 -43.70 -38.29
CA TYR N 148 -40.17 -43.98 -36.88
C TYR N 148 -40.43 -45.47 -36.70
N MET N 149 -41.15 -46.08 -37.65
CA MET N 149 -41.53 -47.52 -37.53
C MET N 149 -40.27 -48.39 -37.52
N ASN N 150 -39.27 -48.06 -38.34
CA ASN N 150 -38.05 -48.90 -38.45
C ASN N 150 -37.34 -48.99 -37.10
N SER N 151 -37.30 -47.89 -36.36
CA SER N 151 -36.61 -47.88 -35.04
C SER N 151 -37.32 -48.88 -34.12
N GLU N 155 -48.81 -50.09 -33.63
CA GLU N 155 -50.28 -50.22 -33.61
C GLU N 155 -50.88 -48.98 -34.27
N ASN N 156 -50.13 -47.87 -34.22
CA ASN N 156 -50.61 -46.59 -34.82
C ASN N 156 -49.55 -45.98 -35.75
N GLU N 157 -49.98 -45.19 -36.73
CA GLU N 157 -49.02 -44.50 -37.64
C GLU N 157 -48.29 -43.43 -36.83
N PRO N 158 -47.01 -43.10 -37.15
CA PRO N 158 -46.30 -42.13 -36.32
C PRO N 158 -47.09 -40.81 -36.36
N VAL N 159 -47.24 -40.14 -35.20
CA VAL N 159 -48.10 -38.93 -35.17
C VAL N 159 -47.25 -37.66 -35.25
N ALA N 160 -47.36 -36.93 -36.37
CA ALA N 160 -46.67 -35.62 -36.47
C ALA N 160 -47.72 -34.59 -36.87
N ARG N 161 -48.01 -33.62 -36.01
CA ARG N 161 -49.11 -32.66 -36.30
C ARG N 161 -48.62 -31.21 -36.14
N TYR N 162 -47.32 -30.98 -36.31
CA TYR N 162 -46.77 -29.62 -36.10
C TYR N 162 -47.39 -28.64 -37.11
N ILE N 163 -47.50 -29.06 -38.38
CA ILE N 163 -48.04 -28.15 -39.43
C ILE N 163 -49.50 -27.80 -39.13
N ARG N 164 -50.32 -28.78 -38.75
CA ARG N 164 -51.76 -28.52 -38.52
C ARG N 164 -52.08 -28.69 -37.03
N PHE N 165 -52.70 -27.68 -36.41
CA PHE N 165 -52.99 -27.75 -34.96
C PHE N 165 -54.50 -27.68 -34.72
N ASN N 166 -55.07 -28.70 -34.05
CA ASN N 166 -56.52 -28.69 -33.72
C ASN N 166 -57.36 -28.52 -34.99
N GLU N 167 -56.92 -29.11 -36.10
CA GLU N 167 -57.72 -29.05 -37.37
C GLU N 167 -58.58 -30.31 -37.50
N THR N 193 -54.73 -38.86 -35.19
CA THR N 193 -54.16 -38.32 -36.46
C THR N 193 -54.81 -39.05 -37.65
N GLN N 194 -55.67 -40.02 -37.37
CA GLN N 194 -56.29 -40.83 -38.46
C GLN N 194 -57.12 -39.92 -39.37
N ARG N 195 -57.89 -39.00 -38.79
CA ARG N 195 -58.75 -38.10 -39.60
C ARG N 195 -57.85 -37.25 -40.49
N ALA N 196 -56.75 -36.74 -39.92
CA ALA N 196 -55.84 -35.86 -40.70
C ALA N 196 -55.27 -36.66 -41.87
N TYR N 197 -54.83 -37.90 -41.60
CA TYR N 197 -54.21 -38.72 -42.68
C TYR N 197 -55.24 -39.00 -43.78
N GLU N 198 -56.47 -39.33 -43.39
CA GLU N 198 -57.53 -39.65 -44.39
C GLU N 198 -57.81 -38.41 -45.22
N PHE N 199 -57.88 -37.25 -44.56
CA PHE N 199 -58.15 -35.96 -45.27
C PHE N 199 -57.01 -35.70 -46.26
N PHE N 200 -55.77 -35.94 -45.83
CA PHE N 200 -54.59 -35.71 -46.72
C PHE N 200 -54.65 -36.63 -47.94
N THR N 201 -55.03 -37.90 -47.74
CA THR N 201 -55.13 -38.84 -48.89
C THR N 201 -56.20 -38.33 -49.87
N ASN N 202 -57.35 -37.90 -49.33
CA ASN N 202 -58.44 -37.41 -50.22
C ASN N 202 -57.90 -36.17 -50.95
N LEU N 203 -57.18 -35.31 -50.23
CA LEU N 203 -56.67 -34.06 -50.83
C LEU N 203 -55.73 -34.41 -51.97
N GLU N 204 -54.83 -35.38 -51.77
CA GLU N 204 -53.83 -35.70 -52.82
C GLU N 204 -54.57 -36.19 -54.05
N LYS N 205 -55.53 -37.11 -53.88
CA LYS N 205 -56.19 -37.65 -55.09
C LYS N 205 -56.95 -36.53 -55.79
N MET N 206 -57.64 -35.69 -55.00
CA MET N 206 -58.47 -34.59 -55.60
C MET N 206 -57.55 -33.61 -56.34
N PHE N 207 -56.40 -33.29 -55.75
CA PHE N 207 -55.45 -32.33 -56.37
C PHE N 207 -54.97 -32.89 -57.71
N GLU N 208 -54.64 -34.20 -57.73
CA GLU N 208 -54.17 -34.82 -58.98
C GLU N 208 -55.28 -34.73 -60.03
N GLU N 209 -56.52 -35.04 -59.62
CA GLU N 209 -57.65 -35.01 -60.58
C GLU N 209 -57.83 -33.58 -61.11
N TYR N 210 -57.74 -32.59 -60.22
CA TYR N 210 -57.95 -31.17 -60.62
C TYR N 210 -56.89 -30.76 -61.64
N GLN N 211 -55.63 -31.14 -61.38
CA GLN N 211 -54.53 -30.77 -62.30
C GLN N 211 -54.75 -31.44 -63.66
N ASP N 212 -55.16 -32.71 -63.66
CA ASP N 212 -55.35 -33.47 -64.93
C ASP N 212 -56.53 -32.94 -65.76
N LYS N 213 -57.69 -32.68 -65.14
CA LYS N 213 -58.87 -32.30 -65.97
C LYS N 213 -59.66 -31.11 -65.43
N PRO N 214 -60.21 -31.14 -64.19
CA PRO N 214 -61.10 -30.07 -63.71
C PRO N 214 -60.56 -28.63 -63.67
N ASN N 215 -61.37 -27.67 -64.11
CA ASN N 215 -60.92 -26.25 -64.17
C ASN N 215 -61.46 -25.44 -62.97
N LYS N 216 -62.77 -25.52 -62.69
CA LYS N 216 -63.34 -24.65 -61.62
C LYS N 216 -63.92 -25.47 -60.46
N LYS N 217 -64.73 -26.49 -60.73
CA LYS N 217 -65.42 -27.22 -59.62
C LYS N 217 -64.41 -27.86 -58.65
N LEU N 218 -63.39 -28.53 -59.17
CA LEU N 218 -62.44 -29.24 -58.26
C LEU N 218 -61.72 -28.20 -57.41
N TYR N 219 -61.37 -27.05 -58.01
CA TYR N 219 -60.65 -25.98 -57.27
C TYR N 219 -61.55 -25.46 -56.15
N THR N 220 -62.84 -25.26 -56.43
CA THR N 220 -63.79 -24.76 -55.41
C THR N 220 -63.87 -25.80 -54.28
N LYS N 221 -63.93 -27.08 -54.64
CA LYS N 221 -64.03 -28.16 -53.62
C LYS N 221 -62.78 -28.12 -52.73
N ILE N 222 -61.60 -27.98 -53.34
CA ILE N 222 -60.33 -27.96 -52.55
C ILE N 222 -60.33 -26.74 -51.63
N VAL N 223 -60.79 -25.59 -52.13
CA VAL N 223 -60.79 -24.35 -51.30
C VAL N 223 -61.73 -24.58 -50.10
N LYS N 224 -62.90 -25.20 -50.34
CA LYS N 224 -63.87 -25.46 -49.25
C LYS N 224 -63.26 -26.41 -48.21
N GLU N 225 -62.56 -27.45 -48.67
CA GLU N 225 -61.92 -28.42 -47.74
C GLU N 225 -60.86 -27.71 -46.91
N PHE N 226 -60.08 -26.81 -47.54
CA PHE N 226 -59.04 -26.03 -46.81
C PHE N 226 -59.71 -25.14 -45.77
N ASP N 227 -60.84 -24.51 -46.14
CA ASP N 227 -61.58 -23.63 -45.19
C ASP N 227 -62.02 -24.48 -44.00
N ASN N 228 -62.46 -25.71 -44.27
CA ASN N 228 -62.84 -26.64 -43.16
C ASN N 228 -61.60 -26.90 -42.29
N LEU N 229 -60.44 -27.08 -42.92
CA LEU N 229 -59.18 -27.24 -42.15
C LEU N 229 -58.97 -25.95 -41.36
N ARG N 230 -58.55 -26.05 -40.10
CA ARG N 230 -58.41 -24.82 -39.26
C ARG N 230 -56.94 -24.57 -38.91
N LEU N 231 -56.43 -23.38 -39.24
CA LEU N 231 -55.03 -23.00 -38.87
C LEU N 231 -55.08 -21.56 -38.34
N SER N 232 -54.17 -21.19 -37.44
CA SER N 232 -54.27 -19.83 -36.83
C SER N 232 -53.23 -18.87 -37.41
N THR N 233 -51.96 -18.96 -36.99
CA THR N 233 -50.95 -17.97 -37.44
C THR N 233 -49.74 -18.64 -38.09
N SER N 234 -49.16 -19.66 -37.44
CA SER N 234 -47.90 -20.25 -37.97
C SER N 234 -48.10 -20.85 -39.37
N HIS N 235 -49.17 -21.62 -39.57
CA HIS N 235 -49.37 -22.30 -40.88
C HIS N 235 -49.59 -21.28 -42.00
N LEU N 236 -50.39 -20.24 -41.73
CA LEU N 236 -50.64 -19.18 -42.74
C LEU N 236 -49.32 -18.48 -43.05
N GLN N 237 -48.52 -18.21 -42.02
CA GLN N 237 -47.20 -17.54 -42.22
C GLN N 237 -46.32 -18.44 -43.09
N LYS N 238 -46.35 -19.75 -42.83
CA LYS N 238 -45.52 -20.71 -43.61
C LYS N 238 -45.97 -20.65 -45.08
N LEU N 239 -47.28 -20.63 -45.32
CA LEU N 239 -47.81 -20.59 -46.72
C LEU N 239 -47.36 -19.29 -47.40
N VAL N 240 -47.42 -18.17 -46.67
CA VAL N 240 -47.01 -16.85 -47.25
C VAL N 240 -45.52 -16.91 -47.58
N ASP N 241 -44.71 -17.49 -46.69
CA ASP N 241 -43.25 -17.62 -46.94
C ASP N 241 -43.02 -18.53 -48.16
N TYR N 242 -43.84 -19.57 -48.31
CA TYR N 242 -43.71 -20.49 -49.47
C TYR N 242 -43.94 -19.69 -50.75
N ILE N 243 -44.98 -18.86 -50.79
CA ILE N 243 -45.16 -17.97 -51.98
C ILE N 243 -44.03 -16.93 -52.03
N ARG N 244 -43.72 -16.32 -50.88
CA ARG N 244 -42.68 -15.25 -50.81
C ARG N 244 -41.27 -15.77 -51.08
N LEU N 245 -40.90 -16.95 -50.55
CA LEU N 245 -39.49 -17.42 -50.66
C LEU N 245 -39.05 -17.55 -52.11
N PRO N 246 -39.85 -18.14 -53.04
CA PRO N 246 -39.40 -18.31 -54.41
C PRO N 246 -39.14 -16.95 -55.06
N TYR N 247 -40.05 -15.99 -54.84
CA TYR N 247 -39.90 -14.63 -55.43
C TYR N 247 -38.65 -13.97 -54.85
N ALA N 248 -38.41 -14.14 -53.55
CA ALA N 248 -37.22 -13.52 -52.91
C ALA N 248 -35.97 -14.11 -53.55
N ARG N 249 -35.94 -15.42 -53.76
CA ARG N 249 -34.74 -16.09 -54.37
C ARG N 249 -34.55 -15.56 -55.80
N VAL N 250 -35.64 -15.43 -56.55
CA VAL N 250 -35.54 -14.93 -57.96
C VAL N 250 -34.99 -13.49 -57.93
N LYS N 251 -35.46 -12.68 -56.98
CA LYS N 251 -34.99 -11.27 -56.86
C LYS N 251 -33.50 -11.26 -56.52
N GLU N 252 -33.05 -12.17 -55.65
CA GLU N 252 -31.62 -12.24 -55.27
C GLU N 252 -30.81 -12.58 -56.53
N PHE N 253 -31.29 -13.53 -57.33
CA PHE N 253 -30.57 -13.92 -58.57
C PHE N 253 -30.50 -12.71 -59.52
N GLU N 254 -31.62 -11.98 -59.65
CA GLU N 254 -31.66 -10.81 -60.56
C GLU N 254 -30.66 -9.77 -60.07
N ARG N 255 -30.61 -9.54 -58.75
CA ARG N 255 -29.68 -8.52 -58.17
C ARG N 255 -28.24 -8.95 -58.48
N LYS N 256 -27.93 -10.24 -58.30
CA LYS N 256 -26.54 -10.71 -58.52
C LYS N 256 -26.19 -10.50 -60.00
N ILE N 257 -27.12 -10.84 -60.90
CA ILE N 257 -26.84 -10.70 -62.36
C ILE N 257 -26.61 -9.22 -62.68
N LEU N 258 -27.44 -8.34 -62.12
CA LEU N 258 -27.32 -6.89 -62.42
C LEU N 258 -25.95 -6.40 -61.92
N ARG N 259 -25.56 -6.83 -60.73
CA ARG N 259 -24.27 -6.36 -60.15
C ARG N 259 -23.12 -6.84 -61.04
N LEU N 260 -23.17 -8.10 -61.48
CA LEU N 260 -22.06 -8.65 -62.32
C LEU N 260 -22.01 -7.95 -63.69
N CYS N 261 -23.16 -7.74 -64.33
CA CYS N 261 -23.18 -7.19 -65.70
C CYS N 261 -23.20 -5.65 -65.75
N VAL N 262 -23.92 -5.00 -64.83
CA VAL N 262 -24.08 -3.52 -64.93
C VAL N 262 -22.72 -2.80 -64.84
N GLU N 263 -21.89 -3.15 -63.86
CA GLU N 263 -20.59 -2.45 -63.69
C GLU N 263 -19.71 -2.78 -64.90
N ARG N 264 -19.65 -4.06 -65.27
CA ARG N 264 -18.80 -4.52 -66.40
C ARG N 264 -19.29 -4.03 -67.77
N SER N 265 -20.61 -3.96 -67.99
CA SER N 265 -21.13 -3.63 -69.35
C SER N 265 -21.14 -2.11 -69.60
N LYS N 266 -19.99 -1.45 -69.50
CA LYS N 266 -19.91 0.00 -69.85
C LYS N 266 -20.49 0.83 -68.71
N THR N 267 -20.95 0.19 -67.63
CA THR N 267 -21.53 0.92 -66.46
C THR N 267 -22.65 1.85 -66.94
N PRO N 268 -23.51 1.44 -67.90
CA PRO N 268 -24.52 2.37 -68.42
C PRO N 268 -25.53 2.80 -67.34
N ARG N 269 -26.06 1.85 -66.56
CA ARG N 269 -26.95 2.21 -65.43
C ARG N 269 -28.24 2.82 -65.97
N GLN N 270 -28.14 3.93 -66.72
CA GLN N 270 -29.35 4.66 -67.21
C GLN N 270 -30.18 3.78 -68.15
N GLU N 271 -29.54 2.94 -68.97
CA GLU N 271 -30.27 2.09 -69.95
C GLU N 271 -30.78 0.85 -69.21
N PHE N 272 -31.57 1.05 -68.16
CA PHE N 272 -32.05 -0.08 -67.31
C PHE N 272 -33.00 -1.03 -68.05
N ILE N 273 -33.91 -0.54 -68.88
CA ILE N 273 -34.96 -1.42 -69.48
C ILE N 273 -34.35 -2.55 -70.33
N LYS N 274 -33.34 -2.25 -71.15
CA LYS N 274 -32.77 -3.28 -72.05
C LYS N 274 -32.16 -4.41 -71.22
N VAL N 275 -31.40 -4.09 -70.16
CA VAL N 275 -30.82 -5.13 -69.25
C VAL N 275 -31.98 -5.80 -68.52
N TYR N 276 -33.01 -5.03 -68.14
CA TYR N 276 -34.17 -5.54 -67.36
C TYR N 276 -34.91 -6.64 -68.12
N LYS N 277 -34.93 -6.61 -69.45
CA LYS N 277 -35.57 -7.77 -70.13
C LYS N 277 -34.89 -8.99 -69.54
N VAL N 278 -35.65 -9.99 -69.07
CA VAL N 278 -35.00 -11.13 -68.36
C VAL N 278 -35.53 -12.49 -68.84
N GLY N 279 -34.64 -13.48 -68.93
CA GLY N 279 -35.04 -14.85 -69.32
C GLY N 279 -34.87 -15.10 -70.81
N SER N 280 -34.72 -14.02 -71.60
CA SER N 280 -34.42 -14.20 -73.04
C SER N 280 -33.02 -14.80 -73.21
N LEU N 281 -32.04 -14.27 -72.47
CA LEU N 281 -30.64 -14.74 -72.58
C LEU N 281 -30.14 -14.58 -74.03
N GLU N 282 -30.60 -13.53 -74.72
CA GLU N 282 -30.19 -13.31 -76.14
C GLU N 282 -29.50 -11.95 -76.28
N TRP N 283 -29.60 -11.08 -75.27
CA TRP N 283 -28.94 -9.75 -75.29
C TRP N 283 -27.42 -9.92 -75.18
N LEU N 284 -26.97 -11.02 -74.54
CA LEU N 284 -25.51 -11.23 -74.32
C LEU N 284 -24.80 -11.34 -75.68
N GLU N 285 -25.40 -12.03 -76.65
CA GLU N 285 -24.79 -12.16 -78.00
C GLU N 285 -24.66 -10.77 -78.65
N PRO N 286 -25.70 -9.90 -78.59
CA PRO N 286 -25.59 -8.53 -79.10
C PRO N 286 -24.53 -7.76 -78.30
N LEU N 287 -24.49 -7.99 -76.98
CA LEU N 287 -23.52 -7.29 -76.08
C LEU N 287 -22.08 -7.70 -76.44
N THR N 288 -21.90 -8.85 -77.08
CA THR N 288 -20.54 -9.30 -77.49
C THR N 288 -19.97 -8.24 -78.44
N LYS N 289 -20.78 -7.71 -79.36
CA LYS N 289 -20.32 -6.58 -80.22
C LYS N 289 -20.06 -5.40 -79.29
N LYS N 290 -20.91 -5.24 -78.27
CA LYS N 290 -20.80 -4.09 -77.31
C LYS N 290 -19.84 -4.43 -76.17
N TYR N 291 -19.90 -3.66 -75.08
CA TYR N 291 -18.98 -3.85 -73.92
C TYR N 291 -19.47 -5.01 -73.05
N LYS N 292 -18.89 -5.16 -71.84
CA LYS N 292 -19.24 -6.31 -70.97
C LYS N 292 -18.83 -7.63 -71.62
N PHE N 293 -17.65 -7.67 -72.23
CA PHE N 293 -17.13 -8.92 -72.85
C PHE N 293 -16.52 -9.78 -71.75
N THR N 294 -17.37 -10.43 -70.93
CA THR N 294 -16.87 -11.32 -69.85
C THR N 294 -17.37 -12.74 -70.10
N GLU N 295 -16.53 -13.59 -70.72
CA GLU N 295 -16.98 -14.95 -71.10
C GLU N 295 -17.31 -15.77 -69.85
N ASN N 296 -16.45 -15.71 -68.82
CA ASN N 296 -16.78 -16.42 -67.54
C ASN N 296 -18.04 -15.79 -66.94
N THR N 297 -18.11 -14.46 -66.95
CA THR N 297 -19.32 -13.76 -66.41
C THR N 297 -20.53 -14.16 -67.26
N ILE N 298 -20.35 -14.26 -68.58
CA ILE N 298 -21.48 -14.61 -69.49
C ILE N 298 -21.97 -16.01 -69.12
N ARG N 299 -21.05 -16.95 -68.89
CA ARG N 299 -21.43 -18.35 -68.57
C ARG N 299 -22.19 -18.34 -67.24
N GLU N 300 -21.70 -17.59 -66.24
CA GLU N 300 -22.37 -17.56 -64.91
C GLU N 300 -23.77 -16.98 -65.08
N ILE N 301 -23.90 -15.91 -65.88
CA ILE N 301 -25.23 -15.26 -66.08
C ILE N 301 -26.18 -16.25 -66.76
N LYS N 302 -25.68 -16.99 -67.76
CA LYS N 302 -26.53 -17.98 -68.48
C LYS N 302 -26.99 -19.06 -67.49
N ASN N 303 -26.08 -19.49 -66.61
CA ASN N 303 -26.45 -20.51 -65.59
C ASN N 303 -27.52 -19.95 -64.66
N LEU N 304 -27.37 -18.71 -64.20
CA LEU N 304 -28.35 -18.09 -63.26
C LEU N 304 -29.71 -17.94 -63.94
N THR N 305 -29.72 -17.50 -65.21
CA THR N 305 -30.99 -17.37 -65.98
C THR N 305 -31.63 -18.74 -66.15
N LYS N 306 -30.80 -19.78 -66.38
CA LYS N 306 -31.33 -21.17 -66.52
C LYS N 306 -32.01 -21.56 -65.21
N GLN N 307 -31.39 -21.23 -64.07
CA GLN N 307 -31.99 -21.54 -62.75
C GLN N 307 -33.32 -20.78 -62.64
N ILE N 308 -33.34 -19.51 -63.07
CA ILE N 308 -34.59 -18.69 -62.99
C ILE N 308 -35.69 -19.33 -63.84
N ASN N 309 -35.33 -19.80 -65.04
CA ASN N 309 -36.32 -20.44 -65.94
C ASN N 309 -36.86 -21.71 -65.28
N GLN N 310 -35.98 -22.49 -64.65
CA GLN N 310 -36.42 -23.74 -63.96
C GLN N 310 -37.37 -23.38 -62.81
N PHE N 311 -37.06 -22.34 -62.05
CA PHE N 311 -37.93 -21.90 -60.93
C PHE N 311 -39.30 -21.48 -61.48
N GLN N 312 -39.29 -20.73 -62.58
CA GLN N 312 -40.58 -20.28 -63.19
C GLN N 312 -41.38 -21.51 -63.63
N ILE N 313 -40.69 -22.49 -64.23
CA ILE N 313 -41.40 -23.71 -64.75
C ILE N 313 -42.06 -24.42 -63.57
N LEU N 314 -41.35 -24.53 -62.44
CA LEU N 314 -41.95 -25.18 -61.25
C LEU N 314 -43.15 -24.35 -60.72
N MET N 315 -42.98 -23.02 -60.59
CA MET N 315 -44.05 -22.15 -60.05
C MET N 315 -45.12 -21.79 -61.09
N MET N 316 -44.72 -21.43 -62.32
CA MET N 316 -45.72 -20.96 -63.31
C MET N 316 -45.04 -20.21 -64.47
N MET N 317 -45.52 -19.01 -64.78
CA MET N 317 -45.00 -18.24 -65.94
C MET N 317 -43.93 -17.22 -65.52
N ASP N 318 -44.05 -15.97 -65.97
CA ASP N 318 -43.02 -14.93 -65.70
C ASP N 318 -43.12 -14.38 -64.27
N ILE N 319 -42.17 -13.50 -63.90
CA ILE N 319 -42.13 -12.91 -62.52
C ILE N 319 -43.43 -12.14 -62.25
N GLU N 320 -44.00 -11.49 -63.27
CA GLU N 320 -45.20 -10.63 -63.07
C GLU N 320 -46.32 -11.46 -62.44
N GLU N 321 -46.39 -12.75 -62.75
CA GLU N 321 -47.50 -13.60 -62.22
C GLU N 321 -47.44 -13.59 -60.69
N LEU N 322 -46.25 -13.74 -60.10
CA LEU N 322 -46.10 -13.76 -58.62
C LEU N 322 -46.02 -12.35 -58.02
N LYS N 323 -45.53 -11.37 -58.78
CA LYS N 323 -45.31 -10.00 -58.21
C LYS N 323 -46.65 -9.40 -57.75
N GLN N 324 -47.69 -9.53 -58.57
CA GLN N 324 -49.03 -8.97 -58.21
C GLN N 324 -49.57 -9.70 -56.97
N VAL N 325 -49.37 -11.02 -56.89
CA VAL N 325 -49.84 -11.80 -55.72
C VAL N 325 -49.13 -11.26 -54.47
N ASN N 326 -47.82 -11.04 -54.57
CA ASN N 326 -47.03 -10.54 -53.42
C ASN N 326 -47.57 -9.16 -53.01
N LEU N 327 -47.87 -8.30 -53.98
CA LEU N 327 -48.38 -6.94 -53.67
C LEU N 327 -49.72 -7.04 -52.94
N GLU N 328 -50.61 -7.92 -53.41
CA GLU N 328 -51.95 -8.08 -52.76
C GLU N 328 -51.74 -8.57 -51.34
N ILE N 329 -50.83 -9.55 -51.15
CA ILE N 329 -50.58 -10.11 -49.80
C ILE N 329 -50.04 -9.00 -48.90
N SER N 330 -49.13 -8.17 -49.43
CA SER N 330 -48.53 -7.08 -48.63
C SER N 330 -49.63 -6.12 -48.18
N ARG N 331 -50.55 -5.77 -49.09
CA ARG N 331 -51.61 -4.80 -48.75
C ARG N 331 -52.48 -5.39 -47.64
N SER N 332 -52.85 -6.67 -47.77
CA SER N 332 -53.72 -7.31 -46.75
C SER N 332 -52.98 -7.34 -45.41
N GLU N 333 -51.69 -7.68 -45.44
CA GLU N 333 -50.88 -7.78 -44.20
C GLU N 333 -50.80 -6.40 -43.56
N ALA N 334 -50.62 -5.35 -44.36
CA ALA N 334 -50.53 -3.97 -43.85
C ALA N 334 -51.84 -3.61 -43.14
N LYS N 335 -52.98 -3.96 -43.75
CA LYS N 335 -54.29 -3.67 -43.11
C LYS N 335 -54.39 -4.40 -41.77
N ILE N 336 -54.00 -5.67 -41.74
CA ILE N 336 -54.08 -6.47 -40.49
C ILE N 336 -53.15 -5.84 -39.45
N THR N 337 -51.95 -5.43 -39.87
CA THR N 337 -50.95 -4.83 -38.96
C THR N 337 -51.52 -3.53 -38.37
N GLN N 338 -52.18 -2.72 -39.21
CA GLN N 338 -52.74 -1.43 -38.74
C GLN N 338 -53.80 -1.72 -37.67
N ALA N 339 -54.65 -2.72 -37.92
CA ALA N 339 -55.71 -3.06 -36.94
C ALA N 339 -55.05 -3.51 -35.63
N LYS N 340 -54.02 -4.36 -35.73
CA LYS N 340 -53.34 -4.89 -34.52
C LYS N 340 -52.71 -3.72 -33.75
N LYS N 341 -52.06 -2.79 -34.46
CA LYS N 341 -51.37 -1.65 -33.80
C LYS N 341 -52.41 -0.79 -33.08
N GLU N 342 -53.57 -0.57 -33.73
CA GLU N 342 -54.63 0.27 -33.12
C GLU N 342 -55.09 -0.40 -31.82
N MET N 343 -55.28 -1.72 -31.85
CA MET N 343 -55.68 -2.45 -30.62
C MET N 343 -54.58 -2.38 -29.55
N ILE N 344 -53.32 -2.57 -29.94
CA ILE N 344 -52.17 -2.61 -28.97
C ILE N 344 -51.97 -1.27 -28.27
N GLU N 345 -52.06 -0.15 -29.01
CA GLU N 345 -51.74 1.17 -28.42
C GLU N 345 -52.65 1.47 -27.22
N ALA N 346 -53.94 1.13 -27.31
CA ALA N 346 -54.88 1.33 -26.19
C ALA N 346 -54.48 0.49 -24.98
N ASN N 347 -53.88 -0.70 -25.21
CA ASN N 347 -53.57 -1.64 -24.10
C ASN N 347 -52.11 -1.47 -23.61
N LEU N 348 -51.42 -0.41 -24.04
CA LEU N 348 -50.00 -0.19 -23.66
C LEU N 348 -49.88 -0.07 -22.13
N ARG N 349 -50.84 0.60 -21.47
CA ARG N 349 -50.77 0.84 -19.99
C ARG N 349 -50.85 -0.48 -19.20
N LEU N 350 -51.33 -1.56 -19.81
CA LEU N 350 -51.53 -2.84 -19.06
C LEU N 350 -50.18 -3.31 -18.50
N VAL N 351 -49.10 -3.20 -19.28
CA VAL N 351 -47.75 -3.66 -18.83
C VAL N 351 -47.31 -2.83 -17.62
N VAL N 352 -47.52 -1.51 -17.67
CA VAL N 352 -47.14 -0.63 -16.52
C VAL N 352 -47.94 -1.04 -15.29
N SER N 353 -49.23 -1.30 -15.48
CA SER N 353 -50.10 -1.68 -14.33
C SER N 353 -49.61 -3.01 -13.73
N GLU N 354 -49.32 -4.00 -14.58
CA GLU N 354 -48.78 -5.31 -14.11
C GLU N 354 -47.37 -5.14 -13.53
N ALA N 355 -46.57 -4.24 -14.11
CA ALA N 355 -45.16 -4.04 -13.67
C ALA N 355 -45.08 -3.50 -12.25
N LYS N 356 -46.14 -2.85 -11.76
CA LYS N 356 -46.08 -2.19 -10.42
C LYS N 356 -45.77 -3.22 -9.34
N LYS N 357 -46.36 -4.43 -9.43
CA LYS N 357 -46.17 -5.45 -8.36
C LYS N 357 -44.69 -5.81 -8.21
N TYR N 358 -43.97 -5.98 -9.32
CA TYR N 358 -42.52 -6.26 -9.23
C TYR N 358 -41.75 -5.01 -9.67
N THR N 359 -41.18 -4.26 -8.71
CA THR N 359 -40.35 -3.08 -9.06
C THR N 359 -38.96 -3.20 -8.44
N ASN N 360 -38.77 -4.13 -7.49
CA ASN N 360 -37.47 -4.26 -6.80
C ASN N 360 -37.00 -5.72 -6.84
N ARG N 361 -37.22 -6.41 -7.96
CA ARG N 361 -36.85 -7.85 -8.08
C ARG N 361 -35.46 -7.97 -8.72
N GLY N 362 -34.72 -6.86 -8.82
CA GLY N 362 -33.39 -6.86 -9.46
C GLY N 362 -33.47 -6.42 -10.90
N LEU N 363 -34.67 -6.09 -11.38
CA LEU N 363 -34.82 -5.57 -12.78
C LEU N 363 -35.48 -4.18 -12.70
N HIS N 364 -34.92 -3.20 -13.42
CA HIS N 364 -35.47 -1.81 -13.35
C HIS N 364 -36.84 -1.73 -14.04
N PHE N 365 -37.60 -0.66 -13.79
CA PHE N 365 -38.97 -0.55 -14.34
C PHE N 365 -38.99 -0.57 -15.87
N LEU N 366 -38.03 0.10 -16.53
CA LEU N 366 -38.10 0.20 -18.01
C LEU N 366 -38.03 -1.18 -18.68
N ASP N 367 -37.10 -2.04 -18.25
CA ASP N 367 -36.95 -3.39 -18.87
C ASP N 367 -38.21 -4.23 -18.58
N ILE N 368 -38.76 -4.10 -17.37
CA ILE N 368 -40.00 -4.86 -17.00
C ILE N 368 -41.13 -4.40 -17.94
N ILE N 369 -41.22 -3.10 -18.20
CA ILE N 369 -42.28 -2.57 -19.10
C ILE N 369 -42.07 -3.13 -20.51
N GLN N 370 -40.80 -3.20 -20.96
CA GLN N 370 -40.50 -3.73 -22.31
C GLN N 370 -40.93 -5.20 -22.38
N GLU N 371 -40.64 -5.98 -21.32
CA GLU N 371 -41.02 -7.42 -21.29
C GLU N 371 -42.55 -7.52 -21.36
N GLY N 372 -43.24 -6.66 -20.62
CA GLY N 372 -44.71 -6.68 -20.63
C GLY N 372 -45.25 -6.36 -22.02
N ASN N 373 -44.66 -5.38 -22.70
CA ASN N 373 -45.11 -5.00 -24.07
C ASN N 373 -44.89 -6.20 -24.99
N ILE N 374 -43.76 -6.89 -24.86
CA ILE N 374 -43.45 -8.06 -25.74
C ILE N 374 -44.50 -9.14 -25.49
N GLY N 375 -44.85 -9.38 -24.22
CA GLY N 375 -45.90 -10.38 -23.91
C GLY N 375 -47.26 -9.98 -24.48
N LEU N 376 -47.61 -8.69 -24.37
CA LEU N 376 -48.94 -8.21 -24.84
C LEU N 376 -49.05 -8.35 -26.36
N MET N 377 -48.00 -7.99 -27.10
CA MET N 377 -48.09 -8.00 -28.58
C MET N 377 -48.36 -9.42 -29.08
N LYS N 378 -47.64 -10.41 -28.54
CA LYS N 378 -47.84 -11.83 -28.95
C LYS N 378 -49.24 -12.28 -28.53
N ALA N 379 -49.68 -11.91 -27.33
CA ALA N 379 -51.00 -12.36 -26.81
C ALA N 379 -52.16 -11.83 -27.64
N VAL N 380 -52.11 -10.58 -28.11
CA VAL N 380 -53.29 -9.98 -28.80
C VAL N 380 -53.67 -10.76 -30.06
N ASP N 381 -52.69 -11.20 -30.86
CA ASP N 381 -52.99 -11.88 -32.16
C ASP N 381 -53.76 -13.18 -31.95
N LYS N 382 -53.37 -13.99 -30.95
CA LYS N 382 -54.00 -15.32 -30.69
C LYS N 382 -55.47 -15.19 -30.25
N PHE N 383 -55.81 -14.19 -29.43
CA PHE N 383 -57.17 -14.09 -28.86
C PHE N 383 -58.24 -13.92 -29.97
N ASP N 384 -59.38 -14.62 -29.82
CA ASP N 384 -60.46 -14.57 -30.85
C ASP N 384 -61.73 -13.98 -30.22
N TYR N 385 -62.51 -13.23 -31.00
CA TYR N 385 -63.73 -12.56 -30.46
C TYR N 385 -64.93 -13.53 -30.48
N ARG N 386 -64.76 -14.73 -31.01
CA ARG N 386 -65.92 -15.65 -31.15
C ARG N 386 -66.51 -15.92 -29.75
N LYS N 387 -65.65 -16.21 -28.77
CA LYS N 387 -66.14 -16.37 -27.36
C LYS N 387 -66.36 -14.96 -26.81
N GLY N 388 -67.39 -14.77 -25.98
CA GLY N 388 -67.64 -13.45 -25.38
C GLY N 388 -66.91 -13.30 -24.07
N PHE N 389 -65.77 -12.59 -24.08
CA PHE N 389 -64.98 -12.33 -22.85
C PHE N 389 -64.11 -11.08 -23.06
N LYS N 390 -63.70 -10.41 -21.98
CA LYS N 390 -62.78 -9.26 -22.12
C LYS N 390 -61.40 -9.77 -22.55
N PHE N 391 -60.70 -9.00 -23.39
CA PHE N 391 -59.34 -9.39 -23.85
C PHE N 391 -58.30 -9.15 -22.75
N SER N 392 -58.65 -8.39 -21.72
CA SER N 392 -57.63 -8.01 -20.69
C SER N 392 -57.03 -9.25 -20.03
N THR N 393 -57.85 -10.24 -19.67
CA THR N 393 -57.34 -11.46 -18.98
C THR N 393 -56.43 -12.28 -19.91
N TYR N 394 -56.80 -12.37 -21.19
CA TYR N 394 -55.91 -13.10 -22.15
C TYR N 394 -54.58 -12.37 -22.22
N ALA N 395 -54.60 -11.04 -22.35
CA ALA N 395 -53.35 -10.25 -22.36
C ALA N 395 -52.63 -10.39 -21.03
N THR N 396 -53.38 -10.38 -19.91
CA THR N 396 -52.74 -10.39 -18.57
C THR N 396 -51.90 -11.66 -18.38
N TRP N 397 -52.42 -12.83 -18.75
CA TRP N 397 -51.64 -14.07 -18.49
C TRP N 397 -50.32 -13.99 -19.24
N TRP N 398 -50.36 -13.59 -20.52
CA TRP N 398 -49.13 -13.54 -21.34
C TRP N 398 -48.16 -12.50 -20.76
N ILE N 399 -48.67 -11.34 -20.35
CA ILE N 399 -47.79 -10.29 -19.79
C ILE N 399 -47.12 -10.81 -18.51
N ARG N 400 -47.91 -11.49 -17.66
CA ARG N 400 -47.36 -11.99 -16.37
C ARG N 400 -46.27 -13.02 -16.66
N GLN N 401 -46.53 -13.92 -17.61
CA GLN N 401 -45.53 -14.99 -17.92
C GLN N 401 -44.27 -14.32 -18.42
N ALA N 402 -44.41 -13.33 -19.31
CA ALA N 402 -43.22 -12.69 -19.89
C ALA N 402 -42.41 -12.01 -18.78
N ILE N 403 -43.10 -11.30 -17.87
CA ILE N 403 -42.36 -10.54 -16.80
C ILE N 403 -41.62 -11.55 -15.91
N THR N 404 -42.28 -12.64 -15.53
CA THR N 404 -41.63 -13.61 -14.61
C THR N 404 -40.41 -14.20 -15.32
N ARG N 405 -40.58 -14.57 -16.60
CA ARG N 405 -39.46 -15.19 -17.35
C ARG N 405 -38.30 -14.21 -17.45
N SER N 406 -38.58 -12.94 -17.74
CA SER N 406 -37.50 -11.94 -17.90
C SER N 406 -36.77 -11.81 -16.57
N ILE N 407 -37.52 -11.75 -15.47
CA ILE N 407 -36.88 -11.54 -14.14
C ILE N 407 -35.94 -12.73 -13.87
N ALA N 408 -36.42 -13.95 -14.13
CA ALA N 408 -35.60 -15.15 -13.86
C ALA N 408 -34.35 -15.15 -14.75
N ASP N 409 -34.52 -14.84 -16.05
CA ASP N 409 -33.38 -14.90 -17.01
C ASP N 409 -32.31 -13.87 -16.67
N GLN N 410 -32.70 -12.64 -16.35
CA GLN N 410 -31.71 -11.55 -16.08
C GLN N 410 -31.69 -11.21 -14.58
N ALA N 411 -32.29 -12.05 -13.74
CA ALA N 411 -32.38 -11.74 -12.29
C ALA N 411 -30.98 -11.61 -11.70
N ARG N 412 -30.06 -12.54 -12.02
CA ARG N 412 -28.72 -12.52 -11.37
C ARG N 412 -27.63 -12.37 -12.43
N THR N 413 -26.44 -11.90 -12.01
CA THR N 413 -25.29 -11.78 -12.94
C THR N 413 -24.95 -13.17 -13.48
N ILE N 414 -25.02 -14.20 -12.62
CA ILE N 414 -24.76 -15.60 -13.06
C ILE N 414 -26.11 -16.23 -13.42
N ARG N 415 -26.25 -16.78 -14.62
CA ARG N 415 -27.55 -17.33 -15.07
C ARG N 415 -27.95 -18.52 -14.18
N VAL N 416 -29.21 -18.56 -13.73
CA VAL N 416 -29.70 -19.68 -12.88
C VAL N 416 -30.95 -20.26 -13.55
N PRO N 417 -31.14 -21.59 -13.58
CA PRO N 417 -32.28 -22.20 -14.28
C PRO N 417 -33.63 -21.75 -13.71
N VAL N 418 -34.61 -21.49 -14.57
CA VAL N 418 -35.95 -20.99 -14.12
C VAL N 418 -36.60 -22.05 -13.22
N HIS N 419 -36.50 -23.32 -13.59
CA HIS N 419 -37.10 -24.41 -12.78
C HIS N 419 -36.43 -24.45 -11.41
N MET N 420 -35.09 -24.29 -11.38
CA MET N 420 -34.35 -24.28 -10.08
C MET N 420 -34.82 -23.07 -9.27
N ILE N 421 -34.99 -21.92 -9.92
CA ILE N 421 -35.38 -20.67 -9.20
C ILE N 421 -36.79 -20.84 -8.59
N GLU N 422 -37.73 -21.44 -9.34
CA GLU N 422 -39.13 -21.57 -8.85
C GLU N 422 -39.18 -22.46 -7.61
N THR N 423 -38.43 -23.57 -7.62
CA THR N 423 -38.39 -24.48 -6.43
C THR N 423 -37.80 -23.71 -5.23
N ILE N 424 -36.76 -22.91 -5.48
CA ILE N 424 -36.14 -22.10 -4.38
C ILE N 424 -37.18 -21.12 -3.85
N ASN N 425 -37.96 -20.49 -4.73
CA ASN N 425 -39.01 -19.51 -4.31
C ASN N 425 -40.04 -20.24 -3.44
N LYS N 426 -40.45 -21.44 -3.86
CA LYS N 426 -41.46 -22.21 -3.11
C LYS N 426 -40.89 -22.54 -1.73
N VAL N 427 -39.61 -22.93 -1.68
CA VAL N 427 -38.97 -23.31 -0.38
C VAL N 427 -38.94 -22.07 0.51
N ASN N 428 -38.60 -20.90 -0.06
CA ASN N 428 -38.52 -19.65 0.74
C ASN N 428 -39.89 -19.32 1.31
N ARG N 429 -40.94 -19.47 0.50
CA ARG N 429 -42.31 -19.16 0.98
C ARG N 429 -42.67 -20.12 2.13
N ILE N 430 -42.32 -21.40 1.97
CA ILE N 430 -42.63 -22.42 3.03
C ILE N 430 -41.88 -22.03 4.31
N LYS N 431 -40.61 -21.61 4.18
CA LYS N 431 -39.79 -21.22 5.36
C LYS N 431 -40.44 -20.01 6.03
N ARG N 432 -40.90 -19.03 5.24
CA ARG N 432 -41.51 -17.81 5.81
C ARG N 432 -42.77 -18.22 6.59
N GLN N 433 -43.56 -19.13 6.03
CA GLN N 433 -44.80 -19.58 6.71
C GLN N 433 -44.44 -20.32 8.01
N ILE N 434 -43.45 -21.20 7.97
CA ILE N 434 -43.08 -22.01 9.17
C ILE N 434 -42.50 -21.13 10.29
N LEU N 435 -41.65 -20.15 9.94
CA LEU N 435 -40.97 -19.33 10.98
C LEU N 435 -42.00 -18.51 11.77
N GLN N 436 -42.93 -17.86 11.08
CA GLN N 436 -43.99 -17.07 11.78
C GLN N 436 -44.92 -17.99 12.57
N GLU N 437 -45.39 -19.09 11.95
CA GLU N 437 -46.38 -19.98 12.62
C GLU N 437 -45.75 -20.67 13.84
N LYS N 438 -44.53 -21.18 13.71
CA LYS N 438 -43.92 -21.96 14.84
C LYS N 438 -42.68 -21.24 15.38
N GLY N 439 -42.34 -20.07 14.84
CA GLY N 439 -41.18 -19.32 15.36
C GLY N 439 -39.85 -19.90 14.90
N ARG N 440 -39.65 -21.21 15.01
CA ARG N 440 -38.32 -21.82 14.70
C ARG N 440 -37.91 -21.48 13.27
N GLU N 441 -36.69 -20.97 13.09
CA GLU N 441 -36.20 -20.50 11.76
C GLU N 441 -36.04 -21.64 10.74
N ALA N 442 -35.48 -22.78 11.15
CA ALA N 442 -35.20 -23.83 10.14
C ALA N 442 -36.20 -24.98 10.18
N THR N 443 -36.13 -25.86 11.19
CA THR N 443 -37.03 -27.04 11.18
C THR N 443 -36.88 -27.72 9.81
N GLU N 444 -35.65 -27.95 9.36
CA GLU N 444 -35.41 -28.49 8.00
C GLU N 444 -36.07 -29.86 7.84
N GLU N 445 -36.00 -30.72 8.86
CA GLU N 445 -36.70 -32.02 8.79
C GLU N 445 -38.21 -31.75 8.67
N GLU N 446 -38.73 -30.81 9.47
CA GLU N 446 -40.17 -30.43 9.39
C GLU N 446 -40.46 -29.82 8.02
N ILE N 447 -39.52 -29.05 7.47
CA ILE N 447 -39.69 -28.41 6.14
C ILE N 447 -39.86 -29.52 5.09
N ILE N 448 -39.03 -30.57 5.18
CA ILE N 448 -39.14 -31.71 4.22
C ILE N 448 -40.39 -32.53 4.58
N GLU N 449 -40.95 -32.32 5.77
CA GLU N 449 -42.12 -33.13 6.23
C GLU N 449 -43.33 -32.91 5.30
N HIS N 450 -43.58 -31.66 4.89
CA HIS N 450 -44.76 -31.36 4.03
C HIS N 450 -44.37 -30.49 2.84
N THR N 451 -43.65 -31.07 1.86
CA THR N 451 -43.22 -30.32 0.65
C THR N 451 -43.47 -31.17 -0.59
N PRO N 452 -43.68 -30.56 -1.79
CA PRO N 452 -43.85 -31.31 -3.03
C PRO N 452 -42.49 -31.59 -3.70
N ASN N 453 -41.41 -31.08 -3.12
CA ASN N 453 -40.05 -31.27 -3.70
C ASN N 453 -39.71 -32.77 -3.71
N MET N 454 -40.05 -33.49 -2.63
CA MET N 454 -39.81 -34.96 -2.58
C MET N 454 -38.30 -35.27 -2.67
N SER N 455 -37.45 -34.39 -2.12
CA SER N 455 -36.00 -34.65 -2.09
C SER N 455 -35.37 -34.03 -0.85
N LYS N 456 -34.30 -34.64 -0.32
CA LYS N 456 -33.59 -34.05 0.85
C LYS N 456 -32.24 -33.52 0.38
N GLU N 457 -31.54 -34.26 -0.48
CA GLU N 457 -30.23 -33.80 -1.02
C GLU N 457 -30.44 -32.49 -1.80
N LYS N 458 -31.56 -32.39 -2.53
CA LYS N 458 -31.80 -31.19 -3.39
C LYS N 458 -31.83 -29.93 -2.51
N LEU N 459 -32.50 -29.97 -1.36
CA LEU N 459 -32.61 -28.78 -0.49
C LEU N 459 -31.22 -28.37 0.00
N LYS N 460 -30.39 -29.35 0.38
CA LYS N 460 -29.01 -29.05 0.86
C LYS N 460 -28.22 -28.40 -0.26
N LYS N 461 -28.27 -28.97 -1.48
CA LYS N 461 -27.59 -28.36 -2.65
C LYS N 461 -28.37 -27.14 -3.17
N ILE N 462 -29.70 -27.15 -3.03
CA ILE N 462 -30.55 -26.08 -3.61
C ILE N 462 -30.24 -24.72 -2.98
N LEU N 463 -30.04 -24.67 -1.66
CA LEU N 463 -29.84 -23.36 -0.97
C LEU N 463 -28.36 -22.94 -1.03
N ASN N 464 -27.47 -23.78 -1.56
CA ASN N 464 -26.02 -23.46 -1.56
C ASN N 464 -25.78 -22.18 -2.39
N ILE N 465 -26.40 -22.07 -3.56
CA ILE N 465 -26.26 -20.84 -4.38
C ILE N 465 -27.30 -19.81 -3.92
N SER N 466 -27.20 -19.35 -2.67
CA SER N 466 -28.15 -18.34 -2.13
C SER N 466 -27.48 -16.97 -1.99
N HIS N 467 -26.22 -16.84 -2.42
CA HIS N 467 -25.50 -15.56 -2.21
C HIS N 467 -25.12 -14.92 -3.55
N THR N 468 -25.52 -13.66 -3.78
CA THR N 468 -25.13 -12.93 -5.01
C THR N 468 -23.65 -12.51 -4.91
N PRO N 469 -22.89 -12.45 -6.03
CA PRO N 469 -21.48 -12.08 -5.97
C PRO N 469 -21.34 -10.64 -5.44
N ILE N 470 -20.39 -10.42 -4.53
CA ILE N 470 -20.18 -9.06 -3.92
C ILE N 470 -19.49 -8.15 -4.94
N SER N 471 -19.61 -6.83 -4.76
CA SER N 471 -18.92 -5.86 -5.66
C SER N 471 -17.52 -5.57 -5.11
N MET N 472 -16.49 -5.71 -5.94
CA MET N 472 -15.10 -5.53 -5.43
C MET N 472 -14.90 -4.09 -4.95
N GLU N 473 -15.40 -3.11 -5.72
CA GLU N 473 -15.16 -1.67 -5.38
C GLU N 473 -15.95 -1.26 -4.14
N SER N 474 -16.88 -2.11 -3.67
CA SER N 474 -17.75 -1.72 -2.54
C SER N 474 -16.91 -1.35 -1.31
N PRO N 475 -17.21 -0.23 -0.62
CA PRO N 475 -16.46 0.22 0.56
C PRO N 475 -16.74 -0.63 1.82
N ILE N 476 -15.79 -0.62 2.77
CA ILE N 476 -15.94 -1.39 4.04
C ILE N 476 -16.01 -0.37 5.19
N GLY N 477 -16.75 0.72 5.02
CA GLY N 477 -16.75 1.78 6.03
C GLY N 477 -15.35 2.37 6.12
N ASP N 478 -14.77 2.44 7.31
CA ASP N 478 -13.36 2.90 7.36
C ASP N 478 -12.47 1.68 7.11
N ASP N 479 -12.49 0.69 8.02
CA ASP N 479 -11.76 -0.57 7.77
C ASP N 479 -10.32 -0.26 7.36
N GLU N 480 -9.68 0.72 8.01
CA GLU N 480 -8.33 1.15 7.56
C GLU N 480 -8.46 1.87 6.22
N ASP N 481 -9.68 2.33 5.89
CA ASP N 481 -9.93 3.01 4.59
C ASP N 481 -9.49 2.10 3.44
N SER N 482 -9.89 0.82 3.47
CA SER N 482 -9.46 -0.14 2.42
C SER N 482 -10.67 -0.76 1.72
N THR N 483 -10.48 -1.32 0.52
CA THR N 483 -11.62 -1.86 -0.25
C THR N 483 -11.38 -3.34 -0.60
N VAL N 484 -12.46 -4.10 -0.82
CA VAL N 484 -12.35 -5.57 -1.10
C VAL N 484 -11.60 -5.83 -2.41
N GLY N 485 -11.79 -5.00 -3.43
CA GLY N 485 -11.17 -5.27 -4.75
C GLY N 485 -9.67 -5.33 -4.67
N ASP N 486 -9.05 -4.42 -3.90
CA ASP N 486 -7.56 -4.38 -3.79
C ASP N 486 -7.07 -5.68 -3.17
N PHE N 487 -7.80 -6.23 -2.18
CA PHE N 487 -7.32 -7.44 -1.45
C PHE N 487 -7.15 -8.65 -2.38
N ILE N 488 -8.03 -8.79 -3.38
CA ILE N 488 -7.97 -10.01 -4.25
C ILE N 488 -6.59 -10.09 -4.89
N GLU N 489 -5.98 -11.28 -4.93
CA GLU N 489 -4.61 -11.43 -5.47
C GLU N 489 -4.57 -12.53 -6.53
N ASP N 490 -3.62 -12.46 -7.46
CA ASP N 490 -3.54 -13.48 -8.55
C ASP N 490 -3.04 -14.79 -7.96
N LYS N 491 -3.75 -15.89 -8.20
CA LYS N 491 -3.34 -17.21 -7.66
C LYS N 491 -3.06 -18.19 -8.80
N ASN N 492 -3.30 -17.77 -10.06
CA ASN N 492 -3.13 -18.69 -11.22
C ASN N 492 -1.74 -18.52 -11.85
N ASN N 493 -0.93 -17.58 -11.35
CA ASN N 493 0.39 -17.30 -11.98
C ASN N 493 1.50 -17.69 -11.01
N TYR N 494 2.52 -18.43 -11.48
CA TYR N 494 3.62 -18.87 -10.61
C TYR N 494 4.38 -17.65 -10.06
N SER N 495 4.71 -17.68 -8.77
CA SER N 495 5.50 -16.57 -8.17
C SER N 495 6.95 -16.70 -8.62
N PRO N 496 7.79 -15.64 -8.52
CA PRO N 496 9.16 -15.70 -9.03
C PRO N 496 9.96 -16.81 -8.32
N ILE N 497 9.78 -16.96 -7.01
CA ILE N 497 10.45 -18.06 -6.26
C ILE N 497 9.95 -19.39 -6.84
N GLU N 498 8.65 -19.48 -7.12
CA GLU N 498 8.09 -20.70 -7.75
C GLU N 498 8.70 -20.88 -9.14
N ALA N 499 8.84 -19.77 -9.90
CA ALA N 499 9.49 -19.85 -11.22
C ALA N 499 10.96 -20.25 -11.09
N ALA N 500 11.68 -19.68 -10.12
CA ALA N 500 13.14 -19.94 -10.03
C ALA N 500 13.43 -21.42 -9.75
N ASN N 501 12.72 -22.04 -8.81
CA ASN N 501 13.08 -23.44 -8.42
C ASN N 501 12.94 -24.37 -9.63
N LEU N 502 11.92 -24.16 -10.46
CA LEU N 502 11.69 -25.06 -11.62
C LEU N 502 12.91 -24.98 -12.55
N GLU N 503 13.48 -23.79 -12.73
CA GLU N 503 14.64 -23.61 -13.65
C GLU N 503 15.84 -24.43 -13.16
N ASN N 504 16.13 -24.40 -11.85
CA ASN N 504 17.32 -25.12 -11.31
C ASN N 504 17.13 -26.62 -11.53
N LEU N 505 15.93 -27.15 -11.29
CA LEU N 505 15.67 -28.61 -11.45
C LEU N 505 15.86 -29.01 -12.91
N ARG N 506 15.32 -28.22 -13.85
CA ARG N 506 15.40 -28.58 -15.30
C ARG N 506 16.88 -28.57 -15.75
N GLU N 507 17.65 -27.56 -15.32
CA GLU N 507 19.08 -27.45 -15.72
C GLU N 507 19.88 -28.62 -15.14
N ALA N 508 19.59 -29.00 -13.88
CA ALA N 508 20.37 -30.07 -13.22
C ALA N 508 20.19 -31.42 -13.96
N ILE N 509 18.98 -31.72 -14.41
CA ILE N 509 18.72 -33.05 -15.04
C ILE N 509 19.58 -33.24 -16.30
N LYS N 510 19.69 -32.21 -17.13
CA LYS N 510 20.44 -32.37 -18.41
C LYS N 510 21.90 -32.69 -18.10
N GLU N 511 22.48 -32.03 -17.09
CA GLU N 511 23.89 -32.29 -16.72
C GLU N 511 24.01 -33.76 -16.30
N LEU N 512 23.03 -34.25 -15.53
CA LEU N 512 23.09 -35.65 -15.03
C LEU N 512 23.08 -36.62 -16.22
N ILE N 513 22.25 -36.36 -17.23
CA ILE N 513 22.15 -37.31 -18.39
C ILE N 513 23.50 -37.37 -19.10
N GLU N 514 24.15 -36.21 -19.29
CA GLU N 514 25.49 -36.18 -19.94
C GLU N 514 26.51 -36.93 -19.08
N THR N 515 26.44 -36.75 -17.76
CA THR N 515 27.43 -37.38 -16.84
C THR N 515 27.31 -38.90 -16.88
N GLY N 516 26.15 -39.44 -17.31
CA GLY N 516 25.94 -40.90 -17.26
C GLY N 516 26.29 -41.61 -18.56
N LEU N 517 25.29 -42.08 -19.31
CA LEU N 517 25.56 -42.89 -20.54
C LEU N 517 26.33 -42.07 -21.57
N THR N 518 27.15 -42.73 -22.38
CA THR N 518 27.99 -42.00 -23.37
C THR N 518 27.10 -41.26 -24.37
N GLU N 519 26.04 -41.91 -24.87
CA GLU N 519 25.10 -41.21 -25.78
C GLU N 519 23.82 -42.03 -25.99
N ARG N 520 23.93 -43.36 -26.12
CA ARG N 520 22.72 -44.17 -26.44
C ARG N 520 21.69 -44.07 -25.31
N GLU N 521 22.12 -44.22 -24.05
CA GLU N 521 21.15 -44.20 -22.91
C GLU N 521 20.51 -42.81 -22.83
N ALA N 522 21.31 -41.76 -22.97
CA ALA N 522 20.78 -40.38 -22.87
C ALA N 522 19.75 -40.18 -23.98
N LYS N 523 20.07 -40.63 -25.20
CA LYS N 523 19.15 -40.42 -26.34
C LYS N 523 17.85 -41.17 -26.06
N VAL N 524 17.95 -42.41 -25.57
CA VAL N 524 16.73 -43.23 -25.33
C VAL N 524 15.89 -42.54 -24.26
N LEU N 525 16.54 -42.06 -23.19
CA LEU N 525 15.78 -41.42 -22.07
C LEU N 525 15.06 -40.17 -22.61
N MET N 526 15.74 -39.38 -23.42
CA MET N 526 15.12 -38.14 -23.97
C MET N 526 13.93 -38.51 -24.85
N MET N 527 14.11 -39.51 -25.72
CA MET N 527 13.02 -39.87 -26.66
C MET N 527 11.81 -40.43 -25.91
N ARG N 528 12.03 -41.36 -24.97
CA ARG N 528 10.89 -42.01 -24.28
C ARG N 528 10.14 -41.01 -23.39
N PHE N 529 10.85 -40.31 -22.51
CA PHE N 529 10.22 -39.26 -21.67
C PHE N 529 9.90 -38.04 -22.54
N GLY N 530 10.84 -37.67 -23.41
CA GLY N 530 10.66 -36.50 -24.29
C GLY N 530 11.19 -35.23 -23.64
N ILE N 531 12.46 -34.89 -23.88
CA ILE N 531 13.01 -33.60 -23.37
C ILE N 531 13.39 -32.77 -24.60
N GLY N 532 12.76 -31.60 -24.78
CA GLY N 532 13.03 -30.83 -26.02
C GLY N 532 12.51 -31.61 -27.21
N MET N 533 11.65 -32.60 -26.97
CA MET N 533 11.12 -33.45 -28.08
C MET N 533 9.64 -33.11 -28.29
N ASN N 534 9.28 -32.72 -29.53
CA ASN N 534 7.89 -32.29 -29.82
C ASN N 534 6.87 -33.42 -29.65
N THR N 535 7.16 -34.63 -30.15
CA THR N 535 6.12 -35.69 -30.13
C THR N 535 6.21 -36.65 -28.93
N ASP N 536 7.24 -36.57 -28.08
CA ASP N 536 7.30 -37.59 -27.00
C ASP N 536 7.16 -38.96 -27.65
N HIS N 537 8.06 -39.32 -28.57
CA HIS N 537 7.92 -40.56 -29.37
C HIS N 537 7.79 -41.83 -28.52
N THR N 538 6.98 -42.79 -28.97
CA THR N 538 6.73 -44.06 -28.23
C THR N 538 7.88 -45.06 -28.44
N LEU N 539 7.82 -46.21 -27.78
CA LEU N 539 8.91 -47.22 -27.86
C LEU N 539 9.11 -47.67 -29.32
N GLU N 540 8.01 -47.87 -30.06
CA GLU N 540 8.13 -48.39 -31.45
C GLU N 540 8.95 -47.41 -32.30
N GLU N 541 8.68 -46.11 -32.16
CA GLU N 541 9.41 -45.08 -32.95
C GLU N 541 10.90 -45.13 -32.61
N VAL N 542 11.23 -45.22 -31.31
CA VAL N 542 12.65 -45.25 -30.88
C VAL N 542 13.33 -46.51 -31.44
N GLY N 543 12.63 -47.64 -31.41
CA GLY N 543 13.20 -48.89 -31.96
C GLY N 543 13.44 -48.75 -33.45
N LYS N 544 12.51 -48.13 -34.17
CA LYS N 544 12.69 -47.89 -35.63
C LYS N 544 13.88 -46.93 -35.84
N GLN N 545 14.07 -45.98 -34.93
CA GLN N 545 15.15 -44.98 -35.11
C GLN N 545 16.50 -45.70 -35.18
N PHE N 546 16.74 -46.64 -34.27
CA PHE N 546 17.98 -47.48 -34.34
C PHE N 546 17.84 -48.48 -35.50
N ASN N 547 16.60 -48.85 -35.83
CA ASN N 547 16.36 -49.87 -36.90
C ASN N 547 16.51 -51.25 -36.27
N VAL N 548 16.73 -51.30 -34.95
CA VAL N 548 16.94 -52.59 -34.23
C VAL N 548 16.64 -52.35 -32.74
N THR N 549 16.67 -53.41 -31.93
CA THR N 549 16.44 -53.25 -30.47
C THR N 549 15.04 -52.65 -30.23
N ARG N 550 14.04 -53.12 -30.98
CA ARG N 550 12.66 -52.57 -30.84
C ARG N 550 12.15 -52.83 -29.42
N GLU N 551 12.36 -54.04 -28.89
CA GLU N 551 11.98 -54.32 -27.48
C GLU N 551 13.17 -54.03 -26.57
N ARG N 552 14.38 -53.95 -27.14
CA ARG N 552 15.60 -53.73 -26.33
C ARG N 552 15.58 -52.32 -25.73
N ILE N 553 14.84 -51.39 -26.36
CA ILE N 553 14.80 -49.98 -25.89
C ILE N 553 14.26 -49.92 -24.45
N ARG N 554 13.21 -50.69 -24.16
CA ARG N 554 12.61 -50.68 -22.80
C ARG N 554 13.65 -51.16 -21.79
N GLN N 555 14.39 -52.23 -22.13
CA GLN N 555 15.43 -52.77 -21.22
C GLN N 555 16.51 -51.71 -21.00
N ILE N 556 16.90 -51.01 -22.07
CA ILE N 556 17.97 -49.97 -21.98
C ILE N 556 17.48 -48.86 -21.05
N GLU N 557 16.22 -48.46 -21.19
CA GLU N 557 15.64 -47.38 -20.34
C GLU N 557 15.65 -47.85 -18.88
N ALA N 558 15.30 -49.12 -18.65
CA ALA N 558 15.27 -49.66 -17.27
C ALA N 558 16.69 -49.60 -16.68
N LYS N 559 17.69 -49.99 -17.48
CA LYS N 559 19.10 -49.99 -17.00
C LYS N 559 19.51 -48.56 -16.66
N ALA N 560 19.12 -47.60 -17.52
CA ALA N 560 19.47 -46.18 -17.28
C ALA N 560 18.83 -45.72 -15.97
N LEU N 561 17.56 -46.08 -15.74
CA LEU N 561 16.84 -45.68 -14.51
C LEU N 561 17.54 -46.28 -13.28
N ARG N 562 17.97 -47.54 -13.38
CA ARG N 562 18.67 -48.20 -12.24
C ARG N 562 19.98 -47.46 -11.97
N LYS N 563 20.73 -47.10 -13.02
CA LYS N 563 22.03 -46.40 -12.84
C LYS N 563 21.81 -45.02 -12.21
N LEU N 564 20.79 -44.28 -12.68
CA LEU N 564 20.50 -42.92 -12.16
C LEU N 564 19.90 -42.99 -10.75
N LYS N 565 19.41 -44.16 -10.33
CA LYS N 565 18.73 -44.28 -9.01
C LYS N 565 19.79 -44.41 -7.91
N HIS N 566 21.07 -44.46 -8.28
CA HIS N 566 22.17 -44.59 -7.29
C HIS N 566 22.19 -43.34 -6.40
N PRO N 567 22.67 -43.42 -5.14
CA PRO N 567 22.63 -42.28 -4.22
C PRO N 567 23.37 -41.02 -4.69
N SER N 568 24.51 -41.17 -5.37
CA SER N 568 25.31 -39.97 -5.74
C SER N 568 24.47 -39.02 -6.59
N ARG N 569 23.71 -39.54 -7.56
CA ARG N 569 22.81 -38.65 -8.34
C ARG N 569 21.44 -38.57 -7.66
N SER N 570 20.93 -39.69 -7.11
CA SER N 570 19.56 -39.68 -6.55
C SER N 570 19.42 -38.69 -5.39
N ALA N 571 20.42 -38.63 -4.49
CA ALA N 571 20.30 -37.80 -3.29
C ALA N 571 20.10 -36.32 -3.66
N PHE N 572 20.88 -35.82 -4.63
CA PHE N 572 20.79 -34.38 -4.99
C PHE N 572 19.39 -34.06 -5.54
N LEU N 573 18.85 -34.94 -6.40
CA LEU N 573 17.52 -34.68 -7.03
C LEU N 573 16.39 -34.94 -6.05
N LYS N 574 16.66 -35.63 -4.93
CA LYS N 574 15.58 -36.00 -3.97
C LYS N 574 14.95 -34.75 -3.35
N THR N 575 15.72 -33.66 -3.18
CA THR N 575 15.21 -32.46 -2.48
C THR N 575 14.00 -31.88 -3.23
N PHE N 576 14.05 -31.87 -4.58
CA PHE N 576 12.95 -31.25 -5.37
C PHE N 576 11.64 -32.00 -5.11
N LEU N 577 11.70 -33.34 -5.03
CA LEU N 577 10.47 -34.16 -4.78
C LEU N 577 10.22 -34.25 -3.28
MG MG O . 6.10 14.36 14.74
ZN ZN P . -11.56 -28.98 -26.01
ZN ZN Q . 20.66 30.54 -21.48
PB G4P R . 36.67 9.48 1.75
O1B G4P R . 37.81 10.45 1.53
O2B G4P R . 35.81 9.79 2.95
O3B G4P R . 35.91 9.13 0.50
O3A G4P R . 37.42 8.11 2.15
PA G4P R . 36.57 6.75 2.31
O1A G4P R . 35.18 6.99 1.77
O2A G4P R . 37.40 5.60 1.80
O5' G4P R . 36.46 6.59 3.92
C5' G4P R . 37.07 7.53 4.80
C4' G4P R . 37.13 6.96 6.21
O4' G4P R . 37.08 8.02 7.16
C3' G4P R . 35.95 6.04 6.48
O3' G4P R . 36.41 4.73 6.83
C2' G4P R . 35.18 6.67 7.63
O2' G4P R . 34.95 5.75 8.69
C1' G4P R . 36.04 7.81 8.12
N9 G4P R . 35.20 9.02 8.25
C8 G4P R . 35.00 9.94 7.30
N7 G4P R . 34.16 10.93 7.74
C5 G4P R . 33.83 10.61 9.01
C6 G4P R . 33.00 11.21 10.07
O6 G4P R . 32.38 12.28 9.87
N1 G4P R . 32.90 10.59 11.25
C2 G4P R . 33.56 9.44 11.48
N2 G4P R . 33.42 8.86 12.71
N3 G4P R . 34.35 8.83 10.57
C4 G4P R . 34.52 9.36 9.33
PC G4P R . 35.39 3.50 6.75
O1C G4P R . 35.84 2.58 5.63
O2C G4P R . 33.99 4.06 6.75
O3C G4P R . 35.62 2.73 8.15
PD G4P R . 36.85 3.12 9.11
O1D G4P R . 36.52 4.52 9.58
O2D G4P R . 38.06 3.02 8.22
O3D G4P R . 36.79 2.07 10.20
PB G4P S . 7.86 -26.09 -57.57
O1B G4P S . 8.45 -25.90 -58.96
O2B G4P S . 6.38 -26.38 -57.57
O3B G4P S . 8.30 -25.05 -56.58
O3A G4P S . 8.54 -27.46 -57.07
PA G4P S . 9.88 -27.46 -56.18
O1A G4P S . 9.97 -26.15 -55.43
O2A G4P S . 9.98 -28.77 -55.45
O5' G4P S . 11.05 -27.44 -57.31
C5' G4P S . 11.83 -26.28 -57.54
C4' G4P S . 12.79 -26.55 -58.69
O4' G4P S . 13.95 -27.21 -58.18
C3' G4P S . 12.15 -27.49 -59.71
O3' G4P S . 12.35 -27.08 -61.06
C2' G4P S . 12.84 -28.82 -59.51
O2' G4P S . 13.05 -29.46 -60.77
C1' G4P S . 14.15 -28.47 -58.84
N9 G4P S . 14.54 -29.50 -57.83
C8 G4P S . 13.90 -29.73 -56.67
N7 G4P S . 14.51 -30.73 -55.99
C5 G4P S . 15.56 -31.16 -56.71
C6 G4P S . 16.62 -32.19 -56.56
O6 G4P S . 16.67 -32.92 -55.55
N1 G4P S . 17.51 -32.30 -57.55
C2 G4P S . 17.48 -31.52 -58.64
N2 G4P S . 18.43 -31.70 -59.60
N3 G4P S . 16.54 -30.56 -58.84
C4 G4P S . 15.57 -30.34 -57.93
PC G4P S . 11.15 -27.39 -62.08
O1C G4P S . 9.89 -26.80 -61.51
O2C G4P S . 11.60 -27.06 -63.48
O3C G4P S . 11.06 -28.99 -61.95
PD G4P S . 9.78 -29.78 -62.49
O1D G4P S . 9.20 -28.87 -63.54
O2D G4P S . 10.34 -31.09 -63.01
O3D G4P S . 8.91 -29.93 -61.25
H5' G4P S . 11.17 -25.43 -57.79
H5'' G4P S . 12.39 -26.01 -56.63
H4' G4P S . 13.07 -25.60 -59.17
H3' G4P S . 11.08 -27.58 -59.49
H2' G4P S . 12.23 -29.45 -58.86
HO2' G4P S . 13.17 -30.41 -60.63
H1' G4P S . 14.94 -28.38 -59.60
H8 G4P S . 13.03 -29.19 -56.33
HN1 G4P S . 18.26 -33.02 -57.47
HN21 G4P S . 18.43 -31.13 -60.43
HN22 G4P S . 19.13 -32.42 -59.47
MG MG T . 6.57 -26.52 -61.43
#